data_7AGX
#
_entry.id   7AGX
#
_cell.length_a   1.00
_cell.length_b   1.00
_cell.length_c   1.00
_cell.angle_alpha   90.00
_cell.angle_beta   90.00
_cell.angle_gamma   90.00
#
_symmetry.space_group_name_H-M   'P 1'
#
loop_
_entity.id
_entity.type
_entity.pdbx_description
1 polymer 'Surface presentation of antigens protein SpaP'
2 polymer 'Surface presentation of antigens protein SpaR'
3 polymer 'Surface presentation of antigens protein SpaQ'
4 polymer 'Protein PrgJ'
5 polymer 'Protein PrgI'
#
loop_
_entity_poly.entity_id
_entity_poly.type
_entity_poly.pdbx_seq_one_letter_code
_entity_poly.pdbx_strand_id
1 'polypeptide(L)'
;MGNDISLIALLAFSTLLPFIIASGTCFVKFSIVFVMVRNALGLQQIPSNMTLNGVALLLSMFVMWPIMHDAYVYFEDEDV
TFNDISSLSKHVDEGLDGYRDYLIKYSDRELVQFFENAQLKRQYGEETETVKRDKDEIEKPSIFALLPAYALSEIKSAFK
IGFYLYLPFVVVDLVVSSVLLALGMMMMSPVTISTPIKLVLFVALDGWTLLSKGLILQYMDIAT
;
1A,1B,1C,1D,1E
2 'polypeptide(L)'
;MFYALYFEIHHLVASAALGFARVAPIFFFLPFLNSGVLSGAPRNAIIILVALGVWPHALNEAPPFLSVAMIPLVLQEAAV
GVMLGCLLSWPFWVMHALGCIIDNQRGATLSSSIDPANGIDTSEMANFLNMFAAVVYLQNGGLVTMVDVLNKSYQLCDPM
NECTPSLPPLLTFINQVAQNALVLASPVVLVLLLSEVFLGLLSRFAPQMNAFAISLTVKSGIAVLIMLLYFSPVLPDNVL
RLSFQATGLSSWFYERGATHVLE
;
1F
3 'polypeptide(L)'
;MDDLVFAGNKALYLVLILSGWPTIVATIIGLLVGLFQTVTQLQEQTLPFGIKLLGVCLCLFLLSGWYGEVLLSYGRQVIF
LALAKG
;
1G,1H,1I,1J
4 'polypeptide(L)'
;MSIATIVPENAVIGQAVNIRSMETDIVSLDDRLLQAFSGSAIATAVDKQTITNRIEDPNLVTDPKELAISQEMISDYNLY
VSMVSTLTRKGVGAVETLLRS
;
1K,1L,1M,1N,1O,1P
5 'polypeptide(L)' MATPWSGYLDDVSAKFDTGVDNLQTQVTEALDKLAAKPSDPALLAAYQSKLSEYNLYRNAQSNTVKVFKDIDAAIIQNFR 2A,2B,2C,2D,2E,2F,2G,2H,2I,2J,2K,2L,2M,2N,2O,2P,2Q
#
# COMPACT_ATOMS: atom_id res chain seq x y z
N GLY A 2 2.83 -4.31 -24.30
CA GLY A 2 3.27 -3.63 -25.56
C GLY A 2 3.88 -2.26 -25.34
N ASN A 3 3.21 -1.24 -25.86
CA ASN A 3 3.67 0.14 -25.78
C ASN A 3 2.83 0.88 -24.75
N ASP A 4 3.49 1.50 -23.77
CA ASP A 4 2.77 2.01 -22.61
C ASP A 4 1.82 3.16 -22.95
N ILE A 5 2.23 4.07 -23.83
CA ILE A 5 1.34 5.17 -24.21
C ILE A 5 0.16 4.65 -25.01
N SER A 6 0.33 3.55 -25.73
CA SER A 6 -0.77 2.85 -26.37
C SER A 6 -1.66 2.11 -25.38
N LEU A 7 -1.22 1.95 -24.13
CA LEU A 7 -2.05 1.42 -23.05
C LEU A 7 -2.85 2.50 -22.33
N ILE A 8 -2.23 3.63 -22.01
CA ILE A 8 -2.94 4.69 -21.32
C ILE A 8 -4.16 5.14 -22.12
N ALA A 9 -4.02 5.21 -23.44
CA ALA A 9 -5.14 5.64 -24.27
C ALA A 9 -6.34 4.69 -24.19
N LEU A 10 -6.12 3.40 -23.95
CA LEU A 10 -7.24 2.46 -23.77
C LEU A 10 -8.05 2.80 -22.54
N LEU A 11 -7.38 3.09 -21.42
CA LEU A 11 -8.08 3.30 -20.16
C LEU A 11 -8.78 4.65 -20.13
N ALA A 12 -8.15 5.69 -20.68
CA ALA A 12 -8.79 6.98 -20.84
C ALA A 12 -10.07 6.88 -21.67
N PHE A 13 -9.98 6.25 -22.84
CA PHE A 13 -11.14 6.17 -23.71
C PHE A 13 -12.35 5.55 -23.00
N SER A 14 -12.19 4.35 -22.44
CA SER A 14 -13.30 3.71 -21.74
C SER A 14 -13.80 4.50 -20.54
N THR A 15 -13.01 5.44 -20.02
CA THR A 15 -13.48 6.33 -18.97
C THR A 15 -14.32 7.49 -19.50
N LEU A 16 -14.08 7.91 -20.74
CA LEU A 16 -14.81 9.00 -21.35
C LEU A 16 -16.05 8.54 -22.11
N LEU A 17 -16.10 7.30 -22.52
CA LEU A 17 -17.13 6.74 -23.38
C LEU A 17 -18.58 7.15 -23.08
N PRO A 18 -19.04 7.21 -21.84
CA PRO A 18 -20.43 7.64 -21.62
C PRO A 18 -20.69 9.10 -21.91
N PHE A 19 -19.68 9.96 -21.89
CA PHE A 19 -19.83 11.36 -22.26
C PHE A 19 -19.71 11.59 -23.76
N ILE A 20 -18.97 10.75 -24.47
CA ILE A 20 -18.89 10.86 -25.91
C ILE A 20 -20.22 10.48 -26.54
N ILE A 21 -20.77 9.35 -26.14
CA ILE A 21 -22.08 8.92 -26.63
C ILE A 21 -23.14 9.99 -26.39
N ALA A 22 -23.00 10.80 -25.34
CA ALA A 22 -23.96 11.86 -25.08
C ALA A 22 -23.86 13.05 -26.03
N SER A 23 -22.80 13.18 -26.83
CA SER A 23 -22.75 14.31 -27.76
C SER A 23 -22.38 13.94 -29.19
N GLY A 24 -21.25 13.25 -29.36
CA GLY A 24 -20.79 12.87 -30.68
C GLY A 24 -21.47 11.68 -31.32
N THR A 25 -22.68 11.32 -30.87
CA THR A 25 -23.37 10.16 -31.38
C THR A 25 -24.85 10.48 -31.59
N CYS A 26 -25.50 9.74 -32.49
CA CYS A 26 -26.92 9.92 -32.77
C CYS A 26 -27.83 9.58 -31.60
N PHE A 27 -27.33 8.90 -30.56
CA PHE A 27 -28.12 8.65 -29.36
C PHE A 27 -28.84 9.91 -28.91
N VAL A 28 -28.21 11.06 -29.11
CA VAL A 28 -28.79 12.36 -28.75
C VAL A 28 -30.14 12.57 -29.41
N LYS A 29 -30.24 12.38 -30.72
CA LYS A 29 -31.52 12.62 -31.38
C LYS A 29 -32.59 11.58 -31.03
N PHE A 30 -32.26 10.29 -31.01
CA PHE A 30 -33.32 9.31 -30.84
C PHE A 30 -33.99 9.45 -29.49
N SER A 31 -33.20 9.48 -28.42
CA SER A 31 -33.81 9.50 -27.08
C SER A 31 -34.68 10.73 -26.89
N ILE A 32 -34.24 11.88 -27.37
CA ILE A 32 -34.99 13.13 -27.21
C ILE A 32 -36.38 13.03 -27.83
N VAL A 33 -36.47 12.55 -29.06
CA VAL A 33 -37.77 12.54 -29.73
C VAL A 33 -38.78 11.70 -28.96
N PHE A 34 -38.35 10.59 -28.36
CA PHE A 34 -39.28 9.75 -27.61
C PHE A 34 -39.87 10.46 -26.40
N VAL A 35 -39.04 11.14 -25.63
CA VAL A 35 -39.53 11.81 -24.42
C VAL A 35 -40.53 12.92 -24.75
N MET A 36 -40.35 13.61 -25.87
CA MET A 36 -41.33 14.62 -26.26
C MET A 36 -42.65 14.00 -26.68
N VAL A 37 -42.63 12.85 -27.36
CA VAL A 37 -43.88 12.20 -27.75
C VAL A 37 -44.62 11.69 -26.52
N ARG A 38 -43.91 11.10 -25.57
CA ARG A 38 -44.53 10.73 -24.31
C ARG A 38 -45.17 11.93 -23.65
N ASN A 39 -44.39 13.00 -23.51
CA ASN A 39 -44.84 14.23 -22.89
C ASN A 39 -46.16 14.72 -23.47
N ALA A 40 -46.28 14.73 -24.79
CA ALA A 40 -47.52 15.17 -25.42
C ALA A 40 -48.70 14.21 -25.26
N LEU A 41 -48.47 12.93 -24.99
CA LEU A 41 -49.59 12.02 -24.79
C LEU A 41 -50.31 12.20 -23.45
N GLY A 42 -49.85 13.09 -22.57
CA GLY A 42 -50.50 13.31 -21.30
C GLY A 42 -49.95 12.47 -20.18
N LEU A 43 -50.06 11.15 -20.27
CA LEU A 43 -49.64 10.30 -19.17
C LEU A 43 -48.12 10.32 -19.07
N GLN A 44 -47.60 10.22 -17.86
CA GLN A 44 -46.18 10.40 -17.60
C GLN A 44 -45.54 9.21 -16.88
N GLN A 45 -44.35 8.84 -17.36
CA GLN A 45 -43.75 7.53 -17.13
C GLN A 45 -44.62 6.41 -17.67
N ILE A 46 -45.02 6.55 -18.93
CA ILE A 46 -45.58 5.46 -19.70
C ILE A 46 -45.17 5.71 -21.14
N PRO A 47 -44.33 4.87 -21.76
CA PRO A 47 -43.43 3.90 -21.16
C PRO A 47 -42.54 4.49 -20.08
N SER A 48 -42.03 3.64 -19.21
CA SER A 48 -41.04 4.06 -18.23
C SER A 48 -39.80 4.60 -18.91
N ASN A 49 -39.17 5.57 -18.26
CA ASN A 49 -37.90 6.11 -18.73
C ASN A 49 -36.90 5.01 -19.10
N MET A 50 -36.91 3.89 -18.37
CA MET A 50 -35.96 2.83 -18.63
C MET A 50 -36.22 2.13 -19.96
N THR A 51 -37.46 2.14 -20.44
CA THR A 51 -37.73 1.69 -21.80
C THR A 51 -37.03 2.60 -22.78
N LEU A 52 -37.32 3.90 -22.71
CA LEU A 52 -36.96 4.82 -23.77
C LEU A 52 -35.45 4.87 -23.93
N ASN A 53 -34.73 5.16 -22.85
CA ASN A 53 -33.28 5.19 -22.90
C ASN A 53 -32.67 3.83 -23.23
N GLY A 54 -33.45 2.75 -23.15
CA GLY A 54 -32.93 1.44 -23.52
C GLY A 54 -32.96 1.20 -25.02
N VAL A 55 -34.11 1.39 -25.65
CA VAL A 55 -34.23 1.15 -27.09
C VAL A 55 -33.36 2.14 -27.85
N ALA A 56 -33.39 3.41 -27.45
CA ALA A 56 -32.56 4.42 -28.10
C ALA A 56 -31.08 4.04 -28.04
N LEU A 57 -30.67 3.41 -26.93
CA LEU A 57 -29.29 2.96 -26.83
C LEU A 57 -29.02 1.79 -27.76
N LEU A 58 -29.95 0.85 -27.88
CA LEU A 58 -29.74 -0.30 -28.76
C LEU A 58 -29.80 0.11 -30.23
N LEU A 59 -30.85 0.84 -30.62
CA LEU A 59 -30.97 1.25 -32.01
C LEU A 59 -29.77 2.06 -32.46
N SER A 60 -29.23 2.91 -31.61
CA SER A 60 -28.07 3.69 -31.99
C SER A 60 -26.83 2.83 -32.25
N MET A 61 -26.65 1.73 -31.52
CA MET A 61 -25.45 0.92 -31.73
C MET A 61 -25.34 0.42 -33.16
N PHE A 62 -26.47 0.15 -33.81
CA PHE A 62 -26.43 -0.34 -35.18
C PHE A 62 -25.72 0.63 -36.10
N VAL A 63 -25.91 1.93 -35.87
CA VAL A 63 -25.33 2.97 -36.71
C VAL A 63 -23.87 3.25 -36.37
N MET A 64 -23.52 3.27 -35.09
CA MET A 64 -22.15 3.57 -34.67
C MET A 64 -21.23 2.36 -34.62
N TRP A 65 -21.71 1.19 -34.21
CA TRP A 65 -20.81 0.07 -34.01
C TRP A 65 -20.02 -0.30 -35.26
N PRO A 66 -20.59 -0.32 -36.47
CA PRO A 66 -19.75 -0.56 -37.65
C PRO A 66 -18.62 0.44 -37.82
N ILE A 67 -18.83 1.71 -37.44
CA ILE A 67 -17.77 2.71 -37.58
C ILE A 67 -16.62 2.42 -36.62
N MET A 68 -16.95 2.11 -35.36
CA MET A 68 -15.92 1.80 -34.38
C MET A 68 -15.09 0.59 -34.81
N HIS A 69 -15.76 -0.48 -35.19
CA HIS A 69 -15.07 -1.68 -35.64
C HIS A 69 -14.11 -1.36 -36.76
N ASP A 70 -14.56 -0.55 -37.73
CA ASP A 70 -13.69 -0.15 -38.83
C ASP A 70 -12.47 0.63 -38.39
N ALA A 71 -12.58 1.46 -37.35
CA ALA A 71 -11.42 2.23 -36.90
C ALA A 71 -10.32 1.33 -36.35
N TYR A 72 -10.67 0.33 -35.54
CA TYR A 72 -9.66 -0.56 -34.99
C TYR A 72 -9.04 -1.46 -36.06
N VAL A 73 -9.85 -2.04 -36.94
CA VAL A 73 -9.32 -2.89 -38.00
C VAL A 73 -8.34 -2.14 -38.90
N TYR A 74 -8.53 -0.84 -39.05
CA TYR A 74 -7.57 -0.04 -39.84
C TYR A 74 -6.19 -0.04 -39.21
N PHE A 75 -6.09 0.27 -37.91
CA PHE A 75 -4.79 0.30 -37.25
C PHE A 75 -4.09 -1.06 -37.20
N GLU A 76 -4.81 -2.18 -37.28
CA GLU A 76 -4.18 -3.50 -37.19
C GLU A 76 -3.31 -3.90 -38.37
N ASP A 77 -3.33 -3.20 -39.50
CA ASP A 77 -2.51 -3.64 -40.63
C ASP A 77 -1.03 -3.52 -40.29
N GLU A 78 -0.31 -4.64 -40.43
CA GLU A 78 1.10 -4.74 -40.09
C GLU A 78 2.02 -4.19 -41.17
N ASP A 79 1.51 -3.97 -42.38
CA ASP A 79 2.31 -3.59 -43.53
C ASP A 79 2.76 -2.13 -43.50
N VAL A 80 2.27 -1.32 -42.58
CA VAL A 80 2.66 0.08 -42.53
C VAL A 80 4.01 0.24 -41.87
N THR A 81 4.72 1.31 -42.24
CA THR A 81 6.02 1.65 -41.69
C THR A 81 6.09 3.16 -41.52
N PHE A 82 6.89 3.59 -40.56
CA PHE A 82 7.04 5.01 -40.26
C PHE A 82 8.51 5.38 -40.24
N ASN A 83 8.78 6.66 -40.55
CA ASN A 83 10.13 7.18 -40.62
C ASN A 83 10.33 8.49 -39.87
N ASP A 84 9.25 9.13 -39.38
CA ASP A 84 9.36 10.40 -38.68
C ASP A 84 8.13 10.62 -37.81
N ILE A 85 8.28 11.53 -36.83
CA ILE A 85 7.15 11.89 -35.97
C ILE A 85 5.96 12.39 -36.78
N SER A 86 6.22 13.29 -37.74
CA SER A 86 5.13 13.82 -38.55
C SER A 86 4.48 12.72 -39.38
N SER A 87 5.26 11.76 -39.85
CA SER A 87 4.68 10.66 -40.62
C SER A 87 3.70 9.87 -39.79
N LEU A 88 3.94 9.76 -38.48
CA LEU A 88 3.01 9.05 -37.60
C LEU A 88 1.73 9.85 -37.40
N SER A 89 1.84 11.14 -37.12
CA SER A 89 0.65 11.95 -36.89
C SER A 89 -0.32 11.87 -38.07
N LYS A 90 0.17 12.02 -39.29
CA LYS A 90 -0.71 11.92 -40.44
C LYS A 90 -1.31 10.53 -40.57
N HIS A 91 -0.55 9.49 -40.27
CA HIS A 91 -1.10 8.15 -40.37
C HIS A 91 -2.24 7.93 -39.38
N VAL A 92 -2.09 8.44 -38.16
CA VAL A 92 -3.16 8.30 -37.17
C VAL A 92 -4.40 9.04 -37.63
N ASP A 93 -4.22 10.28 -38.08
CA ASP A 93 -5.33 11.10 -38.56
C ASP A 93 -6.13 10.42 -39.66
N GLU A 94 -5.45 9.70 -40.55
CA GLU A 94 -6.13 8.98 -41.62
C GLU A 94 -7.14 7.97 -41.11
N GLY A 95 -7.02 7.53 -39.86
CA GLY A 95 -7.95 6.59 -39.26
C GLY A 95 -9.26 7.21 -38.86
N LEU A 96 -9.17 8.39 -38.26
CA LEU A 96 -10.34 9.14 -37.82
C LEU A 96 -11.24 9.59 -38.96
N ASP A 97 -10.73 9.67 -40.19
CA ASP A 97 -11.59 10.06 -41.30
C ASP A 97 -12.84 9.20 -41.38
N GLY A 98 -12.78 7.97 -40.87
CA GLY A 98 -13.97 7.13 -40.90
C GLY A 98 -15.12 7.74 -40.13
N TYR A 99 -14.83 8.35 -38.99
CA TYR A 99 -15.81 8.98 -38.11
C TYR A 99 -16.09 10.41 -38.54
N ARG A 100 -15.04 11.17 -38.86
CA ARG A 100 -15.21 12.55 -39.31
C ARG A 100 -16.23 12.65 -40.43
N ASP A 101 -16.10 11.79 -41.44
CA ASP A 101 -17.01 11.81 -42.57
C ASP A 101 -18.46 11.67 -42.14
N TYR A 102 -18.72 10.95 -41.06
CA TYR A 102 -20.08 10.84 -40.56
C TYR A 102 -20.55 12.15 -39.93
N LEU A 103 -19.71 12.78 -39.09
CA LEU A 103 -20.11 14.03 -38.49
C LEU A 103 -20.30 15.14 -39.52
N ILE A 104 -19.42 15.20 -40.52
CA ILE A 104 -19.50 16.24 -41.54
C ILE A 104 -20.83 16.23 -42.26
N LYS A 105 -21.45 15.07 -42.40
CA LYS A 105 -22.70 15.00 -43.14
C LYS A 105 -23.80 15.82 -42.49
N TYR A 106 -24.03 15.64 -41.19
CA TYR A 106 -25.13 16.33 -40.52
C TYR A 106 -24.79 17.71 -39.96
N SER A 107 -23.54 17.96 -39.57
CA SER A 107 -23.20 19.26 -39.01
C SER A 107 -23.27 20.36 -40.08
N ASP A 108 -23.81 21.52 -39.70
CA ASP A 108 -23.91 22.66 -40.60
C ASP A 108 -22.58 23.38 -40.80
N ARG A 109 -22.30 23.70 -42.06
CA ARG A 109 -21.04 24.31 -42.47
C ARG A 109 -20.69 25.60 -41.72
N GLU A 110 -21.68 26.47 -41.51
CA GLU A 110 -21.35 27.78 -40.95
C GLU A 110 -20.98 27.73 -39.48
N LEU A 111 -21.46 26.73 -38.74
CA LEU A 111 -21.04 26.61 -37.35
C LEU A 111 -19.58 26.17 -37.28
N VAL A 112 -19.24 25.11 -38.01
CA VAL A 112 -17.89 24.58 -38.00
C VAL A 112 -16.88 25.63 -38.43
N GLN A 113 -17.20 26.41 -39.46
CA GLN A 113 -16.25 27.42 -39.92
C GLN A 113 -16.04 28.50 -38.87
N PHE A 114 -17.08 28.84 -38.11
CA PHE A 114 -16.89 29.85 -37.08
C PHE A 114 -16.01 29.32 -35.96
N PHE A 115 -16.28 28.10 -35.49
CA PHE A 115 -15.44 27.53 -34.44
C PHE A 115 -14.03 27.28 -34.92
N GLU A 116 -13.84 26.88 -36.18
CA GLU A 116 -12.48 26.69 -36.68
C GLU A 116 -11.69 27.97 -36.71
N ASN A 117 -12.34 29.13 -36.72
CA ASN A 117 -11.63 30.40 -36.62
C ASN A 117 -11.44 30.79 -35.16
N ALA A 118 -12.49 30.66 -34.36
CA ALA A 118 -12.36 30.97 -32.93
C ALA A 118 -11.31 30.10 -32.30
N GLN A 119 -11.09 28.90 -32.83
CA GLN A 119 -10.11 27.97 -32.29
C GLN A 119 -8.71 28.57 -32.27
N LEU A 120 -8.46 29.56 -33.11
CA LEU A 120 -7.16 30.19 -33.21
C LEU A 120 -7.14 31.44 -32.33
N LYS A 121 -5.99 31.70 -31.70
CA LYS A 121 -5.83 32.86 -30.83
C LYS A 121 -6.95 32.94 -29.80
N PRO A 141 -11.56 18.86 -41.20
CA PRO A 141 -11.66 19.81 -40.09
C PRO A 141 -11.36 19.21 -38.72
N SER A 142 -11.24 20.08 -37.73
CA SER A 142 -10.95 19.65 -36.36
C SER A 142 -12.17 19.03 -35.72
N ILE A 143 -11.95 17.94 -34.97
CA ILE A 143 -13.06 17.27 -34.29
C ILE A 143 -13.61 18.14 -33.18
N PHE A 144 -12.75 18.83 -32.43
CA PHE A 144 -13.24 19.67 -31.34
C PHE A 144 -14.17 20.77 -31.83
N ALA A 145 -14.16 21.10 -33.13
CA ALA A 145 -15.14 22.03 -33.67
C ALA A 145 -16.37 21.30 -34.21
N LEU A 146 -16.20 20.06 -34.65
CA LEU A 146 -17.29 19.19 -35.09
C LEU A 146 -18.12 18.56 -33.97
N LEU A 147 -17.58 18.38 -32.76
CA LEU A 147 -18.43 17.97 -31.65
C LEU A 147 -19.47 19.02 -31.25
N PRO A 148 -19.10 20.24 -30.86
CA PRO A 148 -20.14 21.22 -30.54
C PRO A 148 -20.94 21.67 -31.75
N ALA A 149 -20.32 21.73 -32.93
CA ALA A 149 -21.07 22.03 -34.15
C ALA A 149 -22.05 20.94 -34.55
N TYR A 150 -21.83 19.71 -34.11
CA TYR A 150 -22.78 18.61 -34.35
C TYR A 150 -23.87 18.54 -33.28
N ALA A 151 -23.50 18.66 -32.01
CA ALA A 151 -24.47 18.54 -30.94
C ALA A 151 -25.61 19.54 -31.07
N LEU A 152 -25.30 20.76 -31.52
CA LEU A 152 -26.34 21.78 -31.66
C LEU A 152 -27.29 21.51 -32.82
N SER A 153 -26.84 20.83 -33.87
CA SER A 153 -27.74 20.52 -34.97
C SER A 153 -28.65 19.33 -34.68
N GLU A 154 -28.15 18.32 -33.97
CA GLU A 154 -28.99 17.17 -33.62
C GLU A 154 -30.06 17.54 -32.60
N ILE A 155 -29.75 18.43 -31.67
CA ILE A 155 -30.81 18.98 -30.80
C ILE A 155 -31.87 19.65 -31.65
N LYS A 156 -31.47 20.63 -32.46
CA LYS A 156 -32.41 21.44 -33.21
C LYS A 156 -33.31 20.60 -34.10
N SER A 157 -32.74 19.59 -34.76
CA SER A 157 -33.52 18.70 -35.62
C SER A 157 -34.66 18.01 -34.90
N ALA A 158 -34.53 17.78 -33.59
CA ALA A 158 -35.58 17.12 -32.85
C ALA A 158 -36.78 18.01 -32.57
N PHE A 159 -36.56 19.31 -32.31
CA PHE A 159 -37.70 20.17 -32.07
C PHE A 159 -38.52 20.40 -33.33
N LYS A 160 -37.89 20.39 -34.50
CA LYS A 160 -38.65 20.35 -35.75
C LYS A 160 -39.43 19.06 -35.90
N ILE A 161 -38.74 17.93 -35.87
CA ILE A 161 -39.39 16.65 -36.13
C ILE A 161 -40.54 16.42 -35.18
N GLY A 162 -40.41 16.89 -33.94
CA GLY A 162 -41.48 16.71 -32.97
C GLY A 162 -42.66 17.63 -33.18
N PHE A 163 -42.42 18.87 -33.57
CA PHE A 163 -43.51 19.84 -33.64
C PHE A 163 -44.63 19.34 -34.54
N TYR A 164 -44.28 18.64 -35.62
CA TYR A 164 -45.28 18.08 -36.52
C TYR A 164 -46.11 16.98 -35.86
N LEU A 165 -45.61 16.35 -34.81
CA LEU A 165 -46.37 15.31 -34.11
C LEU A 165 -47.30 15.86 -33.03
N TYR A 166 -47.24 17.16 -32.74
CA TYR A 166 -48.19 17.75 -31.80
C TYR A 166 -49.50 18.15 -32.47
N LEU A 167 -49.46 18.47 -33.75
CA LEU A 167 -50.65 18.94 -34.45
C LEU A 167 -51.86 18.03 -34.28
N PRO A 168 -51.79 16.73 -34.52
CA PRO A 168 -53.00 15.91 -34.38
C PRO A 168 -53.54 15.82 -32.97
N PHE A 169 -52.69 15.81 -31.95
CA PHE A 169 -53.22 15.75 -30.59
C PHE A 169 -53.90 17.06 -30.19
N VAL A 170 -53.41 18.19 -30.68
CA VAL A 170 -54.09 19.46 -30.42
C VAL A 170 -55.48 19.43 -31.03
N VAL A 171 -55.59 18.91 -32.25
CA VAL A 171 -56.89 18.83 -32.91
C VAL A 171 -57.87 18.00 -32.08
N VAL A 172 -57.42 16.87 -31.54
CA VAL A 172 -58.29 16.01 -30.75
C VAL A 172 -58.82 16.73 -29.51
N ASP A 173 -57.97 17.52 -28.85
CA ASP A 173 -58.44 18.23 -27.66
C ASP A 173 -59.46 19.30 -27.99
N LEU A 174 -59.22 20.07 -29.05
CA LEU A 174 -60.15 21.13 -29.42
C LEU A 174 -61.50 20.57 -29.84
N VAL A 175 -61.50 19.45 -30.54
CA VAL A 175 -62.74 18.85 -31.01
C VAL A 175 -63.63 18.42 -29.85
N VAL A 176 -63.07 17.65 -28.92
CA VAL A 176 -63.88 17.18 -27.79
C VAL A 176 -64.32 18.35 -26.91
N SER A 177 -63.44 19.32 -26.67
CA SER A 177 -63.84 20.46 -25.85
C SER A 177 -64.99 21.22 -26.49
N SER A 178 -64.97 21.35 -27.81
CA SER A 178 -66.09 21.96 -28.53
C SER A 178 -67.33 21.08 -28.48
N VAL A 179 -67.16 19.77 -28.63
CA VAL A 179 -68.30 18.86 -28.47
C VAL A 179 -68.95 19.04 -27.12
N LEU A 180 -68.14 19.20 -26.06
CA LEU A 180 -68.70 19.31 -24.73
C LEU A 180 -69.59 20.52 -24.62
N LEU A 181 -69.21 21.61 -25.27
CA LEU A 181 -69.99 22.84 -25.27
C LEU A 181 -71.21 22.75 -26.16
N ALA A 182 -71.21 21.83 -27.12
CA ALA A 182 -72.44 21.57 -27.89
C ALA A 182 -73.46 20.83 -27.05
N LEU A 183 -73.02 19.90 -26.22
CA LEU A 183 -73.92 19.28 -25.26
C LEU A 183 -74.30 20.21 -24.12
N GLY A 184 -73.72 21.41 -24.05
CA GLY A 184 -74.08 22.36 -23.00
C GLY A 184 -73.72 21.87 -21.62
N MET A 185 -72.52 21.33 -21.47
CA MET A 185 -72.10 20.57 -20.30
C MET A 185 -70.90 21.29 -19.69
N MET A 186 -71.17 22.42 -19.02
CA MET A 186 -70.13 23.34 -18.56
C MET A 186 -69.37 22.84 -17.33
N MET A 187 -68.13 23.31 -17.23
CA MET A 187 -67.17 23.01 -16.16
C MET A 187 -66.90 21.53 -15.88
N MET A 188 -67.29 20.63 -16.77
CA MET A 188 -66.55 19.38 -16.84
C MET A 188 -65.14 19.69 -17.29
N SER A 189 -64.16 18.92 -16.80
CA SER A 189 -62.78 19.17 -17.17
C SER A 189 -62.38 18.33 -18.39
N PRO A 190 -62.10 18.95 -19.54
CA PRO A 190 -61.84 18.18 -20.76
C PRO A 190 -60.46 17.54 -20.79
N VAL A 191 -60.07 16.84 -19.74
CA VAL A 191 -58.84 16.06 -19.74
C VAL A 191 -59.11 14.60 -19.42
N THR A 192 -59.99 14.31 -18.46
CA THR A 192 -60.33 12.92 -18.20
C THR A 192 -60.76 12.24 -19.49
N ILE A 193 -61.51 12.95 -20.30
CA ILE A 193 -62.12 12.40 -21.49
C ILE A 193 -61.06 12.13 -22.56
N SER A 194 -60.18 13.08 -22.79
CA SER A 194 -59.30 13.04 -23.96
C SER A 194 -58.03 12.25 -23.74
N THR A 195 -57.50 12.20 -22.52
CA THR A 195 -56.29 11.41 -22.29
C THR A 195 -56.40 10.00 -22.85
N PRO A 196 -57.42 9.21 -22.52
CA PRO A 196 -57.44 7.83 -23.04
C PRO A 196 -57.62 7.76 -24.54
N ILE A 197 -58.27 8.74 -25.15
CA ILE A 197 -58.51 8.71 -26.59
C ILE A 197 -57.19 8.86 -27.35
N LYS A 198 -56.28 9.69 -26.85
CA LYS A 198 -55.00 9.84 -27.50
C LYS A 198 -54.24 8.53 -27.55
N LEU A 199 -54.21 7.80 -26.44
CA LEU A 199 -53.49 6.52 -26.41
C LEU A 199 -54.11 5.51 -27.36
N VAL A 200 -55.43 5.35 -27.31
CA VAL A 200 -56.08 4.38 -28.18
C VAL A 200 -55.82 4.73 -29.64
N LEU A 201 -55.96 6.00 -29.97
CA LEU A 201 -55.73 6.43 -31.35
C LEU A 201 -54.30 6.18 -31.76
N PHE A 202 -53.35 6.42 -30.86
CA PHE A 202 -51.94 6.25 -31.19
C PHE A 202 -51.49 4.80 -31.09
N VAL A 203 -51.92 4.09 -30.05
CA VAL A 203 -51.48 2.71 -29.85
C VAL A 203 -52.17 1.77 -30.82
N ALA A 204 -53.45 2.00 -31.11
CA ALA A 204 -54.13 1.13 -32.05
C ALA A 204 -53.58 1.25 -33.47
N LEU A 205 -52.88 2.33 -33.77
CA LEU A 205 -52.28 2.53 -35.08
C LEU A 205 -50.80 2.18 -35.12
N ASP A 206 -50.27 1.53 -34.07
CA ASP A 206 -48.86 1.14 -34.02
C ASP A 206 -47.91 2.32 -34.24
N GLY A 207 -48.31 3.50 -33.76
CA GLY A 207 -47.49 4.67 -33.93
C GLY A 207 -46.03 4.46 -33.60
N TRP A 208 -45.75 3.72 -32.52
CA TRP A 208 -44.36 3.53 -32.11
C TRP A 208 -43.52 2.80 -33.15
N THR A 209 -44.11 1.98 -34.00
CA THR A 209 -43.32 1.35 -35.07
C THR A 209 -43.01 2.37 -36.15
N LEU A 210 -44.03 3.08 -36.62
CA LEU A 210 -43.83 4.07 -37.68
C LEU A 210 -42.83 5.12 -37.24
N LEU A 211 -42.86 5.50 -35.97
CA LEU A 211 -41.90 6.45 -35.44
C LEU A 211 -40.48 5.89 -35.48
N SER A 212 -40.29 4.66 -34.97
CA SER A 212 -38.95 4.09 -34.92
C SER A 212 -38.37 3.88 -36.30
N LYS A 213 -39.16 3.41 -37.25
CA LYS A 213 -38.64 3.24 -38.60
C LYS A 213 -38.21 4.57 -39.19
N GLY A 214 -39.03 5.61 -39.02
CA GLY A 214 -38.69 6.91 -39.56
C GLY A 214 -37.37 7.47 -39.05
N LEU A 215 -36.94 7.04 -37.87
CA LEU A 215 -35.67 7.54 -37.34
C LEU A 215 -34.49 6.82 -37.95
N ILE A 216 -34.49 5.48 -37.89
CA ILE A 216 -33.38 4.71 -38.41
C ILE A 216 -33.16 4.99 -39.89
N LEU A 217 -34.24 5.13 -40.66
CA LEU A 217 -34.11 5.36 -42.09
C LEU A 217 -33.35 6.62 -42.45
N GLN A 218 -33.23 7.59 -41.55
CA GLN A 218 -32.47 8.79 -41.91
C GLN A 218 -30.98 8.54 -41.92
N TYR A 219 -30.50 7.53 -41.20
CA TYR A 219 -29.08 7.32 -40.97
C TYR A 219 -28.57 5.99 -41.47
N MET A 220 -29.41 4.97 -41.51
CA MET A 220 -28.98 3.65 -41.87
C MET A 220 -28.47 3.59 -43.30
N GLY B 2 13.34 18.69 -13.95
CA GLY B 2 12.48 19.46 -13.00
C GLY B 2 13.18 19.69 -11.67
N ASN B 3 12.40 20.14 -10.69
CA ASN B 3 12.88 20.42 -9.35
C ASN B 3 11.86 19.86 -8.36
N ASP B 4 12.36 19.30 -7.26
CA ASP B 4 11.46 18.64 -6.29
C ASP B 4 10.27 19.50 -5.92
N ILE B 5 10.51 20.73 -5.47
CA ILE B 5 9.41 21.61 -5.09
C ILE B 5 8.63 22.11 -6.29
N SER B 6 9.14 21.97 -7.51
CA SER B 6 8.32 22.32 -8.65
C SER B 6 7.26 21.26 -8.92
N LEU B 7 7.53 19.99 -8.60
CA LEU B 7 6.51 18.97 -8.79
C LEU B 7 5.32 19.23 -7.89
N ILE B 8 5.57 19.50 -6.62
CA ILE B 8 4.48 19.68 -5.66
C ILE B 8 3.54 20.78 -6.11
N ALA B 9 4.09 21.88 -6.63
CA ALA B 9 3.24 22.95 -7.15
C ALA B 9 2.44 22.51 -8.37
N LEU B 10 3.06 21.78 -9.29
CA LEU B 10 2.36 21.31 -10.47
C LEU B 10 1.26 20.31 -10.13
N LEU B 11 1.55 19.36 -9.23
CA LEU B 11 0.56 18.35 -8.86
C LEU B 11 -0.63 18.92 -8.10
N ALA B 12 -0.40 19.84 -7.18
CA ALA B 12 -1.52 20.43 -6.47
C ALA B 12 -2.44 21.19 -7.43
N PHE B 13 -1.88 21.98 -8.32
CA PHE B 13 -2.70 22.69 -9.30
C PHE B 13 -3.54 21.75 -10.15
N SER B 14 -2.92 20.71 -10.70
CA SER B 14 -3.68 19.77 -11.53
C SER B 14 -4.74 19.00 -10.77
N THR B 15 -4.69 18.99 -9.43
CA THR B 15 -5.80 18.43 -8.67
C THR B 15 -6.99 19.39 -8.60
N LEU B 16 -6.74 20.67 -8.41
CA LEU B 16 -7.80 21.62 -8.15
C LEU B 16 -8.46 22.14 -9.42
N LEU B 17 -8.04 21.69 -10.61
CA LEU B 17 -8.65 22.12 -11.87
C LEU B 17 -10.17 22.16 -11.86
N PRO B 18 -10.89 21.11 -11.46
CA PRO B 18 -12.35 21.14 -11.61
C PRO B 18 -13.02 22.19 -10.74
N PHE B 19 -12.37 22.64 -9.68
CA PHE B 19 -12.97 23.68 -8.84
C PHE B 19 -12.69 25.05 -9.41
N ILE B 20 -11.47 25.27 -9.92
CA ILE B 20 -11.11 26.58 -10.47
C ILE B 20 -11.95 26.88 -11.70
N ILE B 21 -12.15 25.88 -12.54
CA ILE B 21 -12.97 26.06 -13.74
C ILE B 21 -14.43 26.27 -13.37
N ALA B 22 -14.91 25.59 -12.33
CA ALA B 22 -16.30 25.78 -11.93
C ALA B 22 -16.56 27.10 -11.21
N SER B 23 -15.54 27.74 -10.63
CA SER B 23 -15.73 29.00 -9.94
C SER B 23 -15.17 30.19 -10.69
N GLY B 24 -13.89 30.16 -11.06
CA GLY B 24 -13.23 31.29 -11.67
C GLY B 24 -13.30 31.48 -13.18
N THR B 25 -13.67 30.46 -13.94
CA THR B 25 -13.69 30.56 -15.40
C THR B 25 -15.10 30.78 -15.91
N CYS B 26 -15.19 31.21 -17.18
CA CYS B 26 -16.48 31.49 -17.80
C CYS B 26 -17.45 30.31 -17.80
N PHE B 27 -16.97 29.10 -17.59
CA PHE B 27 -17.86 27.93 -17.54
C PHE B 27 -19.08 28.21 -16.69
N VAL B 28 -18.94 29.10 -15.71
CA VAL B 28 -20.07 29.52 -14.86
C VAL B 28 -21.17 30.17 -15.70
N LYS B 29 -20.81 31.11 -16.56
CA LYS B 29 -21.80 31.79 -17.38
C LYS B 29 -22.43 30.85 -18.41
N PHE B 30 -21.60 30.10 -19.12
CA PHE B 30 -22.07 29.19 -20.16
C PHE B 30 -23.05 28.15 -19.63
N SER B 31 -22.74 27.53 -18.49
CA SER B 31 -23.54 26.44 -17.96
C SER B 31 -24.95 26.87 -17.55
N ILE B 32 -25.11 28.08 -17.03
CA ILE B 32 -26.41 28.55 -16.57
C ILE B 32 -27.32 28.89 -17.74
N VAL B 33 -26.83 29.66 -18.70
CA VAL B 33 -27.67 30.13 -19.79
C VAL B 33 -28.35 28.98 -20.52
N PHE B 34 -27.65 27.86 -20.74
CA PHE B 34 -28.30 26.75 -21.43
C PHE B 34 -29.44 26.15 -20.61
N VAL B 35 -29.30 26.11 -19.28
CA VAL B 35 -30.39 25.56 -18.48
C VAL B 35 -31.58 26.49 -18.42
N MET B 36 -31.34 27.80 -18.45
CA MET B 36 -32.46 28.74 -18.46
C MET B 36 -33.26 28.66 -19.74
N VAL B 37 -32.60 28.39 -20.87
CA VAL B 37 -33.32 28.23 -22.12
C VAL B 37 -34.25 27.04 -22.05
N ARG B 38 -33.78 25.93 -21.48
CA ARG B 38 -34.61 24.73 -21.35
C ARG B 38 -35.86 25.02 -20.53
N ASN B 39 -35.68 25.70 -19.40
CA ASN B 39 -36.81 25.98 -18.51
C ASN B 39 -37.75 27.03 -19.07
N ALA B 40 -37.23 27.95 -19.87
CA ALA B 40 -38.12 28.93 -20.49
C ALA B 40 -39.10 28.24 -21.40
N LEU B 41 -38.65 27.18 -22.09
CA LEU B 41 -39.53 26.37 -22.92
C LEU B 41 -40.40 25.45 -22.07
N GLY B 42 -40.03 25.23 -20.82
CA GLY B 42 -40.74 24.37 -19.90
C GLY B 42 -40.44 22.90 -20.05
N LEU B 43 -39.34 22.55 -20.72
CA LEU B 43 -38.96 21.16 -20.88
C LEU B 43 -38.31 20.68 -19.58
N GLN B 44 -38.65 19.46 -19.16
CA GLN B 44 -38.16 18.94 -17.89
C GLN B 44 -36.83 18.20 -18.01
N GLN B 45 -36.67 17.38 -19.04
CA GLN B 45 -35.55 16.45 -19.15
C GLN B 45 -34.71 16.61 -20.42
N ILE B 46 -35.14 17.44 -21.37
CA ILE B 46 -34.54 17.49 -22.69
C ILE B 46 -33.93 18.87 -22.89
N PRO B 47 -32.64 18.98 -23.24
CA PRO B 47 -31.66 17.89 -23.35
C PRO B 47 -31.06 17.51 -22.00
N SER B 48 -30.42 16.36 -21.94
CA SER B 48 -29.91 15.85 -20.68
C SER B 48 -28.80 16.76 -20.16
N ASN B 49 -28.65 16.80 -18.84
CA ASN B 49 -27.58 17.59 -18.25
C ASN B 49 -26.21 17.18 -18.79
N MET B 50 -26.02 15.92 -19.18
CA MET B 50 -24.79 15.56 -19.86
C MET B 50 -24.64 16.23 -21.21
N THR B 51 -25.75 16.59 -21.86
CA THR B 51 -25.64 17.24 -23.15
C THR B 51 -25.24 18.69 -22.98
N LEU B 52 -25.95 19.43 -22.13
CA LEU B 52 -25.73 20.86 -21.99
C LEU B 52 -24.37 21.14 -21.36
N ASN B 53 -24.10 20.51 -20.21
CA ASN B 53 -22.78 20.59 -19.59
C ASN B 53 -21.69 20.14 -20.55
N GLY B 54 -22.01 19.25 -21.47
CA GLY B 54 -21.03 18.86 -22.48
C GLY B 54 -20.64 20.02 -23.37
N VAL B 55 -21.62 20.84 -23.75
CA VAL B 55 -21.35 21.96 -24.65
C VAL B 55 -20.62 23.08 -23.91
N ALA B 56 -21.17 23.51 -22.78
CA ALA B 56 -20.55 24.60 -22.03
C ALA B 56 -19.09 24.31 -21.77
N LEU B 57 -18.75 23.05 -21.53
CA LEU B 57 -17.35 22.68 -21.29
C LEU B 57 -16.52 22.73 -22.57
N LEU B 58 -17.13 22.54 -23.74
CA LEU B 58 -16.37 22.67 -24.97
C LEU B 58 -16.22 24.12 -25.40
N LEU B 59 -17.32 24.88 -25.48
CA LEU B 59 -17.19 26.26 -25.91
C LEU B 59 -16.24 27.03 -25.01
N SER B 60 -16.20 26.70 -23.72
CA SER B 60 -15.30 27.37 -22.81
C SER B 60 -13.85 27.08 -23.12
N MET B 61 -13.55 25.87 -23.59
CA MET B 61 -12.16 25.54 -23.90
C MET B 61 -11.61 26.41 -25.03
N PHE B 62 -12.43 26.73 -26.03
CA PHE B 62 -11.95 27.59 -27.10
C PHE B 62 -11.52 28.94 -26.56
N VAL B 63 -12.23 29.45 -25.55
CA VAL B 63 -11.94 30.76 -24.99
C VAL B 63 -10.72 30.72 -24.07
N MET B 64 -10.57 29.67 -23.28
CA MET B 64 -9.49 29.64 -22.31
C MET B 64 -8.15 29.15 -22.87
N TRP B 65 -8.16 28.28 -23.87
CA TRP B 65 -6.90 27.77 -24.39
C TRP B 65 -5.86 28.84 -24.72
N PRO B 66 -6.20 29.93 -25.41
CA PRO B 66 -5.19 30.96 -25.65
C PRO B 66 -4.47 31.43 -24.40
N ILE B 67 -5.11 31.33 -23.24
CA ILE B 67 -4.46 31.77 -22.00
C ILE B 67 -3.45 30.73 -21.53
N MET B 68 -3.83 29.45 -21.53
CA MET B 68 -2.91 28.41 -21.08
C MET B 68 -1.72 28.24 -22.00
N HIS B 69 -1.92 28.36 -23.32
CA HIS B 69 -0.79 28.24 -24.23
C HIS B 69 0.20 29.37 -24.04
N ASP B 70 -0.29 30.60 -24.01
CA ASP B 70 0.58 31.74 -23.81
C ASP B 70 1.29 31.68 -22.47
N ALA B 71 0.67 31.05 -21.47
CA ALA B 71 1.30 30.91 -20.15
C ALA B 71 2.39 29.86 -20.13
N TYR B 72 2.16 28.71 -20.77
CA TYR B 72 3.16 27.64 -20.80
C TYR B 72 4.48 28.11 -21.39
N VAL B 73 4.43 28.84 -22.50
CA VAL B 73 5.66 29.31 -23.13
C VAL B 73 6.46 30.20 -22.18
N TYR B 74 5.79 30.96 -21.31
CA TYR B 74 6.55 31.80 -20.40
C TYR B 74 7.33 31.00 -19.37
N PHE B 75 6.72 29.98 -18.77
CA PHE B 75 7.44 29.14 -17.81
C PHE B 75 8.49 28.27 -18.47
N GLU B 76 8.30 27.88 -19.74
CA GLU B 76 9.33 27.11 -20.42
C GLU B 76 10.51 28.00 -20.79
N ASP B 77 10.25 29.22 -21.22
CA ASP B 77 11.31 30.16 -21.57
C ASP B 77 12.30 30.32 -20.40
N ASP B 84 18.03 34.98 -5.84
CA ASP B 84 17.50 35.43 -4.57
C ASP B 84 15.98 35.35 -4.54
N ILE B 85 15.41 35.44 -3.33
CA ILE B 85 13.97 35.33 -3.15
C ILE B 85 13.23 36.41 -3.92
N SER B 86 13.76 37.63 -3.90
CA SER B 86 13.09 38.75 -4.56
C SER B 86 13.03 38.59 -6.08
N SER B 87 14.00 37.93 -6.69
CA SER B 87 13.95 37.74 -8.14
C SER B 87 12.95 36.68 -8.57
N LEU B 88 12.87 35.55 -7.87
CA LEU B 88 11.97 34.50 -8.29
C LEU B 88 10.51 34.94 -8.19
N SER B 89 10.12 35.50 -7.05
CA SER B 89 8.72 35.93 -6.88
C SER B 89 8.31 36.91 -7.97
N LYS B 90 9.20 37.84 -8.34
CA LYS B 90 8.86 38.78 -9.39
C LYS B 90 8.76 38.09 -10.74
N HIS B 91 9.58 37.07 -10.96
CA HIS B 91 9.52 36.32 -12.21
C HIS B 91 8.23 35.51 -12.33
N VAL B 92 7.81 34.88 -11.22
CA VAL B 92 6.58 34.10 -11.22
C VAL B 92 5.35 34.97 -11.50
N ASP B 93 5.25 36.11 -10.83
CA ASP B 93 4.09 36.96 -11.01
C ASP B 93 3.84 37.36 -12.45
N GLU B 94 4.89 37.66 -13.21
CA GLU B 94 4.68 38.04 -14.60
C GLU B 94 3.97 36.97 -15.41
N GLY B 95 4.04 35.71 -14.98
CA GLY B 95 3.32 34.67 -15.69
C GLY B 95 1.83 34.76 -15.50
N LEU B 96 1.40 35.17 -14.31
CA LEU B 96 -0.03 35.31 -14.03
C LEU B 96 -0.63 36.54 -14.68
N ASP B 97 0.18 37.59 -14.90
CA ASP B 97 -0.35 38.82 -15.49
C ASP B 97 -1.19 38.56 -16.72
N GLY B 98 -0.89 37.50 -17.47
CA GLY B 98 -1.74 37.18 -18.60
C GLY B 98 -3.13 36.75 -18.18
N TYR B 99 -3.22 36.08 -17.03
CA TYR B 99 -4.51 35.65 -16.48
C TYR B 99 -5.16 36.73 -15.64
N ARG B 100 -4.38 37.39 -14.77
CA ARG B 100 -4.92 38.45 -13.93
C ARG B 100 -5.67 39.47 -14.75
N ASP B 101 -5.11 39.87 -15.89
CA ASP B 101 -5.79 40.82 -16.75
C ASP B 101 -7.19 40.37 -17.11
N TYR B 102 -7.34 39.10 -17.49
CA TYR B 102 -8.66 38.58 -17.85
C TYR B 102 -9.68 38.79 -16.74
N LEU B 103 -9.35 38.42 -15.51
CA LEU B 103 -10.29 38.61 -14.41
C LEU B 103 -10.64 40.09 -14.22
N ILE B 104 -9.65 40.97 -14.27
CA ILE B 104 -9.90 42.40 -14.07
C ILE B 104 -10.91 42.94 -15.08
N LYS B 105 -10.83 42.48 -16.32
CA LYS B 105 -11.73 43.00 -17.35
C LYS B 105 -13.19 42.87 -16.96
N TYR B 106 -13.57 41.77 -16.33
CA TYR B 106 -14.97 41.49 -15.98
C TYR B 106 -15.32 41.73 -14.52
N SER B 107 -14.44 41.37 -13.59
CA SER B 107 -14.72 41.52 -12.18
C SER B 107 -15.09 42.95 -11.82
N ASP B 108 -16.05 43.10 -10.91
CA ASP B 108 -16.52 44.42 -10.50
C ASP B 108 -15.41 45.22 -9.83
N ARG B 109 -15.27 46.47 -10.27
CA ARG B 109 -14.17 47.33 -9.84
C ARG B 109 -14.19 47.61 -8.34
N GLU B 110 -15.38 47.76 -7.74
CA GLU B 110 -15.42 48.09 -6.32
C GLU B 110 -15.28 46.89 -5.41
N LEU B 111 -15.87 45.74 -5.77
CA LEU B 111 -15.70 44.56 -4.93
C LEU B 111 -14.22 44.24 -4.74
N VAL B 112 -13.44 44.36 -5.80
CA VAL B 112 -12.01 44.12 -5.69
C VAL B 112 -11.40 44.97 -4.57
N GLN B 113 -11.70 46.26 -4.57
CA GLN B 113 -11.17 47.10 -3.50
C GLN B 113 -11.72 46.68 -2.15
N PHE B 114 -13.01 46.35 -2.11
CA PHE B 114 -13.62 45.96 -0.84
C PHE B 114 -12.96 44.72 -0.25
N PHE B 115 -12.70 43.70 -1.09
CA PHE B 115 -12.02 42.52 -0.60
C PHE B 115 -10.53 42.76 -0.37
N GLU B 116 -9.90 43.57 -1.21
CA GLU B 116 -8.49 43.90 -0.99
C GLU B 116 -8.29 44.50 0.39
N ASN B 117 -9.26 45.25 0.89
CA ASN B 117 -9.17 45.85 2.21
C ASN B 117 -9.41 44.84 3.32
N ALA B 118 -10.09 43.75 3.03
CA ALA B 118 -10.34 42.73 4.05
C ALA B 118 -9.12 41.84 4.24
N GLN B 119 -8.41 41.53 3.15
CA GLN B 119 -7.23 40.68 3.21
C GLN B 119 -6.19 41.21 4.18
N ILE B 138 0.21 52.78 -7.86
CA ILE B 138 -1.05 52.10 -8.10
C ILE B 138 -0.91 50.64 -7.69
N GLU B 139 -1.83 50.16 -6.88
CA GLU B 139 -1.82 48.77 -6.45
C GLU B 139 -2.35 47.88 -7.57
N LYS B 140 -1.53 46.94 -8.02
CA LYS B 140 -2.01 45.97 -8.98
C LYS B 140 -2.91 45.00 -8.23
N PRO B 141 -4.14 44.73 -8.70
CA PRO B 141 -5.02 43.84 -7.95
C PRO B 141 -4.42 42.48 -7.64
N SER B 142 -4.97 41.81 -6.64
CA SER B 142 -4.52 40.50 -6.21
C SER B 142 -5.56 39.47 -6.66
N ILE B 143 -5.09 38.31 -7.09
CA ILE B 143 -6.00 37.28 -7.59
C ILE B 143 -7.00 36.86 -6.54
N PHE B 144 -6.57 36.63 -5.30
CA PHE B 144 -7.52 36.25 -4.27
C PHE B 144 -8.63 37.26 -4.09
N ALA B 145 -8.38 38.52 -4.42
CA ALA B 145 -9.49 39.46 -4.40
C ALA B 145 -10.33 39.30 -5.65
N LEU B 146 -9.70 39.01 -6.79
CA LEU B 146 -10.42 38.87 -8.05
C LEU B 146 -11.34 37.66 -8.08
N LEU B 147 -10.91 36.50 -7.57
CA LEU B 147 -11.74 35.31 -7.71
C LEU B 147 -13.17 35.48 -7.22
N PRO B 148 -13.40 35.84 -5.96
CA PRO B 148 -14.80 35.99 -5.52
C PRO B 148 -15.49 37.14 -6.23
N ALA B 149 -14.78 38.22 -6.54
CA ALA B 149 -15.40 39.31 -7.28
C ALA B 149 -15.80 38.88 -8.67
N TYR B 150 -15.05 37.96 -9.28
CA TYR B 150 -15.41 37.46 -10.60
C TYR B 150 -16.59 36.50 -10.54
N ALA B 151 -16.52 35.50 -9.66
CA ALA B 151 -17.61 34.52 -9.57
C ALA B 151 -18.96 35.20 -9.37
N LEU B 152 -19.04 36.13 -8.42
CA LEU B 152 -20.32 36.78 -8.14
C LEU B 152 -20.75 37.70 -9.28
N SER B 153 -19.80 38.28 -10.01
CA SER B 153 -20.17 39.18 -11.10
C SER B 153 -20.67 38.45 -12.33
N GLU B 154 -20.14 37.25 -12.63
CA GLU B 154 -20.60 36.49 -13.78
C GLU B 154 -22.02 35.94 -13.56
N ILE B 155 -22.29 35.43 -12.37
CA ILE B 155 -23.63 34.91 -12.05
C ILE B 155 -24.68 35.97 -12.34
N LYS B 156 -24.49 37.18 -11.82
CA LYS B 156 -25.44 38.25 -12.07
C LYS B 156 -25.71 38.43 -13.56
N SER B 157 -24.66 38.40 -14.37
CA SER B 157 -24.84 38.56 -15.81
C SER B 157 -25.66 37.43 -16.44
N ALA B 158 -25.54 36.20 -15.91
CA ALA B 158 -26.35 35.11 -16.44
C ALA B 158 -27.82 35.26 -16.09
N PHE B 159 -28.13 35.61 -14.84
CA PHE B 159 -29.51 35.85 -14.47
C PHE B 159 -30.10 36.96 -15.32
N LYS B 160 -29.30 37.98 -15.60
CA LYS B 160 -29.75 39.08 -16.44
C LYS B 160 -30.11 38.59 -17.84
N ILE B 161 -29.23 37.81 -18.46
CA ILE B 161 -29.53 37.30 -19.80
C ILE B 161 -30.80 36.46 -19.77
N GLY B 162 -30.89 35.54 -18.82
CA GLY B 162 -32.07 34.69 -18.75
C GLY B 162 -33.37 35.46 -18.72
N PHE B 163 -33.40 36.55 -17.96
CA PHE B 163 -34.59 37.39 -17.89
C PHE B 163 -35.04 37.82 -19.29
N TYR B 164 -34.11 38.30 -20.11
CA TYR B 164 -34.49 38.68 -21.47
C TYR B 164 -35.03 37.51 -22.26
N LEU B 165 -34.52 36.30 -22.01
CA LEU B 165 -34.98 35.15 -22.77
C LEU B 165 -36.38 34.68 -22.38
N TYR B 166 -36.93 35.13 -21.26
CA TYR B 166 -38.28 34.74 -20.87
C TYR B 166 -39.35 35.62 -21.48
N LEU B 167 -39.07 36.92 -21.67
CA LEU B 167 -40.10 37.83 -22.14
C LEU B 167 -40.77 37.44 -23.45
N PRO B 168 -40.09 36.86 -24.44
CA PRO B 168 -40.81 36.56 -25.69
C PRO B 168 -41.83 35.46 -25.54
N PHE B 169 -41.67 34.58 -24.54
CA PHE B 169 -42.58 33.47 -24.33
C PHE B 169 -43.72 33.82 -23.38
N VAL B 170 -43.48 34.73 -22.43
CA VAL B 170 -44.52 35.21 -21.54
C VAL B 170 -45.60 35.95 -22.33
N VAL B 171 -45.22 36.59 -23.43
CA VAL B 171 -46.22 37.16 -24.33
C VAL B 171 -47.01 36.04 -25.00
N VAL B 172 -46.33 34.99 -25.44
CA VAL B 172 -47.02 33.87 -26.06
C VAL B 172 -48.04 33.26 -25.10
N ASP B 173 -47.64 33.07 -23.85
CA ASP B 173 -48.51 32.40 -22.88
C ASP B 173 -49.77 33.21 -22.57
N LEU B 174 -49.65 34.53 -22.48
CA LEU B 174 -50.83 35.34 -22.22
C LEU B 174 -51.74 35.43 -23.45
N VAL B 175 -51.15 35.52 -24.64
CA VAL B 175 -51.94 35.64 -25.87
C VAL B 175 -52.84 34.41 -26.05
N VAL B 176 -52.31 33.21 -25.84
CA VAL B 176 -53.11 32.00 -26.01
C VAL B 176 -54.32 32.03 -25.08
N SER B 177 -54.11 32.42 -23.82
CA SER B 177 -55.22 32.46 -22.88
C SER B 177 -56.34 33.35 -23.36
N SER B 178 -56.02 34.45 -24.03
CA SER B 178 -57.07 35.32 -24.54
C SER B 178 -57.92 34.62 -25.58
N VAL B 179 -57.35 33.69 -26.34
CA VAL B 179 -58.13 32.98 -27.36
C VAL B 179 -59.10 32.01 -26.70
N LEU B 180 -58.61 31.20 -25.78
CA LEU B 180 -59.47 30.24 -25.10
C LEU B 180 -60.60 30.95 -24.37
N LEU B 181 -60.30 32.06 -23.69
CA LEU B 181 -61.34 32.84 -23.04
C LEU B 181 -62.29 33.47 -24.04
N ALA B 182 -61.78 33.91 -25.20
CA ALA B 182 -62.69 34.39 -26.23
C ALA B 182 -63.56 33.29 -26.78
N LEU B 183 -63.20 32.02 -26.58
CA LEU B 183 -64.07 30.89 -26.88
C LEU B 183 -64.69 30.28 -25.61
N GLY B 184 -64.47 30.89 -24.45
CA GLY B 184 -65.11 30.51 -23.20
C GLY B 184 -64.57 29.27 -22.52
N MET B 185 -63.54 28.63 -23.07
CA MET B 185 -63.08 27.33 -22.61
C MET B 185 -62.23 27.48 -21.34
N MET B 186 -62.87 28.02 -20.30
CA MET B 186 -62.17 28.41 -19.10
C MET B 186 -61.49 27.25 -18.38
N MET B 187 -61.86 26.01 -18.65
CA MET B 187 -61.20 24.86 -18.05
C MET B 187 -60.50 23.98 -19.09
N MET B 188 -60.32 24.49 -20.30
CA MET B 188 -59.32 24.00 -21.25
C MET B 188 -57.99 24.65 -20.90
N SER B 189 -57.25 24.04 -20.00
CA SER B 189 -55.97 24.62 -19.59
C SER B 189 -55.01 24.71 -20.78
N PRO B 190 -54.40 25.87 -21.02
CA PRO B 190 -53.78 26.13 -22.33
C PRO B 190 -52.50 25.37 -22.59
N VAL B 191 -51.82 24.88 -21.55
CA VAL B 191 -50.38 24.63 -21.67
C VAL B 191 -50.09 23.67 -22.81
N THR B 192 -50.99 22.73 -23.08
CA THR B 192 -50.77 21.83 -24.21
C THR B 192 -50.61 22.60 -25.52
N ILE B 193 -51.31 23.73 -25.65
CA ILE B 193 -51.34 24.44 -26.93
C ILE B 193 -50.14 25.36 -27.07
N SER B 194 -49.68 25.99 -25.99
CA SER B 194 -48.54 26.89 -26.12
C SER B 194 -47.21 26.16 -26.12
N THR B 195 -47.13 24.94 -25.60
CA THR B 195 -45.87 24.21 -25.64
C THR B 195 -45.35 24.03 -27.06
N PRO B 196 -46.15 23.59 -28.04
CA PRO B 196 -45.62 23.48 -29.41
C PRO B 196 -45.36 24.82 -30.06
N ILE B 197 -46.11 25.87 -29.69
CA ILE B 197 -45.81 27.19 -30.23
C ILE B 197 -44.45 27.64 -29.76
N LYS B 198 -44.13 27.40 -28.49
CA LYS B 198 -42.84 27.77 -27.95
C LYS B 198 -41.70 27.14 -28.74
N LEU B 199 -41.89 25.92 -29.23
CA LEU B 199 -40.87 25.28 -30.04
C LEU B 199 -40.77 25.88 -31.45
N VAL B 200 -41.89 26.06 -32.12
CA VAL B 200 -41.86 26.65 -33.46
C VAL B 200 -41.16 28.00 -33.43
N LEU B 201 -41.44 28.80 -32.43
CA LEU B 201 -40.83 30.12 -32.32
C LEU B 201 -39.31 30.02 -32.21
N PHE B 202 -38.82 29.17 -31.32
CA PHE B 202 -37.38 29.12 -31.04
C PHE B 202 -36.59 28.52 -32.19
N VAL B 203 -37.11 27.50 -32.87
CA VAL B 203 -36.38 26.98 -34.02
C VAL B 203 -36.49 27.91 -35.22
N ALA B 204 -37.61 28.61 -35.37
CA ALA B 204 -37.73 29.61 -36.42
C ALA B 204 -36.86 30.82 -36.14
N LEU B 205 -36.40 30.97 -34.90
CA LEU B 205 -35.42 31.96 -34.48
C LEU B 205 -33.99 31.45 -34.51
N ASP B 206 -33.77 30.19 -34.88
CA ASP B 206 -32.44 29.60 -34.86
C ASP B 206 -31.69 29.91 -33.56
N GLY B 207 -32.43 29.89 -32.46
CA GLY B 207 -31.88 30.29 -31.17
C GLY B 207 -30.54 29.66 -30.84
N TRP B 208 -30.44 28.33 -30.92
CA TRP B 208 -29.20 27.66 -30.55
C TRP B 208 -28.01 28.17 -31.33
N THR B 209 -28.21 28.64 -32.55
CA THR B 209 -27.10 29.22 -33.29
C THR B 209 -26.80 30.64 -32.85
N LEU B 210 -27.84 31.47 -32.70
CA LEU B 210 -27.63 32.86 -32.27
C LEU B 210 -26.93 32.92 -30.92
N LEU B 211 -27.38 32.11 -29.96
CA LEU B 211 -26.77 32.11 -28.63
C LEU B 211 -25.32 31.68 -28.67
N SER B 212 -25.00 30.67 -29.47
CA SER B 212 -23.63 30.16 -29.52
C SER B 212 -22.70 31.16 -30.20
N LYS B 213 -23.12 31.77 -31.30
CA LYS B 213 -22.28 32.79 -31.91
C LYS B 213 -22.13 34.00 -31.00
N GLY B 214 -23.23 34.43 -30.37
CA GLY B 214 -23.17 35.66 -29.60
C GLY B 214 -22.41 35.49 -28.31
N LEU B 215 -22.71 34.43 -27.58
CA LEU B 215 -22.08 34.21 -26.28
C LEU B 215 -20.56 34.18 -26.37
N ILE B 216 -20.00 33.73 -27.49
CA ILE B 216 -18.53 33.68 -27.62
C ILE B 216 -17.96 35.05 -27.94
N LEU B 217 -18.65 35.84 -28.74
CA LEU B 217 -18.13 37.14 -29.16
C LEU B 217 -17.91 38.09 -28.00
N GLN B 218 -18.49 37.80 -26.85
CA GLN B 218 -18.25 38.63 -25.68
C GLN B 218 -16.82 38.49 -25.18
N TYR B 219 -16.20 37.34 -25.45
CA TYR B 219 -14.84 37.06 -24.98
C TYR B 219 -13.77 37.26 -26.04
N MET B 220 -14.11 37.37 -27.31
CA MET B 220 -13.10 37.60 -28.33
C MET B 220 -12.37 38.90 -28.02
N GLY C 2 12.31 20.76 16.92
CA GLY C 2 11.60 19.60 16.31
C GLY C 2 11.64 18.36 17.18
N ASN C 3 10.48 17.75 17.40
CA ASN C 3 10.42 16.51 18.18
C ASN C 3 9.34 15.62 17.56
N ASP C 4 9.50 14.32 17.76
CA ASP C 4 8.56 13.38 17.18
C ASP C 4 7.14 13.60 17.68
N ILE C 5 6.97 13.79 18.98
CA ILE C 5 5.62 13.96 19.51
C ILE C 5 5.00 15.27 19.07
N SER C 6 5.79 16.32 18.93
CA SER C 6 5.23 17.56 18.42
C SER C 6 4.81 17.39 16.96
N LEU C 7 5.57 16.60 16.20
CA LEU C 7 5.25 16.37 14.80
C LEU C 7 4.00 15.53 14.64
N ILE C 8 3.85 14.49 15.46
CA ILE C 8 2.64 13.65 15.39
C ILE C 8 1.40 14.50 15.60
N ALA C 9 1.44 15.42 16.55
CA ALA C 9 0.31 16.31 16.78
C ALA C 9 0.15 17.31 15.65
N LEU C 10 1.22 17.60 14.91
CA LEU C 10 1.13 18.50 13.77
C LEU C 10 0.59 17.79 12.53
N LEU C 11 0.98 16.55 12.30
CA LEU C 11 0.39 15.76 11.23
C LEU C 11 -1.09 15.46 11.47
N ALA C 12 -1.46 15.08 12.68
CA ALA C 12 -2.84 14.70 12.96
C ALA C 12 -3.83 15.85 12.78
N PHE C 13 -3.47 17.05 13.23
CA PHE C 13 -4.37 18.19 13.01
C PHE C 13 -4.66 18.41 11.53
N SER C 14 -3.68 18.14 10.67
CA SER C 14 -3.86 18.22 9.23
C SER C 14 -4.75 17.11 8.66
N THR C 15 -5.00 16.04 9.41
CA THR C 15 -6.04 15.08 8.99
C THR C 15 -7.44 15.56 9.32
N LEU C 16 -7.63 16.22 10.45
CA LEU C 16 -8.96 16.58 10.95
C LEU C 16 -9.45 17.92 10.45
N LEU C 17 -8.61 18.67 9.74
CA LEU C 17 -8.99 19.97 9.20
C LEU C 17 -10.38 20.06 8.59
N PRO C 18 -10.78 19.18 7.66
CA PRO C 18 -12.06 19.40 6.98
C PRO C 18 -13.27 19.22 7.87
N PHE C 19 -13.09 18.70 9.08
CA PHE C 19 -14.17 18.57 10.05
C PHE C 19 -14.27 19.79 10.96
N ILE C 20 -13.12 20.29 11.41
CA ILE C 20 -13.10 21.45 12.29
C ILE C 20 -13.63 22.68 11.55
N ILE C 21 -13.25 22.81 10.28
CA ILE C 21 -13.72 23.91 9.45
C ILE C 21 -15.21 23.77 9.14
N ALA C 22 -15.74 22.55 9.22
CA ALA C 22 -17.16 22.33 8.99
C ALA C 22 -18.00 22.59 10.24
N SER C 23 -17.46 22.35 11.43
CA SER C 23 -18.20 22.61 12.67
C SER C 23 -17.72 23.84 13.43
N GLY C 24 -16.43 23.96 13.67
CA GLY C 24 -15.84 25.01 14.47
C GLY C 24 -15.65 26.38 13.82
N THR C 25 -15.99 26.56 12.56
CA THR C 25 -15.75 27.81 11.87
C THR C 25 -17.03 28.31 11.22
N CYS C 26 -17.08 29.62 10.99
CA CYS C 26 -18.26 30.26 10.44
C CYS C 26 -18.65 29.76 9.06
N PHE C 27 -17.84 28.90 8.44
CA PHE C 27 -18.20 28.37 7.12
C PHE C 27 -19.63 27.86 7.09
N VAL C 28 -20.15 27.38 8.24
CA VAL C 28 -21.52 26.87 8.28
C VAL C 28 -22.55 27.94 7.94
N LYS C 29 -22.35 29.17 8.39
CA LYS C 29 -23.33 30.20 8.04
C LYS C 29 -23.34 30.49 6.55
N PHE C 30 -22.17 30.68 5.97
CA PHE C 30 -22.06 31.03 4.56
C PHE C 30 -22.64 29.95 3.65
N SER C 31 -22.29 28.69 3.87
CA SER C 31 -22.80 27.61 3.01
C SER C 31 -24.32 27.53 3.05
N ILE C 32 -24.92 27.62 4.24
CA ILE C 32 -26.36 27.55 4.37
C ILE C 32 -27.04 28.72 3.67
N VAL C 33 -26.58 29.94 3.94
CA VAL C 33 -27.23 31.11 3.37
C VAL C 33 -27.31 31.03 1.84
N PHE C 34 -26.23 30.66 1.16
CA PHE C 34 -26.28 30.62 -0.30
C PHE C 34 -27.28 29.60 -0.85
N VAL C 35 -27.42 28.43 -0.21
CA VAL C 35 -28.39 27.46 -0.73
C VAL C 35 -29.82 27.96 -0.53
N MET C 36 -30.08 28.64 0.59
CA MET C 36 -31.42 29.20 0.81
C MET C 36 -31.77 30.24 -0.24
N VAL C 37 -30.79 31.00 -0.71
CA VAL C 37 -31.04 31.96 -1.78
C VAL C 37 -31.53 31.23 -3.02
N ARG C 38 -30.84 30.15 -3.38
CA ARG C 38 -31.23 29.37 -4.55
C ARG C 38 -32.66 28.86 -4.44
N ASN C 39 -33.02 28.35 -3.25
CA ASN C 39 -34.36 27.82 -3.03
C ASN C 39 -35.43 28.90 -3.09
N ALA C 40 -35.13 30.10 -2.59
CA ALA C 40 -36.11 31.17 -2.62
C ALA C 40 -36.46 31.55 -4.04
N LEU C 41 -35.48 31.55 -4.95
CA LEU C 41 -35.72 31.86 -6.35
C LEU C 41 -36.46 30.76 -7.10
N GLY C 42 -36.51 29.56 -6.53
CA GLY C 42 -37.17 28.46 -7.19
C GLY C 42 -36.31 27.78 -8.23
N LEU C 43 -35.01 28.01 -8.21
CA LEU C 43 -34.08 27.35 -9.11
C LEU C 43 -33.66 26.04 -8.47
N GLN C 44 -33.42 25.01 -9.27
CA GLN C 44 -33.24 23.67 -8.72
C GLN C 44 -31.91 22.99 -9.02
N GLN C 45 -31.18 23.39 -10.05
CA GLN C 45 -29.85 22.84 -10.28
C GLN C 45 -28.78 23.89 -10.42
N ILE C 46 -29.15 25.17 -10.55
CA ILE C 46 -28.24 26.22 -11.02
C ILE C 46 -28.33 27.42 -10.08
N PRO C 47 -27.22 28.03 -9.68
CA PRO C 47 -25.83 27.57 -9.79
C PRO C 47 -25.55 26.30 -8.99
N SER C 48 -24.52 25.59 -9.42
CA SER C 48 -24.16 24.31 -8.83
C SER C 48 -23.63 24.47 -7.42
N ASN C 49 -23.83 23.43 -6.61
CA ASN C 49 -23.22 23.37 -5.29
C ASN C 49 -21.72 23.41 -5.35
N MET C 50 -21.14 23.10 -6.51
CA MET C 50 -19.71 23.27 -6.71
C MET C 50 -19.30 24.72 -6.64
N THR C 51 -20.18 25.63 -7.05
CA THR C 51 -19.87 27.05 -7.07
C THR C 51 -20.18 27.69 -5.73
N LEU C 52 -21.38 27.46 -5.20
CA LEU C 52 -21.76 28.06 -3.94
C LEU C 52 -20.85 27.60 -2.82
N ASN C 53 -20.58 26.30 -2.73
CA ASN C 53 -19.65 25.82 -1.71
C ASN C 53 -18.24 26.32 -1.95
N GLY C 54 -17.94 26.80 -3.15
CA GLY C 54 -16.65 27.38 -3.43
C GLY C 54 -16.55 28.83 -2.99
N VAL C 55 -17.49 29.66 -3.46
CA VAL C 55 -17.41 31.09 -3.14
C VAL C 55 -17.54 31.30 -1.64
N ALA C 56 -18.45 30.58 -1.00
CA ALA C 56 -18.59 30.69 0.45
C ALA C 56 -17.30 30.36 1.15
N LEU C 57 -16.55 29.38 0.64
CA LEU C 57 -15.30 28.99 1.26
C LEU C 57 -14.24 30.08 1.13
N LEU C 58 -14.15 30.71 -0.04
CA LEU C 58 -13.18 31.79 -0.23
C LEU C 58 -13.47 32.99 0.67
N LEU C 59 -14.73 33.42 0.74
CA LEU C 59 -15.06 34.56 1.59
C LEU C 59 -14.73 34.27 3.06
N SER C 60 -15.05 33.07 3.53
CA SER C 60 -14.77 32.74 4.92
C SER C 60 -13.27 32.76 5.21
N MET C 61 -12.44 32.56 4.19
CA MET C 61 -11.00 32.57 4.42
C MET C 61 -10.51 33.93 4.92
N PHE C 62 -11.09 35.03 4.43
CA PHE C 62 -10.63 36.33 4.90
C PHE C 62 -10.85 36.50 6.39
N VAL C 63 -11.97 36.01 6.90
CA VAL C 63 -12.27 36.19 8.31
C VAL C 63 -11.33 35.37 9.19
N MET C 64 -11.02 34.15 8.81
CA MET C 64 -10.19 33.34 9.68
C MET C 64 -8.70 33.62 9.57
N TRP C 65 -8.21 34.04 8.40
CA TRP C 65 -6.77 34.23 8.24
C TRP C 65 -6.11 35.02 9.36
N PRO C 66 -6.65 36.14 9.82
CA PRO C 66 -6.00 36.84 10.93
C PRO C 66 -5.86 35.99 12.18
N ILE C 67 -6.75 35.02 12.38
CA ILE C 67 -6.68 34.19 13.56
C ILE C 67 -5.58 33.14 13.44
N MET C 68 -5.41 32.58 12.25
CA MET C 68 -4.37 31.58 12.05
C MET C 68 -2.98 32.21 12.03
N HIS C 69 -2.86 33.41 11.48
CA HIS C 69 -1.55 34.06 11.45
C HIS C 69 -1.05 34.40 12.85
N ASP C 70 -1.94 34.83 13.74
CA ASP C 70 -1.52 35.07 15.10
C ASP C 70 -0.99 33.80 15.76
N ALA C 71 -1.37 32.64 15.26
CA ALA C 71 -0.82 31.37 15.73
C ALA C 71 0.37 30.96 14.88
N TYR C 72 0.49 31.56 13.70
CA TYR C 72 1.57 31.33 12.76
C TYR C 72 2.82 32.05 13.26
N VAL C 73 2.66 33.34 13.58
CA VAL C 73 3.73 34.19 14.10
C VAL C 73 4.18 33.79 15.49
N TYR C 74 3.48 32.86 16.13
CA TYR C 74 3.77 32.44 17.48
C TYR C 74 4.14 30.97 17.44
N PHE C 75 4.98 30.57 18.39
CA PHE C 75 5.49 29.20 18.39
C PHE C 75 4.40 28.17 18.61
N GLU C 76 3.22 28.59 19.05
CA GLU C 76 2.09 27.69 19.22
C GLU C 76 2.50 26.43 19.96
N PHE C 82 8.89 26.54 29.52
CA PHE C 82 8.90 25.94 28.20
C PHE C 82 9.40 24.50 28.27
N ASN C 83 10.10 24.18 29.36
CA ASN C 83 10.70 22.86 29.56
C ASN C 83 10.12 22.14 30.77
N ASP C 84 8.87 22.42 31.13
CA ASP C 84 8.24 21.69 32.23
C ASP C 84 6.75 21.51 31.95
N ILE C 85 6.19 20.47 32.56
CA ILE C 85 4.79 20.11 32.28
C ILE C 85 3.89 21.31 32.52
N SER C 86 4.04 21.96 33.67
CA SER C 86 3.21 23.12 33.98
C SER C 86 3.49 24.26 33.01
N SER C 87 4.76 24.56 32.75
CA SER C 87 5.08 25.63 31.81
C SER C 87 4.69 25.26 30.40
N LEU C 88 4.96 24.00 30.01
CA LEU C 88 4.61 23.55 28.68
C LEU C 88 3.10 23.60 28.48
N SER C 89 2.34 23.17 29.49
CA SER C 89 0.90 23.25 29.39
C SER C 89 0.46 24.70 29.24
N LYS C 90 1.00 25.58 30.07
CA LYS C 90 0.67 26.99 29.98
C LYS C 90 1.05 27.55 28.61
N HIS C 91 2.22 27.14 28.09
CA HIS C 91 2.65 27.64 26.80
C HIS C 91 1.74 27.16 25.68
N VAL C 92 1.44 25.86 25.67
CA VAL C 92 0.56 25.33 24.63
C VAL C 92 -0.85 25.85 24.80
N ASP C 93 -1.33 25.85 26.04
CA ASP C 93 -2.67 26.35 26.34
C ASP C 93 -2.83 27.81 25.95
N GLU C 94 -1.81 28.62 26.22
CA GLU C 94 -1.86 30.02 25.87
C GLU C 94 -2.00 30.26 24.37
N GLY C 95 -1.59 29.30 23.54
CA GLY C 95 -1.75 29.47 22.10
C GLY C 95 -3.19 29.32 21.65
N LEU C 96 -3.85 28.26 22.09
CA LEU C 96 -5.25 28.05 21.72
C LEU C 96 -6.12 29.20 22.18
N ASP C 97 -5.73 29.87 23.26
CA ASP C 97 -6.50 30.98 23.79
C ASP C 97 -6.77 32.08 22.76
N GLY C 98 -5.96 32.17 21.72
CA GLY C 98 -6.25 33.13 20.67
C GLY C 98 -7.50 32.79 19.90
N TYR C 99 -7.85 31.50 19.87
CA TYR C 99 -9.06 31.02 19.21
C TYR C 99 -10.24 30.92 20.17
N ARG C 100 -9.98 30.63 21.43
CA ARG C 100 -11.03 30.61 22.44
C ARG C 100 -11.80 31.92 22.45
N ASP C 101 -11.09 33.04 22.33
CA ASP C 101 -11.75 34.35 22.31
C ASP C 101 -12.71 34.51 21.14
N TYR C 102 -12.63 33.63 20.14
CA TYR C 102 -13.56 33.71 19.02
C TYR C 102 -14.84 32.92 19.29
N LEU C 103 -14.72 31.65 19.65
CA LEU C 103 -15.90 30.84 19.91
C LEU C 103 -16.80 31.48 20.96
N ILE C 104 -16.22 31.99 22.05
CA ILE C 104 -16.99 32.61 23.13
C ILE C 104 -17.74 33.87 22.73
N LYS C 105 -17.30 34.57 21.70
CA LYS C 105 -18.01 35.78 21.27
C LYS C 105 -19.28 35.49 20.47
N TYR C 106 -19.40 34.32 19.87
CA TYR C 106 -20.54 33.97 19.04
C TYR C 106 -21.27 32.73 19.56
N SER C 107 -21.33 32.55 20.88
CA SER C 107 -22.05 31.43 21.46
C SER C 107 -22.79 31.92 22.69
N ASP C 108 -23.87 31.21 23.02
CA ASP C 108 -24.71 31.56 24.17
C ASP C 108 -24.20 30.96 25.46
N ARG C 109 -24.12 31.82 26.48
CA ARG C 109 -23.62 31.44 27.79
C ARG C 109 -24.34 30.22 28.37
N GLU C 110 -25.65 30.13 28.18
CA GLU C 110 -26.39 29.05 28.81
C GLU C 110 -26.01 27.66 28.27
N LEU C 111 -25.70 27.55 26.97
CA LEU C 111 -25.28 26.26 26.44
C LEU C 111 -23.92 25.86 27.00
N VAL C 112 -22.96 26.78 26.96
CA VAL C 112 -21.61 26.48 27.43
C VAL C 112 -21.65 26.01 28.88
N GLN C 113 -22.41 26.73 29.70
CA GLN C 113 -22.53 26.38 31.11
C GLN C 113 -23.03 24.94 31.29
N PHE C 114 -24.01 24.54 30.49
CA PHE C 114 -24.50 23.17 30.61
C PHE C 114 -23.42 22.17 30.22
N PHE C 115 -22.65 22.48 29.17
CA PHE C 115 -21.58 21.59 28.72
C PHE C 115 -20.35 21.65 29.62
N GLU C 116 -20.13 22.78 30.30
CA GLU C 116 -19.05 22.84 31.27
C GLU C 116 -19.29 21.88 32.42
N ASN C 117 -20.55 21.49 32.66
CA ASN C 117 -20.90 20.53 33.68
C ASN C 117 -21.14 19.13 33.12
N ALA C 118 -20.87 18.92 31.84
CA ALA C 118 -21.07 17.63 31.20
C ALA C 118 -22.47 17.08 31.47
N PRO C 141 -13.35 28.87 29.52
CA PRO C 141 -14.06 27.60 29.48
C PRO C 141 -13.30 26.53 28.70
N SER C 142 -13.75 25.28 28.76
CA SER C 142 -13.11 24.23 27.99
C SER C 142 -13.38 24.41 26.51
N ILE C 143 -12.45 23.93 25.67
CA ILE C 143 -12.65 23.99 24.22
C ILE C 143 -13.72 23.02 23.77
N PHE C 144 -13.70 21.79 24.31
CA PHE C 144 -14.69 20.79 23.93
C PHE C 144 -16.12 21.22 24.23
N ALA C 145 -16.33 22.01 25.27
CA ALA C 145 -17.66 22.54 25.51
C ALA C 145 -18.01 23.64 24.52
N LEU C 146 -17.01 24.39 24.08
CA LEU C 146 -17.26 25.50 23.16
C LEU C 146 -17.60 25.04 21.75
N LEU C 147 -16.97 23.97 21.27
CA LEU C 147 -17.24 23.50 19.91
C LEU C 147 -18.71 23.20 19.64
N PRO C 148 -19.38 22.31 20.39
CA PRO C 148 -20.78 22.03 20.08
C PRO C 148 -21.71 23.18 20.36
N ALA C 149 -21.45 23.95 21.41
CA ALA C 149 -22.27 25.12 21.69
C ALA C 149 -22.18 26.13 20.57
N TYR C 150 -20.98 26.31 20.01
CA TYR C 150 -20.81 27.23 18.90
C TYR C 150 -21.57 26.78 17.65
N ALA C 151 -21.49 25.50 17.32
CA ALA C 151 -22.16 25.00 16.11
C ALA C 151 -23.65 25.30 16.13
N LEU C 152 -24.34 24.95 17.21
CA LEU C 152 -25.77 25.20 17.28
C LEU C 152 -26.09 26.68 17.24
N SER C 153 -25.18 27.53 17.72
CA SER C 153 -25.41 28.97 17.70
C SER C 153 -25.36 29.53 16.28
N GLU C 154 -24.38 29.11 15.47
CA GLU C 154 -24.31 29.59 14.09
C GLU C 154 -25.45 29.06 13.24
N ILE C 155 -25.82 27.79 13.41
CA ILE C 155 -26.89 27.22 12.61
C ILE C 155 -28.21 27.97 12.79
N LYS C 156 -28.65 28.14 14.05
CA LYS C 156 -29.92 28.82 14.25
C LYS C 156 -29.92 30.22 13.68
N SER C 157 -28.78 30.90 13.70
CA SER C 157 -28.70 32.23 13.09
C SER C 157 -28.94 32.18 11.59
N ALA C 158 -28.40 31.15 10.92
CA ALA C 158 -28.57 31.03 9.48
C ALA C 158 -30.04 30.96 9.09
N PHE C 159 -30.82 30.14 9.78
CA PHE C 159 -32.25 30.08 9.50
C PHE C 159 -32.91 31.42 9.77
N LYS C 160 -32.37 32.19 10.72
CA LYS C 160 -32.92 33.50 11.00
C LYS C 160 -32.71 34.47 9.85
N ILE C 161 -31.65 34.27 9.06
CA ILE C 161 -31.45 35.07 7.86
C ILE C 161 -32.33 34.57 6.73
N GLY C 162 -32.30 33.27 6.48
CA GLY C 162 -33.10 32.71 5.39
C GLY C 162 -34.54 33.17 5.41
N PHE C 163 -35.16 33.13 6.60
CA PHE C 163 -36.54 33.56 6.74
C PHE C 163 -36.77 34.92 6.07
N TYR C 164 -35.90 35.88 6.35
CA TYR C 164 -36.04 37.21 5.77
C TYR C 164 -35.90 37.19 4.24
N LEU C 165 -35.13 36.27 3.69
CA LEU C 165 -34.96 36.22 2.23
C LEU C 165 -36.21 35.77 1.49
N TYR C 166 -37.06 34.97 2.12
CA TYR C 166 -38.27 34.54 1.44
C TYR C 166 -39.34 35.62 1.36
N LEU C 167 -39.42 36.50 2.34
CA LEU C 167 -40.47 37.52 2.38
C LEU C 167 -40.56 38.38 1.12
N PRO C 168 -39.48 38.92 0.57
CA PRO C 168 -39.62 39.76 -0.63
C PRO C 168 -40.15 39.04 -1.87
N PHE C 169 -40.10 37.71 -1.94
CA PHE C 169 -40.57 37.00 -3.12
C PHE C 169 -41.93 36.36 -2.93
N VAL C 170 -42.23 35.83 -1.74
CA VAL C 170 -43.53 35.21 -1.53
C VAL C 170 -44.65 36.20 -1.79
N VAL C 171 -44.44 37.48 -1.49
CA VAL C 171 -45.48 38.46 -1.79
C VAL C 171 -45.67 38.56 -3.30
N VAL C 172 -44.62 38.31 -4.06
CA VAL C 172 -44.72 38.36 -5.53
C VAL C 172 -45.57 37.20 -6.03
N ASP C 173 -45.37 36.00 -5.46
CA ASP C 173 -46.18 34.85 -5.85
C ASP C 173 -47.66 35.04 -5.56
N LEU C 174 -47.99 35.65 -4.43
CA LEU C 174 -49.39 35.91 -4.11
C LEU C 174 -49.99 36.97 -5.03
N VAL C 175 -49.24 38.01 -5.36
CA VAL C 175 -49.77 39.07 -6.22
C VAL C 175 -50.09 38.54 -7.61
N VAL C 176 -49.22 37.71 -8.18
CA VAL C 176 -49.50 37.14 -9.50
C VAL C 176 -50.77 36.31 -9.46
N SER C 177 -50.91 35.44 -8.46
CA SER C 177 -52.11 34.63 -8.34
C SER C 177 -53.36 35.49 -8.18
N SER C 178 -53.26 36.55 -7.40
CA SER C 178 -54.41 37.42 -7.16
C SER C 178 -54.96 38.06 -8.42
N VAL C 179 -54.08 38.55 -9.31
CA VAL C 179 -54.58 39.22 -10.50
C VAL C 179 -55.20 38.24 -11.50
N LEU C 180 -54.61 37.06 -11.67
CA LEU C 180 -55.14 36.14 -12.68
C LEU C 180 -56.57 35.73 -12.37
N LEU C 181 -56.91 35.59 -11.10
CA LEU C 181 -58.28 35.31 -10.73
C LEU C 181 -59.23 36.43 -11.09
N ALA C 182 -58.73 37.67 -11.22
CA ALA C 182 -59.57 38.73 -11.75
C ALA C 182 -59.88 38.50 -13.21
N LEU C 183 -58.93 37.99 -13.97
CA LEU C 183 -59.13 37.72 -15.39
C LEU C 183 -60.01 36.51 -15.64
N GLY C 184 -60.27 35.71 -14.62
CA GLY C 184 -61.05 34.50 -14.75
C GLY C 184 -60.25 33.26 -15.11
N MET C 185 -58.92 33.36 -15.17
CA MET C 185 -58.07 32.24 -15.56
C MET C 185 -57.95 31.29 -14.38
N MET C 186 -59.01 30.51 -14.17
CA MET C 186 -59.10 29.65 -13.00
C MET C 186 -57.83 28.83 -12.77
N MET C 187 -57.21 28.37 -13.86
CA MET C 187 -56.18 27.34 -13.71
C MET C 187 -54.97 27.54 -14.60
N MET C 188 -54.74 28.73 -15.13
CA MET C 188 -53.41 29.07 -15.62
C MET C 188 -52.45 29.12 -14.43
N SER C 189 -51.56 28.14 -14.37
CA SER C 189 -50.58 28.07 -13.30
C SER C 189 -49.67 29.29 -13.32
N PRO C 190 -49.23 29.77 -12.16
CA PRO C 190 -48.48 31.03 -12.15
C PRO C 190 -47.05 30.89 -12.65
N VAL C 191 -46.38 29.79 -12.34
CA VAL C 191 -44.92 29.74 -12.37
C VAL C 191 -44.37 30.08 -13.74
N THR C 192 -45.15 29.84 -14.80
CA THR C 192 -44.63 30.09 -16.13
C THR C 192 -44.32 31.55 -16.36
N ILE C 193 -44.90 32.45 -15.56
CA ILE C 193 -44.70 33.88 -15.75
C ILE C 193 -44.17 34.59 -14.52
N SER C 194 -44.29 34.02 -13.33
CA SER C 194 -43.76 34.71 -12.15
C SER C 194 -42.25 34.53 -12.01
N THR C 195 -41.70 33.40 -12.43
CA THR C 195 -40.27 33.16 -12.26
C THR C 195 -39.38 34.26 -12.82
N PRO C 196 -39.64 34.87 -13.98
CA PRO C 196 -38.76 35.97 -14.41
C PRO C 196 -38.83 37.18 -13.52
N ILE C 197 -39.97 37.45 -12.90
CA ILE C 197 -40.08 38.60 -12.02
C ILE C 197 -39.12 38.46 -10.84
N LYS C 198 -38.99 37.23 -10.32
CA LYS C 198 -38.07 37.00 -9.22
C LYS C 198 -36.64 37.38 -9.61
N LEU C 199 -36.23 37.04 -10.83
CA LEU C 199 -34.87 37.35 -11.28
C LEU C 199 -34.61 38.84 -11.41
N VAL C 200 -35.51 39.60 -12.03
CA VAL C 200 -35.30 41.03 -12.17
C VAL C 200 -35.19 41.69 -10.81
N LEU C 201 -36.04 41.30 -9.87
CA LEU C 201 -35.97 41.89 -8.54
C LEU C 201 -34.64 41.61 -7.87
N PHE C 202 -34.19 40.35 -7.90
CA PHE C 202 -32.93 40.03 -7.26
C PHE C 202 -31.78 40.76 -7.94
N VAL C 203 -31.78 40.79 -9.27
CA VAL C 203 -30.72 41.46 -10.01
C VAL C 203 -30.76 42.97 -9.76
N ALA C 204 -31.95 43.56 -9.76
CA ALA C 204 -32.04 45.01 -9.57
C ALA C 204 -31.52 45.43 -8.21
N LEU C 205 -31.55 44.54 -7.23
CA LEU C 205 -31.00 44.85 -5.92
C LEU C 205 -29.50 44.59 -5.81
N ASP C 206 -28.91 43.88 -6.77
CA ASP C 206 -27.50 43.48 -6.68
C ASP C 206 -27.27 42.61 -5.45
N GLY C 207 -28.23 41.74 -5.16
CA GLY C 207 -28.24 40.93 -3.97
C GLY C 207 -26.90 40.39 -3.49
N TRP C 208 -26.19 39.71 -4.39
CA TRP C 208 -24.92 39.10 -4.03
C TRP C 208 -23.92 40.11 -3.46
N THR C 209 -23.94 41.35 -3.96
CA THR C 209 -23.04 42.37 -3.43
C THR C 209 -23.42 42.80 -2.02
N LEU C 210 -24.73 42.79 -1.71
CA LEU C 210 -25.17 43.16 -0.36
C LEU C 210 -24.92 42.03 0.63
N LEU C 211 -25.26 40.80 0.24
CA LEU C 211 -25.11 39.67 1.15
C LEU C 211 -23.65 39.38 1.47
N SER C 212 -22.79 39.36 0.44
CA SER C 212 -21.38 39.05 0.67
C SER C 212 -20.69 40.12 1.52
N LYS C 213 -21.14 41.36 1.42
CA LYS C 213 -20.58 42.42 2.27
C LYS C 213 -21.07 42.27 3.71
N GLY C 214 -22.38 42.26 3.89
CA GLY C 214 -22.93 42.20 5.23
C GLY C 214 -22.46 41.00 6.02
N LEU C 215 -22.24 39.87 5.36
CA LEU C 215 -21.78 38.68 6.08
C LEU C 215 -20.39 38.87 6.67
N ILE C 216 -19.45 39.44 5.91
CA ILE C 216 -18.12 39.62 6.46
C ILE C 216 -18.10 40.71 7.52
N LEU C 217 -18.95 41.74 7.37
CA LEU C 217 -18.95 42.83 8.35
C LEU C 217 -19.33 42.33 9.73
N GLN C 218 -20.11 41.27 9.83
CA GLN C 218 -20.43 40.71 11.12
C GLN C 218 -19.20 40.22 11.86
N TYR C 219 -18.13 39.87 11.13
CA TYR C 219 -16.93 39.31 11.74
C TYR C 219 -15.69 40.17 11.60
N MET C 220 -15.46 40.79 10.44
CA MET C 220 -14.23 41.53 10.23
C MET C 220 -14.16 42.77 11.09
N ASP C 221 -15.28 43.32 11.51
CA ASP C 221 -15.29 44.48 12.39
C ASP C 221 -14.56 45.66 11.75
N ILE C 222 -14.68 45.80 10.43
CA ILE C 222 -14.00 46.87 9.72
C ILE C 222 -14.58 48.20 10.15
N ASN D 3 3.31 -7.55 27.10
CA ASN D 3 3.15 -8.94 26.62
C ASN D 3 2.79 -8.92 25.13
N ASP D 4 3.39 -9.82 24.35
CA ASP D 4 3.13 -9.83 22.91
C ASP D 4 1.68 -10.14 22.59
N ILE D 5 1.13 -11.22 23.15
CA ILE D 5 -0.24 -11.55 22.78
C ILE D 5 -1.22 -10.52 23.31
N SER D 6 -0.90 -9.88 24.43
CA SER D 6 -1.76 -8.80 24.88
C SER D 6 -1.70 -7.60 23.94
N LEU D 7 -0.60 -7.47 23.19
CA LEU D 7 -0.46 -6.37 22.25
C LEU D 7 -1.33 -6.55 21.01
N ILE D 8 -1.49 -7.79 20.55
CA ILE D 8 -2.40 -8.08 19.44
C ILE D 8 -3.85 -7.76 19.81
N ALA D 9 -4.25 -8.10 21.04
CA ALA D 9 -5.61 -7.80 21.46
C ALA D 9 -5.86 -6.32 21.61
N LEU D 10 -4.82 -5.52 21.76
CA LEU D 10 -4.93 -4.07 21.86
C LEU D 10 -4.98 -3.41 20.49
N LEU D 11 -4.21 -3.94 19.55
CA LEU D 11 -4.20 -3.41 18.19
C LEU D 11 -5.47 -3.76 17.44
N ALA D 12 -5.92 -5.01 17.52
CA ALA D 12 -7.18 -5.40 16.89
C ALA D 12 -8.38 -4.66 17.49
N PHE D 13 -8.30 -4.22 18.74
CA PHE D 13 -9.40 -3.48 19.32
C PHE D 13 -9.50 -2.09 18.70
N SER D 14 -8.38 -1.38 18.63
CA SER D 14 -8.36 -0.04 18.04
C SER D 14 -8.85 -0.05 16.60
N THR D 15 -8.59 -1.12 15.85
CA THR D 15 -8.96 -1.22 14.44
C THR D 15 -10.45 -1.47 14.24
N LEU D 16 -11.08 -2.25 15.11
CA LEU D 16 -12.53 -2.45 15.07
C LEU D 16 -13.31 -1.39 15.84
N LEU D 17 -12.62 -0.40 16.41
CA LEU D 17 -13.28 0.63 17.20
C LEU D 17 -14.38 1.41 16.49
N PRO D 18 -14.27 1.77 15.21
CA PRO D 18 -15.30 2.65 14.63
C PRO D 18 -16.62 1.96 14.37
N PHE D 19 -16.63 0.64 14.22
CA PHE D 19 -17.88 -0.09 14.01
C PHE D 19 -18.65 -0.28 15.31
N ILE D 20 -17.95 -0.39 16.44
CA ILE D 20 -18.62 -0.53 17.74
C ILE D 20 -19.42 0.73 18.05
N ILE D 21 -18.79 1.89 17.94
CA ILE D 21 -19.49 3.14 18.14
C ILE D 21 -20.72 3.19 17.24
N ALA D 22 -20.61 2.63 16.04
CA ALA D 22 -21.73 2.60 15.12
C ALA D 22 -22.87 1.71 15.59
N SER D 23 -22.69 0.91 16.65
CA SER D 23 -23.80 0.11 17.13
C SER D 23 -23.95 0.08 18.65
N GLY D 24 -22.93 -0.40 19.36
CA GLY D 24 -23.02 -0.60 20.80
C GLY D 24 -23.00 0.65 21.67
N THR D 25 -22.82 1.84 21.12
CA THR D 25 -22.79 3.05 21.91
C THR D 25 -24.02 3.89 21.58
N CYS D 26 -24.26 4.92 22.40
CA CYS D 26 -25.41 5.79 22.19
C CYS D 26 -25.32 6.63 20.93
N PHE D 27 -24.16 6.73 20.29
CA PHE D 27 -24.05 7.48 19.04
C PHE D 27 -25.16 7.12 18.06
N VAL D 28 -25.64 5.88 18.12
CA VAL D 28 -26.70 5.42 17.22
C VAL D 28 -27.96 6.28 17.36
N LYS D 29 -28.42 6.47 18.58
CA LYS D 29 -29.62 7.27 18.82
C LYS D 29 -29.44 8.73 18.40
N PHE D 30 -28.30 9.32 18.73
CA PHE D 30 -28.06 10.74 18.50
C PHE D 30 -28.02 11.09 17.01
N SER D 31 -27.36 10.28 16.19
CA SER D 31 -27.22 10.58 14.76
C SER D 31 -28.53 10.58 14.00
N ILE D 32 -29.50 9.77 14.39
CA ILE D 32 -30.75 9.70 13.64
C ILE D 32 -31.63 10.90 13.94
N VAL D 33 -31.81 11.22 15.21
CA VAL D 33 -32.75 12.26 15.60
C VAL D 33 -32.50 13.55 14.81
N PHE D 34 -31.25 14.00 14.72
CA PHE D 34 -30.99 15.26 14.03
C PHE D 34 -31.35 15.21 12.55
N VAL D 35 -31.16 14.07 11.89
CA VAL D 35 -31.52 13.99 10.48
C VAL D 35 -33.02 14.09 10.29
N MET D 36 -33.79 13.50 11.20
CA MET D 36 -35.24 13.61 11.09
C MET D 36 -35.69 15.05 11.25
N VAL D 37 -34.97 15.85 12.04
CA VAL D 37 -35.33 17.26 12.18
C VAL D 37 -35.25 17.95 10.82
N ARG D 38 -34.13 17.77 10.13
CA ARG D 38 -33.96 18.39 8.82
C ARG D 38 -35.09 18.02 7.88
N ASN D 39 -35.45 16.74 7.86
CA ASN D 39 -36.50 16.26 6.98
C ASN D 39 -37.85 16.86 7.32
N ALA D 40 -38.16 16.97 8.62
CA ALA D 40 -39.44 17.56 9.03
C ALA D 40 -39.55 19.00 8.57
N LEU D 41 -38.45 19.77 8.61
CA LEU D 41 -38.45 21.14 8.12
C LEU D 41 -38.56 21.22 6.60
N GLY D 42 -38.36 20.12 5.87
CA GLY D 42 -38.44 20.15 4.43
C GLY D 42 -37.18 20.57 3.70
N LEU D 43 -36.05 20.62 4.40
CA LEU D 43 -34.76 20.95 3.79
C LEU D 43 -34.12 19.65 3.31
N GLN D 44 -33.41 19.70 2.20
CA GLN D 44 -32.84 18.47 1.67
C GLN D 44 -31.35 18.56 1.40
N GLN D 45 -30.84 19.76 1.11
CA GLN D 45 -29.41 19.95 0.89
C GLN D 45 -28.63 20.41 2.10
N ILE D 46 -29.26 21.17 3.00
CA ILE D 46 -28.55 21.82 4.09
C ILE D 46 -29.26 21.71 5.44
N PRO D 47 -28.52 21.53 6.55
CA PRO D 47 -27.07 21.47 6.62
C PRO D 47 -26.50 20.14 6.16
N SER D 48 -25.28 20.17 5.65
CA SER D 48 -24.65 18.97 5.14
C SER D 48 -24.48 17.94 6.25
N ASN D 49 -24.56 16.68 5.86
CA ASN D 49 -24.42 15.59 6.81
C ASN D 49 -23.11 15.69 7.58
N MET D 50 -22.09 16.30 6.97
CA MET D 50 -20.83 16.54 7.65
C MET D 50 -20.99 17.29 8.98
N THR D 51 -21.94 18.23 9.05
CA THR D 51 -22.10 18.99 10.28
C THR D 51 -22.86 18.20 11.35
N LEU D 52 -24.04 17.69 11.02
CA LEU D 52 -24.85 16.98 12.01
C LEU D 52 -24.11 15.77 12.56
N ASN D 53 -23.49 14.97 11.69
CA ASN D 53 -22.75 13.83 12.18
C ASN D 53 -21.56 14.25 13.03
N GLY D 54 -21.10 15.48 12.89
CA GLY D 54 -20.07 16.01 13.76
C GLY D 54 -20.57 16.34 15.14
N VAL D 55 -21.60 17.18 15.21
CA VAL D 55 -22.13 17.63 16.49
C VAL D 55 -22.66 16.44 17.29
N ALA D 56 -23.41 15.57 16.63
CA ALA D 56 -23.96 14.40 17.29
C ALA D 56 -22.88 13.54 17.95
N LEU D 57 -21.71 13.43 17.33
CA LEU D 57 -20.66 12.62 17.94
C LEU D 57 -20.07 13.29 19.17
N LEU D 58 -19.91 14.60 19.16
CA LEU D 58 -19.33 15.28 20.32
C LEU D 58 -20.19 15.05 21.56
N LEU D 59 -21.50 15.26 21.44
CA LEU D 59 -22.39 15.10 22.57
C LEU D 59 -22.34 13.68 23.11
N SER D 60 -22.22 12.70 22.22
CA SER D 60 -22.20 11.31 22.65
C SER D 60 -20.94 10.95 23.42
N MET D 61 -19.88 11.75 23.34
CA MET D 61 -18.68 11.45 24.11
C MET D 61 -18.84 11.91 25.56
N PHE D 62 -19.49 13.05 25.78
CA PHE D 62 -19.66 13.54 27.14
C PHE D 62 -20.30 12.46 28.01
N VAL D 63 -21.29 11.76 27.47
CA VAL D 63 -21.99 10.73 28.22
C VAL D 63 -21.23 9.42 28.27
N MET D 64 -20.23 9.24 27.40
CA MET D 64 -19.43 8.03 27.37
C MET D 64 -18.11 8.15 28.11
N TRP D 65 -17.59 9.37 28.27
CA TRP D 65 -16.30 9.57 28.92
C TRP D 65 -16.17 8.88 30.28
N PRO D 66 -17.16 8.93 31.18
CA PRO D 66 -17.00 8.21 32.44
C PRO D 66 -16.72 6.72 32.29
N ILE D 67 -17.11 6.09 31.18
CA ILE D 67 -16.86 4.65 31.03
C ILE D 67 -15.46 4.40 30.50
N MET D 68 -14.97 5.25 29.61
CA MET D 68 -13.62 5.07 29.08
C MET D 68 -12.58 5.19 30.18
N HIS D 69 -12.67 6.25 30.98
CA HIS D 69 -11.69 6.53 32.02
C HIS D 69 -11.59 5.38 33.01
N ASP D 70 -12.72 4.89 33.49
CA ASP D 70 -12.68 3.77 34.44
C ASP D 70 -11.95 2.56 33.87
N ALA D 71 -12.21 2.23 32.60
CA ALA D 71 -11.53 1.10 31.99
C ALA D 71 -10.04 1.38 31.79
N TYR D 72 -9.69 2.64 31.55
CA TYR D 72 -8.30 3.01 31.31
C TYR D 72 -7.50 2.97 32.61
N VAL D 73 -8.06 3.54 33.68
CA VAL D 73 -7.34 3.54 34.95
C VAL D 73 -7.32 2.15 35.56
N TYR D 74 -8.29 1.31 35.21
CA TYR D 74 -8.25 -0.05 35.68
C TYR D 74 -7.21 -0.79 34.84
N PHE D 75 -6.53 -1.74 35.48
CA PHE D 75 -5.52 -2.55 34.80
C PHE D 75 -6.22 -3.68 34.03
N GLU D 76 -6.84 -3.30 32.90
CA GLU D 76 -7.59 -4.27 32.10
C GLU D 76 -6.74 -5.46 31.68
N ASP D 77 -5.49 -5.25 31.29
CA ASP D 77 -4.65 -6.37 30.90
C ASP D 77 -3.19 -5.94 30.85
N GLU D 78 -2.32 -6.93 30.67
CA GLU D 78 -0.89 -6.70 30.62
C GLU D 78 -0.52 -5.68 29.55
N ILE D 85 -4.30 -18.86 35.04
CA ILE D 85 -5.14 -18.88 33.84
C ILE D 85 -6.57 -18.54 34.18
N SER D 86 -7.15 -19.27 35.13
CA SER D 86 -8.51 -18.96 35.55
C SER D 86 -8.57 -17.63 36.28
N SER D 87 -7.56 -17.34 37.10
CA SER D 87 -7.50 -16.04 37.75
C SER D 87 -7.43 -14.90 36.74
N LEU D 88 -6.69 -15.10 35.65
CA LEU D 88 -6.60 -14.08 34.61
C LEU D 88 -7.94 -13.80 33.96
N SER D 89 -8.70 -14.84 33.66
CA SER D 89 -10.02 -14.65 33.06
C SER D 89 -10.92 -13.80 33.94
N LYS D 90 -11.00 -14.13 35.23
CA LYS D 90 -11.82 -13.35 36.14
C LYS D 90 -11.32 -11.92 36.26
N HIS D 91 -10.01 -11.70 36.10
CA HIS D 91 -9.47 -10.35 36.14
C HIS D 91 -9.91 -9.52 34.94
N VAL D 92 -9.91 -10.10 33.74
CA VAL D 92 -10.33 -9.34 32.57
C VAL D 92 -11.81 -9.04 32.63
N ASP D 93 -12.63 -10.05 32.91
CA ASP D 93 -14.06 -9.82 32.97
C ASP D 93 -14.45 -8.78 34.01
N GLU D 94 -13.72 -8.72 35.12
CA GLU D 94 -14.05 -7.73 36.14
C GLU D 94 -13.91 -6.31 35.62
N GLY D 95 -13.22 -6.11 34.50
CA GLY D 95 -13.10 -4.79 33.92
C GLY D 95 -14.23 -4.45 32.96
N LEU D 96 -14.63 -5.44 32.17
CA LEU D 96 -15.72 -5.25 31.22
C LEU D 96 -17.02 -4.88 31.91
N ASP D 97 -17.14 -5.18 33.20
CA ASP D 97 -18.32 -4.78 33.96
C ASP D 97 -18.72 -3.33 33.73
N GLY D 98 -17.74 -2.45 33.55
CA GLY D 98 -18.07 -1.05 33.39
C GLY D 98 -18.94 -0.75 32.20
N TYR D 99 -19.03 -1.66 31.25
CA TYR D 99 -19.84 -1.50 30.05
C TYR D 99 -21.06 -2.41 30.04
N ARG D 100 -20.92 -3.63 30.58
CA ARG D 100 -22.07 -4.51 30.75
C ARG D 100 -23.16 -3.86 31.59
N ASP D 101 -22.77 -3.15 32.65
CA ASP D 101 -23.75 -2.47 33.49
C ASP D 101 -24.51 -1.40 32.72
N TYR D 102 -23.91 -0.85 31.67
CA TYR D 102 -24.54 0.21 30.91
C TYR D 102 -25.57 -0.36 29.95
N LEU D 103 -25.17 -1.36 29.16
CA LEU D 103 -26.08 -1.96 28.19
C LEU D 103 -27.32 -2.56 28.85
N ILE D 104 -27.15 -3.28 29.96
CA ILE D 104 -28.30 -3.88 30.64
C ILE D 104 -29.34 -2.87 31.08
N LYS D 105 -28.96 -1.60 31.21
CA LYS D 105 -29.94 -0.59 31.56
C LYS D 105 -30.92 -0.33 30.43
N TYR D 106 -30.51 -0.60 29.20
CA TYR D 106 -31.33 -0.36 28.02
C TYR D 106 -31.79 -1.62 27.30
N SER D 107 -31.06 -2.71 27.41
CA SER D 107 -31.46 -3.98 26.80
C SER D 107 -32.61 -4.59 27.57
N ASP D 108 -33.64 -5.03 26.86
CA ASP D 108 -34.79 -5.66 27.51
C ASP D 108 -34.52 -7.14 27.70
N ARG D 109 -34.76 -7.62 28.93
CA ARG D 109 -34.46 -8.99 29.29
C ARG D 109 -35.06 -9.99 28.30
N GLU D 110 -36.26 -9.72 27.79
CA GLU D 110 -36.89 -10.66 26.88
C GLU D 110 -36.10 -10.89 25.59
N LEU D 111 -35.20 -9.98 25.23
CA LEU D 111 -34.39 -10.13 24.03
C LEU D 111 -32.93 -10.43 24.34
N VAL D 112 -32.45 -10.01 25.51
CA VAL D 112 -31.10 -10.37 25.92
C VAL D 112 -30.99 -11.87 26.06
N GLN D 113 -32.10 -12.54 26.37
CA GLN D 113 -32.13 -13.99 26.45
C GLN D 113 -31.93 -14.65 25.09
N PHE D 114 -31.76 -13.87 24.03
CA PHE D 114 -31.43 -14.39 22.70
C PHE D 114 -30.13 -13.78 22.20
N GLU D 137 -32.74 -10.01 40.23
CA GLU D 137 -32.24 -9.33 39.05
C GLU D 137 -30.73 -9.50 38.88
N ILE D 138 -30.09 -10.16 39.85
CA ILE D 138 -28.65 -10.38 39.77
C ILE D 138 -28.37 -11.30 38.59
N GLU D 139 -27.53 -10.86 37.67
CA GLU D 139 -27.29 -11.67 36.49
C GLU D 139 -25.97 -11.26 35.86
N LYS D 140 -25.47 -12.13 35.01
CA LYS D 140 -24.19 -11.94 34.33
C LYS D 140 -24.30 -12.38 32.88
N PRO D 141 -25.06 -11.64 32.07
CA PRO D 141 -25.17 -11.99 30.66
C PRO D 141 -23.95 -11.57 29.85
N SER D 142 -23.65 -12.36 28.82
CA SER D 142 -22.52 -12.11 27.94
C SER D 142 -22.69 -10.84 27.13
N ILE D 143 -21.58 -10.16 26.86
CA ILE D 143 -21.63 -8.94 26.06
C ILE D 143 -22.06 -9.23 24.62
N PHE D 144 -21.67 -10.37 24.06
CA PHE D 144 -22.06 -10.66 22.68
C PHE D 144 -23.57 -10.75 22.54
N ALA D 145 -24.30 -11.03 23.61
CA ALA D 145 -25.75 -11.03 23.54
C ALA D 145 -26.33 -9.64 23.75
N LEU D 146 -25.66 -8.82 24.54
CA LEU D 146 -26.16 -7.48 24.81
C LEU D 146 -25.98 -6.53 23.62
N LEU D 147 -24.91 -6.68 22.85
CA LEU D 147 -24.68 -5.78 21.72
C LEU D 147 -25.82 -5.76 20.72
N PRO D 148 -26.22 -6.89 20.12
CA PRO D 148 -27.34 -6.83 19.16
C PRO D 148 -28.65 -6.49 19.82
N ALA D 149 -28.85 -6.92 21.07
CA ALA D 149 -30.07 -6.56 21.78
C ALA D 149 -30.12 -5.06 22.04
N TYR D 150 -28.98 -4.47 22.37
CA TYR D 150 -28.91 -3.04 22.65
C TYR D 150 -29.21 -2.22 21.40
N ALA D 151 -28.58 -2.58 20.28
CA ALA D 151 -28.69 -1.80 19.05
C ALA D 151 -30.15 -1.62 18.64
N LEU D 152 -30.86 -2.72 18.47
CA LEU D 152 -32.27 -2.64 18.08
C LEU D 152 -33.08 -1.83 19.08
N SER D 153 -32.72 -1.87 20.36
CA SER D 153 -33.47 -1.13 21.36
C SER D 153 -33.36 0.38 21.17
N GLU D 154 -32.18 0.88 20.81
CA GLU D 154 -32.02 2.32 20.60
C GLU D 154 -32.66 2.79 19.30
N ILE D 155 -32.61 1.95 18.25
CA ILE D 155 -33.26 2.31 16.99
C ILE D 155 -34.76 2.47 17.20
N LYS D 156 -35.37 1.54 17.92
CA LYS D 156 -36.80 1.66 18.19
C LYS D 156 -37.10 2.94 18.95
N SER D 157 -36.21 3.34 19.86
CA SER D 157 -36.39 4.58 20.60
C SER D 157 -36.20 5.79 19.72
N ALA D 158 -35.39 5.68 18.67
CA ALA D 158 -35.19 6.83 17.80
C ALA D 158 -36.45 7.18 17.03
N PHE D 159 -37.14 6.18 16.49
CA PHE D 159 -38.37 6.43 15.75
C PHE D 159 -39.40 7.13 16.60
N LYS D 160 -39.45 6.80 17.89
CA LYS D 160 -40.42 7.46 18.77
C LYS D 160 -40.24 8.95 18.82
N ILE D 161 -39.00 9.43 18.89
CA ILE D 161 -38.79 10.87 18.94
C ILE D 161 -39.12 11.50 17.60
N GLY D 162 -38.72 10.87 16.51
CA GLY D 162 -39.03 11.40 15.19
C GLY D 162 -40.53 11.59 14.97
N PHE D 163 -41.33 10.61 15.39
CA PHE D 163 -42.77 10.72 15.22
C PHE D 163 -43.33 11.98 15.87
N TYR D 164 -42.98 12.23 17.14
CA TYR D 164 -43.48 13.41 17.83
C TYR D 164 -43.08 14.71 17.15
N LEU D 165 -41.82 14.83 16.73
CA LEU D 165 -41.34 16.07 16.13
C LEU D 165 -42.01 16.42 14.80
N TYR D 166 -42.60 15.46 14.10
CA TYR D 166 -43.29 15.77 12.85
C TYR D 166 -44.61 16.50 13.07
N LEU D 167 -45.29 16.23 14.18
CA LEU D 167 -46.61 16.80 14.43
C LEU D 167 -46.68 18.32 14.43
N PRO D 168 -45.81 19.06 15.12
CA PRO D 168 -45.95 20.52 15.13
C PRO D 168 -45.83 21.21 13.79
N PHE D 169 -45.24 20.57 12.78
CA PHE D 169 -45.12 21.18 11.46
C PHE D 169 -46.15 20.65 10.47
N VAL D 170 -46.59 19.40 10.63
CA VAL D 170 -47.59 18.87 9.71
C VAL D 170 -48.86 19.70 9.80
N VAL D 171 -49.20 20.17 10.98
CA VAL D 171 -50.38 21.02 11.11
C VAL D 171 -50.19 22.31 10.32
N VAL D 172 -48.95 22.82 10.26
CA VAL D 172 -48.70 24.07 9.54
C VAL D 172 -48.99 23.92 8.06
N ASP D 173 -48.50 22.85 7.44
CA ASP D 173 -48.74 22.65 6.01
C ASP D 173 -50.22 22.55 5.69
N LEU D 174 -50.98 21.90 6.55
CA LEU D 174 -52.41 21.74 6.31
C LEU D 174 -53.16 23.05 6.48
N VAL D 175 -52.77 23.87 7.45
CA VAL D 175 -53.45 25.15 7.64
C VAL D 175 -53.30 26.05 6.43
N VAL D 176 -52.07 26.23 5.93
CA VAL D 176 -51.87 27.11 4.77
C VAL D 176 -52.66 26.61 3.57
N SER D 177 -52.66 25.29 3.34
CA SER D 177 -53.42 24.76 2.22
C SER D 177 -54.90 25.11 2.31
N SER D 178 -55.48 25.00 3.50
CA SER D 178 -56.90 25.31 3.67
C SER D 178 -57.20 26.78 3.43
N VAL D 179 -56.29 27.66 3.82
CA VAL D 179 -56.49 29.09 3.58
C VAL D 179 -56.51 29.41 2.09
N LEU D 180 -55.59 28.81 1.33
CA LEU D 180 -55.58 29.04 -0.12
C LEU D 180 -56.87 28.61 -0.79
N LEU D 181 -57.39 27.43 -0.40
CA LEU D 181 -58.63 26.95 -0.99
C LEU D 181 -59.84 27.79 -0.63
N ALA D 182 -59.82 28.45 0.52
CA ALA D 182 -60.82 29.47 0.78
C ALA D 182 -60.77 30.59 -0.25
N LEU D 183 -59.58 30.94 -0.70
CA LEU D 183 -59.41 31.92 -1.77
C LEU D 183 -59.49 31.30 -3.16
N GLY D 184 -59.73 30.00 -3.26
CA GLY D 184 -59.88 29.34 -4.54
C GLY D 184 -58.61 29.15 -5.34
N MET D 185 -57.45 29.45 -4.77
CA MET D 185 -56.19 29.37 -5.52
C MET D 185 -55.72 27.92 -5.58
N MET D 186 -56.62 27.04 -6.00
CA MET D 186 -56.45 25.59 -5.98
C MET D 186 -55.22 25.09 -6.72
N MET D 187 -54.60 25.93 -7.56
CA MET D 187 -53.43 25.53 -8.34
C MET D 187 -52.12 26.17 -7.90
N MET D 188 -52.09 26.98 -6.84
CA MET D 188 -50.80 27.37 -6.28
C MET D 188 -50.29 26.30 -5.34
N SER D 189 -49.02 25.94 -5.50
CA SER D 189 -48.37 24.96 -4.63
C SER D 189 -47.95 25.60 -3.32
N PRO D 190 -48.46 25.15 -2.18
CA PRO D 190 -48.24 25.90 -0.94
C PRO D 190 -46.80 25.89 -0.45
N VAL D 191 -45.96 24.93 -0.86
CA VAL D 191 -44.59 24.92 -0.38
C VAL D 191 -43.85 26.18 -0.80
N THR D 192 -44.37 26.90 -1.79
CA THR D 192 -43.81 28.21 -2.13
C THR D 192 -43.91 29.17 -0.96
N ILE D 193 -44.84 28.93 -0.03
CA ILE D 193 -45.08 29.84 1.09
C ILE D 193 -45.03 29.18 2.45
N SER D 194 -45.14 27.86 2.56
CA SER D 194 -45.09 27.22 3.87
C SER D 194 -43.67 27.10 4.44
N THR D 195 -42.66 27.05 3.59
CA THR D 195 -41.29 26.90 4.07
C THR D 195 -40.82 27.98 5.05
N PRO D 196 -41.06 29.27 4.83
CA PRO D 196 -40.60 30.25 5.84
C PRO D 196 -41.26 30.12 7.19
N ILE D 197 -42.54 29.73 7.23
CA ILE D 197 -43.23 29.61 8.52
C ILE D 197 -42.59 28.52 9.36
N LYS D 198 -42.31 27.38 8.77
CA LYS D 198 -41.66 26.30 9.51
C LYS D 198 -40.36 26.77 10.15
N LEU D 199 -39.55 27.51 9.40
CA LEU D 199 -38.28 28.01 9.93
C LEU D 199 -38.49 28.96 11.10
N VAL D 200 -39.43 29.90 10.96
CA VAL D 200 -39.69 30.87 12.02
C VAL D 200 -40.06 30.18 13.32
N LEU D 201 -40.98 29.22 13.27
CA LEU D 201 -41.40 28.55 14.49
C LEU D 201 -40.29 27.76 15.15
N PHE D 202 -39.37 27.18 14.37
CA PHE D 202 -38.30 26.41 14.99
C PHE D 202 -37.33 27.29 15.77
N VAL D 203 -36.88 28.40 15.19
CA VAL D 203 -35.94 29.30 15.86
C VAL D 203 -36.61 30.07 16.99
N ALA D 204 -37.92 29.87 17.18
CA ALA D 204 -38.64 30.46 18.30
C ALA D 204 -38.57 29.57 19.53
N LEU D 205 -38.42 28.27 19.33
CA LEU D 205 -38.30 27.29 20.41
C LEU D 205 -36.86 26.94 20.71
N ASP D 206 -35.94 27.20 19.78
CA ASP D 206 -34.54 26.80 19.89
C ASP D 206 -34.44 25.29 20.02
N GLY D 207 -35.11 24.58 19.11
CA GLY D 207 -35.16 23.15 19.12
C GLY D 207 -33.82 22.50 19.37
N TRP D 208 -32.76 23.08 18.80
CA TRP D 208 -31.42 22.56 19.01
C TRP D 208 -31.03 22.56 20.48
N THR D 209 -31.46 23.58 21.24
CA THR D 209 -31.14 23.62 22.66
C THR D 209 -31.96 22.60 23.46
N LEU D 210 -33.27 22.54 23.21
CA LEU D 210 -34.10 21.58 23.93
C LEU D 210 -33.70 20.14 23.63
N LEU D 211 -33.46 19.82 22.37
CA LEU D 211 -33.07 18.47 22.01
C LEU D 211 -31.71 18.11 22.58
N SER D 212 -30.70 18.94 22.31
CA SER D 212 -29.36 18.67 22.79
C SER D 212 -29.28 18.71 24.31
N LYS D 213 -30.10 19.54 24.97
CA LYS D 213 -30.15 19.54 26.43
C LYS D 213 -30.82 18.28 26.95
N GLY D 214 -32.00 17.96 26.43
CA GLY D 214 -32.77 16.86 26.97
C GLY D 214 -32.08 15.52 26.79
N LEU D 215 -31.45 15.30 25.65
CA LEU D 215 -30.81 14.02 25.41
C LEU D 215 -29.73 13.72 26.45
N ILE D 216 -28.98 14.75 26.87
CA ILE D 216 -27.96 14.55 27.88
C ILE D 216 -28.58 14.09 29.20
N LEU D 217 -29.70 14.69 29.59
CA LEU D 217 -30.36 14.33 30.83
C LEU D 217 -30.90 12.91 30.86
N GLN D 218 -31.15 12.31 29.69
CA GLN D 218 -31.67 10.95 29.70
C GLN D 218 -30.64 9.91 30.13
N TYR D 219 -29.36 10.26 30.12
CA TYR D 219 -28.33 9.30 30.49
C TYR D 219 -27.64 9.61 31.80
N MET D 220 -27.47 10.89 32.12
CA MET D 220 -26.84 11.29 33.36
C MET D 220 -27.76 11.01 34.54
N GLY E 2 0.60 -31.08 10.28
CA GLY E 2 0.98 -29.74 9.72
C GLY E 2 2.30 -29.81 8.96
N ASN E 3 2.40 -28.97 7.93
CA ASN E 3 3.57 -28.96 7.08
C ASN E 3 3.71 -27.57 6.47
N ASP E 4 4.81 -27.35 5.76
CA ASP E 4 4.99 -26.09 5.05
C ASP E 4 3.80 -25.73 4.19
N ILE E 5 3.26 -26.71 3.45
CA ILE E 5 2.13 -26.45 2.57
C ILE E 5 0.84 -26.18 3.33
N SER E 6 0.75 -26.55 4.60
CA SER E 6 -0.45 -26.22 5.34
C SER E 6 -0.55 -24.72 5.63
N LEU E 7 0.59 -24.05 5.77
CA LEU E 7 0.57 -22.59 5.93
C LEU E 7 -0.09 -21.90 4.75
N ILE E 8 0.42 -22.16 3.53
CA ILE E 8 -0.10 -21.46 2.35
C ILE E 8 -1.54 -21.86 2.06
N ALA E 9 -1.94 -23.07 2.41
CA ALA E 9 -3.35 -23.42 2.26
C ALA E 9 -4.19 -22.69 3.30
N LEU E 10 -3.68 -22.56 4.52
CA LEU E 10 -4.40 -21.80 5.53
C LEU E 10 -4.32 -20.31 5.24
N LEU E 11 -3.12 -19.85 4.87
CA LEU E 11 -2.92 -18.44 4.51
C LEU E 11 -3.75 -18.07 3.27
N ALA E 12 -3.67 -18.89 2.22
CA ALA E 12 -4.48 -18.64 1.03
C ALA E 12 -5.97 -18.62 1.34
N PHE E 13 -6.43 -19.49 2.23
CA PHE E 13 -7.84 -19.46 2.60
C PHE E 13 -8.20 -18.17 3.32
N SER E 14 -7.37 -17.76 4.28
CA SER E 14 -7.64 -16.52 5.01
C SER E 14 -7.68 -15.31 4.10
N THR E 15 -6.98 -15.35 2.96
CA THR E 15 -7.07 -14.25 2.00
C THR E 15 -8.45 -14.17 1.37
N LEU E 16 -9.01 -15.31 0.99
CA LEU E 16 -10.29 -15.37 0.30
C LEU E 16 -11.48 -15.57 1.23
N LEU E 17 -11.24 -15.68 2.52
CA LEU E 17 -12.29 -15.90 3.51
C LEU E 17 -13.52 -15.00 3.33
N PRO E 18 -13.40 -13.68 3.34
CA PRO E 18 -14.61 -12.83 3.36
C PRO E 18 -15.50 -12.91 2.13
N PHE E 19 -15.04 -13.48 1.03
CA PHE E 19 -15.91 -13.63 -0.13
C PHE E 19 -16.89 -14.79 0.04
N ILE E 20 -16.48 -15.85 0.74
CA ILE E 20 -17.39 -16.98 0.96
C ILE E 20 -18.49 -16.58 1.94
N ILE E 21 -18.09 -15.94 3.05
CA ILE E 21 -19.05 -15.46 4.03
C ILE E 21 -20.09 -14.54 3.42
N ALA E 22 -19.73 -13.83 2.35
CA ALA E 22 -20.70 -12.97 1.67
C ALA E 22 -21.62 -13.72 0.72
N SER E 23 -21.21 -14.87 0.21
CA SER E 23 -21.91 -15.54 -0.87
C SER E 23 -22.44 -16.93 -0.51
N GLY E 24 -22.05 -17.49 0.62
CA GLY E 24 -22.48 -18.81 1.02
C GLY E 24 -22.80 -18.86 2.50
N THR E 25 -23.41 -17.79 3.02
CA THR E 25 -23.75 -17.73 4.43
C THR E 25 -24.99 -16.87 4.59
N CYS E 26 -25.72 -17.10 5.67
CA CYS E 26 -26.96 -16.38 5.90
C CYS E 26 -26.80 -14.86 5.94
N PHE E 27 -25.58 -14.37 6.08
CA PHE E 27 -25.41 -12.92 6.14
C PHE E 27 -26.01 -12.20 4.94
N VAL E 28 -26.09 -12.88 3.80
CA VAL E 28 -26.75 -12.28 2.63
C VAL E 28 -28.24 -12.10 2.88
N LYS E 29 -28.88 -13.05 3.54
CA LYS E 29 -30.32 -12.92 3.80
C LYS E 29 -30.60 -11.74 4.72
N PHE E 30 -29.92 -11.69 5.87
CA PHE E 30 -30.16 -10.63 6.84
C PHE E 30 -29.95 -9.24 6.26
N SER E 31 -28.92 -9.06 5.43
CA SER E 31 -28.64 -7.74 4.88
C SER E 31 -29.82 -7.18 4.10
N ILE E 32 -30.43 -8.00 3.25
CA ILE E 32 -31.54 -7.53 2.42
C ILE E 32 -32.75 -7.19 3.27
N VAL E 33 -33.08 -8.02 4.26
CA VAL E 33 -34.29 -7.80 5.04
C VAL E 33 -34.30 -6.40 5.67
N PHE E 34 -33.19 -6.00 6.29
CA PHE E 34 -33.19 -4.68 6.91
C PHE E 34 -33.28 -3.56 5.90
N VAL E 35 -32.64 -3.70 4.73
CA VAL E 35 -32.75 -2.64 3.73
C VAL E 35 -34.16 -2.56 3.19
N MET E 36 -34.87 -3.69 3.14
CA MET E 36 -36.26 -3.70 2.70
C MET E 36 -37.14 -2.92 3.65
N VAL E 37 -36.87 -3.02 4.94
CA VAL E 37 -37.62 -2.24 5.92
C VAL E 37 -37.37 -0.76 5.72
N ARG E 38 -36.10 -0.37 5.60
CA ARG E 38 -35.76 1.04 5.42
C ARG E 38 -36.50 1.64 4.23
N ASN E 39 -36.61 0.89 3.13
CA ASN E 39 -37.35 1.37 1.97
C ASN E 39 -38.83 1.54 2.25
N ALA E 40 -39.44 0.60 2.99
CA ALA E 40 -40.86 0.73 3.29
C ALA E 40 -41.15 2.02 4.05
N LEU E 41 -40.29 2.36 5.01
CA LEU E 41 -40.44 3.62 5.72
C LEU E 41 -39.99 4.82 4.89
N GLY E 42 -39.16 4.60 3.88
CA GLY E 42 -38.69 5.67 3.02
C GLY E 42 -37.53 6.47 3.56
N LEU E 43 -36.75 5.91 4.49
CA LEU E 43 -35.73 6.65 5.24
C LEU E 43 -34.32 6.35 4.71
N GLN E 44 -34.13 6.38 3.40
CA GLN E 44 -32.93 5.82 2.79
C GLN E 44 -31.62 6.45 3.26
N GLN E 45 -31.65 7.54 4.02
CA GLN E 45 -30.43 7.99 4.69
C GLN E 45 -30.12 7.25 5.99
N ILE E 46 -31.14 6.88 6.75
CA ILE E 46 -30.98 6.51 8.16
C ILE E 46 -31.88 5.33 8.50
N PRO E 47 -31.38 4.29 9.18
CA PRO E 47 -30.01 4.16 9.67
C PRO E 47 -28.93 3.78 8.65
N SER E 48 -27.71 4.21 8.97
CA SER E 48 -26.55 3.93 8.14
C SER E 48 -26.41 2.43 7.90
N ASN E 49 -25.92 2.09 6.72
CA ASN E 49 -25.50 0.71 6.45
C ASN E 49 -24.47 0.22 7.44
N MET E 50 -23.63 1.12 7.97
CA MET E 50 -22.67 0.67 8.96
C MET E 50 -23.35 0.23 10.25
N THR E 51 -24.63 0.58 10.43
CA THR E 51 -25.40 0.08 11.56
C THR E 51 -26.11 -1.22 11.20
N LEU E 52 -26.85 -1.23 10.09
CA LEU E 52 -27.61 -2.42 9.73
C LEU E 52 -26.69 -3.59 9.45
N ASN E 53 -25.62 -3.36 8.69
CA ASN E 53 -24.65 -4.42 8.49
C ASN E 53 -23.95 -4.81 9.78
N GLY E 54 -24.08 -4.00 10.83
CA GLY E 54 -23.51 -4.32 12.12
C GLY E 54 -24.35 -5.36 12.84
N VAL E 55 -25.65 -5.09 13.00
CA VAL E 55 -26.50 -6.03 13.71
C VAL E 55 -26.55 -7.35 12.97
N ALA E 56 -26.46 -7.32 11.64
CA ALA E 56 -26.68 -8.51 10.83
C ALA E 56 -25.53 -9.51 11.00
N LEU E 57 -24.29 -9.04 11.04
CA LEU E 57 -23.16 -9.95 11.22
C LEU E 57 -23.11 -10.54 12.61
N LEU E 58 -23.59 -9.81 13.62
CA LEU E 58 -23.63 -10.37 14.96
C LEU E 58 -24.62 -11.52 15.02
N LEU E 59 -25.85 -11.29 14.58
CA LEU E 59 -26.87 -12.33 14.63
C LEU E 59 -26.45 -13.55 13.84
N SER E 60 -25.82 -13.37 12.68
CA SER E 60 -25.39 -14.54 11.91
C SER E 60 -24.36 -15.37 12.66
N MET E 61 -23.62 -14.78 13.58
CA MET E 61 -22.61 -15.53 14.32
C MET E 61 -23.23 -16.69 15.09
N PHE E 62 -24.35 -16.46 15.77
CA PHE E 62 -24.94 -17.54 16.55
C PHE E 62 -25.34 -18.72 15.69
N VAL E 63 -25.68 -18.47 14.43
CA VAL E 63 -26.14 -19.54 13.55
C VAL E 63 -24.99 -20.37 13.01
N MET E 64 -23.97 -19.73 12.46
CA MET E 64 -22.89 -20.45 11.80
C MET E 64 -21.87 -21.07 12.73
N TRP E 65 -21.63 -20.48 13.91
CA TRP E 65 -20.58 -20.96 14.81
C TRP E 65 -20.54 -22.47 14.99
N PRO E 66 -21.64 -23.20 15.17
CA PRO E 66 -21.53 -24.66 15.33
C PRO E 66 -20.81 -25.36 14.18
N ILE E 67 -20.83 -24.78 12.98
CA ILE E 67 -20.16 -25.43 11.84
C ILE E 67 -18.67 -25.21 11.85
N MET E 68 -18.20 -24.06 12.32
CA MET E 68 -16.77 -23.79 12.39
C MET E 68 -16.10 -24.52 13.54
N HIS E 69 -16.71 -24.54 14.73
CA HIS E 69 -16.10 -25.28 15.83
C HIS E 69 -15.94 -26.75 15.50
N ASP E 70 -16.94 -27.34 14.87
CA ASP E 70 -16.86 -28.73 14.45
C ASP E 70 -15.73 -29.00 13.46
N ALA E 71 -15.25 -27.98 12.75
CA ALA E 71 -14.22 -28.20 11.74
C ALA E 71 -12.79 -28.14 12.25
N TYR E 72 -12.39 -27.09 12.98
CA TYR E 72 -10.99 -27.05 13.40
C TYR E 72 -10.67 -28.19 14.37
N VAL E 73 -11.64 -28.64 15.16
CA VAL E 73 -11.37 -29.78 16.02
C VAL E 73 -11.21 -31.04 15.18
N TYR E 74 -11.89 -31.10 14.03
CA TYR E 74 -11.72 -32.24 13.14
C TYR E 74 -10.31 -32.24 12.54
N PHE E 75 -9.80 -31.07 12.18
CA PHE E 75 -8.45 -30.91 11.64
C PHE E 75 -7.43 -30.76 12.75
N PHE E 82 -0.65 -40.50 7.31
CA PHE E 82 -1.38 -40.89 6.11
C PHE E 82 -0.41 -41.67 5.23
N ASN E 83 -0.87 -42.75 4.60
CA ASN E 83 0.04 -43.55 3.76
C ASN E 83 0.06 -43.13 2.30
N ASP E 84 -0.98 -42.48 1.79
CA ASP E 84 -1.02 -42.25 0.36
C ASP E 84 -1.92 -41.06 0.03
N ILE E 85 -1.78 -40.58 -1.20
CA ILE E 85 -2.59 -39.48 -1.68
C ILE E 85 -4.07 -39.77 -1.49
N SER E 86 -4.48 -41.01 -1.76
CA SER E 86 -5.89 -41.36 -1.58
C SER E 86 -6.31 -41.26 -0.11
N SER E 87 -5.40 -41.49 0.82
CA SER E 87 -5.75 -41.39 2.22
C SER E 87 -5.88 -39.94 2.66
N LEU E 88 -4.92 -39.11 2.28
CA LEU E 88 -4.97 -37.70 2.66
C LEU E 88 -6.13 -36.98 2.00
N SER E 89 -6.23 -37.08 0.67
CA SER E 89 -7.29 -36.36 -0.04
C SER E 89 -8.67 -36.74 0.47
N LYS E 90 -8.91 -38.01 0.72
CA LYS E 90 -10.23 -38.42 1.20
C LYS E 90 -10.46 -38.06 2.65
N HIS E 91 -9.41 -37.91 3.43
CA HIS E 91 -9.56 -37.43 4.80
C HIS E 91 -9.96 -35.96 4.85
N VAL E 92 -9.29 -35.12 4.04
CA VAL E 92 -9.60 -33.70 4.00
C VAL E 92 -11.04 -33.47 3.59
N ASP E 93 -11.49 -34.18 2.55
CA ASP E 93 -12.85 -34.04 2.07
C ASP E 93 -13.89 -34.35 3.14
N GLU E 94 -13.61 -35.34 3.99
CA GLU E 94 -14.54 -35.68 5.05
C GLU E 94 -14.79 -34.52 6.02
N GLY E 95 -13.90 -33.54 6.07
CA GLY E 95 -14.11 -32.38 6.91
C GLY E 95 -15.13 -31.42 6.33
N LEU E 96 -15.02 -31.20 5.02
CA LEU E 96 -15.95 -30.31 4.33
C LEU E 96 -17.38 -30.83 4.36
N ASP E 97 -17.57 -32.14 4.44
CA ASP E 97 -18.92 -32.68 4.44
C ASP E 97 -19.77 -32.06 5.53
N GLY E 98 -19.14 -31.59 6.61
CA GLY E 98 -19.89 -30.91 7.65
C GLY E 98 -20.54 -29.63 7.17
N TYR E 99 -19.99 -29.02 6.11
CA TYR E 99 -20.53 -27.78 5.55
C TYR E 99 -21.50 -28.04 4.40
N ARG E 100 -21.25 -29.06 3.57
CA ARG E 100 -22.16 -29.40 2.49
C ARG E 100 -23.58 -29.64 2.98
N ASP E 101 -23.71 -30.33 4.11
CA ASP E 101 -25.03 -30.61 4.68
C ASP E 101 -25.84 -29.34 4.86
N TYR E 102 -25.18 -28.25 5.24
CA TYR E 102 -25.87 -26.98 5.41
C TYR E 102 -26.39 -26.43 4.09
N LEU E 103 -25.52 -26.28 3.10
CA LEU E 103 -25.95 -25.72 1.82
C LEU E 103 -27.10 -26.51 1.21
N ILE E 104 -26.99 -27.84 1.18
CA ILE E 104 -28.02 -28.66 0.56
C ILE E 104 -29.36 -28.52 1.28
N LYS E 105 -29.33 -28.40 2.59
CA LYS E 105 -30.58 -28.28 3.35
C LYS E 105 -31.34 -27.02 3.00
N TYR E 106 -30.64 -25.94 2.66
CA TYR E 106 -31.28 -24.67 2.37
C TYR E 106 -31.40 -24.34 0.88
N SER E 107 -30.67 -25.01 0.01
CA SER E 107 -30.77 -24.76 -1.42
C SER E 107 -32.03 -25.40 -1.98
N ASP E 108 -32.69 -24.69 -2.89
CA ASP E 108 -33.86 -25.25 -3.55
C ASP E 108 -33.44 -26.41 -4.45
N ARG E 109 -34.10 -27.54 -4.27
CA ARG E 109 -33.77 -28.74 -5.02
C ARG E 109 -33.68 -28.52 -6.53
N GLU E 110 -34.61 -27.75 -7.09
CA GLU E 110 -34.60 -27.57 -8.54
C GLU E 110 -33.32 -26.92 -9.05
N LEU E 111 -32.78 -25.95 -8.33
CA LEU E 111 -31.57 -25.29 -8.80
C LEU E 111 -30.34 -26.19 -8.74
N VAL E 112 -30.18 -26.96 -7.67
CA VAL E 112 -29.02 -27.84 -7.59
C VAL E 112 -29.03 -28.79 -8.78
N GLN E 113 -30.20 -29.33 -9.11
CA GLN E 113 -30.32 -30.24 -10.24
C GLN E 113 -29.98 -29.54 -11.55
N PHE E 114 -30.28 -28.24 -11.66
CA PHE E 114 -29.97 -27.54 -12.91
C PHE E 114 -28.47 -27.30 -13.05
N PHE E 115 -27.82 -26.83 -11.99
CA PHE E 115 -26.38 -26.56 -12.09
C PHE E 115 -25.57 -27.84 -12.21
N GLU E 116 -26.04 -28.95 -11.65
CA GLU E 116 -25.35 -30.22 -11.90
C GLU E 116 -25.40 -30.57 -13.38
N ASN E 117 -26.59 -30.48 -13.98
CA ASN E 117 -26.72 -30.81 -15.39
C ASN E 117 -25.81 -29.92 -16.24
N ALA E 118 -25.84 -28.62 -15.99
CA ALA E 118 -25.03 -27.69 -16.77
C ALA E 118 -23.54 -28.02 -16.71
N GLN E 119 -23.07 -28.59 -15.59
CA GLN E 119 -21.68 -28.97 -15.45
C GLN E 119 -21.35 -30.23 -16.24
N LEU E 120 -22.27 -31.20 -16.24
CA LEU E 120 -22.05 -32.45 -16.97
C LEU E 120 -21.98 -32.23 -18.48
N LYS E 121 -22.79 -31.32 -19.00
CA LYS E 121 -22.83 -31.10 -20.44
C LYS E 121 -21.52 -30.55 -20.98
N ARG E 122 -20.84 -29.69 -20.23
CA ARG E 122 -19.55 -29.17 -20.70
C ARG E 122 -18.46 -30.23 -20.64
N GLN E 123 -18.49 -31.05 -19.60
CA GLN E 123 -17.41 -32.02 -19.36
C GLN E 123 -17.55 -33.26 -20.22
N TYR E 124 -18.74 -33.84 -20.33
CA TYR E 124 -18.94 -35.05 -21.12
C TYR E 124 -19.89 -34.87 -22.29
N GLY E 125 -20.94 -34.07 -22.15
CA GLY E 125 -21.91 -33.88 -23.21
C GLY E 125 -22.95 -34.99 -23.27
N LYS E 140 -24.44 -35.00 -2.79
CA LYS E 140 -23.27 -35.20 -3.62
C LYS E 140 -22.76 -34.00 -4.46
N PRO E 141 -23.54 -32.93 -4.63
CA PRO E 141 -23.10 -31.86 -5.53
C PRO E 141 -21.80 -31.24 -5.05
N SER E 142 -20.94 -30.86 -5.99
CA SER E 142 -19.70 -30.21 -5.59
C SER E 142 -19.95 -28.78 -5.14
N ILE E 143 -18.99 -28.25 -4.37
CA ILE E 143 -19.10 -26.89 -3.83
C ILE E 143 -19.32 -25.87 -4.93
N PHE E 144 -18.53 -25.96 -6.00
CA PHE E 144 -18.64 -25.00 -7.09
C PHE E 144 -20.07 -24.88 -7.62
N ALA E 145 -20.71 -26.02 -7.89
CA ALA E 145 -22.07 -26.04 -8.40
C ALA E 145 -23.10 -25.82 -7.31
N LEU E 146 -22.76 -26.17 -6.07
CA LEU E 146 -23.70 -26.05 -4.96
C LEU E 146 -23.79 -24.62 -4.45
N LEU E 147 -22.66 -23.92 -4.41
CA LEU E 147 -22.62 -22.56 -3.89
C LEU E 147 -23.53 -21.56 -4.61
N PRO E 148 -23.53 -21.47 -5.95
CA PRO E 148 -24.44 -20.49 -6.58
C PRO E 148 -25.91 -20.78 -6.38
N ALA E 149 -26.29 -22.05 -6.27
CA ALA E 149 -27.68 -22.37 -6.02
C ALA E 149 -28.14 -21.81 -4.68
N TYR E 150 -27.27 -21.87 -3.67
CA TYR E 150 -27.60 -21.34 -2.35
C TYR E 150 -27.89 -19.84 -2.38
N ALA E 151 -26.98 -19.06 -2.97
CA ALA E 151 -27.13 -17.60 -2.98
C ALA E 151 -28.45 -17.18 -3.62
N LEU E 152 -28.79 -17.75 -4.76
CA LEU E 152 -30.04 -17.42 -5.41
C LEU E 152 -31.23 -17.82 -4.55
N SER E 153 -31.11 -18.94 -3.83
CA SER E 153 -32.20 -19.42 -2.99
C SER E 153 -32.46 -18.49 -1.80
N GLU E 154 -31.42 -18.05 -1.11
CA GLU E 154 -31.65 -17.13 0.01
C GLU E 154 -32.23 -15.81 -0.47
N ILE E 155 -31.76 -15.30 -1.61
CA ILE E 155 -32.30 -14.05 -2.16
C ILE E 155 -33.80 -14.19 -2.44
N LYS E 156 -34.20 -15.26 -3.12
CA LYS E 156 -35.61 -15.44 -3.41
C LYS E 156 -36.43 -15.37 -2.13
N SER E 157 -36.03 -16.17 -1.14
CA SER E 157 -36.76 -16.20 0.12
C SER E 157 -36.69 -14.86 0.83
N ALA E 158 -35.54 -14.19 0.80
CA ALA E 158 -35.45 -12.87 1.43
C ALA E 158 -36.43 -11.90 0.80
N PHE E 159 -36.62 -11.98 -0.52
CA PHE E 159 -37.56 -11.07 -1.17
C PHE E 159 -38.99 -11.35 -0.75
N LYS E 160 -39.34 -12.61 -0.51
CA LYS E 160 -40.68 -12.92 -0.03
C LYS E 160 -40.93 -12.31 1.34
N ILE E 161 -39.95 -12.39 2.24
CA ILE E 161 -40.12 -11.79 3.57
C ILE E 161 -40.31 -10.29 3.44
N GLY E 162 -39.52 -9.66 2.57
CA GLY E 162 -39.66 -8.23 2.37
C GLY E 162 -41.07 -7.82 1.99
N PHE E 163 -41.77 -8.66 1.24
CA PHE E 163 -43.11 -8.29 0.77
C PHE E 163 -44.10 -8.20 1.91
N TYR E 164 -44.13 -9.20 2.79
CA TYR E 164 -45.09 -9.15 3.88
C TYR E 164 -44.86 -7.98 4.81
N LEU E 165 -43.60 -7.53 4.94
CA LEU E 165 -43.33 -6.38 5.79
C LEU E 165 -43.71 -5.07 5.13
N TYR E 166 -43.72 -5.04 3.80
CA TYR E 166 -44.13 -3.86 3.06
C TYR E 166 -45.65 -3.74 3.05
N LEU E 167 -46.32 -4.85 2.82
CA LEU E 167 -47.75 -4.99 2.65
C LEU E 167 -48.62 -4.21 3.65
N PRO E 168 -48.28 -4.13 4.94
CA PRO E 168 -49.14 -3.37 5.85
C PRO E 168 -49.04 -1.87 5.69
N PHE E 169 -47.90 -1.35 5.21
CA PHE E 169 -47.76 0.09 5.05
C PHE E 169 -48.40 0.62 3.77
N VAL E 170 -48.61 -0.22 2.76
CA VAL E 170 -49.29 0.23 1.55
C VAL E 170 -50.63 0.84 1.87
N VAL E 171 -51.35 0.23 2.81
CA VAL E 171 -52.67 0.72 3.18
C VAL E 171 -52.61 2.18 3.59
N VAL E 172 -51.65 2.52 4.45
CA VAL E 172 -51.53 3.88 4.95
C VAL E 172 -51.35 4.87 3.81
N ASP E 173 -50.50 4.53 2.84
CA ASP E 173 -50.28 5.42 1.71
C ASP E 173 -51.54 5.63 0.86
N LEU E 174 -52.18 4.54 0.46
CA LEU E 174 -53.36 4.67 -0.39
C LEU E 174 -54.52 5.33 0.32
N VAL E 175 -54.67 5.10 1.62
CA VAL E 175 -55.76 5.72 2.35
C VAL E 175 -55.55 7.22 2.50
N VAL E 176 -54.36 7.62 2.94
CA VAL E 176 -54.06 9.03 3.11
C VAL E 176 -54.22 9.78 1.80
N SER E 177 -53.78 9.16 0.70
CA SER E 177 -53.89 9.80 -0.61
C SER E 177 -55.33 10.03 -1.02
N SER E 178 -56.19 9.06 -0.76
CA SER E 178 -57.60 9.20 -1.12
C SER E 178 -58.27 10.31 -0.31
N VAL E 179 -58.00 10.36 1.00
CA VAL E 179 -58.63 11.35 1.87
C VAL E 179 -58.29 12.77 1.44
N LEU E 180 -57.06 12.99 0.98
CA LEU E 180 -56.69 14.34 0.55
C LEU E 180 -57.55 14.81 -0.62
N LEU E 181 -57.82 13.94 -1.58
CA LEU E 181 -58.67 14.35 -2.71
C LEU E 181 -60.09 14.60 -2.27
N ALA E 182 -60.53 13.97 -1.18
CA ALA E 182 -61.86 14.23 -0.67
C ALA E 182 -62.07 15.72 -0.41
N LEU E 183 -61.08 16.37 0.18
CA LEU E 183 -61.11 17.79 0.46
C LEU E 183 -60.73 18.64 -0.75
N GLY E 184 -60.20 18.02 -1.80
CA GLY E 184 -59.72 18.71 -2.99
C GLY E 184 -58.31 19.25 -2.91
N MET E 185 -57.54 18.82 -1.92
CA MET E 185 -56.15 19.23 -1.76
C MET E 185 -55.24 18.47 -2.72
N MET E 186 -55.58 18.48 -4.00
CA MET E 186 -54.77 17.81 -5.03
C MET E 186 -53.32 18.29 -5.08
N MET E 187 -53.01 19.47 -4.55
CA MET E 187 -51.63 19.93 -4.52
C MET E 187 -50.79 19.41 -3.34
N MET E 188 -51.42 18.98 -2.24
CA MET E 188 -50.65 18.44 -1.13
C MET E 188 -49.93 17.15 -1.51
N SER E 189 -48.74 16.96 -0.91
CA SER E 189 -47.89 15.79 -1.16
C SER E 189 -47.97 14.79 -0.02
N PRO E 190 -48.68 13.67 -0.18
CA PRO E 190 -48.88 12.73 0.93
C PRO E 190 -47.63 12.35 1.71
N VAL E 191 -46.49 12.17 1.05
CA VAL E 191 -45.30 11.69 1.75
C VAL E 191 -45.01 12.50 3.00
N THR E 192 -45.28 13.80 2.98
CA THR E 192 -45.01 14.62 4.15
C THR E 192 -45.92 14.27 5.32
N ILE E 193 -47.08 13.70 5.05
CA ILE E 193 -48.05 13.35 6.08
C ILE E 193 -47.99 11.88 6.47
N SER E 194 -47.86 10.99 5.49
CA SER E 194 -47.89 9.56 5.77
C SER E 194 -46.63 9.05 6.44
N THR E 195 -45.54 9.80 6.40
CA THR E 195 -44.32 9.36 7.08
C THR E 195 -44.51 9.13 8.57
N PRO E 196 -45.04 10.07 9.36
CA PRO E 196 -45.22 9.77 10.79
C PRO E 196 -46.15 8.60 11.05
N ILE E 197 -47.16 8.38 10.22
CA ILE E 197 -48.09 7.28 10.46
C ILE E 197 -47.36 5.96 10.37
N LYS E 198 -46.42 5.84 9.45
CA LYS E 198 -45.67 4.59 9.33
C LYS E 198 -44.86 4.32 10.59
N LEU E 199 -44.18 5.33 11.11
CA LEU E 199 -43.40 5.16 12.34
C LEU E 199 -44.27 4.75 13.51
N VAL E 200 -45.42 5.42 13.68
CA VAL E 200 -46.33 5.08 14.78
C VAL E 200 -46.71 3.61 14.75
N LEU E 201 -47.04 3.08 13.57
CA LEU E 201 -47.40 1.67 13.49
C LEU E 201 -46.24 0.78 13.90
N PHE E 202 -45.06 1.07 13.36
CA PHE E 202 -43.88 0.25 13.66
C PHE E 202 -43.56 0.24 15.15
N VAL E 203 -43.64 1.40 15.80
CA VAL E 203 -43.39 1.48 17.24
C VAL E 203 -44.47 0.75 18.03
N ALA E 204 -45.71 0.77 17.57
CA ALA E 204 -46.77 0.06 18.30
C ALA E 204 -46.63 -1.45 18.16
N LEU E 205 -46.02 -1.94 17.09
CA LEU E 205 -45.74 -3.35 16.98
C LEU E 205 -44.42 -3.63 17.71
N ASP E 206 -44.10 -4.90 17.89
CA ASP E 206 -42.84 -5.24 18.52
C ASP E 206 -41.64 -4.91 17.63
N GLY E 207 -41.87 -4.49 16.39
CA GLY E 207 -40.82 -4.08 15.47
C GLY E 207 -39.73 -5.10 15.23
N TRP E 208 -38.48 -4.63 15.24
CA TRP E 208 -37.32 -5.48 14.98
C TRP E 208 -37.24 -6.70 15.88
N THR E 209 -37.86 -6.68 17.06
CA THR E 209 -37.77 -7.85 17.93
C THR E 209 -38.52 -9.04 17.35
N LEU E 210 -39.58 -8.80 16.58
CA LEU E 210 -40.32 -9.88 15.95
C LEU E 210 -39.49 -10.57 14.88
N LEU E 211 -38.85 -9.79 14.02
CA LEU E 211 -38.08 -10.37 12.91
C LEU E 211 -36.86 -11.13 13.42
N SER E 212 -36.03 -10.46 14.22
CA SER E 212 -34.78 -11.07 14.69
C SER E 212 -35.02 -12.41 15.36
N LYS E 213 -36.10 -12.54 16.13
CA LYS E 213 -36.40 -13.85 16.72
C LYS E 213 -36.85 -14.81 15.64
N GLY E 214 -37.78 -14.39 14.80
CA GLY E 214 -38.30 -15.29 13.78
C GLY E 214 -37.24 -15.77 12.82
N LEU E 215 -36.30 -14.90 12.46
CA LEU E 215 -35.24 -15.30 11.54
C LEU E 215 -34.34 -16.36 12.15
N ILE E 216 -33.88 -16.14 13.38
CA ILE E 216 -33.01 -17.13 14.02
C ILE E 216 -33.69 -18.49 14.18
N LEU E 217 -34.97 -18.49 14.53
CA LEU E 217 -35.67 -19.76 14.74
C LEU E 217 -35.72 -20.62 13.49
N GLN E 218 -35.49 -20.06 12.31
CA GLN E 218 -35.48 -20.90 11.13
C GLN E 218 -34.22 -21.74 11.02
N TYR E 219 -33.16 -21.41 11.77
CA TYR E 219 -31.92 -22.16 11.70
C TYR E 219 -31.54 -22.81 13.03
N MET E 220 -32.00 -22.28 14.15
CA MET E 220 -31.70 -22.83 15.47
C MET E 220 -32.29 -24.21 15.66
N MET F 1 4.41 -31.21 -16.67
CA MET F 1 4.34 -29.75 -17.00
C MET F 1 3.97 -29.01 -15.72
N PHE F 2 4.98 -28.44 -15.06
CA PHE F 2 4.81 -27.96 -13.69
C PHE F 2 3.83 -26.80 -13.62
N TYR F 3 3.95 -25.82 -14.51
CA TYR F 3 3.13 -24.62 -14.45
C TYR F 3 1.68 -24.84 -14.84
N ALA F 4 1.32 -26.04 -15.31
CA ALA F 4 0.00 -26.26 -15.91
C ALA F 4 -1.16 -25.76 -15.04
N LEU F 5 -1.15 -26.08 -13.75
CA LEU F 5 -2.24 -25.64 -12.89
C LEU F 5 -2.27 -24.14 -12.72
N TYR F 6 -1.12 -23.47 -12.77
CA TYR F 6 -1.08 -22.03 -12.61
C TYR F 6 -1.84 -21.31 -13.72
N PHE F 7 -1.65 -21.75 -14.96
CA PHE F 7 -2.39 -21.20 -16.08
C PHE F 7 -3.87 -21.54 -16.04
N GLU F 8 -4.24 -22.71 -15.55
CA GLU F 8 -5.64 -23.11 -15.55
C GLU F 8 -6.50 -22.33 -14.56
N ILE F 9 -5.89 -21.51 -13.71
CA ILE F 9 -6.62 -20.58 -12.88
C ILE F 9 -6.84 -19.25 -13.57
N HIS F 10 -5.82 -18.76 -14.27
CA HIS F 10 -5.96 -17.51 -15.03
C HIS F 10 -6.96 -17.65 -16.17
N HIS F 11 -7.13 -18.83 -16.75
CA HIS F 11 -8.14 -19.02 -17.79
C HIS F 11 -9.55 -18.95 -17.23
N LEU F 12 -9.72 -19.29 -15.96
CA LEU F 12 -11.03 -19.21 -15.35
C LEU F 12 -11.43 -17.76 -15.13
N VAL F 13 -10.52 -16.96 -14.57
CA VAL F 13 -10.83 -15.57 -14.28
C VAL F 13 -10.99 -14.75 -15.56
N ALA F 14 -10.30 -15.12 -16.64
CA ALA F 14 -10.49 -14.41 -17.90
C ALA F 14 -11.80 -14.78 -18.57
N SER F 15 -12.24 -16.04 -18.48
CA SER F 15 -13.56 -16.37 -18.98
C SER F 15 -14.63 -15.76 -18.08
N ALA F 16 -14.38 -15.76 -16.77
CA ALA F 16 -15.31 -15.18 -15.81
C ALA F 16 -15.56 -13.70 -16.08
N ALA F 17 -14.56 -12.99 -16.58
CA ALA F 17 -14.76 -11.59 -16.93
C ALA F 17 -15.85 -11.41 -17.97
N LEU F 18 -15.81 -12.16 -19.08
CA LEU F 18 -16.81 -11.95 -20.12
C LEU F 18 -18.20 -12.41 -19.73
N GLY F 19 -18.33 -13.14 -18.63
CA GLY F 19 -19.66 -13.46 -18.14
C GLY F 19 -20.29 -12.24 -17.50
N PHE F 20 -19.49 -11.49 -16.75
CA PHE F 20 -19.97 -10.28 -16.09
C PHE F 20 -20.54 -9.29 -17.10
N ALA F 21 -19.91 -9.17 -18.27
CA ALA F 21 -20.40 -8.24 -19.28
C ALA F 21 -21.83 -8.52 -19.73
N ARG F 22 -22.27 -9.77 -19.78
CA ARG F 22 -23.62 -10.10 -20.21
C ARG F 22 -24.61 -10.32 -19.08
N VAL F 23 -24.17 -10.71 -17.91
CA VAL F 23 -25.11 -10.92 -16.81
C VAL F 23 -25.37 -9.66 -16.01
N ALA F 24 -24.37 -8.79 -15.82
CA ALA F 24 -24.61 -7.59 -15.02
C ALA F 24 -25.70 -6.69 -15.58
N PRO F 25 -25.77 -6.41 -16.89
CA PRO F 25 -26.92 -5.69 -17.44
C PRO F 25 -28.29 -6.28 -17.10
N ILE F 26 -28.33 -7.56 -16.77
CA ILE F 26 -29.59 -8.18 -16.37
C ILE F 26 -29.91 -7.87 -14.92
N PHE F 27 -28.92 -7.96 -14.04
CA PHE F 27 -29.13 -7.66 -12.63
C PHE F 27 -29.59 -6.23 -12.39
N PHE F 28 -29.33 -5.32 -13.34
CA PHE F 28 -29.85 -3.96 -13.25
C PHE F 28 -31.34 -3.88 -13.55
N PHE F 29 -31.83 -4.64 -14.52
CA PHE F 29 -33.20 -4.45 -14.99
C PHE F 29 -34.26 -5.07 -14.10
N LEU F 30 -33.99 -6.21 -13.48
CA LEU F 30 -35.02 -6.90 -12.71
C LEU F 30 -35.29 -6.21 -11.37
N PRO F 31 -36.55 -6.14 -10.94
CA PRO F 31 -36.89 -5.41 -9.71
C PRO F 31 -36.38 -6.04 -8.43
N PHE F 32 -36.02 -7.31 -8.43
CA PHE F 32 -35.50 -7.95 -7.24
C PHE F 32 -33.98 -8.11 -7.23
N LEU F 33 -33.29 -7.69 -8.30
CA LEU F 33 -31.83 -7.78 -8.33
C LEU F 33 -31.15 -6.42 -8.34
N ASN F 34 -31.84 -5.34 -8.71
CA ASN F 34 -31.24 -4.02 -8.78
C ASN F 34 -30.56 -3.61 -7.48
N SER F 35 -29.63 -2.65 -7.57
CA SER F 35 -28.86 -2.16 -6.44
C SER F 35 -29.69 -1.58 -5.31
N GLY F 36 -30.98 -1.30 -5.53
CA GLY F 36 -31.79 -0.82 -4.43
C GLY F 36 -32.07 -1.93 -3.44
N VAL F 37 -32.14 -3.15 -3.92
CA VAL F 37 -32.39 -4.34 -3.09
C VAL F 37 -31.10 -5.00 -2.66
N LEU F 38 -30.24 -5.34 -3.62
CA LEU F 38 -29.01 -6.06 -3.39
C LEU F 38 -27.80 -5.19 -3.74
N SER F 39 -26.99 -4.88 -2.74
CA SER F 39 -25.80 -4.08 -2.93
C SER F 39 -24.72 -4.53 -1.97
N GLY F 40 -23.53 -3.99 -2.18
CA GLY F 40 -22.41 -4.21 -1.29
C GLY F 40 -21.65 -5.51 -1.57
N ALA F 41 -20.99 -6.01 -0.53
CA ALA F 41 -20.04 -7.11 -0.66
C ALA F 41 -20.58 -8.36 -1.36
N PRO F 42 -21.86 -8.67 -1.22
CA PRO F 42 -22.40 -9.84 -1.95
C PRO F 42 -22.59 -9.62 -3.44
N ARG F 43 -22.95 -8.40 -3.85
CA ARG F 43 -23.31 -8.16 -5.24
C ARG F 43 -22.21 -8.56 -6.20
N ASN F 44 -20.97 -8.20 -5.90
CA ASN F 44 -19.88 -8.49 -6.82
C ASN F 44 -19.42 -9.94 -6.81
N ALA F 45 -19.70 -10.69 -5.76
CA ALA F 45 -19.40 -12.11 -5.74
C ALA F 45 -20.52 -12.94 -6.35
N ILE F 46 -21.77 -12.67 -5.95
CA ILE F 46 -22.88 -13.47 -6.43
C ILE F 46 -22.97 -13.44 -7.95
N ILE F 47 -22.78 -12.27 -8.55
CA ILE F 47 -22.84 -12.14 -10.01
C ILE F 47 -21.78 -13.03 -10.66
N ILE F 48 -20.61 -13.12 -10.07
CA ILE F 48 -19.53 -13.90 -10.66
C ILE F 48 -19.76 -15.39 -10.49
N LEU F 49 -20.50 -15.79 -9.46
CA LEU F 49 -20.88 -17.20 -9.32
C LEU F 49 -21.86 -17.61 -10.42
N VAL F 50 -22.77 -16.72 -10.80
CA VAL F 50 -23.70 -17.04 -11.88
C VAL F 50 -22.98 -17.08 -13.21
N ALA F 51 -22.07 -16.15 -13.45
CA ALA F 51 -21.31 -16.13 -14.70
C ALA F 51 -20.60 -17.45 -14.95
N LEU F 52 -20.00 -18.03 -13.92
CA LEU F 52 -19.29 -19.30 -14.08
C LEU F 52 -20.23 -20.49 -14.23
N GLY F 53 -21.44 -20.41 -13.68
CA GLY F 53 -22.37 -21.53 -13.79
C GLY F 53 -22.87 -21.76 -15.20
N VAL F 54 -23.27 -20.69 -15.90
CA VAL F 54 -23.82 -20.80 -17.25
C VAL F 54 -22.78 -20.84 -18.35
N TRP F 55 -21.50 -20.69 -18.07
CA TRP F 55 -20.55 -20.56 -19.16
C TRP F 55 -20.53 -21.87 -19.96
N PRO F 56 -20.54 -21.80 -21.30
CA PRO F 56 -20.76 -23.00 -22.11
C PRO F 56 -19.59 -23.91 -22.42
N HIS F 57 -18.33 -23.51 -22.30
CA HIS F 57 -17.23 -24.37 -22.71
C HIS F 57 -16.53 -25.00 -21.51
N ALA F 58 -15.54 -25.83 -21.83
CA ALA F 58 -14.62 -26.31 -20.81
C ALA F 58 -13.91 -25.12 -20.19
N LEU F 59 -13.97 -25.06 -18.88
CA LEU F 59 -13.52 -23.93 -18.10
C LEU F 59 -12.04 -24.01 -17.73
N ASN F 60 -11.37 -25.12 -18.04
CA ASN F 60 -9.95 -25.28 -17.75
C ASN F 60 -9.03 -24.92 -18.92
N GLU F 61 -9.53 -24.87 -20.14
CA GLU F 61 -8.71 -24.60 -21.30
C GLU F 61 -8.79 -23.14 -21.76
N ALA F 62 -7.83 -22.78 -22.61
CA ALA F 62 -7.61 -21.41 -23.04
C ALA F 62 -8.87 -20.76 -23.62
N PRO F 63 -9.10 -19.48 -23.36
CA PRO F 63 -10.25 -18.78 -23.92
C PRO F 63 -10.05 -18.47 -25.39
N PRO F 64 -11.09 -18.64 -26.22
CA PRO F 64 -10.89 -18.51 -27.67
C PRO F 64 -10.70 -17.08 -28.15
N PHE F 65 -11.19 -16.08 -27.42
CA PHE F 65 -11.11 -14.67 -27.81
C PHE F 65 -9.77 -14.03 -27.55
N LEU F 66 -8.81 -14.75 -26.99
CA LEU F 66 -7.52 -14.18 -26.62
C LEU F 66 -6.90 -13.32 -27.72
N SER F 67 -7.08 -13.68 -28.99
CA SER F 67 -6.51 -12.93 -30.10
C SER F 67 -7.36 -11.76 -30.62
N VAL F 68 -8.58 -11.58 -30.15
CA VAL F 68 -9.47 -10.55 -30.68
C VAL F 68 -9.33 -9.26 -29.88
N ALA F 69 -9.48 -8.12 -30.58
CA ALA F 69 -9.45 -6.81 -29.94
C ALA F 69 -10.63 -6.68 -28.98
N MET F 70 -10.34 -6.31 -27.74
CA MET F 70 -11.36 -6.36 -26.70
C MET F 70 -12.44 -5.27 -26.82
N ILE F 71 -12.06 -4.02 -27.05
CA ILE F 71 -13.05 -2.94 -26.97
C ILE F 71 -14.22 -3.13 -27.92
N PRO F 72 -14.01 -3.47 -29.20
CA PRO F 72 -15.18 -3.76 -30.03
C PRO F 72 -15.96 -4.97 -29.55
N LEU F 73 -15.30 -5.89 -28.87
CA LEU F 73 -15.96 -7.09 -28.34
C LEU F 73 -16.78 -6.79 -27.10
N VAL F 74 -16.23 -6.00 -26.18
CA VAL F 74 -16.95 -5.68 -24.95
C VAL F 74 -18.25 -4.96 -25.25
N LEU F 75 -18.21 -3.93 -26.10
CA LEU F 75 -19.38 -3.13 -26.39
C LEU F 75 -20.45 -3.91 -27.13
N GLN F 76 -20.09 -5.04 -27.72
CA GLN F 76 -21.07 -5.92 -28.32
C GLN F 76 -21.76 -6.77 -27.26
N GLU F 77 -20.99 -7.32 -26.32
CA GLU F 77 -21.59 -8.20 -25.32
C GLU F 77 -22.59 -7.43 -24.46
N ALA F 78 -22.25 -6.20 -24.10
CA ALA F 78 -23.12 -5.41 -23.23
C ALA F 78 -24.48 -5.16 -23.89
N ALA F 79 -24.53 -5.03 -25.21
CA ALA F 79 -25.82 -4.84 -25.85
C ALA F 79 -26.66 -6.11 -25.81
N VAL F 80 -26.03 -7.28 -25.90
CA VAL F 80 -26.77 -8.53 -25.80
C VAL F 80 -27.33 -8.71 -24.39
N GLY F 81 -26.56 -8.33 -23.38
CA GLY F 81 -27.08 -8.35 -22.02
C GLY F 81 -28.23 -7.37 -21.83
N VAL F 82 -28.07 -6.14 -22.35
CA VAL F 82 -29.13 -5.15 -22.28
C VAL F 82 -30.37 -5.60 -23.05
N MET F 83 -30.19 -6.32 -24.15
CA MET F 83 -31.34 -6.83 -24.88
C MET F 83 -32.10 -7.86 -24.07
N LEU F 84 -31.41 -8.90 -23.59
CA LEU F 84 -32.07 -9.90 -22.75
C LEU F 84 -32.70 -9.27 -21.52
N GLY F 85 -32.06 -8.27 -20.94
CA GLY F 85 -32.62 -7.59 -19.79
C GLY F 85 -34.03 -7.07 -20.05
N CYS F 86 -34.27 -6.52 -21.24
CA CYS F 86 -35.60 -6.02 -21.55
C CYS F 86 -36.62 -7.15 -21.65
N LEU F 87 -36.26 -8.24 -22.32
CA LEU F 87 -37.19 -9.35 -22.51
C LEU F 87 -37.64 -10.00 -21.19
N LEU F 88 -36.72 -10.23 -20.27
CA LEU F 88 -37.10 -10.85 -19.00
C LEU F 88 -37.98 -9.96 -18.13
N SER F 89 -37.79 -8.65 -18.17
CA SER F 89 -38.57 -7.72 -17.37
C SER F 89 -39.98 -7.50 -17.90
N TRP F 90 -40.23 -7.83 -19.16
CA TRP F 90 -41.52 -7.57 -19.79
C TRP F 90 -42.72 -7.86 -18.90
N PRO F 91 -42.84 -9.01 -18.22
CA PRO F 91 -44.03 -9.20 -17.38
C PRO F 91 -44.16 -8.17 -16.27
N PHE F 92 -43.05 -7.64 -15.75
CA PHE F 92 -43.12 -6.60 -14.73
C PHE F 92 -43.45 -5.24 -15.32
N TRP F 93 -42.78 -4.87 -16.42
CA TRP F 93 -43.05 -3.57 -17.04
C TRP F 93 -44.51 -3.40 -17.42
N VAL F 94 -45.17 -4.48 -17.82
CA VAL F 94 -46.58 -4.39 -18.14
C VAL F 94 -47.39 -4.08 -16.90
N MET F 95 -47.17 -4.82 -15.82
CA MET F 95 -47.95 -4.60 -14.61
C MET F 95 -47.69 -3.23 -14.02
N HIS F 96 -46.47 -2.72 -14.13
CA HIS F 96 -46.19 -1.38 -13.59
C HIS F 96 -46.97 -0.31 -14.34
N ALA F 97 -46.84 -0.25 -15.66
CA ALA F 97 -47.53 0.78 -16.42
C ALA F 97 -49.03 0.69 -16.24
N LEU F 98 -49.54 -0.53 -16.06
CA LEU F 98 -50.96 -0.69 -15.76
C LEU F 98 -51.38 0.17 -14.58
N GLY F 99 -50.50 0.31 -13.58
CA GLY F 99 -50.82 1.11 -12.42
C GLY F 99 -50.90 2.60 -12.73
N CYS F 100 -49.92 3.11 -13.50
CA CYS F 100 -49.88 4.54 -13.79
C CYS F 100 -51.13 5.03 -14.51
N ILE F 101 -51.74 4.19 -15.34
CA ILE F 101 -52.98 4.60 -15.98
C ILE F 101 -54.09 4.79 -14.96
N ILE F 102 -54.24 3.81 -14.07
CA ILE F 102 -55.30 3.86 -13.06
C ILE F 102 -55.14 5.06 -12.13
N ASP F 103 -53.92 5.34 -11.67
CA ASP F 103 -53.71 6.51 -10.82
C ASP F 103 -54.10 7.81 -11.50
N ASN F 104 -53.83 7.96 -12.79
CA ASN F 104 -54.26 9.19 -13.44
C ASN F 104 -55.78 9.24 -13.56
N GLN F 105 -56.37 8.21 -14.15
CA GLN F 105 -57.81 8.25 -14.41
C GLN F 105 -58.60 8.42 -13.13
N ARG F 106 -58.06 7.98 -12.00
CA ARG F 106 -58.80 8.04 -10.73
C ARG F 106 -58.57 9.35 -10.00
N GLY F 107 -57.34 9.83 -9.94
CA GLY F 107 -56.92 10.65 -8.83
C GLY F 107 -56.21 11.88 -9.33
N ALA F 108 -54.91 12.00 -9.13
CA ALA F 108 -54.27 13.12 -9.79
C ALA F 108 -52.88 12.82 -10.30
N THR F 109 -52.66 13.36 -11.50
CA THR F 109 -51.39 13.81 -12.04
C THR F 109 -51.66 15.29 -12.25
N LEU F 110 -50.74 16.15 -11.85
CA LEU F 110 -51.08 17.56 -11.86
C LEU F 110 -51.37 18.03 -13.28
N SER F 111 -52.47 18.77 -13.42
CA SER F 111 -53.02 19.08 -14.74
C SER F 111 -51.95 19.60 -15.68
N SER F 112 -51.04 20.40 -15.15
CA SER F 112 -49.94 20.96 -15.93
C SER F 112 -48.62 20.25 -15.67
N SER F 113 -48.59 19.30 -14.73
CA SER F 113 -47.37 18.61 -14.36
C SER F 113 -46.21 19.58 -14.19
N ILE F 114 -46.53 20.73 -13.58
CA ILE F 114 -45.50 21.71 -13.23
C ILE F 114 -44.66 21.19 -12.06
N ASP F 115 -45.25 20.34 -11.22
CA ASP F 115 -44.60 19.89 -10.00
C ASP F 115 -43.39 19.02 -10.29
N PRO F 116 -43.42 18.12 -11.28
CA PRO F 116 -44.49 17.53 -12.11
C PRO F 116 -45.31 16.41 -11.43
N ALA F 117 -44.71 15.72 -10.46
CA ALA F 117 -45.33 14.54 -9.90
C ALA F 117 -46.70 14.84 -9.30
N ASN F 118 -47.47 13.77 -9.12
CA ASN F 118 -48.60 13.75 -8.19
C ASN F 118 -48.88 12.30 -7.82
N GLY F 119 -49.63 12.13 -6.73
CA GLY F 119 -49.55 10.90 -5.95
C GLY F 119 -48.23 10.80 -5.20
N ILE F 120 -47.79 9.55 -4.99
CA ILE F 120 -46.41 9.31 -4.58
C ILE F 120 -45.47 9.41 -5.78
N ASP F 121 -44.18 9.52 -5.47
CA ASP F 121 -43.14 9.83 -6.44
C ASP F 121 -42.97 8.73 -7.48
N THR F 122 -43.64 7.60 -7.30
CA THR F 122 -43.80 6.52 -8.28
C THR F 122 -45.14 5.89 -7.90
N SER F 123 -46.21 6.52 -8.39
CA SER F 123 -47.49 6.50 -7.72
C SER F 123 -47.83 5.11 -7.22
N GLU F 124 -48.40 5.06 -6.02
CA GLU F 124 -48.24 3.90 -5.16
C GLU F 124 -48.85 2.64 -5.76
N MET F 125 -49.90 2.76 -6.57
CA MET F 125 -50.41 1.58 -7.24
C MET F 125 -49.37 0.96 -8.17
N ALA F 126 -48.67 1.79 -8.95
CA ALA F 126 -47.72 1.23 -9.90
C ALA F 126 -46.50 0.65 -9.22
N ASN F 127 -46.22 1.03 -7.97
CA ASN F 127 -45.18 0.34 -7.21
C ASN F 127 -45.69 -0.92 -6.54
N PHE F 128 -46.95 -0.91 -6.10
CA PHE F 128 -47.54 -2.08 -5.47
C PHE F 128 -47.68 -3.22 -6.48
N LEU F 129 -48.40 -2.98 -7.59
CA LEU F 129 -48.59 -4.02 -8.59
C LEU F 129 -47.28 -4.51 -9.18
N ASN F 130 -46.26 -3.67 -9.21
CA ASN F 130 -44.96 -4.14 -9.70
C ASN F 130 -44.38 -5.17 -8.76
N MET F 131 -44.45 -4.92 -7.45
CA MET F 131 -43.91 -5.84 -6.47
C MET F 131 -44.68 -7.15 -6.46
N PHE F 132 -46.01 -7.04 -6.45
CA PHE F 132 -46.89 -8.19 -6.40
C PHE F 132 -46.63 -9.16 -7.55
N ALA F 133 -46.59 -8.65 -8.79
CA ALA F 133 -46.31 -9.51 -9.93
C ALA F 133 -44.96 -10.21 -9.83
N ALA F 134 -43.95 -9.59 -9.23
CA ALA F 134 -42.66 -10.26 -9.10
C ALA F 134 -42.70 -11.45 -8.15
N VAL F 135 -43.27 -11.27 -6.96
CA VAL F 135 -43.28 -12.34 -5.95
C VAL F 135 -43.98 -13.60 -6.49
N VAL F 136 -45.05 -13.45 -7.26
CA VAL F 136 -45.75 -14.63 -7.75
C VAL F 136 -44.89 -15.38 -8.77
N TYR F 137 -44.19 -14.64 -9.61
CA TYR F 137 -43.35 -15.24 -10.65
C TYR F 137 -42.25 -16.14 -10.06
N LEU F 138 -41.62 -15.70 -8.97
CA LEU F 138 -40.63 -16.54 -8.30
C LEU F 138 -41.24 -17.81 -7.71
N GLN F 139 -42.42 -17.70 -7.12
CA GLN F 139 -43.06 -18.84 -6.48
C GLN F 139 -43.39 -19.94 -7.47
N ASN F 140 -43.77 -19.58 -8.68
CA ASN F 140 -44.03 -20.59 -9.72
C ASN F 140 -42.77 -21.20 -10.25
N GLY F 141 -41.64 -20.85 -9.64
CA GLY F 141 -40.35 -21.37 -10.03
C GLY F 141 -39.78 -20.67 -11.24
N GLY F 142 -40.31 -19.51 -11.59
CA GLY F 142 -39.81 -18.80 -12.74
C GLY F 142 -38.32 -18.54 -12.68
N LEU F 143 -37.77 -18.43 -11.46
CA LEU F 143 -36.34 -18.16 -11.36
C LEU F 143 -35.50 -19.18 -12.12
N VAL F 144 -35.93 -20.44 -12.15
CA VAL F 144 -35.16 -21.40 -12.93
C VAL F 144 -35.24 -21.11 -14.41
N THR F 145 -36.31 -20.44 -14.87
CA THR F 145 -36.41 -20.13 -16.30
C THR F 145 -35.47 -18.99 -16.68
N MET F 146 -35.30 -18.02 -15.80
CA MET F 146 -34.41 -16.90 -16.09
C MET F 146 -32.98 -17.37 -16.33
N VAL F 147 -32.50 -18.30 -15.51
CA VAL F 147 -31.17 -18.85 -15.69
C VAL F 147 -31.10 -19.75 -16.90
N ASP F 148 -32.21 -20.37 -17.27
CA ASP F 148 -32.22 -21.25 -18.44
C ASP F 148 -31.96 -20.50 -19.74
N VAL F 149 -32.58 -19.35 -19.94
CA VAL F 149 -32.35 -18.59 -21.17
C VAL F 149 -30.91 -18.13 -21.27
N LEU F 150 -30.25 -17.90 -20.15
CA LEU F 150 -28.85 -17.50 -20.20
C LEU F 150 -27.96 -18.59 -20.79
N ASN F 151 -28.06 -19.82 -20.27
CA ASN F 151 -27.22 -20.90 -20.79
C ASN F 151 -27.49 -21.17 -22.27
N LYS F 152 -28.76 -21.22 -22.67
CA LYS F 152 -29.09 -21.40 -24.08
C LYS F 152 -28.54 -20.29 -24.96
N SER F 153 -28.63 -19.04 -24.50
CA SER F 153 -28.12 -17.94 -25.30
C SER F 153 -26.67 -18.18 -25.68
N TYR F 154 -25.88 -18.68 -24.74
CA TYR F 154 -24.48 -18.99 -25.00
C TYR F 154 -24.30 -20.11 -26.01
N GLN F 155 -25.30 -20.99 -26.20
CA GLN F 155 -25.17 -22.06 -27.18
C GLN F 155 -25.70 -21.68 -28.56
N LEU F 156 -26.82 -20.97 -28.64
CA LEU F 156 -27.27 -20.48 -29.94
C LEU F 156 -26.41 -19.35 -30.44
N CYS F 157 -25.84 -18.56 -29.52
CA CYS F 157 -25.08 -17.35 -29.81
C CYS F 157 -23.80 -17.38 -28.99
N ASP F 158 -22.65 -17.10 -29.59
CA ASP F 158 -21.48 -16.91 -28.75
C ASP F 158 -20.52 -15.87 -29.33
N PRO F 159 -19.74 -15.20 -28.48
CA PRO F 159 -19.17 -13.91 -28.87
C PRO F 159 -18.34 -13.95 -30.14
N MET F 160 -17.63 -15.06 -30.35
CA MET F 160 -16.79 -15.25 -31.54
C MET F 160 -17.59 -15.54 -32.79
N ASN F 161 -18.90 -15.74 -32.66
CA ASN F 161 -19.81 -15.71 -33.80
C ASN F 161 -20.61 -14.41 -33.84
N GLU F 162 -20.20 -13.39 -33.10
CA GLU F 162 -20.66 -12.02 -33.31
C GLU F 162 -22.18 -11.92 -33.27
N CYS F 163 -22.79 -12.57 -32.28
CA CYS F 163 -24.23 -12.56 -32.15
C CYS F 163 -24.76 -11.14 -32.20
N THR F 164 -25.98 -10.97 -32.69
CA THR F 164 -26.52 -9.64 -32.86
C THR F 164 -28.04 -9.66 -32.77
N PRO F 165 -28.65 -8.61 -32.22
CA PRO F 165 -30.12 -8.56 -32.18
C PRO F 165 -30.71 -8.47 -33.58
N SER F 166 -31.91 -9.03 -33.74
CA SER F 166 -32.63 -8.86 -35.00
C SER F 166 -33.27 -7.48 -35.04
N LEU F 167 -32.94 -6.69 -36.05
CA LEU F 167 -33.53 -5.36 -36.16
C LEU F 167 -35.03 -5.38 -36.40
N PRO F 168 -35.59 -6.25 -37.23
CA PRO F 168 -37.03 -6.18 -37.53
C PRO F 168 -37.93 -6.30 -36.32
N PRO F 169 -37.68 -7.25 -35.40
CA PRO F 169 -38.56 -7.32 -34.22
C PRO F 169 -38.34 -6.22 -33.20
N LEU F 170 -37.10 -5.78 -33.01
CA LEU F 170 -36.79 -4.71 -32.06
C LEU F 170 -37.61 -3.45 -32.34
N LEU F 171 -37.85 -3.14 -33.61
CA LEU F 171 -38.66 -1.97 -33.97
C LEU F 171 -40.10 -2.06 -33.49
N THR F 172 -40.64 -3.24 -33.24
CA THR F 172 -42.02 -3.40 -32.81
C THR F 172 -42.18 -3.50 -31.30
N PHE F 173 -41.09 -3.74 -30.57
CA PHE F 173 -41.12 -3.99 -29.14
C PHE F 173 -41.99 -3.02 -28.34
N ILE F 174 -41.84 -1.72 -28.55
CA ILE F 174 -42.57 -0.75 -27.74
C ILE F 174 -44.09 -0.87 -27.91
N ASN F 175 -44.58 -1.19 -29.10
CA ASN F 175 -46.02 -1.37 -29.23
C ASN F 175 -46.54 -2.57 -28.45
N GLN F 176 -45.78 -3.65 -28.41
CA GLN F 176 -46.25 -4.84 -27.70
C GLN F 176 -46.44 -4.55 -26.22
N VAL F 177 -45.48 -3.89 -25.59
CA VAL F 177 -45.61 -3.57 -24.16
C VAL F 177 -46.79 -2.65 -23.93
N ALA F 178 -46.96 -1.64 -24.78
CA ALA F 178 -48.08 -0.71 -24.62
C ALA F 178 -49.41 -1.41 -24.87
N GLN F 179 -49.48 -2.25 -25.89
CA GLN F 179 -50.73 -2.91 -26.21
C GLN F 179 -51.17 -3.87 -25.12
N ASN F 180 -50.24 -4.64 -24.57
CA ASN F 180 -50.59 -5.59 -23.51
C ASN F 180 -51.18 -4.88 -22.29
N ALA F 181 -50.55 -3.79 -21.86
CA ALA F 181 -51.04 -3.05 -20.71
C ALA F 181 -52.37 -2.37 -20.98
N LEU F 182 -52.51 -1.78 -22.16
CA LEU F 182 -53.74 -1.08 -22.51
C LEU F 182 -54.97 -1.98 -22.44
N VAL F 183 -54.86 -3.21 -22.94
CA VAL F 183 -56.02 -4.12 -22.91
C VAL F 183 -56.34 -4.58 -21.50
N LEU F 184 -55.34 -4.95 -20.71
CA LEU F 184 -55.61 -5.45 -19.37
C LEU F 184 -56.26 -4.41 -18.47
N ALA F 185 -55.89 -3.14 -18.63
CA ALA F 185 -56.44 -2.08 -17.78
C ALA F 185 -57.86 -1.66 -18.17
N SER F 186 -58.23 -1.83 -19.43
CA SER F 186 -59.51 -1.40 -19.99
C SER F 186 -60.74 -1.60 -19.10
N PRO F 187 -60.91 -2.74 -18.44
CA PRO F 187 -62.12 -2.92 -17.61
C PRO F 187 -62.32 -1.86 -16.55
N VAL F 188 -61.23 -1.24 -16.06
CA VAL F 188 -61.35 -0.24 -15.00
C VAL F 188 -61.49 1.19 -15.53
N VAL F 189 -61.01 1.46 -16.74
CA VAL F 189 -61.11 2.81 -17.28
C VAL F 189 -62.55 3.13 -17.68
N LEU F 190 -63.17 2.23 -18.44
CA LEU F 190 -64.47 2.52 -19.06
C LEU F 190 -65.51 2.98 -18.04
N VAL F 191 -65.59 2.32 -16.89
CA VAL F 191 -66.59 2.74 -15.90
C VAL F 191 -66.29 4.14 -15.37
N LEU F 192 -65.03 4.55 -15.38
CA LEU F 192 -64.71 5.89 -14.90
C LEU F 192 -65.23 6.95 -15.84
N LEU F 193 -65.10 6.73 -17.15
CA LEU F 193 -65.62 7.69 -18.11
C LEU F 193 -67.14 7.73 -18.05
N LEU F 194 -67.79 6.57 -17.98
CA LEU F 194 -69.24 6.54 -17.90
C LEU F 194 -69.75 7.25 -16.65
N SER F 195 -69.06 7.09 -15.52
CA SER F 195 -69.50 7.76 -14.31
C SER F 195 -69.33 9.28 -14.41
N GLU F 196 -68.27 9.74 -15.06
CA GLU F 196 -68.10 11.18 -15.21
C GLU F 196 -69.17 11.76 -16.13
N VAL F 197 -69.58 11.01 -17.15
CA VAL F 197 -70.65 11.44 -18.03
C VAL F 197 -71.99 11.43 -17.29
N PHE F 198 -72.19 10.50 -16.36
CA PHE F 198 -73.42 10.49 -15.59
C PHE F 198 -73.58 11.80 -14.82
N LEU F 199 -72.54 12.21 -14.11
CA LEU F 199 -72.56 13.48 -13.38
C LEU F 199 -72.57 14.67 -14.34
N GLY F 200 -71.84 14.58 -15.44
CA GLY F 200 -71.80 15.68 -16.39
C GLY F 200 -73.16 16.14 -16.86
N LEU F 201 -74.02 15.21 -17.29
CA LEU F 201 -75.34 15.61 -17.74
C LEU F 201 -76.20 16.08 -16.58
N LEU F 202 -75.96 15.61 -15.37
CA LEU F 202 -76.70 16.10 -14.23
C LEU F 202 -76.53 17.61 -14.04
N SER F 203 -75.36 18.14 -14.35
CA SER F 203 -75.11 19.58 -14.29
C SER F 203 -75.79 20.34 -15.40
N ARG F 204 -76.63 19.68 -16.18
CA ARG F 204 -77.66 20.39 -16.93
C ARG F 204 -78.89 20.63 -16.05
N PHE F 205 -79.25 19.64 -15.23
CA PHE F 205 -80.47 19.70 -14.43
C PHE F 205 -80.30 20.45 -13.12
N ALA F 206 -79.11 20.45 -12.55
CA ALA F 206 -78.81 21.17 -11.31
C ALA F 206 -77.54 21.99 -11.50
N PRO F 207 -77.59 23.06 -12.28
CA PRO F 207 -76.36 23.50 -12.96
C PRO F 207 -75.27 23.93 -12.00
N GLN F 208 -75.58 24.76 -11.01
CA GLN F 208 -74.53 25.17 -10.08
C GLN F 208 -74.07 24.04 -9.17
N MET F 209 -74.65 22.85 -9.25
CA MET F 209 -74.04 21.70 -8.58
C MET F 209 -72.68 21.46 -9.20
N ASN F 210 -71.64 21.36 -8.37
CA ASN F 210 -70.29 21.38 -8.92
C ASN F 210 -69.98 20.07 -9.63
N ALA F 211 -69.60 20.19 -10.90
CA ALA F 211 -69.31 19.02 -11.73
C ALA F 211 -68.07 18.30 -11.25
N PHE F 212 -67.01 19.05 -10.96
CA PHE F 212 -65.69 18.48 -10.79
C PHE F 212 -65.58 17.67 -9.50
N ALA F 213 -65.76 18.33 -8.35
CA ALA F 213 -65.42 17.71 -7.08
C ALA F 213 -66.27 16.47 -6.79
N ILE F 214 -67.55 16.51 -7.14
CA ILE F 214 -68.41 15.37 -6.85
C ILE F 214 -67.99 14.13 -7.63
N SER F 215 -67.32 14.31 -8.78
CA SER F 215 -66.68 13.19 -9.45
C SER F 215 -65.34 12.84 -8.83
N LEU F 216 -64.60 13.84 -8.37
CA LEU F 216 -63.24 13.60 -7.89
C LEU F 216 -63.26 12.88 -6.55
N THR F 217 -64.21 13.22 -5.67
CA THR F 217 -64.40 12.47 -4.43
C THR F 217 -64.74 11.01 -4.71
N VAL F 218 -65.60 10.78 -5.70
CA VAL F 218 -66.18 9.46 -5.94
C VAL F 218 -65.20 8.51 -6.60
N LYS F 219 -64.43 8.97 -7.60
CA LYS F 219 -63.64 8.05 -8.41
C LYS F 219 -62.73 7.16 -7.58
N SER F 220 -62.22 7.66 -6.46
CA SER F 220 -61.27 6.82 -5.72
C SER F 220 -61.93 5.63 -5.05
N GLY F 221 -63.26 5.58 -5.00
CA GLY F 221 -63.96 4.37 -4.59
C GLY F 221 -64.25 3.39 -5.71
N ILE F 222 -64.78 3.92 -6.82
CA ILE F 222 -65.14 3.08 -7.96
C ILE F 222 -63.93 2.38 -8.55
N ALA F 223 -62.75 2.98 -8.46
CA ALA F 223 -61.55 2.35 -8.98
C ALA F 223 -61.14 1.14 -8.15
N VAL F 224 -61.32 1.21 -6.83
CA VAL F 224 -60.88 0.14 -5.94
C VAL F 224 -61.86 -1.02 -5.93
N LEU F 225 -63.16 -0.72 -5.91
CA LEU F 225 -64.15 -1.78 -5.93
C LEU F 225 -64.00 -2.65 -7.17
N ILE F 226 -63.83 -2.01 -8.33
CA ILE F 226 -63.72 -2.75 -9.58
C ILE F 226 -62.39 -3.47 -9.73
N MET F 227 -61.34 -3.03 -9.06
CA MET F 227 -60.08 -3.75 -9.12
C MET F 227 -60.14 -5.03 -8.30
N LEU F 228 -60.70 -4.93 -7.09
CA LEU F 228 -60.87 -6.10 -6.23
C LEU F 228 -61.65 -7.21 -6.93
N LEU F 229 -62.68 -6.85 -7.69
CA LEU F 229 -63.47 -7.84 -8.41
C LEU F 229 -62.67 -8.57 -9.48
N TYR F 230 -61.56 -8.02 -9.93
CA TYR F 230 -60.73 -8.61 -10.96
C TYR F 230 -59.33 -8.94 -10.48
N PHE F 231 -59.06 -8.75 -9.18
CA PHE F 231 -57.72 -8.99 -8.67
C PHE F 231 -57.30 -10.44 -8.87
N SER F 232 -58.21 -11.37 -8.63
CA SER F 232 -57.90 -12.79 -8.85
C SER F 232 -57.55 -13.12 -10.29
N PRO F 233 -58.37 -12.78 -11.30
CA PRO F 233 -58.05 -13.16 -12.68
C PRO F 233 -56.85 -12.45 -13.29
N VAL F 234 -56.22 -11.49 -12.60
CA VAL F 234 -55.02 -10.89 -13.18
C VAL F 234 -53.81 -11.81 -13.03
N LEU F 235 -53.75 -12.60 -11.96
CA LEU F 235 -52.61 -13.48 -11.72
C LEU F 235 -52.29 -14.42 -12.89
N PRO F 236 -53.25 -15.14 -13.46
CA PRO F 236 -52.91 -16.06 -14.57
C PRO F 236 -52.20 -15.40 -15.73
N ASP F 237 -52.40 -14.11 -15.96
CA ASP F 237 -51.73 -13.43 -17.07
C ASP F 237 -50.23 -13.36 -16.87
N ASN F 238 -49.80 -13.10 -15.64
CA ASN F 238 -48.36 -12.99 -15.39
C ASN F 238 -47.64 -14.31 -15.59
N VAL F 239 -48.23 -15.42 -15.15
CA VAL F 239 -47.51 -16.70 -15.16
C VAL F 239 -47.27 -17.21 -16.57
N LEU F 240 -48.34 -17.42 -17.33
CA LEU F 240 -48.23 -18.03 -18.64
C LEU F 240 -48.21 -17.05 -19.80
N ARG F 241 -49.15 -16.11 -19.85
CA ARG F 241 -49.28 -15.26 -21.03
C ARG F 241 -48.06 -14.37 -21.25
N LEU F 242 -47.59 -13.69 -20.23
CA LEU F 242 -46.52 -12.71 -20.45
C LEU F 242 -45.11 -13.24 -20.23
N SER F 243 -44.93 -14.36 -19.54
CA SER F 243 -43.59 -14.82 -19.24
C SER F 243 -42.83 -15.20 -20.51
N PHE F 244 -41.62 -14.67 -20.62
CA PHE F 244 -40.73 -15.02 -21.72
C PHE F 244 -40.26 -16.46 -21.56
N GLN F 245 -39.87 -17.07 -22.67
CA GLN F 245 -39.39 -18.45 -22.67
C GLN F 245 -38.20 -18.60 -23.60
N ALA F 246 -37.39 -19.61 -23.33
CA ALA F 246 -36.19 -19.85 -24.13
C ALA F 246 -36.48 -20.11 -25.60
N THR F 247 -37.72 -20.45 -25.96
CA THR F 247 -38.02 -20.69 -27.37
C THR F 247 -37.88 -19.43 -28.21
N GLY F 248 -38.09 -18.25 -27.61
CA GLY F 248 -37.97 -16.99 -28.32
C GLY F 248 -36.58 -16.64 -28.80
N LEU F 249 -35.53 -17.23 -28.24
CA LEU F 249 -34.19 -16.92 -28.68
C LEU F 249 -33.95 -17.21 -30.16
N SER F 250 -34.80 -18.01 -30.79
CA SER F 250 -34.60 -18.33 -32.20
C SER F 250 -34.88 -17.14 -33.12
N SER F 251 -35.68 -16.17 -32.68
CA SER F 251 -36.15 -15.11 -33.57
C SER F 251 -35.66 -13.73 -33.19
N TRP F 252 -35.52 -13.44 -31.90
CA TRP F 252 -34.97 -12.15 -31.48
C TRP F 252 -33.50 -11.96 -31.82
N PHE F 253 -32.71 -13.04 -31.89
CA PHE F 253 -31.27 -12.91 -32.09
C PHE F 253 -30.82 -13.68 -33.33
N TYR F 254 -29.74 -13.21 -33.95
CA TYR F 254 -29.14 -13.91 -35.07
C TYR F 254 -27.63 -13.68 -35.01
N GLU F 255 -26.86 -14.68 -35.46
CA GLU F 255 -25.41 -14.62 -35.37
C GLU F 255 -24.73 -14.02 -36.60
N ARG F 256 -23.49 -13.60 -36.40
CA ARG F 256 -22.64 -12.99 -37.42
C ARG F 256 -23.17 -11.66 -37.93
N GLY F 257 -23.92 -10.95 -37.09
CA GLY F 257 -24.26 -9.57 -37.37
C GLY F 257 -23.22 -8.61 -36.85
N ASP G 2 -32.14 52.33 -18.56
CA ASP G 2 -31.45 51.09 -18.98
C ASP G 2 -32.39 50.20 -19.78
N ASP G 3 -31.81 49.32 -20.60
CA ASP G 3 -32.60 48.47 -21.50
C ASP G 3 -33.65 47.64 -20.77
N LEU G 4 -33.40 47.27 -19.51
CA LEU G 4 -34.37 46.46 -18.80
C LEU G 4 -35.74 47.10 -18.82
N VAL G 5 -35.79 48.43 -18.69
CA VAL G 5 -37.06 49.12 -18.67
C VAL G 5 -37.71 49.14 -20.05
N PHE G 6 -36.91 49.36 -21.10
CA PHE G 6 -37.50 49.35 -22.44
C PHE G 6 -38.03 47.99 -22.81
N ALA G 7 -37.21 46.95 -22.64
CA ALA G 7 -37.63 45.61 -23.04
C ALA G 7 -38.83 45.17 -22.23
N GLY G 8 -38.92 45.58 -20.98
CA GLY G 8 -40.06 45.22 -20.17
C GLY G 8 -41.34 45.95 -20.56
N ASN G 9 -41.25 47.24 -20.83
CA ASN G 9 -42.44 47.98 -21.20
C ASN G 9 -43.02 47.49 -22.52
N LYS G 10 -42.17 47.10 -23.47
CA LYS G 10 -42.68 46.69 -24.76
C LYS G 10 -43.55 45.45 -24.66
N ALA G 11 -43.21 44.53 -23.76
CA ALA G 11 -43.99 43.30 -23.61
C ALA G 11 -45.43 43.62 -23.24
N LEU G 12 -45.63 44.52 -22.29
CA LEU G 12 -46.98 44.89 -21.89
C LEU G 12 -47.72 45.56 -23.04
N TYR G 13 -47.01 46.37 -23.81
CA TYR G 13 -47.61 47.00 -24.99
C TYR G 13 -47.98 45.97 -26.05
N LEU G 14 -47.16 44.94 -26.21
CA LEU G 14 -47.45 43.89 -27.17
C LEU G 14 -48.75 43.15 -26.82
N VAL G 15 -48.89 42.71 -25.58
CA VAL G 15 -50.08 41.96 -25.19
C VAL G 15 -51.35 42.78 -25.42
N LEU G 16 -51.34 44.05 -25.05
CA LEU G 16 -52.53 44.89 -25.26
C LEU G 16 -53.02 44.83 -26.69
N ILE G 17 -52.12 44.95 -27.67
CA ILE G 17 -52.54 44.92 -29.07
C ILE G 17 -52.86 43.50 -29.53
N LEU G 18 -51.94 42.57 -29.34
CA LEU G 18 -52.15 41.24 -29.89
C LEU G 18 -53.31 40.51 -29.21
N SER G 19 -53.58 40.84 -27.95
CA SER G 19 -54.76 40.30 -27.29
C SER G 19 -56.00 41.17 -27.44
N GLY G 20 -55.83 42.44 -27.79
CA GLY G 20 -56.98 43.30 -27.94
C GLY G 20 -57.83 42.95 -29.15
N TRP G 21 -57.18 42.73 -30.29
CA TRP G 21 -57.91 42.48 -31.53
C TRP G 21 -58.88 41.32 -31.41
N PRO G 22 -58.50 40.15 -30.92
CA PRO G 22 -59.48 39.05 -30.83
C PRO G 22 -60.73 39.36 -30.05
N THR G 23 -60.63 40.06 -28.92
CA THR G 23 -61.82 40.31 -28.11
C THR G 23 -62.76 41.34 -28.71
N ILE G 24 -62.23 42.36 -29.40
CA ILE G 24 -63.14 43.31 -30.06
C ILE G 24 -63.91 42.62 -31.17
N VAL G 25 -63.20 41.94 -32.08
CA VAL G 25 -63.87 41.27 -33.18
C VAL G 25 -64.75 40.13 -32.67
N ALA G 26 -64.30 39.43 -31.63
CA ALA G 26 -65.14 38.38 -31.03
C ALA G 26 -66.39 38.97 -30.42
N THR G 27 -66.34 40.24 -29.98
CA THR G 27 -67.52 40.90 -29.44
C THR G 27 -68.48 41.29 -30.56
N ILE G 28 -67.97 42.00 -31.56
CA ILE G 28 -68.81 42.46 -32.66
C ILE G 28 -69.44 41.27 -33.37
N ILE G 29 -68.65 40.24 -33.66
CA ILE G 29 -69.19 39.06 -34.32
C ILE G 29 -70.23 38.40 -33.43
N GLY G 30 -69.99 38.42 -32.12
CA GLY G 30 -70.96 37.89 -31.20
C GLY G 30 -72.27 38.66 -31.23
N LEU G 31 -72.17 39.99 -31.30
CA LEU G 31 -73.35 40.85 -31.35
C LEU G 31 -74.14 40.66 -32.63
N LEU G 32 -73.47 40.67 -33.79
CA LEU G 32 -74.18 40.55 -35.05
C LEU G 32 -74.88 39.21 -35.18
N VAL G 33 -74.16 38.11 -34.90
CA VAL G 33 -74.78 36.79 -34.95
C VAL G 33 -75.82 36.64 -33.85
N GLY G 34 -75.53 37.20 -32.66
CA GLY G 34 -76.50 37.15 -31.58
C GLY G 34 -77.79 37.91 -31.89
N LEU G 35 -77.67 39.06 -32.56
CA LEU G 35 -78.86 39.81 -32.95
C LEU G 35 -79.65 39.09 -34.04
N PHE G 36 -78.96 38.66 -35.10
CA PHE G 36 -79.61 37.95 -36.19
C PHE G 36 -80.36 36.73 -35.66
N LEU G 47 -74.75 19.30 -38.75
CA LEU G 47 -74.36 20.37 -39.65
C LEU G 47 -74.03 21.66 -38.87
N PRO G 48 -74.91 22.04 -37.93
CA PRO G 48 -74.60 23.25 -37.15
C PRO G 48 -73.21 23.18 -36.55
N PHE G 49 -72.83 22.01 -36.03
CA PHE G 49 -71.49 21.84 -35.49
C PHE G 49 -70.49 22.03 -36.62
N GLY G 50 -70.79 21.43 -37.78
CA GLY G 50 -69.92 21.55 -38.93
C GLY G 50 -69.69 23.00 -39.33
N ILE G 51 -70.73 23.82 -39.24
CA ILE G 51 -70.57 25.23 -39.59
C ILE G 51 -69.82 25.97 -38.50
N LYS G 52 -70.20 25.77 -37.24
CA LYS G 52 -69.50 26.47 -36.16
C LYS G 52 -68.05 26.00 -36.08
N LEU G 53 -67.78 24.76 -36.49
CA LEU G 53 -66.42 24.25 -36.53
C LEU G 53 -65.58 25.03 -37.52
N LEU G 54 -66.11 25.25 -38.72
CA LEU G 54 -65.39 26.00 -39.74
C LEU G 54 -65.21 27.46 -39.31
N GLY G 55 -66.25 28.03 -38.69
CA GLY G 55 -66.20 29.42 -38.26
C GLY G 55 -65.11 29.72 -37.25
N VAL G 56 -64.94 28.86 -36.25
CA VAL G 56 -63.89 29.07 -35.26
C VAL G 56 -62.50 28.74 -35.82
N CYS G 57 -62.35 27.60 -36.49
CA CYS G 57 -61.05 27.22 -37.02
C CYS G 57 -60.56 28.23 -38.06
N LEU G 58 -61.50 28.84 -38.79
CA LEU G 58 -61.16 29.81 -39.83
C LEU G 58 -60.30 30.97 -39.34
N CYS G 59 -60.67 31.60 -38.21
CA CYS G 59 -59.87 32.72 -37.72
C CYS G 59 -58.51 32.31 -37.14
N LEU G 60 -58.35 31.08 -36.67
CA LEU G 60 -57.05 30.65 -36.16
C LEU G 60 -56.03 30.45 -37.29
N PHE G 61 -56.47 29.96 -38.44
CA PHE G 61 -55.58 29.86 -39.60
C PHE G 61 -55.11 31.24 -40.07
N LEU G 62 -56.05 32.16 -40.27
CA LEU G 62 -55.73 33.50 -40.76
C LEU G 62 -54.71 34.22 -39.88
N LEU G 63 -54.89 34.17 -38.56
CA LEU G 63 -54.00 34.89 -37.67
C LEU G 63 -52.68 34.19 -37.38
N SER G 64 -52.49 32.95 -37.81
CA SER G 64 -51.18 32.32 -37.63
C SER G 64 -50.07 33.13 -38.30
N GLY G 65 -50.34 33.71 -39.46
CA GLY G 65 -49.31 34.45 -40.18
C GLY G 65 -48.96 35.84 -39.67
N TRP G 66 -49.97 36.69 -39.47
CA TRP G 66 -49.71 38.05 -39.02
C TRP G 66 -49.02 38.09 -37.67
N TYR G 67 -49.38 37.17 -36.77
CA TYR G 67 -48.69 37.08 -35.49
C TYR G 67 -47.25 36.60 -35.64
N GLY G 68 -46.95 35.78 -36.64
CA GLY G 68 -45.58 35.33 -36.82
C GLY G 68 -44.60 36.44 -37.14
N GLU G 69 -44.95 37.29 -38.10
CA GLU G 69 -44.08 38.41 -38.47
C GLU G 69 -43.76 39.32 -37.28
N VAL G 70 -44.71 39.49 -36.36
CA VAL G 70 -44.45 40.32 -35.19
C VAL G 70 -43.49 39.63 -34.23
N LEU G 71 -43.87 38.46 -33.72
CA LEU G 71 -43.16 37.91 -32.57
C LEU G 71 -41.70 37.65 -32.90
N LEU G 72 -41.43 37.09 -34.06
CA LEU G 72 -40.04 36.86 -34.44
C LEU G 72 -39.28 38.16 -34.64
N SER G 73 -39.96 39.29 -34.81
CA SER G 73 -39.25 40.56 -34.78
C SER G 73 -38.92 41.01 -33.37
N TYR G 74 -39.76 40.68 -32.39
CA TYR G 74 -39.45 41.00 -31.00
C TYR G 74 -38.44 40.03 -30.41
N GLY G 75 -38.59 38.74 -30.69
CA GLY G 75 -37.66 37.76 -30.16
C GLY G 75 -36.22 38.03 -30.55
N ARG G 76 -35.98 38.33 -31.82
CA ARG G 76 -34.62 38.66 -32.25
C ARG G 76 -34.07 39.86 -31.51
N GLN G 77 -34.89 40.88 -31.28
CA GLN G 77 -34.40 42.13 -30.69
C GLN G 77 -34.00 41.99 -29.23
N VAL G 78 -34.78 41.25 -28.42
CA VAL G 78 -34.38 41.03 -27.05
C VAL G 78 -33.14 40.15 -26.93
N ILE G 79 -32.95 39.20 -27.86
CA ILE G 79 -31.71 38.45 -27.88
C ILE G 79 -30.53 39.37 -28.17
N PHE G 80 -30.69 40.23 -29.18
CA PHE G 80 -29.63 41.16 -29.55
C PHE G 80 -29.26 42.08 -28.40
N LEU G 81 -30.27 42.65 -27.72
CA LEU G 81 -30.00 43.45 -26.54
C LEU G 81 -29.28 42.67 -25.46
N ALA G 82 -29.66 41.42 -25.25
CA ALA G 82 -29.15 40.67 -24.09
C ALA G 82 -27.68 40.37 -24.21
N LEU G 83 -27.22 39.98 -25.40
CA LEU G 83 -25.89 39.43 -25.58
C LEU G 83 -24.82 40.48 -25.84
N ALA G 84 -25.18 41.70 -26.23
CA ALA G 84 -24.20 42.70 -26.62
C ALA G 84 -24.51 44.08 -26.06
N ASP H 2 -41.17 43.37 18.07
CA ASP H 2 -39.76 43.23 17.61
C ASP H 2 -39.69 43.29 16.09
N ASP H 3 -38.46 43.25 15.58
CA ASP H 3 -38.21 43.37 14.15
C ASP H 3 -38.99 42.33 13.33
N LEU H 4 -39.09 41.10 13.83
CA LEU H 4 -39.76 40.03 13.08
C LEU H 4 -41.23 40.34 12.84
N VAL H 5 -41.94 40.77 13.87
CA VAL H 5 -43.37 41.01 13.72
C VAL H 5 -43.63 42.08 12.67
N PHE H 6 -42.85 43.16 12.68
CA PHE H 6 -43.05 44.19 11.66
C PHE H 6 -42.90 43.64 10.25
N ALA H 7 -41.77 42.98 9.97
CA ALA H 7 -41.55 42.43 8.63
C ALA H 7 -42.60 41.40 8.25
N GLY H 8 -43.00 40.56 9.20
CA GLY H 8 -44.01 39.55 8.89
C GLY H 8 -45.37 40.16 8.66
N ASN H 9 -45.70 41.19 9.43
CA ASN H 9 -46.97 41.90 9.25
C ASN H 9 -46.95 42.78 8.01
N LYS H 10 -45.82 43.40 7.71
CA LYS H 10 -45.73 44.27 6.53
C LYS H 10 -45.96 43.50 5.24
N ALA H 11 -45.51 42.25 5.18
CA ALA H 11 -45.71 41.44 3.97
C ALA H 11 -47.18 41.35 3.61
N LEU H 12 -48.02 40.91 4.54
CA LEU H 12 -49.45 40.76 4.27
C LEU H 12 -50.08 42.08 3.83
N TYR H 13 -49.63 43.20 4.37
CA TYR H 13 -50.21 44.47 3.95
C TYR H 13 -49.90 44.76 2.48
N LEU H 14 -48.65 44.54 2.07
CA LEU H 14 -48.28 44.83 0.68
C LEU H 14 -49.12 44.04 -0.30
N VAL H 15 -49.50 42.81 0.05
CA VAL H 15 -50.33 42.00 -0.85
C VAL H 15 -51.62 42.73 -1.21
N LEU H 16 -52.27 43.35 -0.22
CA LEU H 16 -53.50 44.08 -0.51
C LEU H 16 -53.28 45.32 -1.36
N ILE H 17 -52.20 46.06 -1.10
CA ILE H 17 -51.95 47.28 -1.87
C ILE H 17 -51.71 46.98 -3.34
N LEU H 18 -50.88 45.97 -3.62
CA LEU H 18 -50.49 45.68 -4.98
C LEU H 18 -51.61 44.99 -5.76
N SER H 19 -52.34 44.08 -5.11
CA SER H 19 -53.43 43.36 -5.77
C SER H 19 -54.75 44.12 -5.79
N GLY H 20 -54.93 45.15 -4.97
CA GLY H 20 -56.18 45.88 -4.93
C GLY H 20 -56.63 46.48 -6.25
N TRP H 21 -55.80 47.33 -6.85
CA TRP H 21 -56.15 48.01 -8.09
C TRP H 21 -56.72 47.12 -9.18
N PRO H 22 -56.09 46.00 -9.56
CA PRO H 22 -56.66 45.20 -10.65
C PRO H 22 -57.99 44.58 -10.32
N THR H 23 -58.23 44.17 -9.07
CA THR H 23 -59.55 43.63 -8.75
C THR H 23 -60.61 44.70 -8.85
N ILE H 24 -60.28 45.95 -8.49
CA ILE H 24 -61.24 47.03 -8.61
C ILE H 24 -61.52 47.34 -10.07
N VAL H 25 -60.46 47.48 -10.87
CA VAL H 25 -60.61 47.83 -12.28
C VAL H 25 -61.46 46.79 -13.03
N ALA H 26 -61.22 45.52 -12.75
CA ALA H 26 -62.07 44.47 -13.33
C ALA H 26 -63.51 44.56 -12.85
N THR H 27 -63.71 44.82 -11.56
CA THR H 27 -65.07 44.91 -11.01
C THR H 27 -65.83 46.08 -11.60
N ILE H 28 -65.19 47.25 -11.64
CA ILE H 28 -65.84 48.47 -12.11
C ILE H 28 -66.26 48.35 -13.57
N ILE H 29 -65.46 47.64 -14.36
CA ILE H 29 -65.82 47.36 -15.75
C ILE H 29 -66.92 46.30 -15.85
N GLY H 30 -66.83 45.25 -15.04
CA GLY H 30 -67.89 44.26 -15.00
C GLY H 30 -69.26 44.80 -14.69
N LEU H 31 -69.37 45.74 -13.75
CA LEU H 31 -70.66 46.35 -13.47
C LEU H 31 -71.25 47.05 -14.69
N LEU H 32 -70.42 47.65 -15.54
CA LEU H 32 -70.97 48.29 -16.73
C LEU H 32 -71.57 47.27 -17.68
N VAL H 33 -70.89 46.15 -17.89
CA VAL H 33 -71.40 45.10 -18.79
C VAL H 33 -72.63 44.43 -18.19
N GLY H 34 -72.58 44.12 -16.89
CA GLY H 34 -73.74 43.53 -16.23
C GLY H 34 -74.95 44.41 -16.37
N LEU H 35 -74.74 45.72 -16.40
CA LEU H 35 -75.81 46.68 -16.60
C LEU H 35 -76.15 46.81 -18.08
N PHE H 36 -75.14 46.98 -18.93
CA PHE H 36 -75.39 47.17 -20.36
C PHE H 36 -76.09 45.98 -20.99
N GLN H 37 -75.94 44.78 -20.42
CA GLN H 37 -76.70 43.63 -20.91
C GLN H 37 -78.20 43.84 -20.82
N THR H 38 -78.65 44.75 -19.94
CA THR H 38 -80.07 45.07 -19.81
C THR H 38 -80.48 46.30 -20.62
N VAL H 39 -79.53 47.18 -20.97
CA VAL H 39 -79.84 48.36 -21.75
C VAL H 39 -79.94 48.02 -23.23
N THR H 40 -78.93 47.33 -23.75
CA THR H 40 -78.94 46.89 -25.14
C THR H 40 -79.83 45.66 -25.33
N GLN H 41 -80.03 44.88 -24.28
CA GLN H 41 -80.89 43.69 -24.32
C GLN H 41 -80.47 42.74 -25.45
N LEU H 42 -79.17 42.48 -25.49
CA LEU H 42 -78.54 41.56 -26.43
C LEU H 42 -77.46 40.87 -25.62
N GLN H 43 -77.27 39.57 -25.80
CA GLN H 43 -76.36 38.89 -24.87
C GLN H 43 -75.56 37.76 -25.49
N GLU H 44 -74.33 37.68 -25.01
CA GLU H 44 -73.32 36.67 -25.31
C GLU H 44 -72.48 36.68 -24.04
N GLN H 45 -72.31 35.50 -23.44
CA GLN H 45 -71.68 35.42 -22.13
C GLN H 45 -70.20 35.78 -22.13
N THR H 46 -69.54 35.75 -23.28
CA THR H 46 -68.10 36.02 -23.32
C THR H 46 -67.78 37.51 -23.24
N LEU H 47 -68.78 38.37 -23.43
CA LEU H 47 -68.63 39.83 -23.36
C LEU H 47 -67.78 40.34 -22.21
N PRO H 48 -68.00 39.93 -20.95
CA PRO H 48 -67.17 40.46 -19.87
C PRO H 48 -65.70 40.08 -19.95
N PHE H 49 -65.36 38.90 -20.46
CA PHE H 49 -63.95 38.50 -20.52
C PHE H 49 -63.14 39.37 -21.45
N GLY H 50 -63.74 39.87 -22.53
CA GLY H 50 -63.05 40.79 -23.42
C GLY H 50 -62.74 42.13 -22.80
N ILE H 51 -63.77 42.84 -22.34
CA ILE H 51 -63.57 44.22 -21.92
C ILE H 51 -62.71 44.28 -20.67
N LYS H 52 -62.94 43.40 -19.70
CA LYS H 52 -62.19 43.48 -18.45
C LYS H 52 -60.69 43.37 -18.69
N LEU H 53 -60.29 42.63 -19.72
CA LEU H 53 -58.87 42.40 -19.95
C LEU H 53 -58.13 43.69 -20.25
N LEU H 54 -58.72 44.55 -21.10
CA LEU H 54 -58.05 45.79 -21.47
C LEU H 54 -57.94 46.76 -20.30
N GLY H 55 -58.87 46.70 -19.35
CA GLY H 55 -58.72 47.50 -18.15
C GLY H 55 -57.53 47.11 -17.31
N VAL H 56 -57.37 45.81 -17.06
CA VAL H 56 -56.28 45.35 -16.20
C VAL H 56 -54.94 45.59 -16.86
N CYS H 57 -54.79 45.17 -18.12
CA CYS H 57 -53.52 45.35 -18.83
C CYS H 57 -53.15 46.83 -18.91
N LEU H 58 -54.15 47.69 -19.17
CA LEU H 58 -53.89 49.11 -19.27
C LEU H 58 -53.41 49.68 -17.95
N CYS H 59 -54.03 49.27 -16.84
CA CYS H 59 -53.58 49.73 -15.53
C CYS H 59 -52.18 49.23 -15.22
N LEU H 60 -51.88 47.97 -15.54
CA LEU H 60 -50.54 47.45 -15.26
C LEU H 60 -49.46 48.20 -16.03
N PHE H 61 -49.72 48.50 -17.30
CA PHE H 61 -48.74 49.26 -18.06
C PHE H 61 -48.48 50.61 -17.42
N LEU H 62 -49.55 51.30 -17.02
CA LEU H 62 -49.40 52.62 -16.40
C LEU H 62 -48.72 52.51 -15.03
N LEU H 63 -49.08 51.50 -14.24
CA LEU H 63 -48.52 51.35 -12.91
C LEU H 63 -47.21 50.57 -12.85
N SER H 64 -46.77 49.99 -13.97
CA SER H 64 -45.55 49.19 -13.96
C SER H 64 -44.39 49.87 -13.26
N GLY H 65 -44.33 51.20 -13.32
CA GLY H 65 -43.28 51.92 -12.61
C GLY H 65 -43.46 51.97 -11.11
N TRP H 66 -44.66 52.33 -10.65
CA TRP H 66 -44.89 52.47 -9.21
C TRP H 66 -44.75 51.12 -8.51
N TYR H 67 -45.16 50.05 -9.17
CA TYR H 67 -45.05 48.71 -8.62
C TYR H 67 -43.61 48.33 -8.29
N GLY H 68 -42.64 48.88 -9.01
CA GLY H 68 -41.26 48.52 -8.79
C GLY H 68 -40.63 49.20 -7.59
N GLU H 69 -40.79 50.52 -7.48
CA GLU H 69 -40.18 51.27 -6.39
C GLU H 69 -40.52 50.68 -5.02
N VAL H 70 -41.76 50.22 -4.85
CA VAL H 70 -42.20 49.69 -3.56
C VAL H 70 -41.48 48.39 -3.22
N LEU H 71 -41.39 47.47 -4.18
CA LEU H 71 -40.69 46.22 -3.91
C LEU H 71 -39.20 46.45 -3.64
N LEU H 72 -38.58 47.38 -4.36
CA LEU H 72 -37.17 47.63 -4.16
C LEU H 72 -36.86 48.24 -2.80
N SER H 73 -37.82 48.91 -2.16
CA SER H 73 -37.57 49.47 -0.84
C SER H 73 -37.71 48.41 0.23
N TYR H 74 -38.76 47.61 0.16
CA TYR H 74 -38.94 46.55 1.14
C TYR H 74 -37.84 45.50 1.05
N GLY H 75 -37.39 45.17 -0.16
CA GLY H 75 -36.33 44.20 -0.33
C GLY H 75 -35.04 44.58 0.38
N ARG H 76 -34.61 45.83 0.21
CA ARG H 76 -33.41 46.31 0.88
C ARG H 76 -33.56 46.33 2.40
N GLN H 77 -34.71 46.82 2.86
CA GLN H 77 -34.97 46.95 4.29
C GLN H 77 -34.80 45.64 5.05
N VAL H 78 -35.39 44.56 4.55
CA VAL H 78 -35.30 43.27 5.24
C VAL H 78 -33.86 42.74 5.26
N ILE H 79 -33.10 42.94 4.18
CA ILE H 79 -31.72 42.47 4.15
C ILE H 79 -30.92 43.11 5.27
N PHE H 80 -31.05 44.42 5.43
CA PHE H 80 -30.33 45.13 6.47
C PHE H 80 -30.73 44.66 7.87
N LEU H 81 -32.03 44.49 8.10
CA LEU H 81 -32.51 44.03 9.40
C LEU H 81 -31.98 42.65 9.76
N ALA H 82 -32.00 41.73 8.81
CA ALA H 82 -31.56 40.36 9.09
C ALA H 82 -30.07 40.29 9.42
N LEU H 83 -29.23 40.81 8.53
CA LEU H 83 -27.79 40.70 8.70
C LEU H 83 -27.24 41.57 9.83
N ALA H 84 -27.87 42.71 10.10
CA ALA H 84 -27.41 43.61 11.17
C ALA H 84 -27.37 42.95 12.53
N ASP I 2 -52.88 7.28 26.38
CA ASP I 2 -51.44 7.49 26.68
C ASP I 2 -50.91 8.66 25.87
N ASP I 3 -49.61 8.92 26.04
CA ASP I 3 -48.95 10.04 25.36
C ASP I 3 -49.07 10.00 23.84
N LEU I 4 -49.29 8.83 23.24
CA LEU I 4 -49.39 8.79 21.79
C LEU I 4 -50.77 9.28 21.33
N VAL I 5 -51.83 8.82 21.98
CA VAL I 5 -53.17 9.17 21.54
C VAL I 5 -53.42 10.65 21.74
N PHE I 6 -53.03 11.19 22.90
CA PHE I 6 -53.32 12.59 23.16
C PHE I 6 -52.68 13.49 22.10
N ALA I 7 -51.42 13.24 21.76
CA ALA I 7 -50.74 14.05 20.76
C ALA I 7 -51.36 13.88 19.37
N GLY I 8 -51.71 12.65 19.01
CA GLY I 8 -52.31 12.43 17.70
C GLY I 8 -53.71 13.03 17.60
N ASN I 9 -54.47 12.96 18.69
CA ASN I 9 -55.81 13.54 18.71
C ASN I 9 -55.76 15.06 18.67
N LYS I 10 -54.88 15.65 19.47
CA LYS I 10 -54.79 17.11 19.48
C LYS I 10 -54.34 17.68 18.14
N ALA I 11 -53.52 16.96 17.39
CA ALA I 11 -53.08 17.49 16.10
C ALA I 11 -54.26 17.81 15.20
N LEU I 12 -55.19 16.86 15.04
CA LEU I 12 -56.37 17.11 14.22
C LEU I 12 -57.21 18.24 14.76
N TYR I 13 -57.25 18.39 16.08
CA TYR I 13 -58.05 19.45 16.69
C TYR I 13 -57.57 20.84 16.27
N LEU I 14 -56.26 21.08 16.32
CA LEU I 14 -55.75 22.39 15.93
C LEU I 14 -56.04 22.72 14.47
N VAL I 15 -55.88 21.74 13.57
CA VAL I 15 -56.17 22.00 12.17
C VAL I 15 -57.59 22.50 12.01
N LEU I 16 -58.54 21.88 12.72
CA LEU I 16 -59.93 22.31 12.62
C LEU I 16 -60.14 23.72 13.18
N ILE I 17 -59.45 24.07 14.27
CA ILE I 17 -59.62 25.40 14.87
C ILE I 17 -58.93 26.49 14.06
N LEU I 18 -57.66 26.30 13.74
CA LEU I 18 -56.94 27.39 13.11
C LEU I 18 -57.42 27.65 11.68
N SER I 19 -57.79 26.60 10.96
CA SER I 19 -58.34 26.76 9.62
C SER I 19 -59.80 27.17 9.62
N GLY I 20 -60.52 26.91 10.71
CA GLY I 20 -61.92 27.26 10.82
C GLY I 20 -62.26 28.71 10.63
N TRP I 21 -61.67 29.61 11.41
CA TRP I 21 -61.95 31.03 11.30
C TRP I 21 -61.86 31.61 9.89
N PRO I 22 -60.75 31.46 9.18
CA PRO I 22 -60.66 32.06 7.85
C PRO I 22 -61.64 31.45 6.84
N THR I 23 -61.94 30.16 6.92
CA THR I 23 -62.91 29.59 6.00
C THR I 23 -64.33 30.07 6.27
N ILE I 24 -64.68 30.30 7.53
CA ILE I 24 -66.02 30.78 7.83
C ILE I 24 -66.22 32.20 7.32
N VAL I 25 -65.28 33.10 7.59
CA VAL I 25 -65.46 34.48 7.15
C VAL I 25 -65.51 34.54 5.62
N ALA I 26 -64.70 33.76 4.94
CA ALA I 26 -64.80 33.70 3.48
C ALA I 26 -66.17 33.19 3.06
N THR I 27 -66.71 32.22 3.81
CA THR I 27 -68.03 31.69 3.52
C THR I 27 -69.12 32.72 3.80
N ILE I 28 -69.11 33.33 4.98
CA ILE I 28 -70.12 34.32 5.34
C ILE I 28 -70.13 35.48 4.37
N ILE I 29 -68.95 35.99 4.01
CA ILE I 29 -68.87 37.10 3.07
C ILE I 29 -69.40 36.70 1.70
N GLY I 30 -69.06 35.50 1.24
CA GLY I 30 -69.54 35.04 -0.05
C GLY I 30 -71.06 34.96 -0.12
N LEU I 31 -71.70 34.49 0.94
CA LEU I 31 -73.15 34.40 0.98
C LEU I 31 -73.80 35.77 0.97
N LEU I 32 -73.33 36.69 1.80
CA LEU I 32 -73.98 37.99 1.86
C LEU I 32 -73.75 38.79 0.59
N VAL I 33 -72.54 38.76 0.04
CA VAL I 33 -72.30 39.45 -1.22
C VAL I 33 -72.98 38.72 -2.37
N GLY I 34 -73.02 37.39 -2.30
CA GLY I 34 -73.71 36.62 -3.31
C GLY I 34 -75.20 36.90 -3.36
N LEU I 35 -75.82 37.01 -2.19
CA LEU I 35 -77.24 37.33 -2.15
C LEU I 35 -77.51 38.67 -2.81
N PHE I 36 -76.65 39.65 -2.56
CA PHE I 36 -76.81 40.94 -3.23
C PHE I 36 -76.80 40.76 -4.75
N GLN I 37 -75.93 39.87 -5.26
CA GLN I 37 -75.93 39.63 -6.70
C GLN I 37 -77.22 38.96 -7.17
N THR I 38 -77.96 38.33 -6.26
CA THR I 38 -79.27 37.82 -6.62
C THR I 38 -80.30 38.92 -6.55
N VAL I 39 -80.03 39.96 -5.76
CA VAL I 39 -80.92 41.09 -5.65
C VAL I 39 -80.75 42.03 -6.84
N THR I 40 -79.52 42.48 -7.07
CA THR I 40 -79.27 43.36 -8.20
C THR I 40 -79.24 42.57 -9.51
N GLN I 41 -79.54 43.26 -10.60
CA GLN I 41 -79.54 42.69 -11.94
C GLN I 41 -78.14 42.47 -12.47
N LEU I 42 -77.12 42.85 -11.71
CA LEU I 42 -75.73 42.77 -12.13
C LEU I 42 -75.14 41.49 -11.59
N GLN I 43 -74.41 40.79 -12.45
CA GLN I 43 -73.76 39.53 -12.12
C GLN I 43 -72.30 39.66 -12.51
N GLU I 44 -71.41 39.40 -11.55
CA GLU I 44 -69.98 39.47 -11.80
C GLU I 44 -69.26 38.59 -10.79
N GLN I 45 -68.36 37.75 -11.30
CA GLN I 45 -67.59 36.86 -10.43
C GLN I 45 -66.54 37.62 -9.63
N THR I 46 -66.01 38.71 -10.19
CA THR I 46 -64.94 39.46 -9.52
C THR I 46 -65.43 40.14 -8.26
N LEU I 47 -66.71 40.53 -8.22
CA LEU I 47 -67.19 41.26 -7.05
C LEU I 47 -67.04 40.46 -5.77
N PRO I 48 -67.58 39.24 -5.66
CA PRO I 48 -67.41 38.50 -4.42
C PRO I 48 -65.98 38.10 -4.14
N PHE I 49 -65.22 37.73 -5.18
CA PHE I 49 -63.84 37.35 -4.95
C PHE I 49 -63.01 38.50 -4.37
N GLY I 50 -63.16 39.69 -4.93
CA GLY I 50 -62.41 40.82 -4.41
C GLY I 50 -62.71 41.11 -2.95
N ILE I 51 -64.00 41.20 -2.62
CA ILE I 51 -64.43 41.51 -1.26
C ILE I 51 -63.98 40.43 -0.27
N LYS I 52 -63.98 39.16 -0.68
CA LYS I 52 -63.52 38.12 0.24
C LYS I 52 -62.08 38.34 0.68
N LEU I 53 -61.20 38.68 -0.26
CA LEU I 53 -59.80 38.85 0.09
C LEU I 53 -59.61 39.89 1.20
N LEU I 54 -60.32 41.02 1.11
CA LEU I 54 -60.18 42.05 2.13
C LEU I 54 -60.57 41.53 3.51
N GLY I 55 -61.71 40.86 3.59
CA GLY I 55 -62.13 40.30 4.86
C GLY I 55 -61.18 39.24 5.40
N VAL I 56 -60.68 38.37 4.53
CA VAL I 56 -59.73 37.35 4.95
C VAL I 56 -58.42 37.96 5.46
N CYS I 57 -57.89 38.95 4.73
CA CYS I 57 -56.66 39.60 5.19
C CYS I 57 -56.85 40.28 6.53
N LEU I 58 -57.95 40.99 6.73
CA LEU I 58 -58.19 41.61 8.03
C LEU I 58 -58.25 40.55 9.12
N CYS I 59 -58.81 39.39 8.81
CA CYS I 59 -58.83 38.30 9.78
C CYS I 59 -57.44 37.84 10.14
N LEU I 60 -56.58 37.64 9.15
CA LEU I 60 -55.20 37.23 9.43
C LEU I 60 -54.44 38.28 10.22
N PHE I 61 -54.65 39.56 9.92
CA PHE I 61 -53.97 40.62 10.67
C PHE I 61 -54.37 40.62 12.14
N LEU I 62 -55.66 40.62 12.42
CA LEU I 62 -56.10 40.72 13.81
C LEU I 62 -55.73 39.47 14.61
N LEU I 63 -55.79 38.31 13.99
CA LEU I 63 -55.48 37.07 14.70
C LEU I 63 -54.03 36.64 14.60
N SER I 64 -53.22 37.32 13.79
CA SER I 64 -51.82 36.93 13.61
C SER I 64 -51.13 36.64 14.94
N GLY I 65 -51.35 37.49 15.94
CA GLY I 65 -50.70 37.26 17.22
C GLY I 65 -51.16 36.01 17.93
N TRP I 66 -52.47 35.76 17.96
CA TRP I 66 -52.97 34.58 18.67
C TRP I 66 -52.47 33.29 18.02
N TYR I 67 -52.39 33.26 16.69
CA TYR I 67 -51.90 32.07 16.01
C TYR I 67 -50.49 31.73 16.45
N GLY I 68 -49.70 32.72 16.86
CA GLY I 68 -48.33 32.44 17.30
C GLY I 68 -48.26 31.68 18.61
N GLU I 69 -48.98 32.15 19.63
CA GLU I 69 -48.92 31.49 20.94
C GLU I 69 -49.36 30.05 20.87
N VAL I 70 -50.44 29.77 20.14
CA VAL I 70 -51.00 28.42 20.08
C VAL I 70 -49.98 27.44 19.51
N LEU I 71 -49.34 27.81 18.41
CA LEU I 71 -48.38 26.91 17.77
C LEU I 71 -47.15 26.70 18.65
N LEU I 72 -46.72 27.72 19.38
CA LEU I 72 -45.57 27.55 20.27
C LEU I 72 -45.90 26.66 21.48
N SER I 73 -47.11 26.79 22.04
CA SER I 73 -47.44 25.96 23.18
C SER I 73 -47.44 24.48 22.81
N TYR I 74 -48.03 24.13 21.68
CA TYR I 74 -48.02 22.74 21.26
C TYR I 74 -46.61 22.29 20.90
N GLY I 75 -45.84 23.16 20.26
CA GLY I 75 -44.47 22.80 19.93
C GLY I 75 -43.64 22.47 21.14
N ARG I 76 -43.82 23.23 22.23
CA ARG I 76 -43.07 22.96 23.46
C ARG I 76 -43.53 21.67 24.11
N GLN I 77 -44.84 21.49 24.24
CA GLN I 77 -45.37 20.34 24.95
C GLN I 77 -44.87 19.03 24.36
N VAL I 78 -44.90 18.89 23.04
CA VAL I 78 -44.48 17.64 22.43
C VAL I 78 -42.99 17.37 22.58
N ILE I 79 -42.17 18.41 22.71
CA ILE I 79 -40.74 18.16 22.90
C ILE I 79 -40.48 17.52 24.26
N PHE I 80 -41.20 17.98 25.29
CA PHE I 80 -41.08 17.41 26.62
C PHE I 80 -41.64 16.00 26.69
N LEU I 81 -42.73 15.74 25.98
CA LEU I 81 -43.31 14.40 26.00
C LEU I 81 -42.40 13.38 25.36
N ALA I 82 -41.67 13.77 24.30
CA ALA I 82 -40.77 12.84 23.64
C ALA I 82 -39.50 12.55 24.43
N LEU I 83 -38.91 13.58 25.02
CA LEU I 83 -37.63 13.40 25.72
C LEU I 83 -37.74 12.94 27.17
N ALA I 84 -38.85 13.22 27.85
CA ALA I 84 -38.99 12.74 29.23
C ALA I 84 -38.98 11.21 29.29
N ASP J 2 -53.06 -19.56 -2.48
CA ASP J 2 -51.83 -19.53 -1.65
C ASP J 2 -51.79 -18.27 -0.78
N ASP J 3 -50.80 -18.23 0.11
CA ASP J 3 -50.59 -17.19 1.11
C ASP J 3 -50.15 -15.87 0.54
N LEU J 4 -50.02 -15.75 -0.78
CA LEU J 4 -49.64 -14.49 -1.41
C LEU J 4 -50.87 -13.79 -1.99
N VAL J 5 -51.63 -14.52 -2.81
CA VAL J 5 -52.83 -13.94 -3.39
C VAL J 5 -53.83 -13.58 -2.30
N PHE J 6 -53.92 -14.40 -1.26
CA PHE J 6 -54.77 -14.06 -0.12
C PHE J 6 -54.31 -12.78 0.55
N ALA J 7 -53.02 -12.70 0.87
CA ALA J 7 -52.51 -11.50 1.52
C ALA J 7 -52.65 -10.29 0.62
N GLY J 8 -52.50 -10.48 -0.69
CA GLY J 8 -52.65 -9.37 -1.61
C GLY J 8 -54.09 -8.86 -1.69
N ASN J 9 -55.05 -9.78 -1.70
CA ASN J 9 -56.45 -9.36 -1.75
C ASN J 9 -56.78 -8.46 -0.58
N LYS J 10 -56.38 -8.86 0.62
CA LYS J 10 -56.75 -8.11 1.83
C LYS J 10 -56.23 -6.68 1.80
N ALA J 11 -55.09 -6.43 1.16
CA ALA J 11 -54.57 -5.07 1.10
C ALA J 11 -55.53 -4.13 0.37
N LEU J 12 -56.09 -4.58 -0.76
CA LEU J 12 -57.05 -3.76 -1.48
C LEU J 12 -58.36 -3.69 -0.71
N TYR J 13 -58.72 -4.77 -0.03
CA TYR J 13 -59.96 -4.80 0.72
C TYR J 13 -59.93 -3.79 1.86
N LEU J 14 -58.79 -3.71 2.57
CA LEU J 14 -58.69 -2.77 3.68
C LEU J 14 -58.83 -1.33 3.23
N VAL J 15 -58.28 -0.98 2.06
CA VAL J 15 -58.38 0.40 1.59
C VAL J 15 -59.83 0.81 1.46
N LEU J 16 -60.64 -0.04 0.81
CA LEU J 16 -62.04 0.29 0.62
C LEU J 16 -62.75 0.45 1.96
N ILE J 17 -62.43 -0.39 2.93
CA ILE J 17 -63.08 -0.36 4.24
C ILE J 17 -62.75 0.91 5.02
N LEU J 18 -61.47 1.19 5.23
CA LEU J 18 -61.09 2.30 6.09
C LEU J 18 -61.52 3.65 5.51
N SER J 19 -61.23 3.88 4.24
CA SER J 19 -61.58 5.14 3.59
C SER J 19 -63.05 5.24 3.20
N GLY J 20 -63.80 4.15 3.23
CA GLY J 20 -65.19 4.20 2.80
C GLY J 20 -66.03 5.26 3.46
N TRP J 21 -66.22 5.17 4.77
CA TRP J 21 -67.05 6.16 5.47
C TRP J 21 -66.63 7.59 5.25
N PRO J 22 -65.36 7.96 5.37
CA PRO J 22 -65.02 9.37 5.13
C PRO J 22 -65.31 9.83 3.71
N THR J 23 -65.10 8.97 2.71
CA THR J 23 -65.46 9.35 1.34
C THR J 23 -66.96 9.41 1.12
N ILE J 24 -67.72 8.49 1.72
CA ILE J 24 -69.18 8.51 1.59
C ILE J 24 -69.75 9.80 2.16
N VAL J 25 -69.41 10.10 3.41
CA VAL J 25 -69.97 11.29 4.04
C VAL J 25 -69.55 12.53 3.29
N ALA J 26 -68.32 12.54 2.76
CA ALA J 26 -67.89 13.67 1.96
C ALA J 26 -68.74 13.81 0.71
N THR J 27 -69.15 12.68 0.12
CA THR J 27 -69.96 12.70 -1.10
C THR J 27 -71.35 13.27 -0.84
N ILE J 28 -72.02 12.79 0.20
CA ILE J 28 -73.39 13.23 0.47
C ILE J 28 -73.42 14.72 0.73
N ILE J 29 -72.50 15.21 1.55
CA ILE J 29 -72.45 16.63 1.89
C ILE J 29 -72.26 17.48 0.65
N GLY J 30 -71.49 16.98 -0.31
CA GLY J 30 -71.32 17.71 -1.55
C GLY J 30 -72.62 17.91 -2.31
N LEU J 31 -73.40 16.85 -2.45
CA LEU J 31 -74.67 16.95 -3.18
C LEU J 31 -75.66 17.90 -2.51
N LEU J 32 -75.71 17.90 -1.17
CA LEU J 32 -76.67 18.74 -0.47
C LEU J 32 -76.43 20.22 -0.78
N VAL J 33 -75.20 20.69 -0.69
CA VAL J 33 -74.95 22.09 -1.01
C VAL J 33 -75.27 22.37 -2.46
N GLY J 34 -75.00 21.41 -3.35
CA GLY J 34 -75.34 21.60 -4.76
C GLY J 34 -76.84 21.75 -4.98
N LEU J 35 -77.64 20.98 -4.26
CA LEU J 35 -79.09 21.07 -4.37
C LEU J 35 -79.60 22.39 -3.80
N PHE J 36 -79.10 22.78 -2.63
CA PHE J 36 -79.49 24.04 -2.01
C PHE J 36 -79.14 25.25 -2.87
N GLN J 37 -78.06 25.17 -3.65
CA GLN J 37 -77.71 26.29 -4.52
C GLN J 37 -78.71 26.44 -5.65
N THR J 38 -79.02 25.35 -6.35
CA THR J 38 -80.00 25.42 -7.43
C THR J 38 -81.35 25.90 -6.94
N VAL J 39 -81.64 25.76 -5.65
CA VAL J 39 -82.90 26.27 -5.14
C VAL J 39 -82.94 27.79 -5.18
N THR J 40 -81.79 28.45 -5.16
CA THR J 40 -81.74 29.90 -5.13
C THR J 40 -80.76 30.39 -6.20
N GLN J 41 -80.70 31.71 -6.36
CA GLN J 41 -79.86 32.36 -7.35
C GLN J 41 -78.42 32.55 -6.90
N LEU J 42 -78.09 32.21 -5.66
CA LEU J 42 -76.72 32.38 -5.18
C LEU J 42 -75.76 31.45 -5.91
N GLN J 43 -74.50 31.88 -5.98
CA GLN J 43 -73.42 31.11 -6.58
C GLN J 43 -72.16 31.37 -5.76
N GLU J 44 -71.71 30.38 -5.00
CA GLU J 44 -70.54 30.52 -4.16
C GLU J 44 -69.76 29.21 -4.18
N GLN J 45 -68.43 29.32 -4.12
CA GLN J 45 -67.57 28.14 -4.16
C GLN J 45 -66.87 27.82 -2.84
N THR J 46 -66.81 28.76 -1.90
CA THR J 46 -66.27 28.45 -0.59
C THR J 46 -67.28 27.68 0.25
N LEU J 47 -68.57 27.92 0.03
CA LEU J 47 -69.62 27.23 0.79
C LEU J 47 -69.49 25.71 0.81
N PRO J 48 -69.31 25.02 -0.32
CA PRO J 48 -69.18 23.56 -0.25
C PRO J 48 -67.96 23.10 0.54
N PHE J 49 -66.86 23.83 0.44
CA PHE J 49 -65.66 23.46 1.20
C PHE J 49 -65.85 23.61 2.69
N GLY J 50 -66.45 24.72 3.13
CA GLY J 50 -66.64 24.91 4.55
C GLY J 50 -67.52 23.85 5.17
N ILE J 51 -68.55 23.42 4.45
CA ILE J 51 -69.46 22.42 4.98
C ILE J 51 -68.78 21.06 5.01
N LYS J 52 -68.05 20.71 3.96
CA LYS J 52 -67.42 19.40 3.89
C LYS J 52 -66.25 19.27 4.86
N LEU J 53 -65.52 20.37 5.11
CA LEU J 53 -64.36 20.27 6.01
C LEU J 53 -64.76 19.70 7.36
N LEU J 54 -65.84 20.20 7.93
CA LEU J 54 -66.30 19.73 9.24
C LEU J 54 -66.62 18.24 9.20
N GLY J 55 -67.38 17.81 8.19
CA GLY J 55 -67.76 16.42 8.08
C GLY J 55 -66.60 15.46 7.92
N VAL J 56 -65.62 15.82 7.09
CA VAL J 56 -64.50 14.90 6.87
C VAL J 56 -63.66 14.76 8.13
N CYS J 57 -63.27 15.86 8.75
CA CYS J 57 -62.48 15.77 9.98
C CYS J 57 -63.25 15.07 11.10
N LEU J 58 -64.54 15.36 11.22
CA LEU J 58 -65.35 14.81 12.29
C LEU J 58 -65.45 13.29 12.25
N CYS J 59 -65.73 12.70 11.09
CA CYS J 59 -65.89 11.24 11.07
C CYS J 59 -64.58 10.53 11.37
N LEU J 60 -63.46 11.02 10.87
CA LEU J 60 -62.17 10.42 11.17
C LEU J 60 -61.92 10.43 12.68
N PHE J 61 -62.19 11.56 13.30
CA PHE J 61 -61.99 11.74 14.73
C PHE J 61 -62.73 10.67 15.54
N LEU J 62 -64.00 10.46 15.22
CA LEU J 62 -64.80 9.44 15.91
C LEU J 62 -64.33 8.02 15.61
N LEU J 63 -63.80 7.77 14.42
CA LEU J 63 -63.34 6.45 13.99
C LEU J 63 -61.91 6.11 14.39
N SER J 64 -61.09 7.11 14.71
CA SER J 64 -59.68 6.89 14.97
C SER J 64 -59.40 5.73 15.91
N GLY J 65 -60.27 5.49 16.88
CA GLY J 65 -60.01 4.38 17.79
C GLY J 65 -60.09 3.02 17.15
N TRP J 66 -60.96 2.84 16.16
CA TRP J 66 -61.12 1.54 15.52
C TRP J 66 -59.99 1.23 14.54
N TYR J 67 -59.55 2.22 13.77
CA TYR J 67 -58.49 2.00 12.79
C TYR J 67 -57.31 1.25 13.38
N GLY J 68 -56.89 1.59 14.59
CA GLY J 68 -55.75 0.90 15.19
C GLY J 68 -56.00 -0.58 15.43
N GLU J 69 -57.26 -0.95 15.69
CA GLU J 69 -57.58 -2.36 15.89
C GLU J 69 -57.39 -3.16 14.62
N VAL J 70 -57.82 -2.61 13.48
CA VAL J 70 -57.71 -3.29 12.20
C VAL J 70 -56.25 -3.51 11.85
N LEU J 71 -55.49 -2.41 11.85
CA LEU J 71 -54.09 -2.46 11.42
C LEU J 71 -53.21 -3.29 12.33
N LEU J 72 -53.38 -3.19 13.66
CA LEU J 72 -52.50 -3.96 14.54
C LEU J 72 -52.73 -5.46 14.45
N SER J 73 -53.91 -5.90 14.02
CA SER J 73 -54.12 -7.32 13.85
C SER J 73 -53.57 -7.82 12.52
N TYR J 74 -53.78 -7.06 11.45
CA TYR J 74 -53.25 -7.44 10.15
C TYR J 74 -51.73 -7.48 10.15
N GLY J 75 -51.08 -6.52 10.80
CA GLY J 75 -49.63 -6.53 10.86
C GLY J 75 -49.06 -7.79 11.48
N ARG J 76 -49.67 -8.27 12.56
CA ARG J 76 -49.20 -9.51 13.19
C ARG J 76 -49.48 -10.73 12.31
N GLN J 77 -50.61 -10.71 11.62
CA GLN J 77 -51.00 -11.84 10.78
C GLN J 77 -50.00 -12.09 9.67
N VAL J 78 -49.64 -11.03 8.94
CA VAL J 78 -48.70 -11.16 7.83
C VAL J 78 -47.29 -11.49 8.31
N ILE J 79 -46.88 -10.98 9.47
CA ILE J 79 -45.54 -11.31 9.95
C ILE J 79 -45.40 -12.80 10.25
N PHE J 80 -46.47 -13.42 10.75
CA PHE J 80 -46.41 -14.86 11.04
C PHE J 80 -46.28 -15.68 9.77
N LEU J 81 -47.06 -15.35 8.74
CA LEU J 81 -46.95 -16.07 7.48
C LEU J 81 -45.55 -15.97 6.90
N ALA J 82 -44.89 -14.83 7.08
CA ALA J 82 -43.59 -14.65 6.47
C ALA J 82 -42.51 -15.47 7.16
N LEU J 83 -42.67 -15.74 8.46
CA LEU J 83 -41.64 -16.39 9.24
C LEU J 83 -42.04 -17.76 9.75
N ALA J 84 -43.32 -18.13 9.71
CA ALA J 84 -43.76 -19.41 10.21
C ALA J 84 -43.05 -20.56 9.51
N ASP K 25 18.27 5.43 -39.72
CA ASP K 25 17.19 5.48 -38.71
C ASP K 25 17.68 4.92 -37.38
N ILE K 26 17.00 5.30 -36.30
CA ILE K 26 17.38 4.80 -34.98
C ILE K 26 16.89 3.36 -34.77
N VAL K 27 15.58 3.12 -34.92
CA VAL K 27 14.99 1.80 -34.75
C VAL K 27 13.87 1.60 -35.75
N SER K 28 13.47 0.34 -35.92
CA SER K 28 12.42 -0.04 -36.88
C SER K 28 11.04 0.34 -36.35
N LEU K 29 10.74 1.63 -36.41
CA LEU K 29 9.44 2.10 -35.97
C LEU K 29 8.36 1.56 -36.91
N ASP K 30 7.39 0.84 -36.38
CA ASP K 30 6.33 0.30 -37.22
C ASP K 30 5.05 0.13 -36.40
N ASP K 31 4.11 -0.66 -36.92
CA ASP K 31 2.81 -0.88 -36.27
C ASP K 31 2.91 -1.46 -34.86
N ARG K 32 4.08 -1.92 -34.45
CA ARG K 32 4.27 -2.36 -33.07
C ARG K 32 4.16 -1.22 -32.05
N LEU K 33 4.12 0.03 -32.52
CA LEU K 33 3.85 1.22 -31.71
C LEU K 33 2.37 1.45 -31.38
N LEU K 34 1.47 0.62 -31.87
CA LEU K 34 0.04 0.94 -31.81
C LEU K 34 -0.77 -0.19 -31.18
N GLN K 35 -0.18 -0.91 -30.21
CA GLN K 35 -0.97 -1.87 -29.45
C GLN K 35 -0.44 -1.98 -28.04
N ALA K 36 -1.34 -2.34 -27.13
CA ALA K 36 -1.01 -2.48 -25.71
C ALA K 36 -0.44 -3.85 -25.38
N PHE K 37 -1.18 -4.91 -25.72
CA PHE K 37 -0.74 -6.27 -25.47
C PHE K 37 -0.73 -7.04 -26.77
N SER K 38 0.29 -7.88 -26.94
CA SER K 38 0.49 -8.62 -28.18
C SER K 38 -0.23 -9.96 -28.09
N GLY K 39 -1.57 -9.87 -28.16
CA GLY K 39 -2.40 -11.05 -27.91
C GLY K 39 -2.10 -12.22 -28.82
N SER K 40 -1.70 -11.95 -30.05
CA SER K 40 -1.35 -13.03 -30.96
C SER K 40 -0.09 -13.76 -30.50
N ALA K 41 0.83 -13.06 -29.86
CA ALA K 41 2.02 -13.71 -29.32
C ALA K 41 1.69 -14.49 -28.05
N ILE K 42 0.92 -13.89 -27.14
CA ILE K 42 0.57 -14.56 -25.89
C ILE K 42 -0.21 -15.85 -26.17
N ALA K 43 -1.10 -15.83 -27.15
CA ALA K 43 -1.79 -17.06 -27.53
C ALA K 43 -0.80 -18.11 -28.00
N THR K 44 0.25 -17.67 -28.70
CA THR K 44 1.30 -18.58 -29.15
C THR K 44 1.97 -19.26 -27.97
N ALA K 45 2.14 -18.53 -26.87
CA ALA K 45 2.77 -19.08 -25.67
C ALA K 45 1.89 -20.11 -24.96
N VAL K 46 0.62 -19.80 -24.75
CA VAL K 46 -0.23 -20.69 -23.95
C VAL K 46 -0.59 -21.99 -24.65
N ASP K 47 -0.28 -22.13 -25.93
CA ASP K 47 -0.34 -23.44 -26.57
C ASP K 47 0.94 -24.23 -26.40
N LYS K 48 2.02 -23.59 -25.93
CA LYS K 48 3.25 -24.31 -25.63
C LYS K 48 3.10 -25.23 -24.42
N GLN K 49 2.17 -24.93 -23.51
CA GLN K 49 1.98 -25.73 -22.32
C GLN K 49 1.07 -26.92 -22.57
N THR K 50 1.45 -28.07 -22.01
CA THR K 50 0.62 -29.26 -22.01
C THR K 50 -0.50 -29.12 -20.97
N LEU K 60 9.55 -30.14 -10.71
CA LEU K 60 10.15 -29.87 -12.00
C LEU K 60 10.38 -28.40 -12.26
N VAL K 61 11.61 -28.09 -12.67
CA VAL K 61 12.00 -26.73 -13.05
C VAL K 61 13.16 -26.92 -14.01
N THR K 62 13.38 -25.94 -14.88
CA THR K 62 14.53 -25.92 -15.78
C THR K 62 15.32 -24.64 -15.57
N ASP K 63 16.59 -24.77 -15.20
CA ASP K 63 17.31 -23.69 -14.57
C ASP K 63 18.65 -23.46 -15.26
N PRO K 64 19.07 -22.21 -15.48
CA PRO K 64 18.47 -20.90 -15.26
C PRO K 64 17.94 -20.27 -16.55
N LYS K 65 18.29 -20.87 -17.70
CA LYS K 65 17.89 -20.31 -18.98
C LYS K 65 16.37 -20.27 -19.15
N GLU K 66 15.72 -21.44 -19.11
CA GLU K 66 14.27 -21.49 -19.24
C GLU K 66 13.58 -20.91 -18.03
N LEU K 67 14.26 -20.90 -16.89
CA LEU K 67 13.73 -20.24 -15.70
C LEU K 67 13.64 -18.74 -15.90
N ALA K 68 14.48 -18.18 -16.78
CA ALA K 68 14.41 -16.77 -17.10
C ALA K 68 13.27 -16.47 -18.07
N ILE K 69 13.15 -17.26 -19.13
CA ILE K 69 12.08 -17.04 -20.10
C ILE K 69 10.72 -17.16 -19.44
N SER K 70 10.57 -18.07 -18.48
CA SER K 70 9.29 -18.18 -17.81
C SER K 70 8.89 -16.88 -17.12
N GLN K 71 9.87 -16.04 -16.76
CA GLN K 71 9.53 -14.78 -16.11
C GLN K 71 8.66 -13.90 -16.98
N GLU K 72 8.83 -13.98 -18.29
CA GLU K 72 8.01 -13.19 -19.20
C GLU K 72 6.58 -13.74 -19.27
N MET K 73 6.46 -15.00 -19.67
CA MET K 73 5.15 -15.64 -19.79
C MET K 73 4.39 -15.69 -18.49
N ILE K 74 5.08 -15.66 -17.35
CA ILE K 74 4.37 -15.62 -16.07
C ILE K 74 3.78 -14.24 -15.82
N SER K 75 4.50 -13.19 -16.21
CA SER K 75 4.05 -11.83 -15.93
C SER K 75 3.08 -11.34 -17.00
N ASP K 76 3.39 -11.60 -18.26
CA ASP K 76 2.54 -11.10 -19.34
C ASP K 76 1.11 -11.60 -19.23
N TYR K 77 0.90 -12.78 -18.67
CA TYR K 77 -0.46 -13.26 -18.51
C TYR K 77 -1.12 -12.72 -17.24
N ASN K 78 -0.34 -12.43 -16.21
CA ASN K 78 -0.90 -11.82 -15.01
C ASN K 78 -1.37 -10.40 -15.26
N LEU K 79 -0.75 -9.70 -16.22
CA LEU K 79 -1.14 -8.33 -16.51
C LEU K 79 -2.31 -8.27 -17.46
N TYR K 80 -2.33 -9.14 -18.46
CA TYR K 80 -3.43 -9.16 -19.41
C TYR K 80 -4.76 -9.39 -18.72
N VAL K 81 -4.82 -10.35 -17.80
CA VAL K 81 -6.04 -10.60 -17.05
C VAL K 81 -6.43 -9.36 -16.24
N SER K 82 -5.44 -8.68 -15.67
CA SER K 82 -5.74 -7.54 -14.81
C SER K 82 -6.37 -6.40 -15.57
N MET K 83 -6.11 -6.29 -16.86
CA MET K 83 -6.81 -5.32 -17.70
C MET K 83 -8.23 -5.75 -18.02
N VAL K 84 -8.41 -6.99 -18.47
CA VAL K 84 -9.72 -7.48 -18.86
C VAL K 84 -10.72 -7.38 -17.72
N SER K 85 -10.30 -7.66 -16.49
CA SER K 85 -11.20 -7.46 -15.36
C SER K 85 -11.69 -6.02 -15.27
N THR K 86 -10.89 -5.05 -15.67
CA THR K 86 -11.29 -3.65 -15.57
C THR K 86 -12.10 -3.14 -16.76
N LEU K 87 -11.74 -3.49 -18.00
CA LEU K 87 -12.49 -2.95 -19.14
C LEU K 87 -13.95 -3.35 -19.09
N THR K 88 -14.26 -4.53 -18.58
CA THR K 88 -15.66 -4.91 -18.44
C THR K 88 -16.39 -4.07 -17.40
N ARG K 89 -15.74 -3.79 -16.27
CA ARG K 89 -16.39 -2.97 -15.25
C ARG K 89 -16.66 -1.56 -15.76
N LYS K 90 -15.69 -0.98 -16.48
CA LYS K 90 -15.89 0.28 -17.17
C LYS K 90 -17.04 0.21 -18.17
N GLY K 91 -17.02 -0.82 -19.02
CA GLY K 91 -18.00 -0.92 -20.09
C GLY K 91 -19.42 -1.18 -19.62
N VAL K 92 -19.59 -2.02 -18.62
CA VAL K 92 -20.91 -2.17 -18.00
C VAL K 92 -21.33 -0.86 -17.33
N GLY K 93 -20.46 -0.27 -16.54
CA GLY K 93 -20.81 0.96 -15.86
C GLY K 93 -21.17 2.11 -16.78
N ALA K 94 -20.56 2.17 -17.96
CA ALA K 94 -20.93 3.19 -18.93
C ALA K 94 -22.32 2.97 -19.52
N VAL K 95 -22.73 1.72 -19.70
CA VAL K 95 -24.12 1.45 -20.08
C VAL K 95 -25.08 1.90 -18.99
N GLU K 96 -24.75 1.59 -17.74
CA GLU K 96 -25.63 1.96 -16.62
C GLU K 96 -25.72 3.47 -16.42
N THR K 97 -24.64 4.20 -16.69
CA THR K 97 -24.69 5.65 -16.63
C THR K 97 -25.67 6.25 -17.63
N LEU K 98 -25.71 5.73 -18.85
CA LEU K 98 -26.62 6.25 -19.86
C LEU K 98 -28.07 5.87 -19.62
N LEU K 99 -28.33 4.81 -18.87
CA LEU K 99 -29.70 4.44 -18.56
C LEU K 99 -30.25 5.18 -17.35
N ARG K 100 -29.40 5.48 -16.36
CA ARG K 100 -29.88 6.12 -15.14
C ARG K 100 -30.61 7.41 -15.45
N SER K 101 -30.05 8.23 -16.33
CA SER K 101 -30.71 9.43 -16.79
C SER K 101 -31.81 9.10 -17.78
N LEU L 29 -6.08 22.54 -31.46
CA LEU L 29 -6.24 21.62 -30.30
C LEU L 29 -5.96 20.18 -30.68
N ASP L 30 -6.87 19.55 -31.43
CA ASP L 30 -6.69 18.16 -31.79
C ASP L 30 -5.41 17.98 -32.61
N ASP L 31 -5.17 18.87 -33.57
CA ASP L 31 -3.95 18.77 -34.35
C ASP L 31 -2.73 18.93 -33.47
N ARG L 32 -2.89 19.49 -32.28
CA ARG L 32 -1.83 19.62 -31.31
C ARG L 32 -1.76 18.39 -30.40
N LEU L 33 -2.93 17.84 -30.04
CA LEU L 33 -2.95 16.62 -29.24
C LEU L 33 -2.37 15.43 -30.01
N LEU L 34 -2.64 15.37 -31.33
CA LEU L 34 -2.05 14.31 -32.13
C LEU L 34 -0.53 14.40 -32.13
N GLN L 35 0.01 15.62 -32.14
CA GLN L 35 1.45 15.78 -32.11
C GLN L 35 2.03 15.32 -30.77
N ALA L 36 1.36 15.62 -29.67
CA ALA L 36 1.85 15.20 -28.36
C ALA L 36 1.85 13.68 -28.24
N PHE L 37 0.76 13.03 -28.62
CA PHE L 37 0.70 11.58 -28.55
C PHE L 37 1.83 10.92 -29.32
N SER L 38 1.97 11.26 -30.59
CA SER L 38 2.96 10.61 -31.43
C SER L 38 4.38 10.87 -30.96
N GLY L 39 4.67 12.08 -30.50
CA GLY L 39 6.03 12.36 -30.07
C GLY L 39 6.46 11.52 -28.87
N SER L 40 5.55 11.33 -27.92
CA SER L 40 5.80 10.50 -26.75
C SER L 40 5.74 8.99 -27.06
N ALA L 41 4.81 8.56 -27.90
CA ALA L 41 4.75 7.14 -28.29
C ALA L 41 6.03 6.66 -28.95
N ILE L 42 6.78 7.55 -29.58
CA ILE L 42 8.04 7.15 -30.21
C ILE L 42 9.22 7.26 -29.26
N ALA L 43 9.26 8.32 -28.45
CA ALA L 43 10.38 8.50 -27.53
C ALA L 43 10.48 7.35 -26.53
N THR L 44 9.35 6.86 -26.04
CA THR L 44 9.37 5.69 -25.16
C THR L 44 9.77 4.41 -25.88
N ALA L 45 9.37 4.24 -27.14
CA ALA L 45 9.76 3.05 -27.86
C ALA L 45 11.27 2.98 -28.03
N VAL L 46 11.90 4.11 -28.35
CA VAL L 46 13.34 4.16 -28.56
C VAL L 46 14.09 4.03 -27.23
N ASP L 47 13.61 4.73 -26.21
CA ASP L 47 14.23 4.69 -24.89
C ASP L 47 14.17 3.29 -24.27
N LYS L 48 13.03 2.62 -24.39
CA LYS L 48 12.90 1.27 -23.84
C LYS L 48 13.88 0.31 -24.50
N GLN L 49 14.05 0.43 -25.81
CA GLN L 49 15.00 -0.42 -26.54
C GLN L 49 16.44 -0.14 -26.15
N THR L 50 16.78 1.13 -25.92
CA THR L 50 18.15 1.46 -25.52
C THR L 50 18.55 0.74 -24.24
N ILE L 51 17.64 0.64 -23.27
CA ILE L 51 17.95 -0.09 -22.04
C ILE L 51 18.22 -1.55 -22.33
N THR L 52 17.40 -2.17 -23.19
CA THR L 52 17.59 -3.59 -23.50
C THR L 52 18.93 -3.86 -24.15
N ASN L 53 19.32 -3.06 -25.15
CA ASN L 53 20.61 -3.28 -25.81
C ASN L 53 21.81 -3.03 -24.91
N ARG L 54 21.68 -2.24 -23.85
CA ARG L 54 22.78 -2.09 -22.91
C ARG L 54 22.94 -3.25 -21.96
N ILE L 55 21.91 -4.07 -21.79
CA ILE L 55 21.96 -5.15 -20.83
C ILE L 55 22.35 -6.50 -21.44
N GLU L 56 22.12 -6.68 -22.74
CA GLU L 56 22.58 -7.88 -23.44
C GLU L 56 23.99 -7.80 -23.97
N ASP L 57 24.56 -6.61 -24.11
CA ASP L 57 25.92 -6.47 -24.64
C ASP L 57 26.92 -6.57 -23.48
N PRO L 58 27.79 -7.57 -23.46
CA PRO L 58 28.68 -7.76 -22.31
C PRO L 58 29.58 -6.59 -21.94
N ASN L 59 30.20 -5.92 -22.89
CA ASN L 59 31.09 -4.83 -22.53
C ASN L 59 30.38 -3.70 -21.81
N LEU L 60 29.04 -3.64 -21.88
CA LEU L 60 28.24 -2.63 -21.19
C LEU L 60 27.60 -3.11 -19.90
N VAL L 61 27.58 -4.42 -19.64
CA VAL L 61 27.01 -4.93 -18.39
C VAL L 61 28.03 -4.91 -17.25
N THR L 62 29.29 -5.15 -17.53
CA THR L 62 30.28 -5.46 -16.51
C THR L 62 31.29 -4.34 -16.29
N ASP L 63 31.03 -3.14 -16.79
CA ASP L 63 31.93 -2.00 -16.58
C ASP L 63 31.28 -0.98 -15.66
N PRO L 64 31.89 -0.64 -14.51
CA PRO L 64 31.24 0.30 -13.58
C PRO L 64 30.75 1.60 -14.20
N LYS L 65 31.49 2.22 -15.10
CA LYS L 65 30.95 3.44 -15.72
C LYS L 65 29.68 3.15 -16.49
N GLU L 66 29.66 2.06 -17.23
CA GLU L 66 28.46 1.75 -18.01
C GLU L 66 27.35 1.24 -17.12
N LEU L 67 27.68 0.65 -15.97
CA LEU L 67 26.66 0.33 -14.99
C LEU L 67 26.10 1.59 -14.35
N ALA L 68 26.97 2.54 -13.99
CA ALA L 68 26.50 3.80 -13.44
C ALA L 68 25.53 4.51 -14.37
N ILE L 69 25.80 4.51 -15.67
CA ILE L 69 24.93 5.20 -16.60
C ILE L 69 23.61 4.47 -16.81
N SER L 70 23.63 3.15 -16.78
CA SER L 70 22.39 2.39 -16.94
C SER L 70 21.46 2.59 -15.74
N GLN L 71 22.02 2.80 -14.56
CA GLN L 71 21.21 3.11 -13.39
C GLN L 71 20.42 4.39 -13.57
N GLU L 72 20.99 5.38 -14.27
CA GLU L 72 20.27 6.62 -14.56
C GLU L 72 19.15 6.40 -15.57
N MET L 73 19.45 5.77 -16.70
CA MET L 73 18.44 5.61 -17.74
C MET L 73 17.24 4.85 -17.22
N ILE L 74 17.45 3.83 -16.39
CA ILE L 74 16.33 3.05 -15.88
C ILE L 74 15.41 3.92 -15.04
N SER L 75 15.99 4.70 -14.13
CA SER L 75 15.16 5.52 -13.26
C SER L 75 14.48 6.64 -14.01
N ASP L 76 15.18 7.27 -14.95
CA ASP L 76 14.56 8.36 -15.70
C ASP L 76 13.37 7.88 -16.52
N TYR L 77 13.47 6.68 -17.10
CA TYR L 77 12.35 6.12 -17.84
C TYR L 77 11.16 5.87 -16.94
N ASN L 78 11.42 5.28 -15.77
CA ASN L 78 10.36 5.00 -14.81
C ASN L 78 9.61 6.26 -14.40
N LEU L 79 10.33 7.33 -14.08
CA LEU L 79 9.68 8.57 -13.66
C LEU L 79 8.86 9.19 -14.79
N TYR L 80 9.41 9.24 -15.99
CA TYR L 80 8.72 9.86 -17.12
C TYR L 80 7.34 9.24 -17.37
N VAL L 81 7.26 7.92 -17.43
CA VAL L 81 5.98 7.27 -17.65
C VAL L 81 5.03 7.43 -16.47
N SER L 82 5.55 7.37 -15.24
CA SER L 82 4.69 7.61 -14.08
C SER L 82 4.06 8.99 -14.11
N MET L 83 4.79 9.98 -14.58
CA MET L 83 4.25 11.34 -14.60
C MET L 83 3.14 11.49 -15.63
N VAL L 84 3.35 10.96 -16.83
CA VAL L 84 2.33 11.02 -17.88
C VAL L 84 1.03 10.35 -17.44
N SER L 85 1.14 9.19 -16.80
CA SER L 85 -0.04 8.50 -16.28
C SER L 85 -0.81 9.35 -15.29
N THR L 86 -0.13 9.94 -14.31
CA THR L 86 -0.78 10.81 -13.34
C THR L 86 -1.51 11.97 -14.01
N LEU L 87 -0.80 12.74 -14.83
CA LEU L 87 -1.38 13.94 -15.42
C LEU L 87 -2.52 13.62 -16.37
N THR L 88 -2.48 12.48 -17.03
CA THR L 88 -3.61 12.06 -17.87
C THR L 88 -4.82 11.66 -17.04
N ARG L 89 -4.62 10.94 -15.95
CA ARG L 89 -5.73 10.59 -15.09
C ARG L 89 -6.44 11.83 -14.57
N LYS L 90 -5.68 12.88 -14.25
CA LYS L 90 -6.28 14.11 -13.79
C LYS L 90 -7.07 14.82 -14.88
N GLY L 91 -6.62 14.72 -16.12
CA GLY L 91 -7.37 15.30 -17.23
C GLY L 91 -8.74 14.68 -17.42
N VAL L 92 -8.80 13.35 -17.50
CA VAL L 92 -10.07 12.62 -17.54
C VAL L 92 -10.67 12.48 -16.15
N GLY L 93 -10.11 13.18 -15.18
CA GLY L 93 -10.71 13.25 -13.87
C GLY L 93 -11.53 14.52 -13.70
N ALA L 94 -10.96 15.66 -14.08
CA ALA L 94 -11.70 16.91 -14.00
C ALA L 94 -12.92 16.90 -14.92
N VAL L 95 -12.89 16.12 -15.99
CA VAL L 95 -14.06 15.99 -16.85
C VAL L 95 -15.20 15.23 -16.18
N GLU L 96 -14.91 14.36 -15.24
CA GLU L 96 -15.97 13.56 -14.64
C GLU L 96 -16.89 14.41 -13.77
N THR L 97 -16.31 15.22 -12.88
CA THR L 97 -17.13 15.97 -11.93
C THR L 97 -17.83 17.15 -12.58
N LEU L 98 -17.26 17.71 -13.65
CA LEU L 98 -17.90 18.80 -14.36
C LEU L 98 -19.02 18.35 -15.29
N LEU L 99 -18.85 17.25 -16.01
CA LEU L 99 -19.93 16.78 -16.86
C LEU L 99 -21.03 16.09 -16.08
N ARG L 100 -20.68 15.11 -15.26
CA ARG L 100 -21.70 14.33 -14.58
C ARG L 100 -22.29 15.05 -13.37
N SER L 101 -21.59 16.03 -12.82
CA SER L 101 -21.98 16.67 -11.57
C SER L 101 -22.49 15.65 -10.57
N LEU M 29 -2.37 34.79 1.49
CA LEU M 29 -2.45 35.87 0.46
C LEU M 29 -1.54 35.57 -0.71
N ASP M 30 -1.92 36.03 -1.91
CA ASP M 30 -1.06 35.77 -3.06
C ASP M 30 0.28 36.46 -2.88
N ASP M 31 0.26 37.65 -2.31
CA ASP M 31 1.51 38.37 -2.06
C ASP M 31 2.43 37.56 -1.16
N ARG M 32 1.87 36.88 -0.16
CA ARG M 32 2.66 36.03 0.73
C ARG M 32 2.92 34.64 0.14
N LEU M 33 1.99 34.10 -0.64
CA LEU M 33 2.21 32.76 -1.21
C LEU M 33 3.46 32.74 -2.07
N LEU M 34 3.61 33.74 -2.92
CA LEU M 34 4.80 33.80 -3.76
C LEU M 34 6.06 33.85 -2.91
N GLN M 35 5.98 34.49 -1.76
CA GLN M 35 7.14 34.58 -0.88
C GLN M 35 7.42 33.23 -0.22
N ALA M 36 6.39 32.58 0.32
CA ALA M 36 6.59 31.29 0.96
C ALA M 36 7.09 30.26 -0.04
N PHE M 37 6.50 30.21 -1.23
CA PHE M 37 6.98 29.27 -2.25
C PHE M 37 8.41 29.58 -2.68
N SER M 38 8.68 30.81 -3.08
CA SER M 38 10.01 31.17 -3.57
C SER M 38 11.11 30.74 -2.61
N GLY M 39 10.98 31.10 -1.32
CA GLY M 39 12.01 30.73 -0.36
C GLY M 39 12.21 29.23 -0.28
N SER M 40 11.12 28.48 -0.34
CA SER M 40 11.20 27.02 -0.27
C SER M 40 12.02 26.44 -1.41
N ALA M 41 11.68 26.81 -2.64
CA ALA M 41 12.35 26.27 -3.82
C ALA M 41 13.85 26.57 -3.84
N ILE M 42 14.23 27.81 -3.64
CA ILE M 42 15.65 28.16 -3.65
C ILE M 42 16.41 27.44 -2.56
N ALA M 43 15.92 27.49 -1.33
CA ALA M 43 16.63 26.83 -0.23
C ALA M 43 16.84 25.35 -0.49
N THR M 44 15.92 24.68 -1.18
CA THR M 44 16.10 23.27 -1.47
C THR M 44 17.14 23.02 -2.56
N ALA M 45 17.06 23.76 -3.65
CA ALA M 45 18.03 23.59 -4.74
C ALA M 45 19.47 23.76 -4.26
N VAL M 46 19.71 24.75 -3.41
CA VAL M 46 21.07 24.95 -2.91
C VAL M 46 21.56 23.71 -2.17
N ASP M 47 20.69 23.08 -1.39
CA ASP M 47 21.11 21.91 -0.63
C ASP M 47 21.44 20.72 -1.52
N LYS M 48 20.60 20.44 -2.51
CA LYS M 48 20.88 19.35 -3.44
C LYS M 48 22.26 19.48 -4.07
N GLN M 49 22.58 20.67 -4.59
CA GLN M 49 23.88 20.90 -5.19
C GLN M 49 25.01 20.66 -4.21
N THR M 50 24.89 21.17 -2.99
CA THR M 50 25.96 21.02 -2.01
C THR M 50 26.34 19.56 -1.82
N ILE M 51 25.36 18.66 -1.68
CA ILE M 51 25.69 17.25 -1.49
C ILE M 51 26.47 16.72 -2.70
N THR M 52 25.97 16.99 -3.91
CA THR M 52 26.67 16.52 -5.10
C THR M 52 28.12 16.92 -5.11
N ASN M 53 28.41 18.17 -4.76
CA ASN M 53 29.80 18.62 -4.74
C ASN M 53 30.62 17.90 -3.68
N ARG M 54 29.98 17.41 -2.62
CA ARG M 54 30.70 16.64 -1.60
C ARG M 54 31.02 15.22 -2.06
N ILE M 55 30.33 14.70 -3.07
CA ILE M 55 30.60 13.36 -3.55
C ILE M 55 31.73 13.35 -4.58
N GLU M 56 31.82 14.36 -5.44
CA GLU M 56 32.86 14.40 -6.46
C GLU M 56 34.22 14.80 -5.92
N ASP M 57 34.28 15.53 -4.81
CA ASP M 57 35.55 15.96 -4.26
C ASP M 57 36.22 14.78 -3.57
N PRO M 58 37.37 14.30 -4.08
CA PRO M 58 38.01 13.12 -3.48
C PRO M 58 38.44 13.30 -2.03
N ASN M 59 38.68 14.52 -1.57
CA ASN M 59 39.10 14.71 -0.20
C ASN M 59 37.98 14.48 0.80
N LEU M 60 36.72 14.52 0.36
CA LEU M 60 35.59 14.33 1.26
C LEU M 60 35.06 12.90 1.32
N VAL M 61 34.76 12.27 0.17
CA VAL M 61 34.26 10.90 0.20
C VAL M 61 35.28 9.91 0.75
N THR M 62 36.56 10.24 0.71
CA THR M 62 37.59 9.38 1.29
C THR M 62 37.86 9.60 2.76
N ASP M 63 37.35 10.67 3.37
CA ASP M 63 37.67 10.96 4.77
C ASP M 63 36.52 10.54 5.68
N PRO M 64 36.76 9.70 6.70
CA PRO M 64 35.64 9.25 7.53
C PRO M 64 34.93 10.37 8.25
N LYS M 65 35.67 11.37 8.72
CA LYS M 65 35.02 12.47 9.44
C LYS M 65 34.17 13.31 8.49
N GLU M 66 34.60 13.47 7.24
CA GLU M 66 33.81 14.21 6.27
C GLU M 66 32.58 13.42 5.83
N LEU M 67 32.65 12.10 5.87
CA LEU M 67 31.47 11.29 5.56
C LEU M 67 30.40 11.45 6.62
N ALA M 68 30.79 11.47 7.89
CA ALA M 68 29.78 11.63 8.94
C ALA M 68 28.99 12.91 8.75
N ILE M 69 29.64 13.99 8.36
CA ILE M 69 28.91 15.22 8.08
C ILE M 69 27.98 15.03 6.90
N SER M 70 28.43 14.31 5.88
CA SER M 70 27.62 14.10 4.69
C SER M 70 26.39 13.24 4.97
N GLN M 71 26.53 12.21 5.81
CA GLN M 71 25.39 11.37 6.14
C GLN M 71 24.23 12.18 6.72
N GLU M 72 24.53 13.16 7.56
CA GLU M 72 23.51 14.02 8.13
C GLU M 72 22.83 14.86 7.07
N MET M 73 23.60 15.43 6.15
CA MET M 73 23.02 16.24 5.09
C MET M 73 22.06 15.44 4.23
N ILE M 74 22.42 14.20 3.90
CA ILE M 74 21.55 13.36 3.08
C ILE M 74 20.21 13.12 3.77
N SER M 75 20.25 12.75 5.06
CA SER M 75 19.02 12.50 5.80
C SER M 75 18.16 13.75 5.93
N ASP M 76 18.77 14.87 6.32
CA ASP M 76 18.01 16.09 6.54
C ASP M 76 17.24 16.51 5.29
N TYR M 77 17.83 16.36 4.12
CA TYR M 77 17.14 16.67 2.87
C TYR M 77 15.89 15.83 2.71
N ASN M 78 16.02 14.52 2.91
CA ASN M 78 14.89 13.61 2.75
C ASN M 78 13.70 14.01 3.62
N LEU M 79 13.94 14.25 4.91
CA LEU M 79 12.83 14.49 5.83
C LEU M 79 12.13 15.82 5.59
N TYR M 80 12.87 16.86 5.20
CA TYR M 80 12.25 18.14 4.89
C TYR M 80 11.31 18.06 3.70
N VAL M 81 11.78 17.55 2.57
CA VAL M 81 10.94 17.51 1.37
C VAL M 81 9.72 16.62 1.58
N SER M 82 9.89 15.51 2.32
CA SER M 82 8.75 14.67 2.63
C SER M 82 7.68 15.38 3.45
N MET M 83 8.09 16.17 4.44
CA MET M 83 7.11 16.92 5.23
C MET M 83 6.35 17.95 4.40
N VAL M 84 7.03 18.66 3.50
CA VAL M 84 6.33 19.61 2.64
C VAL M 84 5.29 18.91 1.79
N SER M 85 5.65 17.78 1.19
CA SER M 85 4.73 17.04 0.33
C SER M 85 3.48 16.62 1.10
N THR M 86 3.66 16.02 2.28
CA THR M 86 2.51 15.53 3.04
C THR M 86 1.59 16.68 3.42
N LEU M 87 2.13 17.69 4.08
CA LEU M 87 1.30 18.75 4.62
C LEU M 87 0.59 19.53 3.53
N THR M 88 1.28 19.76 2.41
CA THR M 88 0.64 20.36 1.24
C THR M 88 -0.53 19.53 0.74
N ARG M 89 -0.35 18.22 0.61
CA ARG M 89 -1.40 17.40 0.01
C ARG M 89 -2.61 17.26 0.94
N LYS M 90 -2.39 17.26 2.26
CA LYS M 90 -3.50 17.25 3.20
C LYS M 90 -4.21 18.60 3.23
N GLY M 91 -3.50 19.69 2.95
CA GLY M 91 -4.16 20.96 2.72
C GLY M 91 -5.04 21.00 1.47
N VAL M 92 -4.63 20.30 0.42
CA VAL M 92 -5.47 20.19 -0.77
C VAL M 92 -6.66 19.27 -0.50
N GLY M 93 -6.44 18.19 0.24
CA GLY M 93 -7.52 17.28 0.55
C GLY M 93 -8.58 17.86 1.47
N ALA M 94 -8.21 18.79 2.35
CA ALA M 94 -9.22 19.51 3.12
C ALA M 94 -10.10 20.39 2.24
N VAL M 95 -9.59 20.85 1.09
CA VAL M 95 -10.39 21.71 0.22
C VAL M 95 -11.31 20.88 -0.67
N GLU M 96 -10.76 19.84 -1.28
CA GLU M 96 -11.55 18.87 -2.01
C GLU M 96 -12.75 18.37 -1.19
N THR M 97 -12.50 18.00 0.06
CA THR M 97 -13.56 17.41 0.88
C THR M 97 -14.76 18.32 1.02
N LEU M 98 -14.53 19.58 1.37
CA LEU M 98 -15.63 20.49 1.67
C LEU M 98 -16.43 20.88 0.45
N LEU M 99 -15.94 20.61 -0.75
CA LEU M 99 -16.64 21.01 -1.97
C LEU M 99 -17.53 19.91 -2.52
N ARG M 100 -17.43 18.69 -1.99
CA ARG M 100 -18.21 17.56 -2.49
C ARG M 100 -19.01 16.93 -1.36
N SER N 28 -11.36 18.58 32.75
CA SER N 28 -10.81 17.19 32.72
C SER N 28 -10.54 16.75 31.29
N LEU N 29 -11.60 16.31 30.60
CA LEU N 29 -11.45 15.79 29.25
C LEU N 29 -10.69 16.77 28.36
N ASP N 30 -11.01 18.07 28.45
CA ASP N 30 -10.28 19.05 27.65
C ASP N 30 -8.82 19.15 28.06
N ASP N 31 -8.49 18.80 29.31
CA ASP N 31 -7.11 18.90 29.79
C ASP N 31 -6.35 17.59 29.71
N ARG N 32 -7.04 16.46 29.53
CA ARG N 32 -6.34 15.20 29.36
C ARG N 32 -5.39 15.24 28.16
N LEU N 33 -5.78 15.94 27.10
CA LEU N 33 -4.87 16.06 25.96
C LEU N 33 -3.64 16.89 26.30
N LEU N 34 -3.79 17.93 27.13
CA LEU N 34 -2.61 18.69 27.51
C LEU N 34 -1.71 17.87 28.41
N GLN N 35 -2.28 17.19 29.40
CA GLN N 35 -1.48 16.35 30.28
C GLN N 35 -0.79 15.23 29.51
N ALA N 36 -1.53 14.54 28.64
CA ALA N 36 -0.93 13.44 27.89
C ALA N 36 0.11 13.93 26.90
N PHE N 37 -0.22 14.96 26.13
CA PHE N 37 0.73 15.50 25.17
C PHE N 37 1.97 16.04 25.88
N SER N 38 1.76 16.98 26.81
CA SER N 38 2.87 17.61 27.52
C SER N 38 3.67 16.63 28.36
N GLY N 39 3.00 15.74 29.08
CA GLY N 39 3.70 14.80 29.92
C GLY N 39 4.58 13.84 29.14
N SER N 40 4.11 13.37 27.99
CA SER N 40 4.87 12.44 27.17
C SER N 40 6.01 13.12 26.41
N ALA N 41 5.80 14.36 25.95
CA ALA N 41 6.84 15.05 25.21
C ALA N 41 8.10 15.23 26.02
N ILE N 42 7.96 15.61 27.29
CA ILE N 42 9.14 15.78 28.12
C ILE N 42 9.83 14.45 28.39
N ALA N 43 9.08 13.37 28.52
CA ALA N 43 9.70 12.07 28.80
C ALA N 43 10.50 11.51 27.62
N THR N 44 10.08 11.77 26.38
CA THR N 44 10.84 11.28 25.23
C THR N 44 12.01 12.19 24.89
N ALA N 45 11.81 13.51 24.97
CA ALA N 45 12.88 14.44 24.66
C ALA N 45 14.11 14.18 25.50
N VAL N 46 13.94 13.98 26.80
CA VAL N 46 15.08 13.71 27.66
C VAL N 46 15.68 12.32 27.44
N ASP N 47 14.92 11.35 26.93
CA ASP N 47 15.50 10.02 26.74
C ASP N 47 16.49 9.96 25.59
N LYS N 48 16.18 10.55 24.43
CA LYS N 48 17.17 10.56 23.36
C LYS N 48 18.37 11.39 23.76
N GLN N 49 18.14 12.49 24.48
CA GLN N 49 19.27 13.30 24.92
C GLN N 49 20.21 12.48 25.80
N THR N 50 19.65 11.61 26.63
CA THR N 50 20.50 10.77 27.47
C THR N 50 21.10 9.61 26.68
N ILE N 51 20.69 9.43 25.43
CA ILE N 51 21.31 8.44 24.54
C ILE N 51 22.46 9.05 23.76
N THR N 52 22.25 10.19 23.12
CA THR N 52 23.31 10.81 22.35
C THR N 52 24.59 10.94 23.17
N ASN N 53 24.49 11.53 24.35
CA ASN N 53 25.66 11.70 25.21
C ASN N 53 26.15 10.38 25.79
N ARG N 54 25.40 9.29 25.67
CA ARG N 54 25.90 8.00 26.11
C ARG N 54 26.84 7.39 25.08
N ILE N 55 26.74 7.82 23.83
CA ILE N 55 27.58 7.37 22.75
C ILE N 55 28.73 8.35 22.50
N GLU N 56 28.99 9.24 23.46
CA GLU N 56 30.04 10.24 23.36
C GLU N 56 30.78 10.39 24.68
N ASP N 57 31.08 9.27 25.32
CA ASP N 57 31.86 9.25 26.54
C ASP N 57 32.84 8.10 26.41
N PRO N 58 34.15 8.36 26.40
CA PRO N 58 35.13 7.27 26.23
C PRO N 58 34.88 6.06 27.11
N ASN N 59 34.31 6.25 28.28
CA ASN N 59 34.06 5.13 29.16
C ASN N 59 32.82 4.34 28.77
N LEU N 60 31.84 4.99 28.12
CA LEU N 60 30.58 4.34 27.76
C LEU N 60 30.55 3.70 26.39
N VAL N 61 31.31 4.19 25.41
CA VAL N 61 31.29 3.56 24.10
C VAL N 61 32.23 2.36 23.97
N THR N 62 33.23 2.23 24.85
CA THR N 62 34.21 1.16 24.74
C THR N 62 34.14 0.10 25.83
N ASP N 63 33.00 -0.05 26.52
CA ASP N 63 32.91 -1.07 27.57
C ASP N 63 31.68 -1.95 27.33
N PRO N 64 31.85 -3.26 27.18
CA PRO N 64 30.68 -4.15 27.04
C PRO N 64 29.57 -3.91 28.05
N LYS N 65 29.89 -3.57 29.29
CA LYS N 65 28.83 -3.30 30.27
C LYS N 65 28.03 -2.07 29.88
N GLU N 66 28.64 -1.17 29.12
CA GLU N 66 28.00 0.06 28.67
C GLU N 66 27.34 -0.12 27.32
N LEU N 67 27.92 -0.96 26.46
CA LEU N 67 27.28 -1.31 25.19
C LEU N 67 26.07 -2.21 25.41
N ALA N 68 26.17 -3.15 26.34
CA ALA N 68 25.04 -4.04 26.63
C ALA N 68 23.79 -3.27 27.05
N ILE N 69 23.94 -2.25 27.87
CA ILE N 69 22.78 -1.46 28.29
C ILE N 69 22.28 -0.60 27.14
N SER N 70 23.18 -0.07 26.33
CA SER N 70 22.80 0.77 25.21
C SER N 70 21.98 0.01 24.16
N GLN N 71 22.26 -1.27 23.96
CA GLN N 71 21.41 -2.10 23.11
C GLN N 71 19.99 -2.18 23.66
N GLU N 72 19.83 -2.25 24.97
CA GLU N 72 18.50 -2.24 25.56
C GLU N 72 17.85 -0.88 25.42
N MET N 73 18.56 0.17 25.83
CA MET N 73 18.02 1.52 25.81
C MET N 73 17.51 1.94 24.42
N ILE N 74 18.33 1.75 23.39
CA ILE N 74 17.99 2.24 22.06
C ILE N 74 16.76 1.53 21.49
N SER N 75 16.60 0.25 21.77
CA SER N 75 15.44 -0.47 21.26
C SER N 75 14.16 -0.07 21.98
N ASP N 76 14.22 0.11 23.30
CA ASP N 76 13.01 0.50 24.04
C ASP N 76 12.46 1.84 23.57
N TYR N 77 13.32 2.77 23.23
CA TYR N 77 12.82 4.03 22.69
C TYR N 77 12.09 3.80 21.38
N ASN N 78 12.64 2.95 20.52
CA ASN N 78 12.07 2.69 19.21
C ASN N 78 10.65 2.17 19.28
N LEU N 79 10.38 1.22 20.18
CA LEU N 79 9.04 0.69 20.35
C LEU N 79 8.04 1.73 20.88
N TYR N 80 8.46 2.54 21.84
CA TYR N 80 7.54 3.53 22.40
C TYR N 80 6.98 4.46 21.34
N VAL N 81 7.83 5.06 20.52
CA VAL N 81 7.31 5.98 19.51
C VAL N 81 6.44 5.25 18.48
N SER N 82 6.76 3.99 18.18
CA SER N 82 5.98 3.27 17.18
C SER N 82 4.55 2.98 17.65
N MET N 83 4.36 2.65 18.92
CA MET N 83 3.02 2.39 19.45
C MET N 83 2.20 3.67 19.56
N VAL N 84 2.77 4.73 20.10
CA VAL N 84 2.00 5.96 20.23
C VAL N 84 1.63 6.53 18.87
N SER N 85 2.53 6.40 17.90
CA SER N 85 2.22 6.89 16.55
C SER N 85 1.08 6.09 15.92
N THR N 86 1.13 4.77 16.02
CA THR N 86 0.08 3.92 15.44
C THR N 86 -1.30 4.24 16.00
N LEU N 87 -1.42 4.25 17.32
CA LEU N 87 -2.72 4.45 17.98
C LEU N 87 -3.31 5.83 17.72
N THR N 88 -2.47 6.85 17.57
CA THR N 88 -2.96 8.17 17.19
C THR N 88 -3.61 8.15 15.81
N ARG N 89 -3.03 7.41 14.87
CA ARG N 89 -3.60 7.30 13.53
C ARG N 89 -4.95 6.59 13.55
N LYS N 90 -5.08 5.49 14.30
CA LYS N 90 -6.38 4.85 14.46
C LYS N 90 -7.41 5.77 15.12
N GLY N 91 -6.98 6.64 16.03
CA GLY N 91 -7.89 7.61 16.60
C GLY N 91 -8.53 8.54 15.58
N VAL N 92 -7.71 9.17 14.73
CA VAL N 92 -8.25 9.99 13.65
C VAL N 92 -8.90 9.17 12.55
N GLY N 93 -8.54 7.90 12.39
CA GLY N 93 -9.21 7.09 11.40
C GLY N 93 -10.65 6.79 11.71
N ALA N 94 -10.96 6.47 12.97
CA ALA N 94 -12.35 6.31 13.38
C ALA N 94 -13.15 7.59 13.18
N VAL N 95 -12.53 8.75 13.41
CA VAL N 95 -13.22 10.01 13.22
C VAL N 95 -13.49 10.33 11.75
N GLU N 96 -12.58 9.95 10.85
CA GLU N 96 -12.93 9.98 9.42
C GLU N 96 -14.09 9.03 9.10
N THR N 97 -13.99 7.78 9.55
CA THR N 97 -15.02 6.80 9.22
C THR N 97 -16.40 7.24 9.69
N LEU N 98 -16.52 7.61 10.96
CA LEU N 98 -17.83 7.97 11.51
C LEU N 98 -18.38 9.27 10.94
N LEU N 99 -17.55 10.10 10.31
CA LEU N 99 -17.97 11.39 9.81
C LEU N 99 -18.08 11.46 8.31
N ARG N 100 -17.10 10.89 7.60
CA ARG N 100 -17.18 10.78 6.15
C ARG N 100 -18.25 9.78 5.74
N SER N 101 -18.49 8.76 6.56
CA SER N 101 -19.59 7.84 6.36
C SER N 101 -20.41 7.69 7.63
N LEU O 29 -20.30 -18.28 23.91
CA LEU O 29 -19.31 -17.81 22.90
C LEU O 29 -18.17 -17.03 23.54
N ASP O 30 -18.46 -15.76 23.89
CA ASP O 30 -17.41 -14.86 24.39
C ASP O 30 -16.65 -15.46 25.57
N ASP O 31 -17.35 -16.07 26.52
CA ASP O 31 -16.64 -16.66 27.64
C ASP O 31 -15.74 -17.78 27.18
N ARG O 32 -16.09 -18.44 26.09
CA ARG O 32 -15.20 -19.45 25.55
C ARG O 32 -14.01 -18.81 24.88
N LEU O 33 -14.21 -17.66 24.25
CA LEU O 33 -13.11 -16.93 23.63
C LEU O 33 -12.13 -16.42 24.67
N LEU O 34 -12.64 -15.91 25.80
CA LEU O 34 -11.75 -15.41 26.85
C LEU O 34 -10.79 -16.50 27.30
N GLN O 35 -11.24 -17.75 27.34
CA GLN O 35 -10.37 -18.84 27.74
C GLN O 35 -9.27 -19.06 26.72
N ALA O 36 -9.65 -19.14 25.44
CA ALA O 36 -8.64 -19.36 24.41
C ALA O 36 -7.61 -18.25 24.41
N PHE O 37 -8.05 -17.01 24.60
CA PHE O 37 -7.11 -15.89 24.70
C PHE O 37 -6.21 -16.02 25.91
N SER O 38 -6.80 -16.22 27.09
CA SER O 38 -6.04 -16.31 28.32
C SER O 38 -4.98 -17.41 28.26
N GLY O 39 -5.33 -18.57 27.72
CA GLY O 39 -4.36 -19.64 27.65
C GLY O 39 -3.14 -19.28 26.82
N SER O 40 -3.37 -18.79 25.61
CA SER O 40 -2.28 -18.42 24.73
C SER O 40 -1.41 -17.33 25.34
N ALA O 41 -2.01 -16.34 25.99
CA ALA O 41 -1.21 -15.28 26.58
C ALA O 41 -0.24 -15.83 27.62
N ILE O 42 -0.70 -16.70 28.51
CA ILE O 42 0.17 -17.26 29.54
C ILE O 42 1.22 -18.18 28.94
N ALA O 43 0.82 -19.09 28.05
CA ALA O 43 1.78 -20.01 27.47
C ALA O 43 2.94 -19.29 26.82
N THR O 44 2.67 -18.14 26.20
CA THR O 44 3.75 -17.34 25.63
C THR O 44 4.63 -16.72 26.70
N ALA O 45 4.01 -16.09 27.70
CA ALA O 45 4.78 -15.45 28.77
C ALA O 45 5.71 -16.42 29.47
N VAL O 46 5.32 -17.68 29.61
CA VAL O 46 6.22 -18.62 30.26
C VAL O 46 7.39 -18.98 29.34
N ASP O 47 7.12 -19.09 28.04
CA ASP O 47 8.19 -19.44 27.10
C ASP O 47 9.21 -18.31 26.98
N LYS O 48 8.75 -17.06 26.96
CA LYS O 48 9.68 -15.93 26.93
C LYS O 48 10.66 -15.97 28.08
N GLN O 49 10.17 -16.22 29.29
CA GLN O 49 11.05 -16.28 30.45
C GLN O 49 11.90 -17.55 30.46
N THR O 50 11.32 -18.68 30.09
CA THR O 50 12.09 -19.92 30.04
C THR O 50 13.35 -19.80 29.19
N ILE O 51 13.27 -19.07 28.08
CA ILE O 51 14.46 -18.89 27.24
C ILE O 51 15.46 -17.98 27.94
N THR O 52 15.01 -16.86 28.48
CA THR O 52 15.93 -15.93 29.11
C THR O 52 16.75 -16.62 30.19
N ASN O 53 16.12 -17.47 31.00
CA ASN O 53 16.82 -18.16 32.07
C ASN O 53 17.88 -19.13 31.56
N ARG O 54 17.83 -19.54 30.30
CA ARG O 54 18.89 -20.39 29.75
C ARG O 54 20.14 -19.60 29.40
N ILE O 55 20.04 -18.27 29.33
CA ILE O 55 21.19 -17.43 29.02
C ILE O 55 21.94 -17.01 30.28
N GLU O 56 21.30 -17.08 31.45
CA GLU O 56 21.96 -16.75 32.70
C GLU O 56 22.70 -17.94 33.29
N ASP O 57 22.18 -19.15 33.15
CA ASP O 57 22.86 -20.30 33.72
C ASP O 57 24.13 -20.61 32.93
N PRO O 58 25.31 -20.55 33.55
CA PRO O 58 26.56 -20.77 32.81
C PRO O 58 26.77 -22.19 32.33
N ASN O 59 26.10 -23.18 32.89
CA ASN O 59 26.27 -24.53 32.37
C ASN O 59 25.51 -24.74 31.07
N LEU O 60 24.58 -23.84 30.75
CA LEU O 60 23.81 -23.93 29.52
C LEU O 60 24.39 -23.10 28.38
N VAL O 61 24.76 -21.85 28.64
CA VAL O 61 25.34 -20.98 27.62
C VAL O 61 26.66 -21.50 27.07
N THR O 62 27.45 -22.18 27.89
CA THR O 62 28.79 -22.60 27.48
C THR O 62 28.90 -24.06 27.10
N ASP O 63 27.79 -24.79 26.99
CA ASP O 63 27.84 -26.18 26.57
C ASP O 63 27.10 -26.38 25.25
N PRO O 64 27.74 -26.94 24.22
CA PRO O 64 27.02 -27.15 22.96
C PRO O 64 25.77 -28.00 23.09
N LYS O 65 25.76 -28.94 24.04
CA LYS O 65 24.60 -29.81 24.22
C LYS O 65 23.38 -29.00 24.62
N GLU O 66 23.58 -28.02 25.49
CA GLU O 66 22.50 -27.17 25.98
C GLU O 66 22.22 -26.01 25.05
N LEU O 67 23.22 -25.59 24.27
CA LEU O 67 23.01 -24.57 23.26
C LEU O 67 22.14 -25.06 22.12
N ALA O 68 22.35 -26.30 21.67
CA ALA O 68 21.59 -26.81 20.54
C ALA O 68 20.08 -26.78 20.80
N ILE O 69 19.66 -26.91 22.05
CA ILE O 69 18.24 -26.81 22.36
C ILE O 69 17.78 -25.36 22.31
N SER O 70 18.60 -24.45 22.84
CA SER O 70 18.22 -23.05 22.88
C SER O 70 17.94 -22.50 21.50
N GLN O 71 18.71 -22.93 20.50
CA GLN O 71 18.46 -22.51 19.12
C GLN O 71 17.11 -22.99 18.61
N GLU O 72 16.65 -24.16 19.07
CA GLU O 72 15.32 -24.61 18.67
C GLU O 72 14.24 -23.91 19.48
N MET O 73 14.43 -23.79 20.79
CA MET O 73 13.44 -23.12 21.62
C MET O 73 13.23 -21.69 21.17
N ILE O 74 14.32 -21.00 20.85
CA ILE O 74 14.24 -19.61 20.38
C ILE O 74 13.65 -19.52 18.98
N SER O 75 13.73 -20.58 18.19
CA SER O 75 13.13 -20.57 16.85
C SER O 75 11.63 -20.84 16.90
N ASP O 76 11.21 -21.81 17.69
CA ASP O 76 9.79 -22.16 17.77
C ASP O 76 8.95 -21.01 18.29
N TYR O 77 9.48 -20.23 19.22
CA TYR O 77 8.78 -19.05 19.72
C TYR O 77 8.53 -18.04 18.60
N ASN O 78 9.55 -17.77 17.80
CA ASN O 78 9.44 -16.78 16.74
C ASN O 78 8.30 -17.12 15.78
N LEU O 79 8.23 -18.38 15.35
CA LEU O 79 7.20 -18.79 14.40
C LEU O 79 5.79 -18.68 14.98
N TYR O 80 5.62 -19.04 16.25
CA TYR O 80 4.27 -18.98 16.82
C TYR O 80 3.71 -17.57 16.86
N VAL O 81 4.46 -16.61 17.40
CA VAL O 81 3.93 -15.25 17.49
C VAL O 81 3.79 -14.61 16.13
N SER O 82 4.69 -14.92 15.20
CA SER O 82 4.58 -14.41 13.84
C SER O 82 3.32 -14.89 13.14
N MET O 83 2.92 -16.14 13.36
CA MET O 83 1.71 -16.66 12.75
C MET O 83 0.44 -16.11 13.39
N VAL O 84 0.43 -16.00 14.71
CA VAL O 84 -0.77 -15.55 15.42
C VAL O 84 -1.10 -14.10 15.11
N SER O 85 -0.09 -13.26 14.89
CA SER O 85 -0.32 -11.88 14.50
C SER O 85 -0.65 -11.69 13.02
N THR O 86 -0.44 -12.70 12.18
CA THR O 86 -0.86 -12.61 10.78
C THR O 86 -2.31 -13.00 10.59
N LEU O 87 -2.70 -14.18 11.06
CA LEU O 87 -4.08 -14.63 10.92
C LEU O 87 -5.07 -13.68 11.58
N THR O 88 -4.78 -13.22 12.80
CA THR O 88 -5.68 -12.31 13.49
C THR O 88 -5.83 -10.97 12.79
N ARG O 89 -4.81 -10.51 12.05
CA ARG O 89 -5.01 -9.34 11.20
C ARG O 89 -5.97 -9.64 10.05
N LYS O 90 -5.79 -10.78 9.40
CA LYS O 90 -6.64 -11.14 8.27
C LYS O 90 -8.09 -11.36 8.71
N GLY O 91 -8.28 -11.93 9.90
CA GLY O 91 -9.62 -11.95 10.46
C GLY O 91 -10.22 -10.56 10.57
N VAL O 92 -9.48 -9.62 11.16
CA VAL O 92 -9.94 -8.25 11.26
C VAL O 92 -10.23 -7.67 9.89
N GLY O 93 -9.33 -7.92 8.93
CA GLY O 93 -9.53 -7.41 7.58
C GLY O 93 -10.80 -7.90 6.92
N ALA O 94 -11.24 -9.11 7.27
CA ALA O 94 -12.49 -9.63 6.75
C ALA O 94 -13.73 -8.98 7.36
N VAL O 95 -13.63 -8.33 8.50
CA VAL O 95 -14.78 -7.63 9.07
C VAL O 95 -14.92 -6.24 8.46
N GLU O 96 -13.82 -5.50 8.39
CA GLU O 96 -13.85 -4.20 7.74
C GLU O 96 -14.46 -4.29 6.34
N THR O 97 -14.03 -5.30 5.57
CA THR O 97 -14.45 -5.41 4.18
C THR O 97 -15.96 -5.63 4.04
N LEU O 98 -16.60 -6.24 5.03
CA LEU O 98 -18.04 -6.39 4.96
C LEU O 98 -18.75 -5.13 5.41
N LEU O 99 -18.19 -4.45 6.40
CA LEU O 99 -18.88 -3.35 7.07
C LEU O 99 -18.55 -2.02 6.41
N ARG O 100 -17.26 -1.75 6.18
CA ARG O 100 -16.85 -0.44 5.71
C ARG O 100 -17.58 -0.06 4.44
N SER O 101 -17.52 -0.93 3.44
CA SER O 101 -17.98 -0.59 2.11
C SER O 101 -19.50 -0.64 2.01
N LEU P 29 -12.55 -30.57 -13.34
CA LEU P 29 -13.32 -30.27 -12.10
C LEU P 29 -12.40 -29.60 -11.08
N ASP P 30 -12.93 -28.61 -10.36
CA ASP P 30 -12.16 -27.90 -9.35
C ASP P 30 -11.80 -28.75 -8.14
N ASP P 31 -12.37 -29.94 -8.00
CA ASP P 31 -11.86 -30.90 -7.02
C ASP P 31 -10.47 -31.38 -7.37
N ARG P 32 -9.95 -31.05 -8.55
CA ARG P 32 -8.54 -31.29 -8.84
C ARG P 32 -7.63 -30.64 -7.80
N LEU P 33 -8.02 -29.49 -7.25
CA LEU P 33 -7.18 -28.86 -6.25
C LEU P 33 -6.85 -29.80 -5.11
N LEU P 34 -7.78 -30.69 -4.76
CA LEU P 34 -7.53 -31.62 -3.66
C LEU P 34 -6.48 -32.65 -4.04
N GLN P 35 -6.45 -33.07 -5.31
CA GLN P 35 -5.46 -34.05 -5.72
C GLN P 35 -4.08 -33.45 -5.80
N ALA P 36 -3.95 -32.25 -6.38
CA ALA P 36 -2.63 -31.62 -6.48
C ALA P 36 -2.06 -31.32 -5.10
N PHE P 37 -2.87 -30.70 -4.25
CA PHE P 37 -2.42 -30.38 -2.89
C PHE P 37 -2.03 -31.63 -2.10
N SER P 38 -2.86 -32.67 -2.14
CA SER P 38 -2.57 -33.87 -1.39
C SER P 38 -1.28 -34.54 -1.84
N GLY P 39 -1.01 -34.55 -3.14
CA GLY P 39 0.23 -35.14 -3.61
C GLY P 39 1.45 -34.36 -3.17
N SER P 40 1.42 -33.04 -3.32
CA SER P 40 2.56 -32.20 -2.99
C SER P 40 2.88 -32.25 -1.51
N ALA P 41 1.85 -32.22 -0.66
CA ALA P 41 2.07 -32.23 0.78
C ALA P 41 2.87 -33.45 1.21
N ILE P 42 2.42 -34.64 0.84
CA ILE P 42 3.13 -35.84 1.23
C ILE P 42 4.54 -35.85 0.66
N ALA P 43 4.69 -35.55 -0.63
CA ALA P 43 6.01 -35.59 -1.24
C ALA P 43 6.99 -34.67 -0.53
N THR P 44 6.53 -33.52 -0.06
CA THR P 44 7.39 -32.61 0.70
C THR P 44 7.82 -33.20 2.02
N ALA P 45 6.87 -33.68 2.81
CA ALA P 45 7.20 -34.22 4.12
C ALA P 45 8.26 -35.31 4.05
N VAL P 46 8.19 -36.17 3.04
CA VAL P 46 9.19 -37.21 2.89
C VAL P 46 10.59 -36.62 2.71
N ASP P 47 10.72 -35.56 1.92
CA ASP P 47 12.03 -34.97 1.68
C ASP P 47 12.57 -34.22 2.88
N LYS P 48 11.70 -33.56 3.65
CA LYS P 48 12.13 -32.96 4.90
C LYS P 48 12.77 -33.99 5.82
N GLN P 49 12.10 -35.11 6.04
CA GLN P 49 12.64 -36.11 6.95
C GLN P 49 13.87 -36.78 6.39
N THR P 50 13.91 -37.04 5.08
CA THR P 50 15.10 -37.67 4.52
C THR P 50 16.33 -36.83 4.75
N ILE P 51 16.21 -35.51 4.56
CA ILE P 51 17.34 -34.63 4.83
C ILE P 51 17.78 -34.78 6.28
N THR P 52 16.82 -34.88 7.20
CA THR P 52 17.14 -35.01 8.61
C THR P 52 17.85 -36.33 8.88
N ASN P 53 17.32 -37.42 8.34
CA ASN P 53 17.94 -38.73 8.57
C ASN P 53 19.32 -38.84 7.95
N ARG P 54 19.60 -38.11 6.88
CA ARG P 54 20.94 -38.10 6.30
C ARG P 54 21.97 -37.42 7.18
N ILE P 55 21.54 -36.78 8.26
CA ILE P 55 22.46 -36.13 9.20
C ILE P 55 22.64 -36.95 10.48
N GLU P 56 21.75 -37.89 10.75
CA GLU P 56 21.82 -38.75 11.93
C GLU P 56 22.71 -39.97 11.72
N ASP P 57 23.10 -40.25 10.50
CA ASP P 57 24.03 -41.36 10.27
C ASP P 57 25.47 -40.91 10.51
N PRO P 58 26.27 -41.69 11.24
CA PRO P 58 27.63 -41.25 11.56
C PRO P 58 28.52 -41.03 10.36
N ASN P 59 28.18 -41.54 9.19
CA ASN P 59 29.01 -41.35 8.00
C ASN P 59 28.34 -40.59 6.88
N LEU P 60 27.02 -40.50 6.84
CA LEU P 60 26.38 -39.55 5.94
C LEU P 60 26.68 -38.12 6.35
N VAL P 61 27.20 -37.89 7.56
CA VAL P 61 27.75 -36.59 7.93
C VAL P 61 29.26 -36.46 7.71
N THR P 62 29.98 -37.57 7.54
CA THR P 62 31.43 -37.52 7.61
C THR P 62 32.14 -38.13 6.40
N ASP P 63 31.44 -38.41 5.31
CA ASP P 63 32.10 -38.84 4.09
C ASP P 63 31.87 -37.80 3.00
N PRO P 64 32.93 -37.24 2.39
CA PRO P 64 32.69 -36.21 1.36
C PRO P 64 31.65 -36.62 0.32
N LYS P 65 31.70 -37.86 -0.15
CA LYS P 65 30.75 -38.29 -1.19
C LYS P 65 29.32 -38.11 -0.71
N GLU P 66 29.08 -38.45 0.56
CA GLU P 66 27.75 -38.41 1.14
C GLU P 66 27.37 -37.03 1.63
N LEU P 67 28.35 -36.19 1.91
CA LEU P 67 28.09 -34.77 2.15
C LEU P 67 27.75 -34.04 0.86
N ALA P 68 28.50 -34.29 -0.22
CA ALA P 68 28.21 -33.61 -1.47
C ALA P 68 26.82 -33.95 -2.00
N ILE P 69 26.40 -35.20 -1.84
CA ILE P 69 25.04 -35.61 -2.19
C ILE P 69 23.98 -35.00 -1.29
N SER P 70 24.32 -34.59 -0.08
CA SER P 70 23.36 -33.85 0.73
C SER P 70 23.23 -32.40 0.33
N GLN P 71 24.22 -31.84 -0.36
CA GLN P 71 24.13 -30.45 -0.79
C GLN P 71 23.17 -30.30 -1.98
N GLU P 72 23.22 -31.23 -2.93
CA GLU P 72 22.22 -31.27 -3.98
C GLU P 72 20.83 -31.51 -3.42
N MET P 73 20.74 -32.30 -2.36
CA MET P 73 19.44 -32.62 -1.78
C MET P 73 18.85 -31.42 -1.06
N ILE P 74 19.68 -30.62 -0.42
CA ILE P 74 19.17 -29.52 0.39
C ILE P 74 18.94 -28.25 -0.40
N SER P 75 19.61 -28.07 -1.53
CA SER P 75 19.28 -26.95 -2.41
C SER P 75 17.85 -27.06 -2.93
N ASP P 76 17.47 -28.25 -3.39
CA ASP P 76 16.20 -28.40 -4.09
C ASP P 76 15.01 -28.15 -3.19
N TYR P 77 15.08 -28.61 -1.95
CA TYR P 77 13.97 -28.37 -1.03
C TYR P 77 13.67 -26.90 -0.90
N ASN P 78 14.71 -26.06 -0.89
CA ASN P 78 14.53 -24.63 -0.69
C ASN P 78 13.83 -23.97 -1.88
N LEU P 79 14.28 -24.27 -3.09
CA LEU P 79 13.72 -23.65 -4.29
C LEU P 79 12.30 -24.12 -4.58
N TYR P 80 12.01 -25.40 -4.36
CA TYR P 80 10.68 -25.92 -4.62
C TYR P 80 9.63 -25.28 -3.73
N VAL P 81 9.86 -25.24 -2.44
CA VAL P 81 8.89 -24.66 -1.52
C VAL P 81 8.70 -23.16 -1.78
N SER P 82 9.75 -22.46 -2.17
CA SER P 82 9.63 -21.04 -2.49
C SER P 82 8.88 -20.80 -3.80
N MET P 83 9.05 -21.65 -4.80
CA MET P 83 8.29 -21.51 -6.04
C MET P 83 6.79 -21.66 -5.82
N VAL P 84 6.37 -22.72 -5.13
CA VAL P 84 4.95 -22.89 -4.84
C VAL P 84 4.42 -21.70 -4.05
N SER P 85 5.20 -21.21 -3.10
CA SER P 85 4.75 -20.11 -2.27
C SER P 85 4.47 -18.86 -3.09
N THR P 86 5.39 -18.50 -3.99
CA THR P 86 5.23 -17.30 -4.79
C THR P 86 4.26 -17.44 -5.95
N LEU P 87 4.15 -18.62 -6.58
CA LEU P 87 3.10 -18.81 -7.58
C LEU P 87 1.71 -18.77 -6.98
N THR P 88 1.51 -19.39 -5.82
CA THR P 88 0.19 -19.37 -5.21
C THR P 88 -0.20 -17.98 -4.73
N ARG P 89 0.78 -17.18 -4.30
CA ARG P 89 0.48 -15.83 -3.90
C ARG P 89 -0.04 -14.99 -5.08
N LYS P 90 0.52 -15.18 -6.27
CA LYS P 90 -0.03 -14.51 -7.45
C LYS P 90 -1.43 -15.00 -7.78
N GLY P 91 -1.61 -16.32 -7.83
CA GLY P 91 -2.90 -16.88 -8.22
C GLY P 91 -4.05 -16.38 -7.38
N VAL P 92 -3.87 -16.33 -6.06
CA VAL P 92 -4.87 -15.73 -5.19
C VAL P 92 -4.99 -14.24 -5.48
N GLY P 93 -3.86 -13.57 -5.68
CA GLY P 93 -3.89 -12.15 -6.01
C GLY P 93 -4.62 -11.83 -7.30
N ALA P 94 -4.76 -12.79 -8.21
CA ALA P 94 -5.63 -12.58 -9.36
C ALA P 94 -7.10 -12.65 -8.98
N VAL P 95 -7.47 -13.60 -8.11
CA VAL P 95 -8.87 -13.78 -7.74
C VAL P 95 -9.34 -12.67 -6.82
N GLU P 96 -8.45 -12.18 -5.95
CA GLU P 96 -8.76 -11.01 -5.13
C GLU P 96 -9.35 -9.89 -5.96
N THR P 97 -8.57 -9.39 -6.93
CA THR P 97 -8.94 -8.18 -7.63
C THR P 97 -10.03 -8.40 -8.67
N LEU P 98 -10.32 -9.66 -9.00
CA LEU P 98 -11.52 -9.96 -9.77
C LEU P 98 -12.78 -9.69 -8.97
N LEU P 99 -12.82 -10.15 -7.73
CA LEU P 99 -14.05 -10.14 -6.96
C LEU P 99 -14.28 -8.85 -6.21
N ARG P 100 -13.21 -8.14 -5.82
CA ARG P 100 -13.38 -7.15 -4.77
C ARG P 100 -14.34 -6.06 -5.22
N SER P 101 -14.08 -5.46 -6.37
CA SER P 101 -14.66 -4.17 -6.71
C SER P 101 -14.38 -3.15 -5.60
N ASN Q 22 27.05 -16.63 -27.34
CA ASN Q 22 26.34 -15.98 -26.19
C ASN Q 22 27.02 -16.34 -24.89
N LEU Q 23 26.83 -15.50 -23.86
CA LEU Q 23 27.50 -15.75 -22.59
C LEU Q 23 27.21 -17.13 -22.04
N GLN Q 24 25.97 -17.62 -22.18
CA GLN Q 24 25.67 -18.94 -21.62
C GLN Q 24 26.49 -20.03 -22.29
N THR Q 25 26.66 -19.98 -23.60
CA THR Q 25 27.48 -20.99 -24.27
C THR Q 25 28.94 -20.85 -23.92
N GLN Q 26 29.39 -19.65 -23.52
CA GLN Q 26 30.76 -19.50 -23.06
C GLN Q 26 30.96 -20.19 -21.71
N VAL Q 27 30.10 -19.89 -20.73
CA VAL Q 27 30.20 -20.55 -19.43
C VAL Q 27 30.00 -22.05 -19.58
N THR Q 28 29.01 -22.45 -20.36
CA THR Q 28 28.69 -23.87 -20.48
C THR Q 28 29.89 -24.68 -20.92
N GLU Q 29 30.62 -24.20 -21.92
CA GLU Q 29 31.75 -24.98 -22.39
C GLU Q 29 32.99 -24.78 -21.53
N ALA Q 30 33.15 -23.62 -20.90
CA ALA Q 30 34.29 -23.44 -20.01
C ALA Q 30 34.16 -24.35 -18.79
N LEU Q 31 32.94 -24.54 -18.30
CA LEU Q 31 32.72 -25.44 -17.18
C LEU Q 31 33.07 -26.88 -17.54
N ASP Q 32 32.68 -27.32 -18.73
CA ASP Q 32 32.99 -28.68 -19.17
C ASP Q 32 34.49 -28.85 -19.42
N LYS Q 33 35.13 -27.83 -19.95
CA LYS Q 33 36.58 -27.88 -20.18
C LYS Q 33 37.34 -28.03 -18.87
N LEU Q 34 36.91 -27.32 -17.83
CA LEU Q 34 37.56 -27.39 -16.53
C LEU Q 34 37.43 -28.78 -15.92
N ALA Q 35 36.24 -29.37 -15.97
CA ALA Q 35 36.03 -30.65 -15.32
C ALA Q 35 36.98 -31.72 -15.80
N ALA Q 36 37.58 -31.57 -16.98
CA ALA Q 36 38.57 -32.54 -17.42
C ALA Q 36 39.85 -32.44 -16.61
N LYS Q 37 40.12 -31.30 -15.98
CA LYS Q 37 41.31 -31.11 -15.18
C LYS Q 37 41.08 -29.98 -14.18
N PRO Q 38 40.33 -30.22 -13.12
CA PRO Q 38 40.04 -29.14 -12.15
C PRO Q 38 41.23 -28.67 -11.34
N SER Q 39 42.44 -29.18 -11.58
CA SER Q 39 43.64 -28.71 -10.90
C SER Q 39 44.55 -27.87 -11.79
N ASP Q 40 44.13 -27.55 -13.01
CA ASP Q 40 44.95 -26.72 -13.90
C ASP Q 40 44.82 -25.24 -13.54
N PRO Q 41 45.93 -24.53 -13.33
CA PRO Q 41 45.83 -23.12 -12.91
C PRO Q 41 45.29 -22.21 -13.98
N ALA Q 42 45.63 -22.43 -15.25
CA ALA Q 42 45.16 -21.53 -16.31
C ALA Q 42 43.67 -21.71 -16.58
N LEU Q 43 43.19 -22.95 -16.54
CA LEU Q 43 41.76 -23.17 -16.74
C LEU Q 43 40.95 -22.54 -15.61
N LEU Q 44 41.43 -22.64 -14.38
CA LEU Q 44 40.75 -22.02 -13.26
C LEU Q 44 40.69 -20.51 -13.43
N ALA Q 45 41.80 -19.88 -13.78
CA ALA Q 45 41.79 -18.42 -13.97
C ALA Q 45 40.83 -18.01 -15.06
N ALA Q 46 40.66 -18.81 -16.11
CA ALA Q 46 39.74 -18.48 -17.18
C ALA Q 46 38.29 -18.74 -16.81
N TYR Q 47 38.04 -19.59 -15.83
CA TYR Q 47 36.70 -19.84 -15.33
C TYR Q 47 36.24 -18.83 -14.28
N GLN Q 48 37.16 -18.29 -13.50
CA GLN Q 48 36.78 -17.28 -12.53
C GLN Q 48 36.07 -16.09 -13.18
N SER Q 49 36.57 -15.63 -14.33
CA SER Q 49 35.94 -14.48 -14.97
C SER Q 49 34.58 -14.82 -15.60
N LYS Q 50 34.48 -15.93 -16.33
CA LYS Q 50 33.21 -16.27 -16.96
C LYS Q 50 32.10 -16.44 -15.94
N LEU Q 51 32.35 -17.22 -14.89
CA LEU Q 51 31.35 -17.39 -13.86
C LEU Q 51 31.03 -16.09 -13.14
N SER Q 52 31.97 -15.15 -13.13
CA SER Q 52 31.68 -13.80 -12.64
C SER Q 52 30.79 -13.04 -13.63
N GLU Q 53 31.19 -12.99 -14.88
CA GLU Q 53 30.44 -12.21 -15.87
C GLU Q 53 29.02 -12.74 -16.05
N TYR Q 54 28.86 -14.05 -16.02
CA TYR Q 54 27.54 -14.65 -16.16
C TYR Q 54 26.62 -14.29 -15.00
N ASN Q 55 27.16 -14.23 -13.79
CA ASN Q 55 26.32 -13.85 -12.65
C ASN Q 55 25.84 -12.41 -12.74
N LEU Q 56 26.72 -11.49 -13.11
CA LEU Q 56 26.32 -10.10 -13.27
C LEU Q 56 25.31 -9.91 -14.41
N TYR Q 57 25.47 -10.64 -15.50
CA TYR Q 57 24.47 -10.59 -16.56
C TYR Q 57 23.09 -11.06 -16.10
N ARG Q 58 23.02 -12.26 -15.54
CA ARG Q 58 21.72 -12.84 -15.21
C ARG Q 58 20.97 -12.05 -14.14
N ASN Q 59 21.67 -11.41 -13.20
CA ASN Q 59 21.01 -10.55 -12.22
C ASN Q 59 20.57 -9.21 -12.78
N ALA Q 60 21.44 -8.57 -13.57
CA ALA Q 60 21.05 -7.32 -14.22
C ALA Q 60 19.80 -7.48 -15.06
N GLN Q 61 19.65 -8.61 -15.73
CA GLN Q 61 18.50 -8.82 -16.60
C GLN Q 61 17.22 -8.97 -15.81
N SER Q 62 17.19 -9.88 -14.85
CA SER Q 62 15.97 -10.14 -14.11
C SER Q 62 15.47 -8.91 -13.38
N ASN Q 63 16.38 -8.10 -12.84
CA ASN Q 63 15.99 -6.93 -12.09
C ASN Q 63 15.31 -5.86 -12.94
N THR Q 64 15.62 -5.76 -14.23
CA THR Q 64 14.92 -4.80 -15.07
C THR Q 64 13.58 -5.30 -15.61
N VAL Q 65 13.42 -6.59 -15.83
CA VAL Q 65 12.10 -7.10 -16.21
C VAL Q 65 11.10 -6.83 -15.10
N LYS Q 66 11.54 -7.01 -13.86
CA LYS Q 66 10.71 -6.66 -12.70
C LYS Q 66 10.26 -5.20 -12.77
N VAL Q 67 11.20 -4.30 -13.02
CA VAL Q 67 10.91 -2.86 -13.16
C VAL Q 67 9.83 -2.57 -14.20
N PHE Q 68 9.90 -3.18 -15.38
CA PHE Q 68 8.94 -2.86 -16.43
C PHE Q 68 7.54 -3.39 -16.12
N LYS Q 69 7.42 -4.58 -15.57
CA LYS Q 69 6.10 -5.09 -15.22
C LYS Q 69 5.47 -4.35 -14.06
N ASP Q 70 6.27 -3.83 -13.13
CA ASP Q 70 5.74 -2.97 -12.09
C ASP Q 70 5.18 -1.66 -12.62
N ILE Q 71 5.79 -1.09 -13.66
CA ILE Q 71 5.28 0.15 -14.24
C ILE Q 71 3.88 -0.03 -14.82
N ASP Q 72 3.66 -1.09 -15.59
CA ASP Q 72 2.34 -1.35 -16.15
C ASP Q 72 1.31 -1.75 -15.10
N ALA Q 73 1.73 -2.49 -14.07
CA ALA Q 73 0.85 -2.77 -12.95
C ALA Q 73 0.35 -1.52 -12.26
N ALA Q 74 1.20 -0.49 -12.15
CA ALA Q 74 0.78 0.77 -11.56
C ALA Q 74 -0.22 1.53 -12.42
N ILE Q 75 -0.09 1.49 -13.74
CA ILE Q 75 -1.06 2.18 -14.60
C ILE Q 75 -2.45 1.55 -14.46
N ILE Q 76 -2.52 0.22 -14.51
CA ILE Q 76 -3.82 -0.43 -14.55
C ILE Q 76 -4.59 -0.24 -13.25
N GLN Q 77 -3.90 -0.09 -12.12
CA GLN Q 77 -4.60 0.33 -10.91
C GLN Q 77 -4.93 1.82 -10.92
N ASN Q 78 -4.01 2.67 -11.37
CA ASN Q 78 -4.26 4.10 -11.30
C ASN Q 78 -5.55 4.49 -11.99
N PHE Q 79 -5.90 3.82 -13.08
CA PHE Q 79 -7.11 4.14 -13.84
C PHE Q 79 -8.33 3.33 -13.45
N ARG Q 80 -8.28 2.53 -12.40
CA ARG Q 80 -9.53 1.99 -11.88
C ARG Q 80 -10.45 3.13 -11.44
N VAL R 20 35.67 13.22 -13.08
CA VAL R 20 35.59 11.73 -13.17
C VAL R 20 36.88 11.17 -13.75
N ASP R 21 37.29 11.65 -14.94
CA ASP R 21 38.50 11.14 -15.54
C ASP R 21 39.69 11.37 -14.63
N ASN R 22 39.67 12.44 -13.84
CA ASN R 22 40.75 12.65 -12.89
C ASN R 22 40.91 11.46 -11.94
N LEU R 23 39.78 10.86 -11.52
CA LEU R 23 39.82 9.67 -10.68
C LEU R 23 39.87 8.39 -11.51
N GLN R 24 38.97 8.27 -12.50
CA GLN R 24 38.98 7.10 -13.36
C GLN R 24 40.31 6.86 -14.04
N THR R 25 41.09 7.90 -14.30
CA THR R 25 42.43 7.68 -14.86
C THR R 25 43.42 7.21 -13.80
N GLN R 26 43.32 7.72 -12.58
CA GLN R 26 44.22 7.25 -11.54
C GLN R 26 44.10 5.75 -11.33
N VAL R 27 42.87 5.25 -11.36
CA VAL R 27 42.64 3.81 -11.19
C VAL R 27 43.08 3.03 -12.41
N THR R 28 42.79 3.52 -13.61
CA THR R 28 43.09 2.77 -14.82
C THR R 28 44.58 2.63 -15.04
N GLU R 29 45.32 3.73 -15.00
CA GLU R 29 46.73 3.66 -15.36
C GLU R 29 47.57 2.96 -14.31
N ALA R 30 47.23 3.10 -13.03
CA ALA R 30 48.03 2.43 -12.01
C ALA R 30 47.99 0.92 -12.17
N LEU R 31 46.89 0.39 -12.71
CA LEU R 31 46.82 -1.05 -12.98
C LEU R 31 47.78 -1.45 -14.08
N ASP R 32 47.92 -0.62 -15.10
CA ASP R 32 48.84 -0.91 -16.19
C ASP R 32 50.29 -0.84 -15.75
N LYS R 33 50.61 -0.05 -14.72
CA LYS R 33 51.95 -0.13 -14.15
C LYS R 33 52.13 -1.45 -13.42
N LEU R 34 51.17 -1.81 -12.58
CA LEU R 34 51.24 -3.06 -11.83
C LEU R 34 51.37 -4.26 -12.75
N ALA R 35 50.71 -4.20 -13.91
CA ALA R 35 50.82 -5.30 -14.87
C ALA R 35 52.25 -5.51 -15.35
N ALA R 36 53.11 -4.50 -15.29
CA ALA R 36 54.49 -4.72 -15.68
C ALA R 36 55.28 -5.47 -14.61
N LYS R 37 55.04 -5.17 -13.33
CA LYS R 37 55.70 -5.85 -12.22
C LYS R 37 54.71 -6.07 -11.09
N PRO R 38 53.88 -7.10 -11.17
CA PRO R 38 52.97 -7.38 -10.06
C PRO R 38 53.69 -7.81 -8.79
N SER R 39 54.98 -8.12 -8.87
CA SER R 39 55.78 -8.54 -7.74
C SER R 39 56.62 -7.42 -7.13
N ASP R 40 56.33 -6.16 -7.44
CA ASP R 40 57.17 -5.05 -6.98
C ASP R 40 56.43 -4.18 -5.97
N PRO R 41 56.88 -4.13 -4.71
CA PRO R 41 56.00 -3.64 -3.64
C PRO R 41 55.62 -2.17 -3.75
N ALA R 42 56.50 -1.31 -4.23
CA ALA R 42 56.09 0.08 -4.42
C ALA R 42 55.00 0.24 -5.47
N LEU R 43 54.87 -0.71 -6.40
CA LEU R 43 53.77 -0.67 -7.34
C LEU R 43 52.50 -1.24 -6.74
N LEU R 44 52.64 -2.21 -5.84
CA LEU R 44 51.50 -2.68 -5.05
C LEU R 44 51.00 -1.59 -4.09
N ALA R 45 51.92 -0.98 -3.36
CA ALA R 45 51.51 0.05 -2.39
C ALA R 45 50.80 1.20 -3.08
N ALA R 46 51.39 1.74 -4.14
CA ALA R 46 50.76 2.83 -4.85
C ALA R 46 49.49 2.40 -5.56
N TYR R 47 49.28 1.11 -5.79
CA TYR R 47 48.06 0.65 -6.43
C TYR R 47 46.96 0.40 -5.43
N GLN R 48 47.26 -0.32 -4.37
CA GLN R 48 46.22 -0.73 -3.43
C GLN R 48 45.42 0.47 -2.95
N SER R 49 46.08 1.59 -2.70
CA SER R 49 45.38 2.77 -2.24
C SER R 49 44.39 3.30 -3.27
N LYS R 50 44.78 3.36 -4.54
CA LYS R 50 43.85 3.85 -5.56
C LYS R 50 42.68 2.91 -5.77
N LEU R 51 42.95 1.60 -5.87
CA LEU R 51 41.87 0.64 -6.04
C LEU R 51 40.94 0.65 -4.84
N SER R 52 41.49 0.79 -3.64
CA SER R 52 40.66 0.98 -2.45
C SER R 52 39.88 2.29 -2.51
N GLU R 53 40.55 3.38 -2.87
CA GLU R 53 39.87 4.68 -2.93
C GLU R 53 38.81 4.76 -4.01
N TYR R 54 38.91 3.93 -5.04
CA TYR R 54 37.86 3.85 -6.05
C TYR R 54 36.63 3.11 -5.58
N ASN R 55 36.80 2.04 -4.79
CA ASN R 55 35.65 1.28 -4.34
C ASN R 55 34.67 2.12 -3.54
N LEU R 56 35.17 3.06 -2.75
CA LEU R 56 34.26 3.91 -1.97
C LEU R 56 33.54 4.94 -2.84
N TYR R 57 34.21 5.49 -3.84
CA TYR R 57 33.56 6.51 -4.65
C TYR R 57 32.36 5.94 -5.43
N ARG R 58 32.52 4.76 -6.01
CA ARG R 58 31.43 4.19 -6.79
C ARG R 58 30.23 3.84 -5.92
N ASN R 59 30.48 3.30 -4.72
CA ASN R 59 29.41 3.03 -3.77
C ASN R 59 28.77 4.32 -3.24
N ALA R 60 29.58 5.30 -2.85
CA ALA R 60 29.04 6.54 -2.31
C ALA R 60 28.33 7.40 -3.34
N GLN R 61 28.53 7.14 -4.62
CA GLN R 61 27.71 7.79 -5.65
C GLN R 61 26.37 7.09 -5.78
N SER R 62 26.40 5.77 -5.90
CA SER R 62 25.22 5.03 -6.32
C SER R 62 24.08 5.15 -5.31
N ASN R 63 24.40 5.16 -4.03
CA ASN R 63 23.35 5.28 -3.03
C ASN R 63 22.59 6.60 -3.13
N THR R 64 23.30 7.71 -3.31
CA THR R 64 22.61 8.99 -3.39
C THR R 64 21.77 9.12 -4.64
N VAL R 65 22.17 8.52 -5.76
CA VAL R 65 21.33 8.57 -6.94
C VAL R 65 20.00 7.89 -6.65
N LYS R 66 20.04 6.81 -5.87
CA LYS R 66 18.81 6.14 -5.46
C LYS R 66 17.98 7.04 -4.55
N VAL R 67 18.62 7.61 -3.52
CA VAL R 67 17.91 8.43 -2.55
C VAL R 67 17.19 9.59 -3.21
N PHE R 68 17.84 10.29 -4.14
CA PHE R 68 17.16 11.40 -4.80
C PHE R 68 16.00 10.92 -5.65
N LYS R 69 16.24 9.89 -6.46
CA LYS R 69 15.19 9.36 -7.33
C LYS R 69 14.11 8.63 -6.57
N ASP R 70 14.39 8.21 -5.33
CA ASP R 70 13.32 7.66 -4.51
C ASP R 70 12.35 8.73 -4.01
N ILE R 71 12.78 9.99 -3.92
CA ILE R 71 11.85 11.04 -3.49
C ILE R 71 10.88 11.39 -4.60
N ASP R 72 11.38 11.62 -5.82
CA ASP R 72 10.48 11.93 -6.94
C ASP R 72 9.43 10.85 -7.11
N ALA R 73 9.79 9.59 -6.91
CA ALA R 73 8.80 8.53 -7.01
C ALA R 73 7.78 8.64 -5.89
N ALA R 74 8.21 9.06 -4.71
CA ALA R 74 7.29 9.20 -3.57
C ALA R 74 6.37 10.41 -3.71
N ILE R 75 6.88 11.52 -4.23
CA ILE R 75 6.01 12.66 -4.51
C ILE R 75 4.94 12.31 -5.51
N ILE R 76 5.30 11.62 -6.60
CA ILE R 76 4.30 11.24 -7.58
C ILE R 76 3.38 10.18 -7.02
N GLN R 77 3.91 9.30 -6.18
CA GLN R 77 3.05 8.31 -5.55
C GLN R 77 2.03 8.94 -4.61
N ASN R 78 2.42 9.98 -3.88
CA ASN R 78 1.56 10.51 -2.83
C ASN R 78 0.30 11.18 -3.37
N PHE R 79 0.38 11.83 -4.53
CA PHE R 79 -0.83 12.44 -5.07
C PHE R 79 -1.71 11.42 -5.80
N ARG R 80 -1.14 10.67 -6.73
CA ARG R 80 -1.87 9.58 -7.39
C ARG R 80 -0.92 8.46 -7.78
N ASN S 22 39.68 17.05 20.92
CA ASN S 22 38.74 16.13 20.20
C ASN S 22 39.42 14.83 19.83
N LEU S 23 38.67 13.73 19.94
CA LEU S 23 39.23 12.41 19.65
C LEU S 23 39.88 12.34 18.29
N GLN S 24 39.37 13.08 17.31
CA GLN S 24 39.99 13.06 15.98
C GLN S 24 41.46 13.45 16.02
N THR S 25 41.80 14.44 16.84
CA THR S 25 43.18 14.91 16.89
C THR S 25 44.12 13.91 17.56
N GLN S 26 43.68 13.28 18.65
CA GLN S 26 44.54 12.32 19.34
C GLN S 26 44.92 11.14 18.45
N VAL S 27 43.96 10.55 17.74
CA VAL S 27 44.30 9.44 16.85
C VAL S 27 45.25 9.91 15.75
N THR S 28 44.96 11.06 15.16
CA THR S 28 45.84 11.58 14.11
C THR S 28 47.25 11.80 14.62
N GLU S 29 47.37 12.41 15.80
CA GLU S 29 48.68 12.69 16.35
C GLU S 29 49.38 11.43 16.86
N ALA S 30 48.63 10.42 17.28
CA ALA S 30 49.26 9.16 17.65
C ALA S 30 49.90 8.53 16.42
N LEU S 31 49.25 8.68 15.27
CA LEU S 31 49.80 8.24 13.99
C LEU S 31 51.07 9.01 13.63
N ASP S 32 51.16 10.27 14.04
CA ASP S 32 52.29 11.10 13.68
C ASP S 32 53.55 10.73 14.45
N LYS S 33 53.44 10.22 15.68
CA LYS S 33 54.60 9.66 16.35
C LYS S 33 54.99 8.30 15.78
N LEU S 34 54.03 7.44 15.51
CA LEU S 34 54.34 6.12 14.95
C LEU S 34 54.99 6.21 13.57
N ALA S 35 54.47 7.07 12.71
CA ALA S 35 55.01 7.14 11.34
C ALA S 35 56.47 7.54 11.33
N ALA S 36 56.94 8.25 12.34
CA ALA S 36 58.36 8.60 12.40
C ALA S 36 59.24 7.45 12.87
N LYS S 37 58.68 6.43 13.51
CA LYS S 37 59.47 5.32 14.03
C LYS S 37 58.64 4.06 14.19
N PRO S 38 58.27 3.39 13.09
CA PRO S 38 57.32 2.27 13.17
C PRO S 38 57.85 1.00 13.84
N SER S 39 59.09 0.97 14.30
CA SER S 39 59.64 -0.19 14.98
C SER S 39 59.70 -0.07 16.49
N ASP S 40 59.35 1.06 17.07
CA ASP S 40 59.28 1.13 18.53
C ASP S 40 58.00 0.50 19.06
N PRO S 41 58.08 -0.61 19.79
CA PRO S 41 56.85 -1.27 20.26
C PRO S 41 56.05 -0.47 21.26
N ALA S 42 56.69 0.38 22.06
CA ALA S 42 55.94 1.17 23.02
C ALA S 42 54.98 2.13 22.34
N LEU S 43 55.26 2.49 21.08
CA LEU S 43 54.35 3.33 20.32
C LEU S 43 53.27 2.50 19.65
N LEU S 44 53.61 1.29 19.19
CA LEU S 44 52.61 0.43 18.57
C LEU S 44 51.50 0.08 19.55
N ALA S 45 51.88 -0.32 20.77
CA ALA S 45 50.91 -0.66 21.80
C ALA S 45 50.01 0.50 22.16
N ALA S 46 50.47 1.75 21.98
CA ALA S 46 49.58 2.87 22.18
C ALA S 46 48.68 3.09 20.97
N TYR S 47 49.21 2.94 19.75
CA TYR S 47 48.39 3.14 18.57
C TYR S 47 47.33 2.07 18.40
N GLN S 48 47.67 0.81 18.67
CA GLN S 48 46.67 -0.25 18.62
C GLN S 48 45.46 0.07 19.50
N SER S 49 45.70 0.65 20.67
CA SER S 49 44.61 1.06 21.53
C SER S 49 43.81 2.20 20.91
N LYS S 50 44.48 3.29 20.57
CA LYS S 50 43.78 4.47 20.10
C LYS S 50 43.05 4.22 18.78
N LEU S 51 43.69 3.51 17.85
CA LEU S 51 43.02 3.23 16.58
C LEU S 51 41.79 2.34 16.75
N SER S 52 41.78 1.46 17.75
CA SER S 52 40.58 0.65 17.96
C SER S 52 39.45 1.52 18.47
N GLU S 53 39.71 2.30 19.52
CA GLU S 53 38.66 3.10 20.12
C GLU S 53 37.99 3.97 19.08
N TYR S 54 38.77 4.58 18.19
CA TYR S 54 38.21 5.44 17.17
C TYR S 54 37.31 4.64 16.23
N ASN S 55 37.74 3.43 15.88
CA ASN S 55 36.92 2.57 15.03
C ASN S 55 35.54 2.37 15.62
N LEU S 56 35.47 1.95 16.88
CA LEU S 56 34.19 1.66 17.52
C LEU S 56 33.33 2.90 17.66
N TYR S 57 33.92 4.02 18.09
CA TYR S 57 33.16 5.25 18.22
C TYR S 57 32.50 5.68 16.93
N ARG S 58 33.28 5.83 15.86
CA ARG S 58 32.70 6.33 14.62
C ARG S 58 31.65 5.40 14.04
N ASN S 59 31.81 4.09 14.20
CA ASN S 59 30.76 3.17 13.77
C ASN S 59 29.50 3.31 14.62
N ALA S 60 29.64 3.45 15.94
CA ALA S 60 28.48 3.60 16.82
C ALA S 60 27.64 4.83 16.52
N GLN S 61 28.25 5.89 16.02
CA GLN S 61 27.48 7.10 15.72
C GLN S 61 26.63 6.92 14.47
N SER S 62 27.21 6.39 13.39
CA SER S 62 26.47 6.24 12.15
C SER S 62 25.23 5.37 12.32
N ASN S 63 25.33 4.26 13.06
CA ASN S 63 24.16 3.43 13.30
C ASN S 63 23.09 4.18 14.05
N THR S 64 23.47 4.84 15.15
CA THR S 64 22.51 5.56 15.97
C THR S 64 21.76 6.61 15.17
N VAL S 65 22.45 7.34 14.30
CA VAL S 65 21.77 8.34 13.51
C VAL S 65 20.74 7.71 12.60
N LYS S 66 21.09 6.59 11.97
CA LYS S 66 20.15 5.90 11.08
C LYS S 66 18.86 5.57 11.81
N VAL S 67 18.98 4.98 12.99
CA VAL S 67 17.81 4.62 13.79
C VAL S 67 16.89 5.83 13.98
N PHE S 68 17.44 6.96 14.40
CA PHE S 68 16.59 8.12 14.64
C PHE S 68 16.00 8.64 13.33
N LYS S 69 16.75 8.53 12.25
CA LYS S 69 16.24 8.94 10.95
C LYS S 69 15.24 7.94 10.39
N ASP S 70 15.34 6.66 10.80
CA ASP S 70 14.35 5.67 10.39
C ASP S 70 13.00 5.90 11.06
N ILE S 71 12.99 6.26 12.35
CA ILE S 71 11.73 6.51 13.04
C ILE S 71 11.00 7.68 12.41
N ASP S 72 11.70 8.78 12.17
CA ASP S 72 11.03 9.95 11.60
C ASP S 72 10.45 9.68 10.23
N ALA S 73 11.11 8.84 9.43
CA ALA S 73 10.54 8.50 8.12
C ALA S 73 9.33 7.59 8.25
N ALA S 74 9.38 6.62 9.17
CA ALA S 74 8.26 5.71 9.34
C ALA S 74 6.99 6.45 9.74
N ILE S 75 7.11 7.49 10.57
CA ILE S 75 5.92 8.22 11.00
C ILE S 75 5.19 8.81 9.82
N ILE S 76 5.94 9.41 8.89
CA ILE S 76 5.32 10.07 7.75
C ILE S 76 4.52 9.10 6.92
N GLN S 77 4.93 7.84 6.86
CA GLN S 77 4.17 6.80 6.17
C GLN S 77 2.92 6.32 6.90
N ASN S 78 2.64 6.80 8.12
CA ASN S 78 1.29 6.57 8.64
C ASN S 78 0.26 7.47 8.02
N PHE S 79 0.65 8.61 7.48
CA PHE S 79 -0.27 9.60 6.95
C PHE S 79 -0.09 9.76 5.45
N ARG S 80 1.16 9.87 5.00
CA ARG S 80 1.52 9.77 3.59
C ARG S 80 1.45 8.33 3.13
N ASP T 21 26.55 -8.67 37.99
CA ASP T 21 26.52 -10.14 38.26
C ASP T 21 27.92 -10.63 38.59
N ASN T 22 27.99 -11.82 39.20
CA ASN T 22 29.28 -12.39 39.56
C ASN T 22 30.23 -12.51 38.38
N LEU T 23 29.72 -12.91 37.21
CA LEU T 23 30.59 -13.10 36.05
C LEU T 23 31.39 -11.85 35.73
N GLN T 24 30.75 -10.70 35.69
CA GLN T 24 31.49 -9.49 35.35
C GLN T 24 32.54 -9.21 36.39
N THR T 25 32.23 -9.48 37.66
CA THR T 25 33.17 -9.29 38.75
C THR T 25 34.30 -10.31 38.70
N GLN T 26 33.97 -11.58 38.47
CA GLN T 26 34.96 -12.63 38.45
C GLN T 26 35.92 -12.55 37.28
N VAL T 27 35.49 -11.99 36.14
CA VAL T 27 36.40 -11.81 35.02
C VAL T 27 37.40 -10.70 35.30
N THR T 28 36.94 -9.60 35.90
CA THR T 28 37.84 -8.51 36.21
C THR T 28 38.92 -8.95 37.19
N GLU T 29 38.53 -9.71 38.22
CA GLU T 29 39.47 -10.16 39.23
C GLU T 29 40.57 -11.06 38.66
N ALA T 30 40.23 -11.96 37.74
CA ALA T 30 41.24 -12.83 37.16
C ALA T 30 42.27 -12.07 36.36
N LEU T 31 41.86 -11.05 35.61
CA LEU T 31 42.81 -10.27 34.82
C LEU T 31 43.88 -9.63 35.68
N ASP T 32 43.47 -8.98 36.77
CA ASP T 32 44.39 -8.29 37.65
C ASP T 32 45.52 -9.18 38.15
N LYS T 33 45.24 -10.45 38.43
CA LYS T 33 46.30 -11.35 38.90
C LYS T 33 47.32 -11.62 37.81
N LEU T 34 46.87 -11.95 36.60
CA LEU T 34 47.79 -12.22 35.51
C LEU T 34 48.64 -11.01 35.19
N ALA T 35 48.05 -9.82 35.19
CA ALA T 35 48.80 -8.60 34.88
C ALA T 35 50.01 -8.44 35.78
N ALA T 36 49.94 -8.89 37.03
CA ALA T 36 51.09 -8.78 37.90
C ALA T 36 52.13 -9.87 37.68
N LYS T 37 51.74 -10.97 37.03
CA LYS T 37 52.67 -12.07 36.74
C LYS T 37 52.24 -12.73 35.43
N PRO T 38 52.41 -12.03 34.30
CA PRO T 38 51.94 -12.57 33.03
C PRO T 38 52.72 -13.75 32.51
N SER T 39 53.82 -14.12 33.16
CA SER T 39 54.65 -15.23 32.73
C SER T 39 54.42 -16.52 33.51
N ASP T 40 53.38 -16.60 34.34
CA ASP T 40 53.14 -17.84 35.08
C ASP T 40 52.02 -18.63 34.43
N PRO T 41 52.27 -19.87 33.98
CA PRO T 41 51.22 -20.63 33.30
C PRO T 41 50.03 -20.97 34.19
N ALA T 42 50.23 -21.08 35.51
CA ALA T 42 49.11 -21.42 36.39
C ALA T 42 48.04 -20.35 36.34
N LEU T 43 48.42 -19.11 36.10
CA LEU T 43 47.49 -18.01 35.95
C LEU T 43 46.98 -17.90 34.52
N LEU T 44 47.80 -18.25 33.54
CA LEU T 44 47.38 -18.18 32.14
C LEU T 44 46.19 -19.07 31.87
N ALA T 45 46.27 -20.34 32.24
CA ALA T 45 45.18 -21.27 31.95
C ALA T 45 43.88 -20.81 32.59
N ALA T 46 43.96 -20.26 33.79
CA ALA T 46 42.74 -19.75 34.44
C ALA T 46 42.15 -18.61 33.65
N TYR T 47 43.00 -17.75 33.08
CA TYR T 47 42.48 -16.64 32.30
C TYR T 47 41.97 -17.12 30.94
N GLN T 48 42.64 -18.09 30.33
CA GLN T 48 42.18 -18.60 29.05
C GLN T 48 40.76 -19.15 29.16
N SER T 49 40.49 -19.92 30.22
CA SER T 49 39.17 -20.49 30.39
C SER T 49 38.10 -19.43 30.62
N LYS T 50 38.28 -18.59 31.62
CA LYS T 50 37.26 -17.60 31.94
C LYS T 50 37.01 -16.62 30.80
N LEU T 51 38.05 -16.12 30.14
CA LEU T 51 37.81 -15.16 29.05
C LEU T 51 37.10 -15.81 27.88
N SER T 52 37.44 -17.07 27.57
CA SER T 52 36.76 -17.77 26.50
C SER T 52 35.29 -18.01 26.83
N GLU T 53 34.91 -17.94 28.11
CA GLU T 53 33.53 -18.12 28.53
C GLU T 53 32.77 -16.80 28.54
N TYR T 54 33.41 -15.72 28.96
CA TYR T 54 32.73 -14.44 29.02
C TYR T 54 32.31 -13.96 27.65
N ASN T 55 33.15 -14.13 26.63
CA ASN T 55 32.80 -13.64 25.30
C ASN T 55 31.67 -14.45 24.66
N LEU T 56 31.54 -15.74 24.97
CA LEU T 56 30.41 -16.50 24.45
C LEU T 56 29.11 -16.11 25.13
N TYR T 57 29.15 -15.90 26.44
CA TYR T 57 28.01 -15.33 27.15
C TYR T 57 27.61 -13.97 26.58
N ARG T 58 28.56 -13.06 26.47
CA ARG T 58 28.26 -11.66 26.14
C ARG T 58 27.78 -11.49 24.71
N ASN T 59 28.14 -12.42 23.82
CA ASN T 59 27.51 -12.47 22.50
C ASN T 59 26.11 -13.07 22.54
N ALA T 60 25.93 -14.21 23.20
CA ALA T 60 24.63 -14.89 23.18
C ALA T 60 23.54 -14.02 23.77
N GLN T 61 23.90 -13.16 24.73
CA GLN T 61 22.95 -12.23 25.31
C GLN T 61 22.51 -11.16 24.31
N SER T 62 23.43 -10.68 23.49
CA SER T 62 23.08 -9.62 22.55
C SER T 62 22.09 -10.06 21.48
N ASN T 63 22.32 -11.22 20.85
CA ASN T 63 21.39 -11.70 19.84
C ASN T 63 19.98 -11.90 20.39
N THR T 64 19.87 -12.46 21.59
CA THR T 64 18.56 -12.74 22.16
C THR T 64 17.74 -11.49 22.39
N VAL T 65 18.33 -10.46 23.00
CA VAL T 65 17.60 -9.23 23.25
C VAL T 65 17.12 -8.61 21.93
N LYS T 66 17.98 -8.61 20.93
CA LYS T 66 17.59 -8.09 19.62
C LYS T 66 16.39 -8.84 19.05
N VAL T 67 16.48 -10.16 19.01
CA VAL T 67 15.43 -11.02 18.44
C VAL T 67 14.05 -10.75 19.02
N PHE T 68 13.95 -10.52 20.32
CA PHE T 68 12.64 -10.29 20.91
C PHE T 68 12.07 -8.94 20.54
N LYS T 69 12.92 -7.92 20.42
CA LYS T 69 12.48 -6.60 19.99
C LYS T 69 12.35 -6.45 18.48
N ASP T 70 12.78 -7.45 17.70
CA ASP T 70 12.35 -7.54 16.31
C ASP T 70 10.93 -8.07 16.13
N ILE T 71 10.53 -9.08 16.90
CA ILE T 71 9.13 -9.51 16.91
C ILE T 71 8.19 -8.39 17.33
N ASP T 72 8.56 -7.64 18.36
CA ASP T 72 7.75 -6.52 18.81
C ASP T 72 7.59 -5.43 17.76
N ALA T 73 8.42 -5.41 16.73
CA ALA T 73 8.17 -4.51 15.60
C ALA T 73 7.30 -5.15 14.53
N ALA T 74 7.62 -6.39 14.14
CA ALA T 74 6.83 -7.08 13.12
C ALA T 74 5.36 -7.15 13.53
N ILE T 75 5.11 -7.37 14.82
CA ILE T 75 3.76 -7.42 15.36
C ILE T 75 3.03 -6.08 15.22
N ILE T 76 3.74 -5.00 14.92
CA ILE T 76 3.11 -3.71 14.65
C ILE T 76 2.94 -3.46 13.16
N GLN T 77 3.88 -3.89 12.33
CA GLN T 77 3.79 -3.67 10.89
C GLN T 77 2.57 -4.33 10.27
N ASN T 78 2.04 -5.38 10.88
CA ASN T 78 0.83 -5.99 10.34
C ASN T 78 -0.37 -5.09 10.51
N PHE T 79 -0.49 -4.42 11.66
CA PHE T 79 -1.63 -3.58 11.93
C PHE T 79 -1.44 -2.14 11.48
N ARG T 80 -0.20 -1.71 11.29
CA ARG T 80 0.03 -0.43 10.66
C ARG T 80 0.16 -0.64 9.17
N ASP U 21 22.56 -39.46 22.23
CA ASP U 21 23.18 -40.18 21.07
C ASP U 21 24.53 -40.70 21.46
N ASN U 22 24.94 -41.83 20.89
CA ASN U 22 26.20 -42.44 21.29
C ASN U 22 27.36 -41.48 21.07
N LEU U 23 27.34 -40.76 19.94
CA LEU U 23 28.46 -39.87 19.65
C LEU U 23 28.69 -38.86 20.77
N GLN U 24 27.62 -38.33 21.35
CA GLN U 24 27.81 -37.42 22.47
C GLN U 24 28.41 -38.12 23.67
N THR U 25 27.90 -39.31 23.99
CA THR U 25 28.43 -40.08 25.11
C THR U 25 29.81 -40.64 24.82
N GLN U 26 30.08 -40.98 23.57
CA GLN U 26 31.35 -41.59 23.21
C GLN U 26 32.51 -40.60 23.35
N VAL U 27 32.31 -39.33 23.03
CA VAL U 27 33.37 -38.35 23.22
C VAL U 27 33.65 -38.14 24.70
N THR U 28 32.60 -38.03 25.52
CA THR U 28 32.78 -37.81 26.95
C THR U 28 33.68 -38.86 27.56
N GLU U 29 33.61 -40.10 27.07
CA GLU U 29 34.46 -41.15 27.62
C GLU U 29 35.89 -41.10 27.11
N ALA U 30 36.10 -40.82 25.83
CA ALA U 30 37.47 -40.70 25.35
C ALA U 30 38.19 -39.54 26.06
N LEU U 31 37.47 -38.46 26.34
CA LEU U 31 38.07 -37.36 27.08
C LEU U 31 38.48 -37.80 28.47
N ASP U 32 37.68 -38.65 29.10
CA ASP U 32 37.97 -39.08 30.46
C ASP U 32 39.16 -40.02 30.53
N LYS U 33 39.48 -40.73 29.46
CA LYS U 33 40.72 -41.51 29.46
C LYS U 33 41.95 -40.61 29.37
N LEU U 34 41.91 -39.60 28.49
CA LEU U 34 43.03 -38.67 28.39
C LEU U 34 43.25 -37.90 29.68
N ALA U 35 42.16 -37.50 30.34
CA ALA U 35 42.32 -36.78 31.59
C ALA U 35 43.11 -37.61 32.58
N ALA U 36 43.08 -38.93 32.46
CA ALA U 36 43.83 -39.78 33.37
C ALA U 36 45.30 -39.90 32.97
N LYS U 37 45.62 -39.92 31.68
CA LYS U 37 47.01 -40.07 31.22
C LYS U 37 47.15 -39.42 29.85
N PRO U 38 47.31 -38.10 29.80
CA PRO U 38 47.37 -37.40 28.51
C PRO U 38 48.64 -37.65 27.71
N SER U 39 49.59 -38.46 28.17
CA SER U 39 50.85 -38.64 27.46
C SER U 39 50.96 -39.95 26.68
N ASP U 40 49.94 -40.80 26.68
CA ASP U 40 50.01 -42.04 25.93
C ASP U 40 49.79 -41.79 24.44
N PRO U 41 50.70 -42.20 23.56
CA PRO U 41 50.49 -41.93 22.13
C PRO U 41 49.30 -42.66 21.54
N ALA U 42 48.95 -43.83 22.07
CA ALA U 42 47.81 -44.57 21.55
C ALA U 42 46.49 -43.93 21.96
N LEU U 43 46.41 -43.42 23.19
CA LEU U 43 45.18 -42.81 23.65
C LEU U 43 44.91 -41.48 22.98
N LEU U 44 45.96 -40.71 22.70
CA LEU U 44 45.75 -39.41 22.06
C LEU U 44 45.16 -39.55 20.66
N ALA U 45 45.66 -40.49 19.86
CA ALA U 45 45.15 -40.64 18.51
C ALA U 45 43.66 -40.95 18.51
N ALA U 46 43.22 -41.80 19.42
CA ALA U 46 41.81 -42.19 19.45
C ALA U 46 40.92 -40.98 19.67
N TYR U 47 41.25 -40.15 20.65
CA TYR U 47 40.43 -38.98 20.94
C TYR U 47 40.44 -37.97 19.80
N GLN U 48 41.56 -37.83 19.08
CA GLN U 48 41.58 -36.90 17.96
C GLN U 48 40.47 -37.18 16.96
N SER U 49 40.24 -38.45 16.64
CA SER U 49 39.14 -38.80 15.75
C SER U 49 37.80 -38.39 16.33
N LYS U 50 37.45 -38.92 17.50
CA LYS U 50 36.13 -38.66 18.05
C LYS U 50 35.87 -37.18 18.24
N LEU U 51 36.89 -36.40 18.60
CA LEU U 51 36.71 -34.96 18.70
C LEU U 51 36.51 -34.29 17.34
N SER U 52 37.12 -34.81 16.28
CA SER U 52 36.81 -34.34 14.93
C SER U 52 35.42 -34.75 14.50
N GLU U 53 35.04 -35.99 14.73
CA GLU U 53 33.73 -36.46 14.31
C GLU U 53 32.61 -35.69 14.99
N TYR U 54 32.84 -35.26 16.23
CA TYR U 54 31.83 -34.50 16.97
C TYR U 54 31.69 -33.08 16.47
N ASN U 55 32.81 -32.42 16.16
CA ASN U 55 32.75 -31.04 15.69
C ASN U 55 31.95 -30.88 14.41
N LEU U 56 32.14 -31.77 13.44
CA LEU U 56 31.38 -31.64 12.19
C LEU U 56 29.88 -31.78 12.43
N TYR U 57 29.46 -32.82 13.13
CA TYR U 57 28.02 -33.07 13.30
C TYR U 57 27.30 -31.88 13.91
N ARG U 58 27.87 -31.26 14.93
CA ARG U 58 27.22 -30.10 15.54
C ARG U 58 27.02 -28.97 14.54
N ASN U 59 27.98 -28.77 13.64
CA ASN U 59 27.88 -27.70 12.65
C ASN U 59 26.87 -28.02 11.57
N ALA U 60 26.94 -29.22 11.00
CA ALA U 60 26.00 -29.59 9.95
C ALA U 60 24.56 -29.51 10.44
N GLN U 61 24.32 -29.83 11.70
CA GLN U 61 22.97 -29.75 12.23
C GLN U 61 22.55 -28.31 12.44
N SER U 62 23.42 -27.47 13.00
CA SER U 62 23.06 -26.08 13.25
C SER U 62 22.68 -25.35 11.97
N ASN U 63 23.46 -25.53 10.91
CA ASN U 63 23.13 -24.89 9.64
C ASN U 63 21.78 -25.33 9.12
N THR U 64 21.55 -26.64 9.11
CA THR U 64 20.30 -27.18 8.59
C THR U 64 19.08 -26.64 9.32
N VAL U 65 19.14 -26.49 10.63
CA VAL U 65 18.00 -25.91 11.33
C VAL U 65 17.83 -24.45 10.93
N LYS U 66 18.92 -23.71 10.81
CA LYS U 66 18.84 -22.31 10.40
C LYS U 66 18.15 -22.17 9.04
N VAL U 67 18.53 -23.01 8.08
CA VAL U 67 17.89 -23.02 6.76
C VAL U 67 16.39 -23.22 6.89
N PHE U 68 15.98 -24.32 7.52
CA PHE U 68 14.56 -24.68 7.58
C PHE U 68 13.74 -23.65 8.32
N LYS U 69 14.30 -23.05 9.35
CA LYS U 69 13.54 -22.14 10.19
C LYS U 69 13.37 -20.77 9.56
N ASP U 70 14.15 -20.46 8.52
CA ASP U 70 13.95 -19.25 7.71
C ASP U 70 13.10 -19.44 6.46
N ILE U 71 13.04 -20.65 5.88
CA ILE U 71 12.03 -20.92 4.86
C ILE U 71 10.64 -20.67 5.40
N ASP U 72 10.35 -21.19 6.59
CA ASP U 72 9.05 -20.98 7.22
C ASP U 72 8.80 -19.52 7.56
N ALA U 73 9.82 -18.67 7.56
CA ALA U 73 9.66 -17.24 7.77
C ALA U 73 9.34 -16.51 6.48
N ALA U 74 10.06 -16.81 5.40
CA ALA U 74 9.74 -16.23 4.10
C ALA U 74 8.32 -16.59 3.67
N ILE U 75 7.92 -17.84 3.87
CA ILE U 75 6.59 -18.28 3.47
C ILE U 75 5.48 -17.57 4.22
N ILE U 76 5.78 -16.97 5.37
CA ILE U 76 4.81 -16.16 6.08
C ILE U 76 4.93 -14.69 5.69
N GLN U 77 6.15 -14.23 5.43
CA GLN U 77 6.34 -12.87 4.95
C GLN U 77 5.70 -12.67 3.58
N ASN U 78 5.64 -13.72 2.78
CA ASN U 78 5.06 -13.56 1.45
C ASN U 78 3.57 -13.27 1.55
N PHE U 79 2.82 -14.15 2.20
CA PHE U 79 1.37 -13.98 2.34
C PHE U 79 1.05 -13.03 3.46
N ARG U 80 0.24 -12.04 3.15
CA ARG U 80 -0.42 -11.28 4.18
C ARG U 80 -1.78 -10.88 3.63
N LEU V 9 21.17 -26.83 -14.13
CA LEU V 9 21.67 -26.98 -12.73
C LEU V 9 21.80 -28.45 -12.34
N ASP V 10 20.72 -29.23 -12.46
CA ASP V 10 20.79 -30.62 -12.03
C ASP V 10 21.91 -31.40 -12.71
N ASP V 11 22.47 -30.87 -13.79
CA ASP V 11 23.60 -31.49 -14.46
C ASP V 11 24.93 -30.94 -14.00
N VAL V 12 24.93 -29.74 -13.39
CA VAL V 12 26.17 -29.10 -12.97
C VAL V 12 26.95 -30.00 -12.03
N SER V 13 26.30 -30.63 -11.06
CA SER V 13 27.03 -31.56 -10.21
C SER V 13 27.61 -32.71 -11.02
N ALA V 14 26.77 -33.39 -11.80
CA ALA V 14 27.20 -34.54 -12.58
C ALA V 14 28.35 -34.21 -13.54
N LYS V 15 28.38 -32.98 -14.05
CA LYS V 15 29.45 -32.57 -14.95
C LYS V 15 30.84 -32.79 -14.36
N PHE V 16 30.98 -32.64 -13.04
CA PHE V 16 32.27 -32.87 -12.40
C PHE V 16 32.60 -34.35 -12.24
N ASP V 17 31.62 -35.18 -11.86
CA ASP V 17 31.87 -36.60 -11.68
C ASP V 17 32.35 -37.29 -12.95
N THR V 18 31.91 -36.84 -14.12
CA THR V 18 32.36 -37.48 -15.34
C THR V 18 33.83 -37.21 -15.66
N GLY V 19 34.40 -36.11 -15.18
CA GLY V 19 35.82 -35.90 -15.40
C GLY V 19 36.66 -36.64 -14.39
N VAL V 20 36.15 -36.66 -13.15
CA VAL V 20 36.73 -37.34 -12.00
C VAL V 20 36.49 -38.84 -11.98
N ASP V 21 35.90 -39.41 -13.02
CA ASP V 21 35.41 -40.79 -13.00
C ASP V 21 36.25 -41.82 -12.24
N ASN V 22 37.54 -41.94 -12.51
CA ASN V 22 38.33 -42.90 -11.73
C ASN V 22 38.68 -42.34 -10.35
N LEU V 23 39.03 -41.07 -10.28
CA LEU V 23 39.73 -40.55 -9.11
C LEU V 23 39.09 -40.97 -7.81
N GLN V 24 37.76 -40.94 -7.74
CA GLN V 24 37.06 -41.41 -6.54
C GLN V 24 37.53 -42.78 -6.08
N THR V 25 38.06 -43.60 -6.98
CA THR V 25 38.55 -44.92 -6.61
C THR V 25 40.05 -44.98 -6.37
N GLN V 26 40.83 -44.26 -7.18
CA GLN V 26 42.28 -44.30 -7.03
C GLN V 26 42.72 -43.90 -5.63
N VAL V 27 42.05 -42.92 -5.02
CA VAL V 27 42.43 -42.54 -3.65
C VAL V 27 42.17 -43.67 -2.68
N THR V 28 41.19 -44.53 -2.97
CA THR V 28 40.94 -45.66 -2.08
C THR V 28 42.00 -46.73 -2.25
N GLU V 29 42.45 -46.95 -3.47
CA GLU V 29 43.51 -47.93 -3.72
C GLU V 29 44.84 -47.48 -3.13
N ALA V 30 45.20 -46.21 -3.34
CA ALA V 30 46.45 -45.70 -2.79
C ALA V 30 46.46 -45.74 -1.27
N LEU V 31 45.35 -45.36 -0.64
CA LEU V 31 45.30 -45.41 0.81
C LEU V 31 45.41 -46.84 1.31
N ASP V 32 44.75 -47.77 0.64
CA ASP V 32 44.80 -49.16 1.06
C ASP V 32 46.18 -49.75 0.86
N LYS V 33 46.92 -49.30 -0.14
CA LYS V 33 48.29 -49.77 -0.33
C LYS V 33 49.26 -49.09 0.64
N LEU V 34 49.13 -47.79 0.84
CA LEU V 34 50.00 -47.09 1.79
C LEU V 34 49.93 -47.73 3.17
N ALA V 35 48.73 -48.07 3.62
CA ALA V 35 48.59 -48.64 4.95
C ALA V 35 49.42 -49.90 5.14
N ALA V 36 49.86 -50.54 4.06
CA ALA V 36 50.67 -51.75 4.20
C ALA V 36 52.14 -51.46 4.47
N LYS V 37 52.65 -50.31 4.02
CA LYS V 37 54.06 -49.97 4.21
C LYS V 37 54.20 -48.45 4.25
N PRO V 38 53.74 -47.83 5.32
CA PRO V 38 53.80 -46.37 5.39
C PRO V 38 55.20 -45.79 5.42
N SER V 39 56.23 -46.63 5.33
CA SER V 39 57.62 -46.18 5.32
C SER V 39 58.24 -46.19 3.92
N ASP V 40 57.49 -46.56 2.89
CA ASP V 40 58.02 -46.60 1.53
C ASP V 40 57.85 -45.25 0.85
N PRO V 41 58.95 -44.57 0.48
CA PRO V 41 58.78 -43.25 -0.15
C PRO V 41 58.12 -43.31 -1.52
N ALA V 42 58.21 -44.43 -2.23
CA ALA V 42 57.54 -44.54 -3.52
C ALA V 42 56.03 -44.52 -3.36
N LEU V 43 55.52 -45.05 -2.25
CA LEU V 43 54.08 -45.02 -2.02
C LEU V 43 53.64 -43.69 -1.44
N LEU V 44 54.45 -43.12 -0.55
CA LEU V 44 54.09 -41.84 0.07
C LEU V 44 54.03 -40.72 -0.96
N ALA V 45 55.05 -40.61 -1.81
CA ALA V 45 55.08 -39.54 -2.79
C ALA V 45 53.92 -39.66 -3.76
N ALA V 46 53.59 -40.89 -4.17
CA ALA V 46 52.46 -41.10 -5.05
C ALA V 46 51.16 -40.68 -4.39
N TYR V 47 50.98 -41.08 -3.14
CA TYR V 47 49.73 -40.80 -2.42
C TYR V 47 49.52 -39.30 -2.25
N GLN V 48 50.57 -38.54 -1.95
CA GLN V 48 50.41 -37.10 -1.79
C GLN V 48 49.80 -36.45 -3.02
N SER V 49 50.17 -36.90 -4.22
CA SER V 49 49.59 -36.32 -5.42
C SER V 49 48.12 -36.68 -5.58
N LYS V 50 47.80 -37.97 -5.57
CA LYS V 50 46.41 -38.39 -5.74
C LYS V 50 45.51 -37.85 -4.64
N LEU V 51 46.03 -37.74 -3.42
CA LEU V 51 45.23 -37.14 -2.35
C LEU V 51 45.01 -35.66 -2.61
N SER V 52 46.04 -34.95 -3.02
CA SER V 52 45.92 -33.51 -3.23
C SER V 52 44.89 -33.19 -4.31
N GLU V 53 44.87 -33.99 -5.37
CA GLU V 53 43.94 -33.75 -6.47
C GLU V 53 42.50 -33.96 -6.04
N TYR V 54 42.28 -34.87 -5.11
CA TYR V 54 40.96 -35.06 -4.52
C TYR V 54 40.48 -33.89 -3.68
N ASN V 55 41.39 -33.15 -3.06
CA ASN V 55 40.98 -31.97 -2.32
C ASN V 55 40.47 -30.87 -3.23
N LEU V 56 41.22 -30.56 -4.28
CA LEU V 56 40.86 -29.44 -5.15
C LEU V 56 39.55 -29.69 -5.87
N TYR V 57 39.34 -30.90 -6.37
CA TYR V 57 38.06 -31.28 -6.96
C TYR V 57 36.89 -31.12 -6.01
N ARG V 58 36.89 -31.85 -4.90
CA ARG V 58 35.74 -31.79 -4.02
C ARG V 58 35.43 -30.37 -3.57
N ASN V 59 36.45 -29.53 -3.39
CA ASN V 59 36.19 -28.15 -3.00
C ASN V 59 35.64 -27.34 -4.17
N ALA V 60 36.30 -27.38 -5.33
CA ALA V 60 35.84 -26.61 -6.49
C ALA V 60 34.46 -27.03 -6.93
N GLN V 61 34.06 -28.26 -6.63
CA GLN V 61 32.71 -28.72 -6.93
C GLN V 61 31.67 -28.02 -6.07
N SER V 62 31.98 -27.81 -4.80
CA SER V 62 31.02 -27.24 -3.88
C SER V 62 30.80 -25.75 -4.12
N ASN V 63 31.86 -24.98 -4.36
CA ASN V 63 31.65 -23.54 -4.53
C ASN V 63 30.77 -23.25 -5.73
N THR V 64 30.89 -24.05 -6.79
CA THR V 64 30.14 -23.77 -8.00
C THR V 64 28.64 -23.93 -7.78
N VAL V 65 28.22 -25.03 -7.19
CA VAL V 65 26.78 -25.22 -6.98
C VAL V 65 26.19 -24.06 -6.19
N LYS V 66 26.93 -23.53 -5.20
CA LYS V 66 26.36 -22.44 -4.43
C LYS V 66 26.09 -21.22 -5.30
N VAL V 67 26.94 -20.97 -6.30
CA VAL V 67 26.70 -19.86 -7.21
C VAL V 67 25.40 -20.05 -7.97
N PHE V 68 25.22 -21.22 -8.58
CA PHE V 68 24.02 -21.46 -9.36
C PHE V 68 22.79 -21.59 -8.48
N LYS V 69 22.95 -22.08 -7.24
CA LYS V 69 21.82 -22.12 -6.33
C LYS V 69 21.22 -20.74 -6.18
N ASP V 70 22.07 -19.72 -6.05
CA ASP V 70 21.61 -18.37 -5.78
C ASP V 70 21.14 -17.60 -7.00
N ILE V 71 21.60 -17.96 -8.20
CA ILE V 71 21.02 -17.32 -9.38
C ILE V 71 19.55 -17.68 -9.48
N ASP V 72 19.23 -18.97 -9.28
CA ASP V 72 17.83 -19.41 -9.29
C ASP V 72 17.02 -18.81 -8.16
N ALA V 73 17.60 -18.73 -6.97
CA ALA V 73 16.86 -18.17 -5.85
C ALA V 73 16.50 -16.72 -6.10
N ALA V 74 17.44 -15.94 -6.63
CA ALA V 74 17.16 -14.53 -6.90
C ALA V 74 15.99 -14.35 -7.87
N ILE V 75 16.02 -15.05 -9.00
CA ILE V 75 14.97 -14.90 -10.01
C ILE V 75 13.59 -15.21 -9.45
N ILE V 76 13.47 -16.29 -8.67
CA ILE V 76 12.16 -16.66 -8.14
C ILE V 76 11.69 -15.74 -7.03
N GLN V 77 12.53 -14.85 -6.53
CA GLN V 77 12.05 -13.74 -5.72
C GLN V 77 11.59 -12.56 -6.56
N ASN V 78 12.24 -12.31 -7.69
CA ASN V 78 11.76 -11.27 -8.60
C ASN V 78 10.40 -11.60 -9.21
N PHE V 79 9.94 -12.84 -9.11
CA PHE V 79 8.59 -13.14 -9.56
C PHE V 79 7.55 -12.42 -8.72
N ARG V 80 7.83 -12.20 -7.45
CA ARG V 80 6.85 -11.58 -6.57
C ARG V 80 6.44 -10.20 -7.06
N SER W 6 33.39 -11.30 -25.47
CA SER W 6 34.28 -11.00 -24.31
C SER W 6 33.79 -9.74 -23.62
N GLY W 7 33.89 -9.71 -22.29
CA GLY W 7 33.40 -8.58 -21.52
C GLY W 7 34.49 -7.69 -20.99
N TYR W 8 34.28 -7.13 -19.79
CA TYR W 8 35.27 -6.27 -19.16
C TYR W 8 36.20 -7.04 -18.23
N LEU W 9 35.65 -7.98 -17.47
CA LEU W 9 36.47 -8.79 -16.57
C LEU W 9 37.40 -9.71 -17.33
N ASP W 10 37.06 -10.03 -18.58
CA ASP W 10 37.97 -10.74 -19.46
C ASP W 10 39.12 -9.82 -19.87
N ASP W 11 38.82 -8.55 -20.10
CA ASP W 11 39.83 -7.57 -20.46
C ASP W 11 40.78 -7.27 -19.32
N VAL W 12 40.26 -7.12 -18.10
CA VAL W 12 41.12 -6.89 -16.96
C VAL W 12 42.14 -8.02 -16.79
N SER W 13 41.71 -9.25 -16.96
CA SER W 13 42.64 -10.38 -16.83
C SER W 13 43.73 -10.33 -17.89
N ALA W 14 43.37 -10.13 -19.15
CA ALA W 14 44.39 -10.10 -20.19
C ALA W 14 45.44 -9.02 -19.98
N LYS W 15 45.13 -7.97 -19.22
CA LYS W 15 46.13 -6.96 -18.92
C LYS W 15 47.35 -7.58 -18.24
N PHE W 16 47.12 -8.40 -17.22
CA PHE W 16 48.23 -9.04 -16.52
C PHE W 16 48.98 -10.04 -17.41
N ASP W 17 48.24 -10.84 -18.18
CA ASP W 17 48.87 -11.82 -19.07
C ASP W 17 49.71 -11.17 -20.16
N THR W 18 49.29 -10.02 -20.67
CA THR W 18 50.08 -9.34 -21.70
C THR W 18 51.22 -8.52 -21.12
N GLY W 19 51.18 -8.19 -19.84
CA GLY W 19 52.29 -7.52 -19.21
C GLY W 19 53.34 -8.58 -18.91
N VAL W 20 52.94 -9.58 -18.13
CA VAL W 20 53.79 -10.73 -17.83
C VAL W 20 53.54 -11.72 -18.95
N ASP W 21 54.21 -11.49 -20.08
CA ASP W 21 53.90 -12.24 -21.29
C ASP W 21 54.53 -13.62 -21.37
N ASN W 22 55.76 -13.79 -20.89
CA ASN W 22 56.43 -15.09 -21.01
C ASN W 22 56.78 -15.75 -19.70
N LEU W 23 56.25 -15.27 -18.58
CA LEU W 23 56.54 -15.98 -17.35
C LEU W 23 55.96 -17.39 -17.39
N GLN W 24 54.77 -17.55 -17.96
CA GLN W 24 54.16 -18.87 -18.03
C GLN W 24 55.01 -19.84 -18.85
N THR W 25 55.64 -19.35 -19.91
CA THR W 25 56.54 -20.19 -20.69
C THR W 25 57.78 -20.56 -19.90
N GLN W 26 58.45 -19.56 -19.33
CA GLN W 26 59.69 -19.79 -18.60
C GLN W 26 59.52 -20.79 -17.47
N VAL W 27 58.38 -20.79 -16.80
CA VAL W 27 58.17 -21.74 -15.72
C VAL W 27 58.26 -23.17 -16.24
N THR W 28 57.56 -23.49 -17.32
CA THR W 28 57.64 -24.85 -17.82
C THR W 28 59.04 -25.19 -18.33
N GLU W 29 59.78 -24.20 -18.83
CA GLU W 29 61.15 -24.47 -19.28
C GLU W 29 62.08 -24.76 -18.11
N ALA W 30 62.06 -23.91 -17.08
CA ALA W 30 62.91 -24.14 -15.92
C ALA W 30 62.55 -25.44 -15.23
N LEU W 31 61.25 -25.71 -15.10
CA LEU W 31 60.80 -26.96 -14.51
C LEU W 31 61.24 -28.15 -15.34
N ASP W 32 61.14 -28.03 -16.67
CA ASP W 32 61.55 -29.12 -17.54
C ASP W 32 63.06 -29.38 -17.47
N LYS W 33 63.87 -28.33 -17.32
CA LYS W 33 65.31 -28.53 -17.18
C LYS W 33 65.67 -29.10 -15.82
N LEU W 34 65.10 -28.52 -14.76
CA LEU W 34 65.39 -28.98 -13.41
C LEU W 34 65.06 -30.44 -13.21
N ALA W 35 63.93 -30.90 -13.76
CA ALA W 35 63.54 -32.29 -13.59
C ALA W 35 64.58 -33.25 -14.13
N ALA W 36 65.44 -32.81 -15.05
CA ALA W 36 66.48 -33.69 -15.58
C ALA W 36 67.75 -33.73 -14.72
N LYS W 37 67.96 -32.76 -13.83
CA LYS W 37 69.18 -32.77 -13.04
C LYS W 37 68.99 -31.99 -11.75
N PRO W 38 68.17 -32.49 -10.82
CA PRO W 38 67.89 -31.75 -9.58
C PRO W 38 69.10 -31.42 -8.71
N SER W 39 70.25 -32.04 -8.93
CA SER W 39 71.41 -31.82 -8.05
C SER W 39 72.22 -30.58 -8.38
N ASP W 40 71.96 -29.91 -9.50
CA ASP W 40 72.73 -28.74 -9.89
C ASP W 40 72.25 -27.49 -9.16
N PRO W 41 73.08 -26.82 -8.36
CA PRO W 41 72.61 -25.60 -7.69
C PRO W 41 72.35 -24.43 -8.62
N ALA W 42 72.99 -24.40 -9.80
CA ALA W 42 72.78 -23.31 -10.73
C ALA W 42 71.36 -23.28 -11.29
N LEU W 43 70.65 -24.41 -11.27
CA LEU W 43 69.28 -24.46 -11.75
C LEU W 43 68.29 -24.16 -10.65
N LEU W 44 68.60 -24.57 -9.42
CA LEU W 44 67.67 -24.35 -8.31
C LEU W 44 67.46 -22.88 -8.03
N ALA W 45 68.55 -22.11 -8.01
CA ALA W 45 68.43 -20.68 -7.72
C ALA W 45 67.57 -19.97 -8.75
N ALA W 46 67.67 -20.36 -10.01
CA ALA W 46 66.84 -19.76 -11.04
C ALA W 46 65.37 -20.14 -10.88
N TYR W 47 65.10 -21.43 -10.76
CA TYR W 47 63.73 -21.91 -10.65
C TYR W 47 63.00 -21.30 -9.46
N GLN W 48 63.68 -21.17 -8.32
CA GLN W 48 63.02 -20.54 -7.17
C GLN W 48 62.49 -19.17 -7.52
N SER W 49 63.26 -18.39 -8.28
CA SER W 49 62.81 -17.05 -8.66
C SER W 49 61.59 -17.12 -9.57
N LYS W 50 61.65 -17.95 -10.61
CA LYS W 50 60.53 -18.00 -11.54
C LYS W 50 59.27 -18.55 -10.88
N LEU W 51 59.38 -19.60 -10.08
CA LEU W 51 58.19 -20.14 -9.43
C LEU W 51 57.56 -19.12 -8.49
N SER W 52 58.38 -18.47 -7.67
CA SER W 52 57.85 -17.47 -6.75
C SER W 52 57.18 -16.33 -7.49
N GLU W 53 57.83 -15.84 -8.54
CA GLU W 53 57.28 -14.74 -9.33
C GLU W 53 55.98 -15.14 -10.01
N TYR W 54 55.89 -16.38 -10.49
CA TYR W 54 54.66 -16.86 -11.10
C TYR W 54 53.52 -16.85 -10.08
N ASN W 55 53.83 -17.19 -8.83
CA ASN W 55 52.83 -17.24 -7.78
C ASN W 55 52.16 -15.88 -7.58
N LEU W 56 52.94 -14.84 -7.31
CA LEU W 56 52.37 -13.53 -7.03
C LEU W 56 51.60 -12.98 -8.20
N TYR W 57 52.00 -13.30 -9.43
CA TYR W 57 51.19 -12.98 -10.59
C TYR W 57 49.82 -13.65 -10.54
N ARG W 58 49.82 -14.97 -10.44
CA ARG W 58 48.55 -15.69 -10.44
C ARG W 58 47.67 -15.31 -9.26
N ASN W 59 48.27 -14.99 -8.11
CA ASN W 59 47.52 -14.55 -6.95
C ASN W 59 47.01 -13.12 -7.05
N ALA W 60 47.86 -12.18 -7.47
CA ALA W 60 47.42 -10.80 -7.63
C ALA W 60 46.25 -10.71 -8.60
N GLN W 61 46.34 -11.43 -9.71
CA GLN W 61 45.28 -11.37 -10.72
C GLN W 61 43.92 -11.68 -10.12
N SER W 62 43.82 -12.80 -9.41
CA SER W 62 42.53 -13.27 -8.92
C SER W 62 41.90 -12.33 -7.90
N ASN W 63 42.69 -11.69 -7.03
CA ASN W 63 42.11 -10.77 -6.07
C ASN W 63 41.43 -9.57 -6.72
N THR W 64 41.89 -9.09 -7.87
CA THR W 64 41.28 -7.88 -8.41
C THR W 64 39.98 -8.17 -9.13
N VAL W 65 39.89 -9.31 -9.82
CA VAL W 65 38.61 -9.69 -10.42
C VAL W 65 37.53 -9.77 -9.35
N LYS W 66 37.89 -10.28 -8.19
CA LYS W 66 36.98 -10.33 -7.05
C LYS W 66 36.57 -8.96 -6.55
N VAL W 67 37.42 -7.95 -6.68
CA VAL W 67 37.01 -6.60 -6.32
C VAL W 67 36.12 -5.93 -7.36
N PHE W 68 36.39 -6.10 -8.65
CA PHE W 68 35.54 -5.44 -9.62
C PHE W 68 34.14 -6.06 -9.74
N LYS W 69 34.00 -7.36 -9.57
CA LYS W 69 32.64 -7.87 -9.53
C LYS W 69 31.90 -7.45 -8.26
N ASP W 70 32.62 -7.07 -7.21
CA ASP W 70 31.96 -6.45 -6.07
C ASP W 70 31.37 -5.09 -6.41
N ILE W 71 32.17 -4.20 -7.01
CA ILE W 71 31.66 -2.86 -7.34
C ILE W 71 30.46 -2.95 -8.27
N ASP W 72 30.49 -3.88 -9.22
CA ASP W 72 29.38 -4.04 -10.16
C ASP W 72 28.15 -4.62 -9.49
N ALA W 73 28.31 -5.70 -8.74
CA ALA W 73 27.16 -6.36 -8.14
C ALA W 73 26.38 -5.43 -7.23
N ALA W 74 27.06 -4.51 -6.54
CA ALA W 74 26.35 -3.49 -5.77
C ALA W 74 25.56 -2.52 -6.64
N ILE W 75 26.11 -2.08 -7.77
CA ILE W 75 25.39 -1.12 -8.62
C ILE W 75 24.16 -1.74 -9.26
N ILE W 76 24.26 -2.99 -9.71
CA ILE W 76 23.10 -3.67 -10.31
C ILE W 76 22.10 -4.09 -9.27
N GLN W 77 22.43 -3.93 -7.98
CA GLN W 77 21.43 -3.97 -6.91
C GLN W 77 20.58 -2.71 -6.87
N ASN W 78 21.20 -1.54 -7.04
CA ASN W 78 20.48 -0.27 -7.07
C ASN W 78 19.65 -0.08 -8.34
N PHE W 79 19.65 -1.03 -9.27
CA PHE W 79 18.60 -1.05 -10.29
C PHE W 79 17.26 -1.34 -9.66
N ARG W 80 17.28 -2.01 -8.52
CA ARG W 80 16.10 -2.62 -7.92
C ARG W 80 15.28 -1.60 -7.13
N SER X 6 45.19 12.54 -5.43
CA SER X 6 44.52 13.15 -4.24
C SER X 6 43.56 12.18 -3.59
N GLY X 7 43.58 12.12 -2.26
CA GLY X 7 42.71 11.23 -1.54
C GLY X 7 43.16 11.11 -0.11
N TYR X 8 42.26 10.75 0.80
CA TYR X 8 42.65 10.71 2.19
C TYR X 8 43.47 9.47 2.51
N LEU X 9 43.32 8.40 1.74
CA LEU X 9 44.11 7.20 1.98
C LEU X 9 45.55 7.36 1.49
N ASP X 10 45.78 8.25 0.54
CA ASP X 10 47.15 8.59 0.15
C ASP X 10 47.84 9.39 1.25
N ASP X 11 47.08 10.15 2.03
CA ASP X 11 47.69 10.86 3.15
C ASP X 11 48.15 9.90 4.24
N VAL X 12 47.33 8.94 4.60
CA VAL X 12 47.74 7.96 5.60
C VAL X 12 49.00 7.24 5.16
N SER X 13 49.05 6.81 3.89
CA SER X 13 50.27 6.17 3.40
C SER X 13 51.42 7.16 3.36
N ALA X 14 51.17 8.36 2.83
CA ALA X 14 52.23 9.36 2.74
C ALA X 14 52.85 9.68 4.09
N LYS X 15 52.06 9.63 5.17
CA LYS X 15 52.63 9.87 6.50
C LYS X 15 53.80 8.94 6.79
N PHE X 16 53.73 7.69 6.34
CA PHE X 16 54.86 6.79 6.52
C PHE X 16 55.98 7.09 5.54
N ASP X 17 55.66 7.12 4.24
CA ASP X 17 56.69 7.37 3.23
C ASP X 17 57.52 8.61 3.51
N THR X 18 56.97 9.61 4.18
CA THR X 18 57.73 10.82 4.46
C THR X 18 58.59 10.72 5.71
N GLY X 19 58.25 9.83 6.65
CA GLY X 19 59.08 9.67 7.83
C GLY X 19 60.27 8.77 7.56
N VAL X 20 60.01 7.55 7.08
CA VAL X 20 61.07 6.62 6.69
C VAL X 20 61.48 6.86 5.25
N ASP X 21 61.20 8.05 4.72
CA ASP X 21 61.45 8.34 3.32
C ASP X 21 62.82 7.87 2.83
N ASN X 22 63.83 7.90 3.69
CA ASN X 22 65.15 7.44 3.26
C ASN X 22 65.20 5.93 3.03
N LEU X 23 64.31 5.17 3.68
CA LEU X 23 64.37 3.72 3.55
C LEU X 23 64.32 3.25 2.10
N GLN X 24 63.54 3.89 1.25
CA GLN X 24 63.44 3.41 -0.12
C GLN X 24 64.79 3.36 -0.80
N THR X 25 65.65 4.35 -0.57
CA THR X 25 66.99 4.34 -1.13
C THR X 25 67.99 3.61 -0.25
N GLN X 26 67.84 3.71 1.07
CA GLN X 26 68.76 3.03 1.99
C GLN X 26 68.80 1.53 1.74
N VAL X 27 67.64 0.91 1.53
CA VAL X 27 67.63 -0.53 1.30
C VAL X 27 68.24 -0.89 -0.04
N THR X 28 67.93 -0.11 -1.07
CA THR X 28 68.51 -0.38 -2.39
C THR X 28 70.02 -0.32 -2.34
N GLU X 29 70.57 0.71 -1.72
CA GLU X 29 72.02 0.88 -1.66
C GLU X 29 72.70 -0.22 -0.86
N ALA X 30 72.19 -0.55 0.33
CA ALA X 30 72.83 -1.55 1.16
C ALA X 30 72.94 -2.90 0.46
N LEU X 31 71.93 -3.28 -0.31
CA LEU X 31 72.00 -4.55 -1.04
C LEU X 31 73.11 -4.55 -2.07
N ASP X 32 73.27 -3.44 -2.80
CA ASP X 32 74.31 -3.38 -3.82
C ASP X 32 75.70 -3.58 -3.25
N LYS X 33 75.94 -3.11 -2.03
CA LYS X 33 77.23 -3.29 -1.39
C LYS X 33 77.44 -4.76 -1.01
N LEU X 34 76.45 -5.36 -0.35
CA LEU X 34 76.57 -6.74 0.09
C LEU X 34 76.93 -7.67 -1.05
N ALA X 35 76.32 -7.46 -2.22
CA ALA X 35 76.63 -8.33 -3.35
C ALA X 35 78.09 -8.24 -3.76
N ALA X 36 78.83 -7.23 -3.29
CA ALA X 36 80.25 -7.15 -3.62
C ALA X 36 81.10 -8.10 -2.78
N LYS X 37 80.69 -8.36 -1.55
CA LYS X 37 81.40 -9.29 -0.67
C LYS X 37 80.40 -9.86 0.32
N PRO X 38 79.60 -10.84 -0.09
CA PRO X 38 78.60 -11.37 0.83
C PRO X 38 79.21 -12.09 2.01
N SER X 39 80.53 -12.23 2.05
CA SER X 39 81.23 -12.87 3.16
C SER X 39 81.66 -11.91 4.25
N ASP X 40 81.64 -10.61 4.01
CA ASP X 40 82.09 -9.65 5.01
C ASP X 40 81.10 -9.54 6.16
N PRO X 41 81.44 -9.98 7.39
CA PRO X 41 80.48 -9.86 8.49
C PRO X 41 80.02 -8.44 8.77
N ALA X 42 80.86 -7.44 8.54
CA ALA X 42 80.48 -6.06 8.85
C ALA X 42 79.39 -5.55 7.91
N LEU X 43 79.43 -5.96 6.64
CA LEU X 43 78.38 -5.57 5.72
C LEU X 43 77.08 -6.30 6.01
N LEU X 44 77.16 -7.58 6.36
CA LEU X 44 75.96 -8.34 6.66
C LEU X 44 75.19 -7.77 7.84
N ALA X 45 75.87 -7.54 8.97
CA ALA X 45 75.18 -7.03 10.15
C ALA X 45 74.49 -5.71 9.88
N ALA X 46 75.12 -4.85 9.08
CA ALA X 46 74.49 -3.58 8.75
C ALA X 46 73.27 -3.79 7.88
N TYR X 47 73.28 -4.80 7.01
CA TYR X 47 72.17 -5.08 6.12
C TYR X 47 71.00 -5.73 6.83
N GLN X 48 71.26 -6.67 7.73
CA GLN X 48 70.16 -7.34 8.43
C GLN X 48 69.17 -6.32 8.99
N SER X 49 69.67 -5.35 9.73
CA SER X 49 68.78 -4.36 10.35
C SER X 49 68.10 -3.47 9.31
N LYS X 50 68.77 -3.19 8.19
CA LYS X 50 68.11 -2.39 7.16
C LYS X 50 66.95 -3.15 6.52
N LEU X 51 67.16 -4.43 6.20
CA LEU X 51 66.06 -5.23 5.65
C LEU X 51 64.96 -5.46 6.67
N SER X 52 65.32 -5.75 7.92
CA SER X 52 64.30 -5.97 8.94
C SER X 52 63.44 -4.74 9.16
N GLU X 53 64.06 -3.57 9.19
CA GLU X 53 63.29 -2.35 9.37
C GLU X 53 62.39 -2.06 8.17
N TYR X 54 62.81 -2.50 6.98
CA TYR X 54 61.99 -2.31 5.79
C TYR X 54 60.73 -3.15 5.80
N ASN X 55 60.79 -4.35 6.39
CA ASN X 55 59.62 -5.21 6.47
C ASN X 55 58.52 -4.63 7.36
N LEU X 56 58.85 -4.28 8.59
CA LEU X 56 57.84 -3.81 9.54
C LEU X 56 57.09 -2.59 9.02
N TYR X 57 57.79 -1.72 8.29
CA TYR X 57 57.17 -0.56 7.65
C TYR X 57 56.09 -0.93 6.64
N ARG X 58 56.43 -1.76 5.64
CA ARG X 58 55.45 -2.14 4.63
C ARG X 58 54.22 -2.85 5.19
N ASN X 59 54.38 -3.68 6.21
CA ASN X 59 53.18 -4.25 6.84
C ASN X 59 52.38 -3.20 7.58
N ALA X 60 53.01 -2.41 8.44
CA ALA X 60 52.25 -1.44 9.22
C ALA X 60 51.58 -0.43 8.32
N GLN X 61 52.17 -0.12 7.17
CA GLN X 61 51.52 0.78 6.24
C GLN X 61 50.23 0.19 5.70
N SER X 62 50.24 -1.10 5.36
CA SER X 62 49.11 -1.73 4.70
C SER X 62 47.96 -2.04 5.65
N ASN X 63 48.25 -2.52 6.86
CA ASN X 63 47.16 -2.76 7.81
C ASN X 63 46.43 -1.47 8.18
N THR X 64 47.15 -0.37 8.35
CA THR X 64 46.48 0.89 8.69
C THR X 64 45.54 1.34 7.58
N VAL X 65 46.03 1.30 6.34
CA VAL X 65 45.18 1.66 5.21
C VAL X 65 43.93 0.81 5.17
N LYS X 66 44.06 -0.49 5.42
CA LYS X 66 42.91 -1.38 5.42
C LYS X 66 41.86 -0.96 6.46
N VAL X 67 42.29 -0.66 7.68
CA VAL X 67 41.34 -0.28 8.74
C VAL X 67 40.60 1.00 8.40
N PHE X 68 41.28 2.00 7.86
CA PHE X 68 40.60 3.23 7.50
C PHE X 68 39.60 3.02 6.38
N LYS X 69 39.88 2.09 5.47
CA LYS X 69 38.92 1.78 4.43
C LYS X 69 37.65 1.19 5.03
N ASP X 70 37.82 0.35 6.05
CA ASP X 70 36.68 -0.31 6.66
C ASP X 70 35.76 0.67 7.39
N ILE X 71 36.32 1.73 7.98
CA ILE X 71 35.47 2.73 8.62
C ILE X 71 34.63 3.45 7.58
N ASP X 72 35.28 3.92 6.52
CA ASP X 72 34.55 4.62 5.47
C ASP X 72 33.50 3.72 4.84
N ALA X 73 33.87 2.46 4.58
CA ALA X 73 32.95 1.52 3.96
C ALA X 73 31.69 1.29 4.78
N ALA X 74 31.70 1.59 6.07
CA ALA X 74 30.48 1.45 6.86
C ALA X 74 29.51 2.59 6.61
N ILE X 75 29.97 3.83 6.75
CA ILE X 75 29.09 4.99 6.61
C ILE X 75 28.40 5.02 5.26
N ILE X 76 29.12 4.67 4.18
CA ILE X 76 28.52 4.71 2.85
C ILE X 76 27.31 3.79 2.72
N GLN X 77 27.20 2.76 3.57
CA GLN X 77 26.00 1.93 3.55
C GLN X 77 24.82 2.62 4.22
N ASN X 78 25.04 3.31 5.32
CA ASN X 78 23.98 3.97 6.05
C ASN X 78 23.43 5.19 5.33
N PHE X 79 23.90 5.53 4.12
CA PHE X 79 23.22 6.57 3.37
C PHE X 79 21.86 6.12 2.88
N ARG X 80 21.68 4.83 2.63
CA ARG X 80 20.42 4.33 2.11
C ARG X 80 19.30 4.46 3.13
N SER Y 6 40.29 8.90 26.06
CA SER Y 6 40.73 7.84 27.01
C SER Y 6 39.61 6.86 27.31
N GLY Y 7 39.42 5.87 26.45
CA GLY Y 7 38.39 4.88 26.65
C GLY Y 7 38.78 3.76 27.59
N TYR Y 8 37.96 2.71 27.55
CA TYR Y 8 38.14 1.56 28.43
C TYR Y 8 39.35 0.72 28.05
N LEU Y 9 39.67 0.64 26.76
CA LEU Y 9 40.79 -0.19 26.34
C LEU Y 9 42.11 0.31 26.87
N ASP Y 10 42.26 1.63 27.02
CA ASP Y 10 43.48 2.16 27.64
C ASP Y 10 43.61 1.65 29.06
N ASP Y 11 42.50 1.51 29.77
CA ASP Y 11 42.55 0.97 31.12
C ASP Y 11 42.81 -0.52 31.10
N VAL Y 12 42.25 -1.23 30.14
CA VAL Y 12 42.51 -2.66 30.04
C VAL Y 12 43.97 -2.93 29.81
N SER Y 13 44.63 -2.11 28.99
CA SER Y 13 46.06 -2.26 28.79
C SER Y 13 46.85 -1.83 30.03
N ALA Y 14 46.58 -0.62 30.53
CA ALA Y 14 47.31 -0.11 31.68
C ALA Y 14 47.40 -1.09 32.83
N LYS Y 15 46.40 -1.95 32.99
CA LYS Y 15 46.44 -2.95 34.05
C LYS Y 15 47.71 -3.80 33.96
N PHE Y 16 48.20 -4.08 32.76
CA PHE Y 16 49.45 -4.82 32.64
C PHE Y 16 50.65 -3.91 32.88
N ASP Y 17 50.67 -2.74 32.23
CA ASP Y 17 51.80 -1.82 32.34
C ASP Y 17 52.04 -1.36 33.76
N THR Y 18 50.99 -1.17 34.56
CA THR Y 18 51.21 -0.73 35.93
C THR Y 18 51.86 -1.81 36.78
N GLY Y 19 51.54 -3.08 36.54
CA GLY Y 19 52.19 -4.12 37.31
C GLY Y 19 53.62 -4.33 36.86
N VAL Y 20 53.83 -4.46 35.55
CA VAL Y 20 55.14 -4.69 34.96
C VAL Y 20 55.85 -3.36 34.67
N ASP Y 21 55.33 -2.26 35.21
CA ASP Y 21 55.87 -0.93 34.92
C ASP Y 21 57.39 -0.84 35.01
N ASN Y 22 58.00 -1.57 35.93
CA ASN Y 22 59.45 -1.49 36.08
C ASN Y 22 60.22 -2.30 35.05
N LEU Y 23 59.58 -3.24 34.36
CA LEU Y 23 60.31 -4.06 33.40
C LEU Y 23 60.92 -3.24 32.27
N GLN Y 24 60.22 -2.20 31.78
CA GLN Y 24 60.83 -1.42 30.72
C GLN Y 24 62.20 -0.92 31.12
N THR Y 25 62.34 -0.45 32.36
CA THR Y 25 63.60 0.15 32.78
C THR Y 25 64.67 -0.91 33.02
N GLN Y 26 64.29 -2.10 33.47
CA GLN Y 26 65.27 -3.15 33.71
C GLN Y 26 65.84 -3.68 32.40
N VAL Y 27 65.00 -3.89 31.40
CA VAL Y 27 65.49 -4.38 30.12
C VAL Y 27 66.37 -3.34 29.46
N THR Y 28 65.96 -2.08 29.47
CA THR Y 28 66.80 -1.05 28.88
C THR Y 28 68.17 -1.03 29.54
N GLU Y 29 68.19 -1.17 30.86
CA GLU Y 29 69.44 -1.19 31.61
C GLU Y 29 70.30 -2.40 31.27
N ALA Y 30 69.69 -3.59 31.22
CA ALA Y 30 70.45 -4.80 30.93
C ALA Y 30 71.10 -4.74 29.56
N LEU Y 31 70.43 -4.17 28.57
CA LEU Y 31 71.02 -4.06 27.24
C LEU Y 31 72.34 -3.31 27.30
N ASP Y 32 72.39 -2.25 28.09
CA ASP Y 32 73.56 -1.39 28.17
C ASP Y 32 74.72 -2.08 28.88
N LYS Y 33 74.43 -2.87 29.90
CA LYS Y 33 75.49 -3.57 30.63
C LYS Y 33 76.10 -4.69 29.78
N LEU Y 34 75.27 -5.52 29.17
CA LEU Y 34 75.79 -6.59 28.33
C LEU Y 34 76.56 -6.03 27.14
N ALA Y 35 76.05 -4.96 26.53
CA ALA Y 35 76.70 -4.39 25.37
C ALA Y 35 78.14 -3.95 25.65
N ALA Y 36 78.49 -3.71 26.92
CA ALA Y 36 79.85 -3.33 27.23
C ALA Y 36 80.80 -4.53 27.09
N LYS Y 37 80.34 -5.73 27.46
CA LYS Y 37 81.13 -6.94 27.33
C LYS Y 37 80.20 -8.12 27.11
N PRO Y 38 79.76 -8.33 25.88
CA PRO Y 38 78.84 -9.45 25.60
C PRO Y 38 79.31 -10.81 26.07
N SER Y 39 80.59 -10.95 26.41
CA SER Y 39 81.14 -12.24 26.79
C SER Y 39 81.03 -12.60 28.27
N ASP Y 40 80.69 -11.69 29.15
CA ASP Y 40 80.64 -12.07 30.56
C ASP Y 40 79.46 -13.01 30.80
N PRO Y 41 79.69 -14.30 31.12
CA PRO Y 41 78.57 -15.23 31.31
C PRO Y 41 77.53 -14.79 32.33
N ALA Y 42 77.95 -14.11 33.39
CA ALA Y 42 76.99 -13.69 34.41
C ALA Y 42 76.06 -12.61 33.88
N LEU Y 43 76.50 -11.86 32.88
CA LEU Y 43 75.64 -10.84 32.30
C LEU Y 43 74.65 -11.43 31.31
N LEU Y 44 75.08 -12.42 30.54
CA LEU Y 44 74.19 -13.04 29.55
C LEU Y 44 72.98 -13.67 30.22
N ALA Y 45 73.19 -14.46 31.28
CA ALA Y 45 72.08 -15.14 31.93
C ALA Y 45 71.04 -14.16 32.48
N ALA Y 46 71.48 -13.03 33.01
CA ALA Y 46 70.52 -12.06 33.53
C ALA Y 46 69.67 -11.48 32.41
N TYR Y 47 70.30 -11.15 31.29
CA TYR Y 47 69.57 -10.55 30.18
C TYR Y 47 68.57 -11.51 29.54
N GLN Y 48 68.94 -12.78 29.40
CA GLN Y 48 68.03 -13.75 28.79
C GLN Y 48 66.67 -13.76 29.47
N SER Y 49 66.66 -13.78 30.80
CA SER Y 49 65.38 -13.82 31.51
C SER Y 49 64.61 -12.52 31.34
N LYS Y 50 65.29 -11.38 31.50
CA LYS Y 50 64.61 -10.09 31.38
C LYS Y 50 64.03 -9.86 29.99
N LEU Y 51 64.74 -10.24 28.93
CA LEU Y 51 64.21 -10.05 27.59
C LEU Y 51 63.02 -10.96 27.34
N SER Y 52 63.05 -12.19 27.84
CA SER Y 52 61.92 -13.10 27.68
C SER Y 52 60.72 -12.64 28.50
N GLU Y 53 60.94 -12.29 29.77
CA GLU Y 53 59.86 -11.80 30.60
C GLU Y 53 59.17 -10.63 29.93
N TYR Y 54 59.93 -9.82 29.20
CA TYR Y 54 59.39 -8.70 28.44
C TYR Y 54 58.73 -9.11 27.15
N ASN Y 55 59.16 -10.23 26.56
CA ASN Y 55 58.49 -10.74 25.37
C ASN Y 55 57.06 -11.17 25.63
N LEU Y 56 56.86 -12.08 26.59
CA LEU Y 56 55.51 -12.57 26.89
C LEU Y 56 54.59 -11.48 27.39
N TYR Y 57 55.07 -10.61 28.27
CA TYR Y 57 54.36 -9.37 28.56
C TYR Y 57 53.79 -8.66 27.34
N ARG Y 58 54.63 -8.25 26.38
CA ARG Y 58 54.08 -7.52 25.24
C ARG Y 58 53.11 -8.35 24.40
N ASN Y 59 53.30 -9.66 24.29
CA ASN Y 59 52.38 -10.45 23.47
C ASN Y 59 51.04 -10.62 24.16
N ALA Y 60 51.05 -10.99 25.44
CA ALA Y 60 49.80 -11.24 26.15
C ALA Y 60 48.95 -9.99 26.25
N GLN Y 61 49.60 -8.82 26.32
CA GLN Y 61 48.84 -7.57 26.33
C GLN Y 61 48.05 -7.40 25.05
N SER Y 62 48.70 -7.62 23.90
CA SER Y 62 48.06 -7.34 22.62
C SER Y 62 46.81 -8.19 22.41
N ASN Y 63 46.91 -9.48 22.67
CA ASN Y 63 45.78 -10.38 22.47
C ASN Y 63 44.58 -10.04 23.34
N THR Y 64 44.81 -9.55 24.55
CA THR Y 64 43.69 -9.15 25.39
C THR Y 64 42.94 -7.96 24.81
N VAL Y 65 43.65 -6.96 24.30
CA VAL Y 65 42.96 -5.85 23.68
C VAL Y 65 42.17 -6.32 22.46
N LYS Y 66 42.72 -7.30 21.73
CA LYS Y 66 42.03 -7.81 20.55
C LYS Y 66 40.71 -8.51 20.89
N VAL Y 67 40.66 -9.26 22.00
CA VAL Y 67 39.41 -9.93 22.36
C VAL Y 67 38.31 -8.94 22.70
N PHE Y 68 38.62 -7.87 23.42
CA PHE Y 68 37.59 -6.88 23.70
C PHE Y 68 37.23 -6.08 22.46
N LYS Y 69 38.19 -5.83 21.59
CA LYS Y 69 37.91 -5.17 20.32
C LYS Y 69 36.86 -5.92 19.53
N ASP Y 70 36.85 -7.25 19.62
CA ASP Y 70 35.90 -8.05 18.84
C ASP Y 70 34.52 -8.14 19.46
N ILE Y 71 34.41 -8.33 20.77
CA ILE Y 71 33.09 -8.31 21.38
C ILE Y 71 32.46 -6.92 21.28
N ASP Y 72 33.26 -5.87 21.39
CA ASP Y 72 32.71 -4.52 21.27
C ASP Y 72 32.09 -4.28 19.89
N ALA Y 73 32.77 -4.69 18.83
CA ALA Y 73 32.22 -4.54 17.50
C ALA Y 73 31.02 -5.44 17.26
N ALA Y 74 30.96 -6.58 17.94
CA ALA Y 74 29.85 -7.52 17.78
C ALA Y 74 28.56 -7.08 18.46
N ILE Y 75 28.64 -6.24 19.48
CA ILE Y 75 27.43 -5.65 20.05
C ILE Y 75 26.96 -4.47 19.22
N ILE Y 76 27.88 -3.64 18.76
CA ILE Y 76 27.49 -2.39 18.10
C ILE Y 76 26.75 -2.65 16.79
N GLN Y 77 27.08 -3.73 16.08
CA GLN Y 77 26.34 -4.08 14.87
C GLN Y 77 24.87 -4.40 15.13
N ASN Y 78 24.49 -4.67 16.38
CA ASN Y 78 23.09 -4.85 16.76
C ASN Y 78 22.42 -3.54 17.16
N PHE Y 79 23.08 -2.40 16.98
CA PHE Y 79 22.36 -1.14 17.12
C PHE Y 79 21.39 -0.93 15.98
N ARG Y 80 21.51 -1.68 14.90
CA ARG Y 80 20.62 -1.56 13.75
C ARG Y 80 19.24 -2.11 14.05
N SER Z 6 31.12 -19.48 36.87
CA SER Z 6 31.81 -20.68 36.31
C SER Z 6 30.88 -21.39 35.34
N GLY Z 7 31.45 -22.08 34.35
CA GLY Z 7 30.63 -22.74 33.34
C GLY Z 7 31.10 -24.10 32.90
N TYR Z 8 30.76 -24.49 31.67
CA TYR Z 8 31.14 -25.80 31.16
C TYR Z 8 32.59 -25.89 30.73
N LEU Z 9 33.17 -24.79 30.26
CA LEU Z 9 34.57 -24.82 29.82
C LEU Z 9 35.53 -25.00 30.99
N ASP Z 10 35.22 -24.39 32.12
CA ASP Z 10 36.02 -24.59 33.32
C ASP Z 10 36.00 -26.05 33.73
N ASP Z 11 34.88 -26.72 33.52
CA ASP Z 11 34.71 -28.12 33.90
C ASP Z 11 35.59 -29.06 33.08
N VAL Z 12 35.59 -28.91 31.75
CA VAL Z 12 36.41 -29.79 30.92
C VAL Z 12 37.90 -29.55 31.14
N SER Z 13 38.27 -28.34 31.57
CA SER Z 13 39.67 -28.09 31.90
C SER Z 13 40.03 -28.74 33.23
N ALA Z 14 39.17 -28.62 34.24
CA ALA Z 14 39.45 -29.25 35.52
C ALA Z 14 39.50 -30.77 35.40
N LYS Z 15 38.90 -31.36 34.37
CA LYS Z 15 39.07 -32.79 34.17
C LYS Z 15 40.54 -33.14 34.05
N PHE Z 16 41.28 -32.37 33.24
CA PHE Z 16 42.71 -32.57 33.14
C PHE Z 16 43.41 -32.29 34.46
N ASP Z 17 43.09 -31.15 35.08
CA ASP Z 17 43.75 -30.78 36.33
C ASP Z 17 43.48 -31.83 37.41
N THR Z 18 42.21 -32.13 37.65
CA THR Z 18 41.85 -33.15 38.63
C THR Z 18 42.29 -34.54 38.18
N GLY Z 19 42.42 -34.75 36.88
CA GLY Z 19 42.86 -36.04 36.38
C GLY Z 19 44.29 -36.39 36.70
N VAL Z 20 45.14 -35.39 36.86
CA VAL Z 20 46.56 -35.58 37.20
C VAL Z 20 46.84 -34.58 38.31
N ASP Z 21 46.75 -35.04 39.57
CA ASP Z 21 46.81 -34.15 40.71
C ASP Z 21 48.07 -34.32 41.54
N ASN Z 22 48.91 -35.30 41.20
CA ASN Z 22 50.15 -35.59 41.91
C ASN Z 22 51.32 -34.86 41.28
N LEU Z 23 51.24 -34.63 39.97
CA LEU Z 23 52.30 -33.99 39.24
C LEU Z 23 52.49 -32.53 39.65
N GLN Z 24 51.41 -31.81 39.95
CA GLN Z 24 51.58 -30.40 40.29
C GLN Z 24 52.68 -30.20 41.32
N THR Z 25 52.73 -31.06 42.34
CA THR Z 25 53.79 -30.92 43.33
C THR Z 25 55.10 -31.56 42.87
N GLN Z 26 55.03 -32.73 42.23
CA GLN Z 26 56.25 -33.42 41.82
C GLN Z 26 57.18 -32.52 41.03
N VAL Z 27 56.64 -31.61 40.22
CA VAL Z 27 57.50 -30.71 39.47
C VAL Z 27 58.24 -29.75 40.39
N THR Z 28 57.56 -29.21 41.40
CA THR Z 28 58.26 -28.31 42.33
C THR Z 28 59.26 -29.08 43.18
N GLU Z 29 58.88 -30.26 43.67
CA GLU Z 29 59.80 -31.07 44.48
C GLU Z 29 61.00 -31.53 43.66
N ALA Z 30 60.76 -32.03 42.45
CA ALA Z 30 61.87 -32.50 41.62
C ALA Z 30 62.78 -31.35 41.21
N LEU Z 31 62.23 -30.18 40.91
CA LEU Z 31 63.07 -29.03 40.56
C LEU Z 31 63.96 -28.62 41.72
N ASP Z 32 63.45 -28.70 42.95
CA ASP Z 32 64.24 -28.32 44.11
C ASP Z 32 65.42 -29.25 44.35
N LYS Z 33 65.25 -30.55 44.11
CA LYS Z 33 66.37 -31.47 44.28
C LYS Z 33 67.51 -31.14 43.31
N LEU Z 34 67.19 -30.94 42.03
CA LEU Z 34 68.21 -30.63 41.04
C LEU Z 34 68.89 -29.30 41.32
N ALA Z 35 68.14 -28.34 41.85
CA ALA Z 35 68.74 -27.03 42.14
C ALA Z 35 69.88 -27.14 43.14
N ALA Z 36 69.81 -28.08 44.08
CA ALA Z 36 70.92 -28.26 45.02
C ALA Z 36 72.09 -29.00 44.38
N LYS Z 37 71.82 -29.95 43.49
CA LYS Z 37 72.87 -30.75 42.85
C LYS Z 37 72.57 -30.91 41.36
N PRO Z 38 72.80 -29.87 40.55
CA PRO Z 38 72.50 -30.00 39.11
C PRO Z 38 73.42 -30.95 38.40
N SER Z 39 74.55 -31.31 39.00
CA SER Z 39 75.52 -32.21 38.38
C SER Z 39 75.25 -33.70 38.61
N ASP Z 40 74.15 -34.07 39.26
CA ASP Z 40 73.89 -35.48 39.57
C ASP Z 40 72.92 -36.12 38.59
N PRO Z 41 73.35 -37.10 37.78
CA PRO Z 41 72.41 -37.76 36.87
C PRO Z 41 71.19 -38.37 37.54
N ALA Z 42 71.33 -38.90 38.76
CA ALA Z 42 70.20 -39.57 39.39
C ALA Z 42 69.01 -38.66 39.55
N LEU Z 43 69.24 -37.37 39.73
CA LEU Z 43 68.19 -36.39 39.90
C LEU Z 43 67.85 -35.73 38.58
N LEU Z 44 68.89 -35.50 37.77
CA LEU Z 44 68.72 -34.86 36.47
C LEU Z 44 67.88 -35.72 35.54
N ALA Z 45 68.20 -37.01 35.44
CA ALA Z 45 67.43 -37.90 34.57
C ALA Z 45 65.97 -37.99 35.02
N ALA Z 46 65.73 -38.01 36.32
CA ALA Z 46 64.35 -38.05 36.82
C ALA Z 46 63.59 -36.79 36.43
N TYR Z 47 64.17 -35.63 36.70
CA TYR Z 47 63.50 -34.36 36.40
C TYR Z 47 63.13 -34.26 34.92
N GLN Z 48 63.97 -34.77 34.03
CA GLN Z 48 63.64 -34.73 32.60
C GLN Z 48 62.26 -35.30 32.32
N SER Z 49 61.94 -36.45 32.91
CA SER Z 49 60.64 -37.06 32.66
C SER Z 49 59.50 -36.19 33.18
N LYS Z 50 59.65 -35.60 34.36
CA LYS Z 50 58.57 -34.79 34.90
C LYS Z 50 58.39 -33.50 34.11
N LEU Z 51 59.46 -32.82 33.71
CA LEU Z 51 59.27 -31.59 32.94
C LEU Z 51 58.61 -31.89 31.61
N SER Z 52 59.00 -32.98 30.95
CA SER Z 52 58.37 -33.34 29.68
C SER Z 52 56.90 -33.70 29.88
N GLU Z 53 56.58 -34.34 31.01
CA GLU Z 53 55.19 -34.67 31.27
C GLU Z 53 54.35 -33.43 31.55
N TYR Z 54 54.91 -32.47 32.29
CA TYR Z 54 54.16 -31.25 32.56
C TYR Z 54 53.86 -30.46 31.28
N ASN Z 55 54.76 -30.53 30.30
CA ASN Z 55 54.53 -29.82 29.03
C ASN Z 55 53.32 -30.36 28.28
N LEU Z 56 53.25 -31.68 28.09
CA LEU Z 56 52.14 -32.25 27.32
C LEU Z 56 50.81 -31.99 27.99
N TYR Z 57 50.75 -32.09 29.32
CA TYR Z 57 49.51 -31.80 30.02
C TYR Z 57 49.01 -30.39 29.71
N ARG Z 58 49.89 -29.40 29.77
CA ARG Z 58 49.50 -28.01 29.51
C ARG Z 58 49.03 -27.77 28.08
N ASN Z 59 49.74 -28.31 27.09
CA ASN Z 59 49.36 -28.06 25.70
C ASN Z 59 48.03 -28.70 25.34
N ALA Z 60 47.85 -29.97 25.67
CA ALA Z 60 46.59 -30.63 25.34
C ALA Z 60 45.42 -29.95 26.05
N GLN Z 61 45.65 -29.48 27.26
CA GLN Z 61 44.60 -28.78 28.00
C GLN Z 61 44.19 -27.49 27.33
N SER Z 62 45.13 -26.80 26.68
CA SER Z 62 44.84 -25.53 26.05
C SER Z 62 44.17 -25.68 24.68
N ASN Z 63 44.67 -26.56 23.83
CA ASN Z 63 44.06 -26.74 22.53
C ASN Z 63 42.64 -27.25 22.64
N THR Z 64 42.38 -28.14 23.59
CA THR Z 64 41.03 -28.67 23.77
C THR Z 64 40.01 -27.58 24.09
N VAL Z 65 40.38 -26.62 24.94
CA VAL Z 65 39.43 -25.56 25.27
C VAL Z 65 39.15 -24.68 24.07
N LYS Z 66 40.18 -24.42 23.25
CA LYS Z 66 39.96 -23.58 22.07
C LYS Z 66 39.00 -24.21 21.08
N VAL Z 67 39.03 -25.54 20.92
CA VAL Z 67 38.12 -26.16 19.97
C VAL Z 67 36.67 -26.07 20.44
N PHE Z 68 36.43 -26.26 21.73
CA PHE Z 68 35.06 -26.19 22.21
C PHE Z 68 34.47 -24.80 22.10
N LYS Z 69 35.26 -23.76 22.33
CA LYS Z 69 34.74 -22.41 22.14
C LYS Z 69 34.47 -22.09 20.67
N ASP Z 70 35.01 -22.85 19.74
CA ASP Z 70 34.63 -22.70 18.34
C ASP Z 70 33.27 -23.32 18.04
N ILE Z 71 32.99 -24.49 18.60
CA ILE Z 71 31.68 -25.12 18.45
C ILE Z 71 30.58 -24.27 19.06
N ASP Z 72 30.86 -23.63 20.18
CA ASP Z 72 29.89 -22.75 20.83
C ASP Z 72 29.67 -21.45 20.05
N ALA Z 73 30.75 -20.84 19.57
CA ALA Z 73 30.61 -19.58 18.85
C ALA Z 73 29.82 -19.71 17.55
N ALA Z 74 29.89 -20.86 16.88
CA ALA Z 74 29.07 -21.06 15.69
C ALA Z 74 27.59 -21.00 16.00
N ILE Z 75 27.13 -21.88 16.89
CA ILE Z 75 25.70 -22.01 17.18
C ILE Z 75 25.12 -20.68 17.58
N ILE Z 76 25.86 -19.91 18.38
CA ILE Z 76 25.34 -18.67 18.94
C ILE Z 76 25.01 -17.65 17.85
N GLN Z 77 25.66 -17.75 16.69
CA GLN Z 77 25.33 -16.86 15.59
C GLN Z 77 23.97 -17.15 15.00
N ASN Z 78 23.62 -18.42 14.88
CA ASN Z 78 22.37 -18.82 14.27
C ASN Z 78 21.16 -18.60 15.16
N PHE Z 79 21.33 -18.02 16.35
CA PHE Z 79 20.18 -17.58 17.12
C PHE Z 79 19.43 -16.44 16.44
N ARG Z 80 20.11 -15.69 15.58
CA ARG Z 80 19.51 -14.55 14.93
C ARG Z 80 18.30 -14.97 14.12
N PRO AA 4 27.56 -47.73 19.25
CA PRO AA 4 28.43 -46.56 19.08
C PRO AA 4 28.23 -45.86 17.74
N TRP AA 5 28.82 -44.68 17.57
CA TRP AA 5 28.70 -43.93 16.33
C TRP AA 5 30.07 -43.97 15.64
N SER AA 6 30.27 -45.00 14.82
CA SER AA 6 31.52 -45.18 14.09
C SER AA 6 31.38 -44.47 12.75
N GLY AA 7 31.84 -43.22 12.70
CA GLY AA 7 31.77 -42.45 11.48
C GLY AA 7 32.82 -42.89 10.48
N TYR AA 8 33.02 -42.04 9.47
CA TYR AA 8 33.97 -42.36 8.42
C TYR AA 8 35.40 -42.18 8.90
N LEU AA 9 35.65 -41.17 9.72
CA LEU AA 9 37.01 -40.90 10.17
C LEU AA 9 37.52 -42.05 11.03
N ASP AA 10 36.63 -42.78 11.70
CA ASP AA 10 37.06 -43.93 12.48
C ASP AA 10 37.62 -45.03 11.59
N ASP AA 11 37.05 -45.25 10.42
CA ASP AA 11 37.58 -46.26 9.52
C ASP AA 11 38.97 -45.91 8.99
N VAL AA 12 39.15 -44.66 8.54
CA VAL AA 12 40.44 -44.23 8.02
C VAL AA 12 41.54 -44.21 9.06
N SER AA 13 41.22 -44.14 10.35
CA SER AA 13 42.23 -44.44 11.36
C SER AA 13 42.48 -45.93 11.46
N ALA AA 14 41.42 -46.71 11.64
CA ALA AA 14 41.60 -48.15 11.80
C ALA AA 14 42.29 -48.77 10.59
N LYS AA 15 42.15 -48.15 9.42
CA LYS AA 15 42.83 -48.66 8.24
C LYS AA 15 44.34 -48.68 8.42
N PHE AA 16 44.90 -47.69 9.12
CA PHE AA 16 46.33 -47.76 9.42
C PHE AA 16 46.65 -48.74 10.54
N ASP AA 17 45.89 -48.74 11.64
CA ASP AA 17 46.16 -49.69 12.72
C ASP AA 17 46.14 -51.12 12.21
N THR AA 18 45.02 -51.52 11.60
CA THR AA 18 44.84 -52.88 11.15
C THR AA 18 45.84 -53.31 10.08
N GLY AA 19 46.57 -52.38 9.48
CA GLY AA 19 47.59 -52.77 8.52
C GLY AA 19 48.96 -52.98 9.11
N VAL AA 20 49.12 -52.66 10.39
CA VAL AA 20 50.42 -52.76 11.07
C VAL AA 20 50.21 -53.34 12.47
N ASP AA 21 48.96 -53.64 12.85
CA ASP AA 21 48.65 -54.10 14.20
C ASP AA 21 49.49 -55.28 14.67
N ASN AA 22 50.13 -56.01 13.78
CA ASN AA 22 51.04 -57.06 14.24
C ASN AA 22 52.24 -56.44 14.96
N LEU AA 23 52.56 -55.20 14.62
CA LEU AA 23 53.65 -54.42 15.20
C LEU AA 23 53.27 -53.67 16.47
N GLN AA 24 52.00 -53.32 16.65
CA GLN AA 24 51.60 -52.52 17.81
C GLN AA 24 52.16 -53.08 19.12
N THR AA 25 52.11 -54.40 19.30
CA THR AA 25 52.68 -55.01 20.50
C THR AA 25 54.17 -55.28 20.34
N GLN AA 26 54.61 -55.51 19.11
CA GLN AA 26 56.01 -55.78 18.84
C GLN AA 26 56.93 -54.64 19.26
N VAL AA 27 56.45 -53.40 19.29
CA VAL AA 27 57.28 -52.28 19.71
C VAL AA 27 57.57 -52.34 21.21
N THR AA 28 56.53 -52.55 22.02
CA THR AA 28 56.74 -52.63 23.47
C THR AA 28 57.45 -53.91 23.88
N GLU AA 29 57.38 -54.95 23.05
CA GLU AA 29 58.12 -56.18 23.35
C GLU AA 29 59.62 -55.98 23.26
N ALA AA 30 60.10 -55.34 22.20
CA ALA AA 30 61.52 -55.08 22.07
C ALA AA 30 62.05 -54.16 23.18
N LEU AA 31 61.24 -53.17 23.58
CA LEU AA 31 61.67 -52.27 24.65
C LEU AA 31 62.02 -53.01 25.94
N ASP AA 32 61.18 -53.94 26.37
CA ASP AA 32 61.52 -54.69 27.57
C ASP AA 32 62.79 -55.53 27.40
N LYS AA 33 62.97 -56.16 26.24
CA LYS AA 33 64.21 -56.89 26.04
C LYS AA 33 65.41 -55.98 26.16
N LEU AA 34 65.41 -54.87 25.42
CA LEU AA 34 66.53 -53.95 25.47
C LEU AA 34 66.67 -53.33 26.86
N ALA AA 35 65.55 -52.94 27.47
CA ALA AA 35 65.62 -52.38 28.82
C ALA AA 35 66.30 -53.32 29.79
N ALA AA 36 66.22 -54.63 29.56
CA ALA AA 36 66.88 -55.59 30.43
C ALA AA 36 68.37 -55.68 30.18
N LYS AA 37 68.84 -55.24 29.02
CA LYS AA 37 70.26 -55.23 28.70
C LYS AA 37 70.54 -54.20 27.62
N PRO AA 38 70.58 -52.91 27.94
CA PRO AA 38 70.82 -51.89 26.91
C PRO AA 38 72.14 -52.04 26.18
N SER AA 39 73.10 -52.78 26.72
CA SER AA 39 74.43 -52.89 26.15
C SER AA 39 74.56 -54.00 25.10
N ASP AA 40 73.47 -54.63 24.65
CA ASP AA 40 73.58 -55.67 23.65
C ASP AA 40 73.36 -55.06 22.27
N PRO AA 41 74.39 -54.94 21.43
CA PRO AA 41 74.19 -54.33 20.10
C PRO AA 41 73.16 -55.05 19.26
N ALA AA 42 73.05 -56.36 19.38
CA ALA AA 42 72.10 -57.09 18.56
C ALA AA 42 70.68 -56.65 18.87
N LEU AA 43 70.39 -56.46 20.15
CA LEU AA 43 69.09 -55.95 20.55
C LEU AA 43 69.00 -54.47 20.23
N LEU AA 44 70.08 -53.75 20.53
CA LEU AA 44 70.12 -52.31 20.41
C LEU AA 44 69.99 -51.87 18.96
N ALA AA 45 70.61 -52.59 18.02
CA ALA AA 45 70.49 -52.21 16.63
C ALA AA 45 69.11 -52.52 16.07
N ALA AA 46 68.55 -53.67 16.43
CA ALA AA 46 67.23 -54.04 15.94
C ALA AA 46 66.17 -53.05 16.40
N TYR AA 47 66.19 -52.71 17.68
CA TYR AA 47 65.21 -51.76 18.23
C TYR AA 47 65.14 -50.47 17.43
N GLN AA 48 66.27 -49.95 16.99
CA GLN AA 48 66.25 -48.69 16.24
C GLN AA 48 65.32 -48.77 15.03
N SER AA 49 65.29 -49.91 14.33
CA SER AA 49 64.40 -50.04 13.19
C SER AA 49 62.93 -50.03 13.60
N LYS AA 50 62.57 -50.77 14.65
CA LYS AA 50 61.17 -50.81 15.04
C LYS AA 50 60.69 -49.47 15.59
N LEU AA 51 61.52 -48.77 16.37
CA LEU AA 51 61.09 -47.48 16.85
C LEU AA 51 60.89 -46.51 15.70
N SER AA 52 61.76 -46.55 14.70
CA SER AA 52 61.61 -45.69 13.55
C SER AA 52 60.30 -45.95 12.82
N GLU AA 53 59.98 -47.22 12.56
CA GLU AA 53 58.73 -47.53 11.87
C GLU AA 53 57.52 -47.03 12.64
N TYR AA 54 57.56 -47.13 13.96
CA TYR AA 54 56.43 -46.68 14.76
C TYR AA 54 56.22 -45.18 14.68
N ASN AA 55 57.30 -44.41 14.68
CA ASN AA 55 57.13 -42.96 14.63
C ASN AA 55 56.40 -42.52 13.36
N LEU AA 56 56.89 -42.94 12.19
CA LEU AA 56 56.26 -42.54 10.93
C LEU AA 56 54.83 -43.02 10.82
N TYR AA 57 54.56 -44.25 11.25
CA TYR AA 57 53.19 -44.76 11.27
C TYR AA 57 52.24 -43.84 12.00
N ARG AA 58 52.63 -43.34 13.17
CA ARG AA 58 51.72 -42.48 13.92
C ARG AA 58 51.52 -41.12 13.26
N ASN AA 59 52.59 -40.52 12.76
CA ASN AA 59 52.46 -39.22 12.12
C ASN AA 59 51.63 -39.29 10.83
N ALA AA 60 51.73 -40.39 10.09
CA ALA AA 60 51.00 -40.53 8.84
C ALA AA 60 49.51 -40.76 9.07
N GLN AA 61 49.15 -41.47 10.13
CA GLN AA 61 47.76 -41.51 10.58
C GLN AA 61 47.20 -40.13 10.89
N SER AA 62 47.93 -39.33 11.66
CA SER AA 62 47.35 -38.10 12.19
C SER AA 62 47.23 -37.02 11.12
N ASN AA 63 48.18 -36.94 10.19
CA ASN AA 63 48.04 -35.96 9.10
C ASN AA 63 46.81 -36.23 8.24
N THR AA 64 46.58 -37.47 7.83
CA THR AA 64 45.44 -37.77 6.96
C THR AA 64 44.10 -37.57 7.64
N VAL AA 65 43.96 -37.98 8.89
CA VAL AA 65 42.71 -37.74 9.62
C VAL AA 65 42.46 -36.28 9.94
N LYS AA 66 43.44 -35.40 9.74
CA LYS AA 66 43.13 -33.98 9.66
C LYS AA 66 42.60 -33.57 8.29
N VAL AA 67 43.27 -33.96 7.22
CA VAL AA 67 42.90 -33.47 5.89
C VAL AA 67 41.43 -33.71 5.60
N PHE AA 68 40.93 -34.91 5.88
CA PHE AA 68 39.52 -35.19 5.63
C PHE AA 68 38.59 -34.44 6.58
N LYS AA 69 39.07 -34.08 7.76
CA LYS AA 69 38.29 -33.19 8.59
C LYS AA 69 38.22 -31.80 7.96
N ASP AA 70 39.20 -31.45 7.15
CA ASP AA 70 39.21 -30.14 6.49
C ASP AA 70 38.52 -30.10 5.14
N ILE AA 71 38.41 -31.22 4.42
CA ILE AA 71 37.48 -31.28 3.29
C ILE AA 71 36.05 -31.19 3.78
N ASP AA 72 35.64 -32.12 4.63
CA ASP AA 72 34.24 -32.16 5.07
C ASP AA 72 33.77 -30.82 5.61
N ALA AA 73 34.62 -30.13 6.35
CA ALA AA 73 34.20 -28.88 6.96
C ALA AA 73 34.01 -27.77 5.94
N ALA AA 74 34.58 -27.90 4.76
CA ALA AA 74 34.31 -26.93 3.70
C ALA AA 74 32.88 -27.04 3.22
N ILE AA 75 32.51 -28.22 2.75
CA ILE AA 75 31.21 -28.43 2.14
C ILE AA 75 30.08 -28.02 3.08
N ILE AA 76 30.19 -28.34 4.36
CA ILE AA 76 29.16 -28.00 5.34
C ILE AA 76 29.22 -26.54 5.80
N GLN AA 77 30.04 -25.70 5.16
CA GLN AA 77 29.74 -24.28 5.23
C GLN AA 77 28.63 -23.88 4.28
N ASN AA 78 28.64 -24.42 3.07
CA ASN AA 78 27.74 -23.93 2.03
C ASN AA 78 26.30 -24.36 2.25
N PHE AA 79 26.05 -25.23 3.24
CA PHE AA 79 24.68 -25.46 3.70
C PHE AA 79 24.02 -24.17 4.14
N ARG AA 80 24.79 -23.23 4.66
CA ARG AA 80 24.30 -22.25 5.63
C ARG AA 80 22.97 -21.63 5.25
N PRO BA 4 42.47 -43.92 -16.72
CA PRO BA 4 43.78 -43.28 -16.54
C PRO BA 4 43.69 -41.77 -16.36
N TRP BA 5 42.87 -41.29 -15.43
CA TRP BA 5 42.71 -39.86 -15.24
C TRP BA 5 43.88 -39.35 -14.40
N SER BA 6 44.81 -38.68 -15.05
CA SER BA 6 45.94 -38.04 -14.38
C SER BA 6 45.72 -36.54 -14.43
N GLY BA 7 45.69 -35.90 -13.27
CA GLY BA 7 45.48 -34.47 -13.18
C GLY BA 7 46.77 -33.69 -13.33
N TYR BA 8 46.64 -32.37 -13.14
CA TYR BA 8 47.79 -31.49 -13.30
C TYR BA 8 48.88 -31.77 -12.28
N LEU BA 9 48.51 -32.05 -11.03
CA LEU BA 9 49.54 -32.33 -10.05
C LEU BA 9 50.26 -33.64 -10.34
N ASP BA 10 49.58 -34.60 -10.98
CA ASP BA 10 50.26 -35.82 -11.38
C ASP BA 10 51.18 -35.57 -12.57
N ASP BA 11 50.75 -34.73 -13.51
CA ASP BA 11 51.60 -34.41 -14.65
C ASP BA 11 52.87 -33.70 -14.22
N VAL BA 12 52.80 -32.87 -13.19
CA VAL BA 12 54.00 -32.21 -12.69
C VAL BA 12 54.91 -33.22 -12.00
N SER BA 13 54.35 -34.02 -11.09
CA SER BA 13 55.16 -35.02 -10.41
C SER BA 13 55.80 -35.98 -11.39
N ALA BA 14 55.05 -36.43 -12.40
CA ALA BA 14 55.59 -37.35 -13.38
C ALA BA 14 56.83 -36.79 -14.08
N LYS BA 15 56.96 -35.46 -14.18
CA LYS BA 15 58.15 -34.91 -14.80
C LYS BA 15 59.41 -35.36 -14.08
N PHE BA 16 59.41 -35.27 -12.74
CA PHE BA 16 60.58 -35.70 -11.99
C PHE BA 16 60.80 -37.20 -12.10
N ASP BA 17 59.72 -37.99 -12.01
CA ASP BA 17 59.86 -39.44 -12.08
C ASP BA 17 60.26 -39.91 -13.47
N THR BA 18 59.91 -39.16 -14.50
CA THR BA 18 60.32 -39.50 -15.86
C THR BA 18 61.67 -38.92 -16.23
N GLY BA 19 62.06 -37.81 -15.61
CA GLY BA 19 63.37 -37.24 -15.87
C GLY BA 19 64.49 -38.07 -15.25
N VAL BA 20 64.22 -38.65 -14.08
CA VAL BA 20 65.15 -39.51 -13.37
C VAL BA 20 64.52 -40.89 -13.30
N ASP BA 21 64.68 -41.67 -14.36
CA ASP BA 21 64.00 -42.95 -14.54
C ASP BA 21 64.72 -44.14 -13.88
N ASN BA 22 66.03 -44.28 -14.09
CA ASN BA 22 66.72 -45.45 -13.54
C ASN BA 22 67.18 -45.27 -12.12
N LEU BA 23 67.30 -44.03 -11.65
CA LEU BA 23 67.86 -43.79 -10.34
C LEU BA 23 67.21 -44.68 -9.30
N GLN BA 24 65.90 -44.90 -9.42
CA GLN BA 24 65.23 -45.75 -8.46
C GLN BA 24 65.82 -47.15 -8.41
N THR BA 25 66.18 -47.70 -9.57
CA THR BA 25 66.83 -49.01 -9.59
C THR BA 25 68.29 -48.92 -9.17
N GLN BA 26 68.99 -47.86 -9.59
CA GLN BA 26 70.39 -47.71 -9.24
C GLN BA 26 70.62 -47.68 -7.74
N VAL BA 27 69.82 -46.90 -7.00
CA VAL BA 27 70.03 -46.83 -5.56
C VAL BA 27 69.81 -48.18 -4.92
N THR BA 28 68.72 -48.86 -5.30
CA THR BA 28 68.48 -50.19 -4.73
C THR BA 28 69.55 -51.17 -5.19
N GLU BA 29 69.91 -51.10 -6.47
CA GLU BA 29 70.89 -52.02 -7.05
C GLU BA 29 72.30 -51.71 -6.57
N ALA BA 30 72.63 -50.44 -6.35
CA ALA BA 30 73.95 -50.08 -5.84
C ALA BA 30 74.11 -50.47 -4.38
N LEU BA 31 72.99 -50.56 -3.64
CA LEU BA 31 73.06 -51.08 -2.28
C LEU BA 31 73.45 -52.55 -2.27
N ASP BA 32 72.85 -53.35 -3.14
CA ASP BA 32 73.24 -54.75 -3.28
C ASP BA 32 74.46 -54.88 -4.19
N LEU BA 44 82.26 -47.63 -1.00
CA LEU BA 44 80.99 -46.95 -0.75
C LEU BA 44 80.95 -45.58 -1.39
N ALA BA 45 82.03 -45.18 -2.05
CA ALA BA 45 82.02 -43.86 -2.67
C ALA BA 45 80.91 -43.77 -3.70
N ALA BA 46 80.70 -44.84 -4.45
CA ALA BA 46 79.62 -44.88 -5.43
C ALA BA 46 78.26 -44.79 -4.76
N TYR BA 47 78.07 -45.57 -3.70
CA TYR BA 47 76.79 -45.55 -3.01
C TYR BA 47 76.47 -44.19 -2.42
N GLN BA 48 77.46 -43.52 -1.82
CA GLN BA 48 77.19 -42.21 -1.23
C GLN BA 48 76.67 -41.22 -2.25
N SER BA 49 77.25 -41.21 -3.46
CA SER BA 49 76.78 -40.27 -4.46
C SER BA 49 75.37 -40.60 -4.91
N LYS BA 50 75.05 -41.88 -5.10
CA LYS BA 50 73.70 -42.24 -5.50
C LYS BA 50 72.70 -41.98 -4.39
N LEU BA 51 73.08 -42.29 -3.14
CA LEU BA 51 72.18 -42.00 -2.03
C LEU BA 51 71.94 -40.49 -1.89
N SER BA 52 72.97 -39.68 -2.13
CA SER BA 52 72.79 -38.24 -2.06
C SER BA 52 71.88 -37.73 -3.16
N GLU BA 53 72.09 -38.20 -4.39
CA GLU BA 53 71.27 -37.74 -5.51
C GLU BA 53 69.80 -38.10 -5.32
N TYR BA 54 69.53 -39.27 -4.74
CA TYR BA 54 68.16 -39.69 -4.48
C TYR BA 54 67.49 -38.83 -3.41
N ASN BA 55 68.20 -38.53 -2.33
CA ASN BA 55 67.60 -37.74 -1.26
C ASN BA 55 67.18 -36.35 -1.74
N LEU BA 56 68.01 -35.70 -2.56
CA LEU BA 56 67.63 -34.39 -3.10
C LEU BA 56 66.45 -34.47 -4.07
N TYR BA 57 66.44 -35.49 -4.94
CA TYR BA 57 65.33 -35.65 -5.88
C TYR BA 57 63.98 -35.74 -5.19
N ARG BA 58 63.86 -36.57 -4.16
CA ARG BA 58 62.58 -36.71 -3.47
C ARG BA 58 62.17 -35.42 -2.76
N ASN BA 59 63.13 -34.69 -2.20
CA ASN BA 59 62.79 -33.47 -1.48
C ASN BA 59 62.29 -32.38 -2.43
N ALA BA 60 62.90 -32.25 -3.61
CA ALA BA 60 62.43 -31.26 -4.57
C ALA BA 60 61.05 -31.60 -5.13
N GLN BA 61 60.73 -32.88 -5.24
CA GLN BA 61 59.42 -33.28 -5.76
C GLN BA 61 58.29 -32.94 -4.81
N SER BA 62 58.54 -33.06 -3.52
CA SER BA 62 57.50 -32.78 -2.53
C SER BA 62 57.07 -31.32 -2.53
N ASN BA 63 58.02 -30.40 -2.50
CA ASN BA 63 57.64 -28.99 -2.40
C ASN BA 63 56.89 -28.50 -3.62
N THR BA 64 57.27 -28.96 -4.82
CA THR BA 64 56.63 -28.45 -6.03
C THR BA 64 55.13 -28.73 -6.05
N VAL BA 65 54.71 -29.94 -5.73
CA VAL BA 65 53.27 -30.20 -5.77
C VAL BA 65 52.56 -29.46 -4.65
N LYS BA 66 53.23 -29.19 -3.54
CA LYS BA 66 52.62 -28.42 -2.46
C LYS BA 66 52.30 -26.99 -2.91
N VAL BA 67 53.25 -26.34 -3.58
CA VAL BA 67 53.05 -24.97 -4.03
C VAL BA 67 51.93 -24.87 -5.05
N PHE BA 68 51.98 -25.68 -6.11
CA PHE BA 68 50.90 -25.67 -7.09
C PHE BA 68 49.56 -26.02 -6.46
N LYS BA 69 49.55 -26.94 -5.51
CA LYS BA 69 48.30 -27.27 -4.83
C LYS BA 69 47.77 -26.08 -4.05
N ASP BA 70 48.65 -25.23 -3.52
CA ASP BA 70 48.21 -24.08 -2.75
C ASP BA 70 47.80 -22.89 -3.62
N ILE BA 71 48.43 -22.70 -4.77
CA ILE BA 71 48.00 -21.65 -5.71
C ILE BA 71 46.57 -21.89 -6.16
N ASP BA 72 46.25 -23.11 -6.57
CA ASP BA 72 44.90 -23.44 -7.01
C ASP BA 72 43.88 -23.31 -5.90
N ALA BA 73 44.25 -23.67 -4.68
CA ALA BA 73 43.33 -23.55 -3.55
C ALA BA 73 42.98 -22.11 -3.20
N ALA BA 74 43.81 -21.14 -3.59
CA ALA BA 74 43.41 -19.74 -3.46
C ALA BA 74 42.33 -19.36 -4.46
N ILE BA 75 42.57 -19.59 -5.75
CA ILE BA 75 41.61 -19.18 -6.78
C ILE BA 75 40.21 -19.69 -6.44
N ILE BA 76 40.07 -20.99 -6.15
CA ILE BA 76 38.74 -21.55 -5.98
C ILE BA 76 38.06 -20.98 -4.75
N GLN BA 77 38.82 -20.36 -3.86
CA GLN BA 77 38.25 -19.69 -2.70
C GLN BA 77 37.60 -18.36 -3.06
N ASN BA 78 37.86 -17.85 -4.28
CA ASN BA 78 37.24 -16.63 -4.79
C ASN BA 78 36.11 -16.89 -5.77
N PHE BA 79 35.68 -18.14 -5.97
CA PHE BA 79 34.43 -18.33 -6.70
C PHE BA 79 33.26 -17.79 -5.90
N ARG BA 80 33.38 -17.75 -4.58
CA ARG BA 80 32.21 -17.64 -3.73
C ARG BA 80 31.52 -16.31 -3.93
N PRO CA 4 64.17 -10.60 -23.13
CA PRO CA 4 63.32 -11.45 -22.30
C PRO CA 4 62.59 -10.65 -21.24
N TRP CA 5 61.57 -11.21 -20.59
CA TRP CA 5 60.87 -10.52 -19.53
C TRP CA 5 61.35 -11.04 -18.19
N SER CA 6 61.90 -10.15 -17.39
CA SER CA 6 62.37 -10.42 -16.03
C SER CA 6 61.57 -9.52 -15.11
N GLY CA 7 61.14 -10.05 -13.99
CA GLY CA 7 60.28 -9.28 -13.12
C GLY CA 7 61.05 -8.47 -12.12
N TYR CA 8 60.74 -8.61 -10.84
CA TYR CA 8 61.44 -7.89 -9.80
C TYR CA 8 62.32 -8.77 -8.94
N LEU CA 9 61.84 -9.94 -8.53
CA LEU CA 9 62.66 -10.79 -7.67
C LEU CA 9 63.90 -11.25 -8.42
N ASP CA 10 63.77 -11.51 -9.71
CA ASP CA 10 64.88 -12.01 -10.52
C ASP CA 10 65.94 -10.95 -10.71
N ASP CA 11 65.56 -9.69 -10.81
CA ASP CA 11 66.55 -8.64 -10.90
C ASP CA 11 67.34 -8.52 -9.59
N VAL CA 12 66.67 -8.74 -8.45
CA VAL CA 12 67.36 -8.77 -7.16
C VAL CA 12 68.35 -9.92 -7.10
N SER CA 13 67.99 -11.07 -7.66
CA SER CA 13 68.91 -12.20 -7.69
C SER CA 13 70.11 -11.91 -8.58
N ALA CA 14 69.90 -11.19 -9.67
CA ALA CA 14 71.00 -10.84 -10.56
C ALA CA 14 71.98 -9.87 -9.92
N LYS CA 15 71.58 -9.15 -8.88
CA LYS CA 15 72.54 -8.31 -8.18
C LYS CA 15 73.68 -9.14 -7.58
N PHE CA 16 73.37 -10.36 -7.14
CA PHE CA 16 74.43 -11.24 -6.66
C PHE CA 16 75.23 -11.84 -7.80
N ASP CA 17 74.56 -12.36 -8.83
CA ASP CA 17 75.29 -12.94 -9.95
C ASP CA 17 76.17 -11.92 -10.67
N THR CA 18 75.68 -10.70 -10.82
CA THR CA 18 76.47 -9.64 -11.43
C THR CA 18 77.49 -9.04 -10.46
N GLY CA 19 77.39 -9.33 -9.18
CA GLY CA 19 78.31 -8.80 -8.19
C GLY CA 19 79.61 -9.56 -8.19
N VAL CA 20 79.54 -10.87 -7.99
CA VAL CA 20 80.73 -11.72 -8.03
C VAL CA 20 81.15 -11.89 -9.49
N ASP CA 21 82.34 -11.38 -9.83
CA ASP CA 21 82.78 -11.35 -11.22
C ASP CA 21 82.95 -12.75 -11.80
N ASN CA 22 83.67 -13.62 -11.11
CA ASN CA 22 83.99 -14.94 -11.65
C ASN CA 22 83.69 -16.07 -10.71
N LEU CA 23 83.12 -15.80 -9.54
CA LEU CA 23 82.96 -16.84 -8.54
C LEU CA 23 82.36 -18.09 -9.16
N GLN CA 24 81.38 -17.93 -10.06
CA GLN CA 24 80.81 -19.09 -10.73
C GLN CA 24 81.86 -19.89 -11.49
N THR CA 25 82.75 -19.22 -12.21
CA THR CA 25 83.80 -19.91 -12.96
C THR CA 25 84.97 -20.35 -12.09
N GLN CA 26 85.34 -19.55 -11.09
CA GLN CA 26 86.48 -19.88 -10.26
C GLN CA 26 86.34 -21.21 -9.54
N VAL CA 27 85.16 -21.50 -8.98
CA VAL CA 27 84.99 -22.80 -8.32
C VAL CA 27 85.16 -23.93 -9.33
N THR CA 28 84.51 -23.82 -10.48
CA THR CA 28 84.65 -24.86 -11.49
C THR CA 28 86.10 -25.00 -11.93
N GLU CA 29 86.79 -23.86 -12.08
CA GLU CA 29 88.18 -23.87 -12.52
C GLU CA 29 89.10 -24.48 -11.48
N ALA CA 30 88.88 -24.17 -10.20
CA ALA CA 30 89.73 -24.74 -9.15
C ALA CA 30 89.49 -26.23 -8.97
N LEU CA 31 88.26 -26.68 -9.15
CA LEU CA 31 87.96 -28.10 -9.02
C LEU CA 31 88.72 -28.92 -10.06
N ALA CA 46 93.46 -23.17 -2.40
CA ALA CA 46 92.42 -22.15 -2.31
C ALA CA 46 91.04 -22.76 -2.45
N TYR CA 47 90.99 -24.07 -2.68
CA TYR CA 47 89.69 -24.71 -2.85
C TYR CA 47 88.83 -24.49 -1.63
N GLN CA 48 89.43 -24.49 -0.45
CA GLN CA 48 88.66 -24.20 0.76
C GLN CA 48 88.11 -22.79 0.71
N SER CA 49 88.95 -21.83 0.32
CA SER CA 49 88.50 -20.45 0.26
C SER CA 49 87.42 -20.25 -0.79
N LYS CA 50 87.63 -20.77 -2.01
CA LYS CA 50 86.61 -20.60 -3.02
C LYS CA 50 85.34 -21.34 -2.67
N LEU CA 51 85.46 -22.54 -2.10
CA LEU CA 51 84.27 -23.27 -1.69
C LEU CA 51 83.57 -22.60 -0.52
N SER CA 52 84.33 -22.07 0.44
CA SER CA 52 83.72 -21.36 1.55
C SER CA 52 83.04 -20.07 1.09
N GLU CA 53 83.73 -19.29 0.26
CA GLU CA 53 83.16 -18.05 -0.28
C GLU CA 53 81.91 -18.34 -1.10
N TYR CA 54 81.96 -19.39 -1.90
CA TYR CA 54 80.84 -19.80 -2.74
C TYR CA 54 79.64 -20.24 -1.92
N ASN CA 55 79.88 -21.00 -0.85
CA ASN CA 55 78.78 -21.50 -0.03
C ASN CA 55 77.94 -20.39 0.58
N LEU CA 56 78.56 -19.34 1.08
CA LEU CA 56 77.78 -18.25 1.68
C LEU CA 56 76.92 -17.52 0.65
N TYR CA 57 77.45 -17.32 -0.56
CA TYR CA 57 76.70 -16.65 -1.61
C TYR CA 57 75.38 -17.34 -1.90
N ARG CA 58 75.39 -18.66 -2.06
CA ARG CA 58 74.16 -19.38 -2.35
C ARG CA 58 73.16 -19.28 -1.20
N ASN CA 59 73.64 -19.35 0.04
CA ASN CA 59 72.72 -19.26 1.17
C ASN CA 59 72.13 -17.87 1.32
N ALA CA 60 72.94 -16.83 1.12
CA ALA CA 60 72.43 -15.47 1.23
C ALA CA 60 71.51 -15.11 0.06
N GLN CA 61 71.81 -15.61 -1.13
CA GLN CA 61 70.99 -15.31 -2.29
C GLN CA 61 69.56 -15.83 -2.11
N SER CA 62 69.42 -17.07 -1.65
CA SER CA 62 68.12 -17.68 -1.48
C SER CA 62 67.32 -17.06 -0.35
N ASN CA 63 67.97 -16.75 0.78
CA ASN CA 63 67.24 -16.18 1.91
C ASN CA 63 66.64 -14.82 1.58
N THR CA 64 67.38 -13.95 0.90
CA THR CA 64 66.86 -12.63 0.61
C THR CA 64 65.64 -12.68 -0.29
N VAL CA 65 65.65 -13.55 -1.30
CA VAL CA 65 64.51 -13.65 -2.20
C VAL CA 65 63.26 -14.07 -1.44
N LYS CA 66 63.38 -15.03 -0.53
CA LYS CA 66 62.21 -15.49 0.20
C LYS CA 66 61.54 -14.38 1.00
N VAL CA 67 62.32 -13.44 1.53
CA VAL CA 67 61.76 -12.37 2.36
C VAL CA 67 60.94 -11.39 1.52
N PHE CA 68 61.46 -10.95 0.38
CA PHE CA 68 60.66 -10.08 -0.49
C PHE CA 68 59.38 -10.74 -0.96
N LYS CA 69 59.43 -12.00 -1.34
CA LYS CA 69 58.19 -12.68 -1.71
C LYS CA 69 57.15 -12.64 -0.60
N ASP CA 70 57.59 -12.57 0.65
CA ASP CA 70 56.65 -12.49 1.76
C ASP CA 70 56.27 -11.08 2.16
N ILE CA 71 57.03 -10.07 1.74
CA ILE CA 71 56.56 -8.69 1.90
C ILE CA 71 55.50 -8.34 0.88
N ASP CA 72 55.54 -8.93 -0.31
CA ASP CA 72 54.52 -8.64 -1.31
C ASP CA 72 53.23 -9.40 -1.02
N ALA CA 73 53.34 -10.69 -0.73
CA ALA CA 73 52.15 -11.52 -0.57
C ALA CA 73 51.25 -11.07 0.57
N ALA CA 74 51.80 -10.38 1.55
CA ALA CA 74 51.01 -9.81 2.65
C ALA CA 74 50.53 -8.40 2.38
N ILE CA 75 50.87 -7.82 1.24
CA ILE CA 75 50.17 -6.64 0.76
C ILE CA 75 48.99 -7.02 -0.10
N ILE CA 76 49.22 -7.93 -1.06
CA ILE CA 76 48.14 -8.37 -1.95
C ILE CA 76 46.94 -8.83 -1.14
N GLN CA 77 47.19 -9.61 -0.10
CA GLN CA 77 46.09 -10.17 0.69
C GLN CA 77 45.16 -9.10 1.22
N ASN CA 78 45.66 -7.90 1.44
CA ASN CA 78 44.81 -6.82 1.92
C ASN CA 78 43.99 -6.18 0.80
N PHE CA 79 44.04 -6.70 -0.43
CA PHE CA 79 43.36 -6.00 -1.52
C PHE CA 79 41.85 -6.01 -1.38
N ARG CA 80 41.28 -7.06 -0.82
CA ARG CA 80 39.83 -7.11 -0.75
C ARG CA 80 39.31 -6.13 0.30
N PRO DA 4 71.31 10.71 8.48
CA PRO DA 4 70.61 9.48 8.12
C PRO DA 4 69.58 9.05 9.14
N TRP DA 5 68.48 8.50 8.64
CA TRP DA 5 67.40 8.04 9.50
C TRP DA 5 67.79 6.72 10.18
N SER DA 6 67.38 6.55 11.43
CA SER DA 6 67.64 5.31 12.15
C SER DA 6 66.37 4.85 12.84
N GLY DA 7 66.13 3.54 12.81
CA GLY DA 7 64.97 2.96 13.46
C GLY DA 7 65.32 2.28 14.77
N TYR DA 8 64.27 1.78 15.43
CA TYR DA 8 64.44 1.08 16.70
C TYR DA 8 65.40 -0.08 16.56
N LEU DA 9 65.28 -0.83 15.47
CA LEU DA 9 66.17 -1.97 15.21
C LEU DA 9 67.60 -1.53 14.95
N ASP DA 10 67.79 -0.34 14.37
CA ASP DA 10 69.14 0.17 14.17
C ASP DA 10 69.74 0.67 15.49
N ASP DA 11 68.95 1.39 16.28
CA ASP DA 11 69.43 1.89 17.56
C ASP DA 11 69.88 0.77 18.46
N VAL DA 12 69.15 -0.34 18.49
CA VAL DA 12 69.60 -1.46 19.32
C VAL DA 12 70.95 -1.94 18.85
N SER DA 13 71.17 -2.03 17.54
CA SER DA 13 72.48 -2.44 17.05
C SER DA 13 73.57 -1.45 17.45
N ALA DA 14 73.29 -0.16 17.33
CA ALA DA 14 74.29 0.85 17.66
C ALA DA 14 74.73 0.77 19.12
N LYS DA 15 73.85 0.38 20.02
CA LYS DA 15 74.28 0.28 21.41
C LYS DA 15 75.39 -0.74 21.56
N PHE DA 16 75.30 -1.86 20.83
CA PHE DA 16 76.39 -2.83 20.84
C PHE DA 16 77.62 -2.26 20.13
N ASP DA 17 77.40 -1.72 18.93
CA ASP DA 17 78.50 -1.22 18.11
C ASP DA 17 79.32 -0.16 18.83
N THR DA 18 78.67 0.70 19.62
CA THR DA 18 79.40 1.77 20.28
C THR DA 18 80.27 1.27 21.44
N GLY DA 19 79.77 0.30 22.21
CA GLY DA 19 80.59 -0.23 23.30
C GLY DA 19 81.79 -1.03 22.85
N VAL DA 20 81.60 -1.92 21.89
CA VAL DA 20 82.67 -2.76 21.37
C VAL DA 20 83.53 -2.04 20.34
N ASP DA 21 83.29 -0.74 20.16
CA ASP DA 21 84.08 0.02 19.19
C ASP DA 21 85.57 -0.25 19.30
N ASN DA 22 86.06 -0.54 20.49
CA ASN DA 22 87.49 -0.83 20.60
C ASN DA 22 87.89 -2.04 19.75
N LEU DA 23 87.01 -3.04 19.60
CA LEU DA 23 87.37 -4.22 18.83
C LEU DA 23 87.21 -4.07 17.33
N GLN DA 24 86.41 -3.12 16.87
CA GLN DA 24 86.15 -3.03 15.43
C GLN DA 24 87.44 -3.07 14.64
N THR DA 25 88.45 -2.35 15.10
CA THR DA 25 89.77 -2.33 14.47
C THR DA 25 90.75 -3.27 15.13
N GLN DA 26 90.74 -3.37 16.46
CA GLN DA 26 91.73 -4.16 17.16
C GLN DA 26 91.71 -5.63 16.76
N VAL DA 27 90.59 -6.16 16.28
CA VAL DA 27 90.63 -7.53 15.82
C VAL DA 27 91.47 -7.61 14.57
N THR DA 28 91.60 -6.51 13.84
CA THR DA 28 92.41 -6.46 12.63
C THR DA 28 93.84 -6.80 12.97
N SER DA 49 92.59 -13.88 22.15
CA SER DA 49 91.22 -13.97 22.61
C SER DA 49 90.33 -13.03 21.85
N LYS DA 50 90.94 -12.17 21.04
CA LYS DA 50 90.16 -11.24 20.25
C LYS DA 50 89.25 -11.97 19.27
N LEU DA 51 89.73 -13.09 18.70
CA LEU DA 51 88.87 -13.82 17.77
C LEU DA 51 87.68 -14.42 18.49
N SER DA 52 87.90 -15.02 19.66
CA SER DA 52 86.77 -15.53 20.43
C SER DA 52 85.82 -14.40 20.80
N GLU DA 53 86.38 -13.29 21.27
CA GLU DA 53 85.58 -12.11 21.57
C GLU DA 53 84.82 -11.61 20.35
N TYR DA 54 85.47 -11.62 19.19
CA TYR DA 54 84.80 -11.15 17.99
C TYR DA 54 83.58 -12.01 17.65
N ASN DA 55 83.71 -13.33 17.79
CA ASN DA 55 82.57 -14.20 17.53
C ASN DA 55 81.40 -13.92 18.46
N LEU DA 56 81.66 -13.80 19.75
CA LEU DA 56 80.60 -13.54 20.73
C LEU DA 56 79.91 -12.21 20.49
N TYR DA 57 80.65 -11.18 20.11
CA TYR DA 57 80.01 -9.89 19.85
C TYR DA 57 79.00 -9.99 18.72
N ARG DA 58 79.39 -10.58 17.59
CA ARG DA 58 78.48 -10.68 16.46
C ARG DA 58 77.25 -11.56 16.75
N ASN DA 59 77.44 -12.69 17.45
CA ASN DA 59 76.31 -13.57 17.71
C ASN DA 59 75.24 -12.91 18.57
N ALA DA 60 75.64 -12.32 19.70
CA ALA DA 60 74.68 -11.66 20.57
C ALA DA 60 73.98 -10.52 19.85
N GLN DA 61 74.73 -9.79 19.01
CA GLN DA 61 74.15 -8.66 18.30
C GLN DA 61 73.00 -9.07 17.40
N SER DA 62 73.21 -10.10 16.58
CA SER DA 62 72.19 -10.47 15.60
C SER DA 62 70.98 -11.15 16.24
N ASN DA 63 71.20 -12.05 17.19
CA ASN DA 63 70.08 -12.75 17.80
C ASN DA 63 69.12 -11.80 18.50
N THR DA 64 69.62 -10.69 19.04
CA THR DA 64 68.73 -9.75 19.73
C THR DA 64 67.74 -9.11 18.77
N VAL DA 65 68.20 -8.69 17.60
CA VAL DA 65 67.30 -8.05 16.65
C VAL DA 65 66.20 -9.00 16.20
N LYS DA 66 66.51 -10.28 16.09
CA LYS DA 66 65.50 -11.27 15.73
C LYS DA 66 64.35 -11.32 16.74
N VAL DA 67 64.66 -11.25 18.03
CA VAL DA 67 63.61 -11.22 19.05
C VAL DA 67 62.85 -9.89 19.05
N PHE DA 68 63.53 -8.77 18.87
CA PHE DA 68 62.79 -7.50 18.81
C PHE DA 68 62.00 -7.32 17.52
N LYS DA 69 62.43 -7.91 16.41
CA LYS DA 69 61.57 -7.90 15.24
C LYS DA 69 60.29 -8.68 15.48
N ASP DA 70 60.37 -9.76 16.24
CA ASP DA 70 59.25 -10.68 16.42
C ASP DA 70 58.29 -10.27 17.52
N ILE DA 71 58.81 -9.73 18.62
CA ILE DA 71 58.00 -9.09 19.65
C ILE DA 71 57.13 -8.03 19.03
N ASP DA 72 57.56 -7.51 17.90
CA ASP DA 72 56.92 -6.40 17.20
C ASP DA 72 55.92 -6.85 16.13
N ALA DA 73 56.32 -7.80 15.30
CA ALA DA 73 55.43 -8.26 14.24
C ALA DA 73 54.09 -8.73 14.80
N ALA DA 74 54.08 -9.38 15.96
CA ALA DA 74 52.82 -9.84 16.52
C ALA DA 74 51.84 -8.72 16.82
N ILE DA 75 52.32 -7.49 16.98
CA ILE DA 75 51.43 -6.36 17.29
C ILE DA 75 50.84 -5.75 16.02
N ILE DA 76 51.64 -5.58 14.97
CA ILE DA 76 51.18 -4.89 13.77
C ILE DA 76 50.11 -5.68 13.03
N GLN DA 77 50.12 -7.02 13.10
CA GLN DA 77 49.02 -7.76 12.50
C GLN DA 77 47.74 -7.67 13.32
N ASN DA 78 47.83 -7.38 14.62
CA ASN DA 78 46.62 -7.18 15.40
C ASN DA 78 45.95 -5.83 15.15
N PHE DA 79 46.51 -4.98 14.30
CA PHE DA 79 45.80 -3.75 13.98
C PHE DA 79 44.45 -4.04 13.40
N ARG DA 80 44.34 -5.12 12.61
CA ARG DA 80 43.16 -5.34 11.80
C ARG DA 80 41.95 -5.58 12.68
N PRO EA 4 63.56 -4.65 42.42
CA PRO EA 4 63.26 -5.99 42.92
C PRO EA 4 62.06 -6.68 42.25
N TRP EA 5 61.51 -6.10 41.19
CA TRP EA 5 60.40 -6.71 40.49
C TRP EA 5 60.88 -7.93 39.74
N SER EA 6 60.12 -9.03 39.83
CA SER EA 6 60.52 -10.25 39.16
C SER EA 6 59.29 -11.04 38.74
N GLY EA 7 59.50 -11.99 37.83
CA GLY EA 7 58.44 -12.82 37.29
C GLY EA 7 58.71 -14.30 37.43
N TYR EA 8 57.97 -15.12 36.69
CA TYR EA 8 58.14 -16.57 36.80
C TYR EA 8 59.44 -17.05 36.18
N LEU EA 9 59.87 -16.43 35.08
CA LEU EA 9 61.13 -16.86 34.47
C LEU EA 9 62.31 -16.50 35.33
N ASP EA 10 62.24 -15.37 36.03
CA ASP EA 10 63.31 -14.98 36.96
C ASP EA 10 63.33 -15.86 38.20
N ASP EA 11 62.17 -16.34 38.64
CA ASP EA 11 62.11 -17.18 39.83
C ASP EA 11 62.83 -18.50 39.66
N VAL EA 12 62.70 -19.14 38.50
CA VAL EA 12 63.41 -20.41 38.31
C VAL EA 12 64.91 -20.17 38.33
N SER EA 13 65.37 -19.16 37.61
CA SER EA 13 66.78 -18.81 37.61
C SER EA 13 67.28 -18.52 39.01
N ALA EA 14 66.52 -17.73 39.77
CA ALA EA 14 66.92 -17.39 41.12
C ALA EA 14 67.13 -18.63 41.97
N LYS EA 15 66.34 -19.67 41.77
CA LYS EA 15 66.56 -20.90 42.51
C LYS EA 15 67.93 -21.47 42.16
N PHE EA 16 68.23 -21.54 40.87
CA PHE EA 16 69.55 -21.99 40.44
C PHE EA 16 70.63 -21.07 40.99
N ASP EA 17 70.36 -19.77 41.07
CA ASP EA 17 71.34 -18.85 41.62
C ASP EA 17 71.60 -19.14 43.10
N THR EA 18 70.59 -19.53 43.87
CA THR EA 18 70.86 -19.89 45.27
C THR EA 18 71.71 -21.14 45.36
N GLY EA 19 71.79 -21.95 44.32
CA GLY EA 19 72.63 -23.12 44.34
C GLY EA 19 74.10 -22.76 44.18
N VAL EA 20 74.39 -21.76 43.34
CA VAL EA 20 75.78 -21.33 43.13
C VAL EA 20 76.30 -20.52 44.29
N ASP EA 21 75.46 -20.22 45.28
CA ASP EA 21 75.91 -19.40 46.40
C ASP EA 21 77.20 -19.92 46.99
N ASN EA 22 77.39 -21.24 46.98
CA ASN EA 22 78.64 -21.82 47.44
C ASN EA 22 79.79 -21.49 46.48
N LEU EA 23 79.49 -21.33 45.19
CA LEU EA 23 80.49 -20.97 44.19
C LEU EA 23 80.52 -19.48 43.91
N GLN EA 24 79.36 -18.85 43.77
CA GLN EA 24 79.29 -17.42 43.51
C GLN EA 24 78.15 -16.80 44.30
N SER EA 52 84.20 -28.96 36.34
CA SER EA 52 83.28 -28.63 35.26
C SER EA 52 81.89 -28.35 35.82
N GLU EA 53 81.75 -28.50 37.13
CA GLU EA 53 80.46 -28.31 37.77
C GLU EA 53 79.89 -26.94 37.51
N TYR EA 54 80.72 -25.98 37.13
CA TYR EA 54 80.22 -24.67 36.77
C TYR EA 54 79.52 -24.69 35.42
N ASN EA 55 80.06 -25.38 34.42
CA ASN EA 55 79.37 -25.43 33.13
C ASN EA 55 77.98 -26.00 33.28
N LEU EA 56 77.86 -27.10 34.03
CA LEU EA 56 76.57 -27.76 34.20
C LEU EA 56 75.55 -26.84 34.85
N TYR EA 57 75.99 -26.00 35.78
CA TYR EA 57 75.06 -25.08 36.42
C TYR EA 57 74.51 -24.09 35.40
N ARG EA 58 75.37 -23.55 34.54
CA ARG EA 58 74.91 -22.62 33.50
C ARG EA 58 74.07 -23.30 32.42
N ASN EA 59 74.47 -24.50 31.98
CA ASN EA 59 73.71 -25.19 30.95
C ASN EA 59 72.30 -25.54 31.43
N ALA EA 60 72.22 -26.30 32.53
CA ALA EA 60 70.91 -26.69 33.07
C ALA EA 60 70.03 -25.50 33.36
N GLN EA 61 70.62 -24.35 33.70
CA GLN EA 61 69.84 -23.16 33.98
C GLN EA 61 69.20 -22.60 32.72
N SER EA 62 70.00 -22.31 31.70
CA SER EA 62 69.46 -21.69 30.49
C SER EA 62 68.43 -22.55 29.77
N ASN EA 63 68.65 -23.87 29.71
CA ASN EA 63 67.68 -24.72 29.01
C ASN EA 63 66.34 -24.78 29.73
N THR EA 64 66.36 -24.85 31.06
CA THR EA 64 65.09 -24.92 31.78
C THR EA 64 64.30 -23.63 31.61
N VAL EA 65 64.97 -22.49 31.66
CA VAL EA 65 64.28 -21.22 31.46
C VAL EA 65 63.63 -21.19 30.09
N LYS EA 66 64.29 -21.77 29.09
CA LYS EA 66 63.74 -21.77 27.74
C LYS EA 66 62.47 -22.62 27.64
N VAL EA 67 62.49 -23.84 28.17
CA VAL EA 67 61.33 -24.71 28.05
C VAL EA 67 60.09 -24.08 28.66
N PHE EA 68 60.23 -23.45 29.83
CA PHE EA 68 59.05 -22.81 30.39
C PHE EA 68 58.58 -21.62 29.58
N LYS EA 69 59.48 -20.87 28.95
CA LYS EA 69 59.02 -19.74 28.15
C LYS EA 69 58.20 -20.22 26.97
N ASP EA 70 58.57 -21.36 26.40
CA ASP EA 70 57.81 -21.90 25.28
C ASP EA 70 56.45 -22.42 25.71
N ILE EA 71 56.31 -22.90 26.96
CA ILE EA 71 55.00 -23.36 27.42
C ILE EA 71 54.03 -22.21 27.52
N ASP EA 72 54.51 -21.05 27.98
CA ASP EA 72 53.63 -19.91 28.15
C ASP EA 72 53.14 -19.38 26.82
N ALA EA 73 54.01 -19.35 25.82
CA ALA EA 73 53.63 -18.80 24.53
C ALA EA 73 52.41 -19.49 23.95
N ALA EA 74 52.31 -20.82 24.11
CA ALA EA 74 51.20 -21.55 23.51
C ALA EA 74 49.86 -21.11 24.09
N ILE EA 75 49.77 -20.99 25.41
CA ILE EA 75 48.50 -20.61 26.01
C ILE EA 75 48.18 -19.15 25.70
N ILE EA 76 49.21 -18.32 25.60
CA ILE EA 76 49.03 -16.90 25.31
C ILE EA 76 48.41 -16.68 23.93
N GLN EA 77 48.82 -17.46 22.93
CA GLN EA 77 48.25 -17.28 21.60
C GLN EA 77 46.83 -17.79 21.47
N ASN EA 78 46.45 -18.84 22.19
CA ASN EA 78 45.08 -19.33 22.14
C ASN EA 78 44.07 -18.38 22.75
N PHE EA 79 44.48 -17.26 23.34
CA PHE EA 79 43.50 -16.32 23.84
C PHE EA 79 42.62 -15.78 22.72
N ARG EA 80 43.18 -15.64 21.53
CA ARG EA 80 42.45 -15.10 20.39
C ARG EA 80 41.53 -16.14 19.78
N PRO FA 4 50.94 -41.39 44.52
CA PRO FA 4 51.87 -41.03 43.43
C PRO FA 4 51.26 -41.24 42.05
N TRP FA 5 51.98 -40.86 40.99
CA TRP FA 5 51.45 -41.00 39.65
C TRP FA 5 52.60 -41.25 38.68
N SER FA 6 52.32 -41.98 37.61
CA SER FA 6 53.36 -42.35 36.65
C SER FA 6 52.76 -42.44 35.26
N GLY FA 7 53.15 -41.53 34.37
CA GLY FA 7 52.58 -41.43 33.05
C GLY FA 7 53.24 -42.41 32.11
N TYR FA 8 52.97 -42.22 30.81
CA TYR FA 8 53.51 -43.16 29.84
C TYR FA 8 55.01 -43.02 29.68
N LEU FA 9 55.55 -41.81 29.82
CA LEU FA 9 56.99 -41.64 29.72
C LEU FA 9 57.71 -42.49 30.77
N ASP FA 10 57.19 -42.51 31.98
CA ASP FA 10 57.73 -43.31 33.06
C ASP FA 10 57.25 -44.76 33.05
N ASP FA 11 56.23 -45.08 32.27
CA ASP FA 11 56.06 -46.47 31.84
C ASP FA 11 57.34 -47.02 31.22
N VAL FA 12 58.06 -46.23 30.43
CA VAL FA 12 59.29 -46.74 29.81
C VAL FA 12 60.52 -46.45 30.66
N SER FA 13 60.71 -45.22 31.12
CA SER FA 13 61.95 -44.91 31.82
C SER FA 13 62.19 -45.88 32.98
N ALA FA 14 61.16 -46.16 33.76
CA ALA FA 14 61.32 -47.03 34.91
C ALA FA 14 61.65 -48.46 34.52
N LYS FA 15 61.26 -48.90 33.32
CA LYS FA 15 61.72 -50.19 32.83
C LYS FA 15 63.23 -50.33 32.94
N PHE FA 16 63.97 -49.26 32.61
CA PHE FA 16 65.41 -49.33 32.69
C PHE FA 16 65.88 -49.50 34.13
N ASP FA 17 65.42 -48.63 35.03
CA ASP FA 17 65.84 -48.77 36.43
C ASP FA 17 65.51 -50.15 36.95
N THR FA 18 64.36 -50.70 36.54
CA THR FA 18 63.93 -52.03 36.92
C THR FA 18 64.49 -53.12 36.04
N GLY FA 19 65.06 -52.77 34.89
CA GLY FA 19 65.66 -53.75 34.00
C GLY FA 19 67.04 -54.16 34.47
N VAL FA 20 67.88 -53.18 34.77
CA VAL FA 20 69.23 -53.47 35.25
C VAL FA 20 69.20 -54.06 36.66
N TYR FA 54 77.10 -48.13 31.84
CA TYR FA 54 76.18 -47.32 32.62
C TYR FA 54 75.72 -46.12 31.81
N ASN FA 55 76.65 -45.43 31.14
CA ASN FA 55 76.22 -44.29 30.35
C ASN FA 55 75.27 -44.74 29.25
N LEU FA 56 75.52 -45.91 28.66
CA LEU FA 56 74.59 -46.42 27.67
C LEU FA 56 73.21 -46.55 28.28
N TYR FA 57 73.16 -47.11 29.49
CA TYR FA 57 71.91 -47.16 30.25
C TYR FA 57 71.32 -45.77 30.41
N ARG FA 58 72.14 -44.78 30.79
CA ARG FA 58 71.63 -43.42 30.94
C ARG FA 58 71.31 -42.76 29.60
N ASN FA 59 72.19 -42.91 28.60
CA ASN FA 59 71.95 -42.24 27.32
C ASN FA 59 70.81 -42.90 26.56
N ALA FA 60 70.83 -44.22 26.44
CA ALA FA 60 69.77 -44.90 25.73
C ALA FA 60 68.42 -44.62 26.39
N GLN FA 61 68.39 -44.56 27.71
CA GLN FA 61 67.15 -44.22 28.41
C GLN FA 61 66.66 -42.84 28.01
N SER FA 62 67.53 -41.84 28.11
CA SER FA 62 67.13 -40.47 27.82
C SER FA 62 66.68 -40.27 26.38
N ASN FA 63 67.40 -40.82 25.40
CA ASN FA 63 66.98 -40.62 24.02
C ASN FA 63 65.63 -41.26 23.74
N THR FA 64 65.40 -42.48 24.21
CA THR FA 64 64.12 -43.14 23.98
C THR FA 64 62.96 -42.37 24.60
N VAL FA 65 63.13 -41.92 25.84
CA VAL FA 65 62.08 -41.14 26.48
C VAL FA 65 61.84 -39.84 25.71
N LYS FA 66 62.91 -39.22 25.23
CA LYS FA 66 62.78 -37.99 24.47
C LYS FA 66 62.06 -38.19 23.15
N VAL FA 67 62.37 -39.26 22.42
CA VAL FA 67 61.73 -39.52 21.14
C VAL FA 67 60.23 -39.62 21.26
N PHE FA 68 59.72 -40.26 22.30
CA PHE FA 68 58.27 -40.34 22.47
C PHE FA 68 57.66 -38.97 22.69
N LYS FA 69 58.35 -38.05 23.35
CA LYS FA 69 57.78 -36.72 23.48
C LYS FA 69 57.54 -36.10 22.13
N ASP FA 70 58.46 -36.31 21.20
CA ASP FA 70 58.31 -35.74 19.85
C ASP FA 70 57.18 -36.39 19.07
N ILE FA 71 56.83 -37.64 19.38
CA ILE FA 71 55.68 -38.26 18.73
C ILE FA 71 54.38 -37.68 19.27
N ASP FA 72 54.28 -37.53 20.58
CA ASP FA 72 53.04 -37.00 21.14
C ASP FA 72 52.85 -35.54 20.77
N ALA FA 73 53.91 -34.75 20.81
CA ALA FA 73 53.80 -33.34 20.51
C ALA FA 73 53.25 -33.09 19.11
N ALA FA 74 53.38 -34.04 18.19
CA ALA FA 74 52.81 -33.85 16.86
C ALA FA 74 51.30 -33.94 16.89
N ILE FA 75 50.76 -35.00 17.50
CA ILE FA 75 49.32 -35.20 17.51
C ILE FA 75 48.61 -34.07 18.24
N ILE FA 76 49.19 -33.60 19.33
CA ILE FA 76 48.59 -32.53 20.11
C ILE FA 76 48.42 -31.28 19.28
N GLN FA 77 49.25 -31.11 18.24
CA GLN FA 77 49.13 -29.95 17.37
C GLN FA 77 48.11 -30.13 16.27
N ASN FA 78 47.84 -31.36 15.85
CA ASN FA 78 46.73 -31.59 14.92
C ASN FA 78 45.37 -31.52 15.58
N PHE FA 79 45.29 -31.43 16.92
CA PHE FA 79 43.99 -31.50 17.59
C PHE FA 79 43.01 -30.54 16.96
N ARG FA 80 43.44 -29.30 16.78
CA ARG FA 80 42.56 -28.26 16.27
C ARG FA 80 42.07 -28.69 14.90
N PRO GA 4 54.66 -61.27 12.50
CA PRO GA 4 55.69 -60.92 11.55
C PRO GA 4 55.30 -59.77 10.62
N TRP GA 5 56.06 -58.68 10.69
CA TRP GA 5 55.85 -57.51 9.86
C TRP GA 5 57.20 -56.95 9.43
N SER GA 6 57.25 -56.39 8.22
CA SER GA 6 58.52 -55.92 7.67
C SER GA 6 58.31 -54.65 6.84
N GLY GA 7 58.57 -53.51 7.47
CA GLY GA 7 58.45 -52.23 6.81
C GLY GA 7 59.64 -51.96 5.92
N TYR GA 8 59.61 -50.81 5.25
CA TYR GA 8 60.70 -50.49 4.34
C TYR GA 8 62.02 -50.40 5.08
N LEU GA 9 62.02 -49.84 6.29
CA LEU GA 9 63.26 -49.75 7.05
C LEU GA 9 63.73 -51.13 7.46
N ASP GA 10 62.80 -52.01 7.81
CA ASP GA 10 63.17 -53.37 8.18
C ASP GA 10 63.90 -54.07 7.03
N ASP GA 11 63.43 -53.90 5.80
CA ASP GA 11 64.12 -54.52 4.67
C ASP GA 11 65.54 -54.02 4.52
N VAL GA 12 65.76 -52.72 4.74
CA VAL GA 12 67.10 -52.17 4.63
C VAL GA 12 68.03 -52.77 5.68
N SER GA 13 67.56 -52.89 6.92
CA SER GA 13 68.40 -53.51 7.94
C SER GA 13 68.67 -54.97 7.59
N ALA GA 14 67.66 -55.65 7.04
CA ALA GA 14 67.82 -57.05 6.67
C ALA GA 14 68.81 -57.24 5.52
N LYS GA 15 68.86 -56.30 4.58
CA LYS GA 15 69.80 -56.45 3.47
C LYS GA 15 71.24 -56.45 3.96
N PHE GA 16 71.53 -55.78 5.06
CA PHE GA 16 72.85 -55.84 5.67
C PHE GA 16 72.96 -57.13 6.48
#